data_7WVZ
#
_entry.id   7WVZ
#
_entity_poly.entity_id   1
_entity_poly.type   'polypeptide(L)'
_entity_poly.pdbx_seq_one_letter_code
;MPDEEKLQKYLRKVTAELQQARRRLAAAESQSQEPIAVLGIGCRFPGGVRSPEDLWDLVDSGGDAVGGLPAGRGWQAGSA
LDGVNAGFIHGVEEFDPYFFGLDPVEAAAMDPQQRLLLETTWEAFERAGIDPVAARGSRTAVYAGVQFGGYPLLMREAPP
PQVLDHLGLGNSVGAASGRLAYQFGLLGGAVTVDTQCTSSIVALHLAVKALRNGECALALAGGACVMSLPTVLMDFHRRS
LLAPDGRSKSFAAAADGVSLAEGAGMLLLERLSDARRNGHPVMAVIRGTAINQDGATNGIISPSGRAQERVIRAALADGR
VTADSVDAVEGHGVGATLGDGVEVTSLLSTYGQERPAGRPLLLGSVKSNIGHTQTVGAVAGIVKLVMALRNERLPRTVHV
DGPTPHADWSSGTVRLLTEPEPWRRGERVRRAGLTCLTLSGTNGHLILEEPPADEPAARPANPERTVPLVLSAKSPTALR
EQAERLRATITAAEPVDVGHSLHTTRSSFRHRAVVLGTGREELAAGLDALAGDRTADGLVRGVARAQGQTALLFGGAGDG
TSGDRPADAEGPRTARGLYEAFPAFAEALDEVTEHLAGLLGPEVRAAVREPGPACAEPTVVGQAVAFALNTALHRLLTAF
AVRPDATLGHGAGEVAAAYAAGALSLADGAALVTALGRITERVATGPGASVWVRATEDEVRAALSGSQEQVGAAVAAVDE
PGTTVVSGDAGAVARVAAHWRAHGRATGAPRPARLLLSPDDEQAALAELRAIVAGLAFREPEVPLLSTVTGQPVEPAELR
SAEHWLDHLRGPTRFLDGVRRLRTDGVTRLVGLDLSGDLTGPAGRSAAGFGEPGRPLLLASVPGGGRPPGQALLSALGEL
HTDGVAIDWSQAFEGRGARRVDLPTYPYQKVRCWLVPPEPQVSVVAAPPHPLLGTALDLVDATGQSFTQQLTPGQVAGVF
GQQLYGTPVLPAGARLEWLLAAARHGSPDSAWTLTGIRLPGTVSAASGTPVALQTSREDSGDGHRVRAFVKGPGTGGGRW
AERGGATVVPAVTRPAPDRVDPESLPEGLAELDVAEVYRRLWRQGSDYAEPLRVLRRVWLGGDEAVALVGTADVPTGPSG
WSRWAAVLEAAVQLAALSGSGPRTPVSVDRLEVSGPPSEVVWLRVRHGADGAADAVVLSGEGVRLAAVQGLRLRPMAGRE
PAGLAEAPLERHEVVWHALAEDGRPGAIGGGTGSWLVFSDDPERAAAWCDELALFGVPAVALAGEDAEGRDGTETVPVGT
GDPDVVGKTFAELRERGVTVAGLLVHDAGDAREPASGADDPLDAACRRGGRTLALVRGFLQEYAEQTPRIVLCSAGAAAG
LAGGPPHPAQAPLTALFTSLVWEHPELPCAQVDLDPAEDPPTVVSLLGQVMRLPGAGRLAVRGGRWFEARLERRPAPADR
GERLALRPDATYLVAGGDTRHAAAALEWLAARGARSVVLAGAESERGDLAGARTTGHAGIERLEHVAVDLSSAADVARLA
ELCADGRPPLRGVLLLPQPVAGGGLDELDGARFGAELAGALRGPVELTRRFTDVGLTGGTDFFVLSTSVVSLPGRAGTVV
GSAADAFLTALARHHRQAGLPVVAAAWGPWLESVDESDEAPAVAFAEAGVYPAPGGEMLDALLPLPAAGEADGSGEAGLA
RVDWDRYLTAGHRPLPYTVLETRASYDEEKAPGFGQNRMKGARKKKGAAALEHHHHHH
;
_entity_poly.pdbx_strand_id   A,B
#
# COMPACT_ATOMS: atom_id res chain seq x y z
N MET A 1 17.30 34.22 -51.82
CA MET A 1 18.49 35.07 -52.12
C MET A 1 18.51 36.36 -51.27
N PRO A 2 17.69 37.40 -51.53
CA PRO A 2 17.58 38.56 -50.62
C PRO A 2 16.74 38.27 -49.36
N ASP A 3 15.87 37.26 -49.43
CA ASP A 3 14.88 36.87 -48.41
C ASP A 3 15.53 36.49 -47.07
N GLU A 4 16.65 35.78 -47.10
CA GLU A 4 17.37 35.30 -45.92
C GLU A 4 17.86 36.46 -45.03
N GLU A 5 18.28 37.58 -45.61
CA GLU A 5 18.66 38.77 -44.84
C GLU A 5 17.44 39.39 -44.13
N LYS A 6 16.26 39.39 -44.77
CA LYS A 6 15.02 39.82 -44.12
C LYS A 6 14.58 38.84 -43.03
N LEU A 7 14.77 37.53 -43.20
CA LEU A 7 14.54 36.55 -42.13
C LEU A 7 15.49 36.79 -40.96
N GLN A 8 16.78 37.06 -41.21
CA GLN A 8 17.74 37.39 -40.15
C GLN A 8 17.35 38.68 -39.41
N LYS A 9 16.93 39.74 -40.13
CA LYS A 9 16.38 40.97 -39.52
C LYS A 9 15.13 40.69 -38.68
N TYR A 10 14.17 39.95 -39.23
CA TYR A 10 12.95 39.53 -38.52
C TYR A 10 13.26 38.81 -37.20
N LEU A 11 14.12 37.79 -37.24
CA LEU A 11 14.49 37.01 -36.05
C LEU A 11 15.16 37.88 -34.99
N ARG A 12 16.11 38.74 -35.37
CA ARG A 12 16.79 39.67 -34.45
C ARG A 12 15.82 40.68 -33.84
N LYS A 13 15.01 41.36 -34.67
CA LYS A 13 13.99 42.34 -34.27
C LYS A 13 12.96 41.74 -33.31
N VAL A 14 12.37 40.60 -33.67
CA VAL A 14 11.45 39.86 -32.80
C VAL A 14 12.13 39.48 -31.49
N THR A 15 13.36 38.96 -31.52
CA THR A 15 14.06 38.58 -30.29
C THR A 15 14.26 39.78 -29.34
N ALA A 16 14.63 40.95 -29.86
CA ALA A 16 14.72 42.17 -29.07
C ALA A 16 13.36 42.60 -28.49
N GLU A 17 12.26 42.46 -29.24
CA GLU A 17 10.90 42.77 -28.76
C GLU A 17 10.40 41.76 -27.69
N LEU A 18 10.69 40.46 -27.85
CA LEU A 18 10.42 39.44 -26.83
C LEU A 18 11.19 39.74 -25.53
N GLN A 19 12.46 40.13 -25.65
CA GLN A 19 13.28 40.54 -24.50
C GLN A 19 12.69 41.77 -23.81
N GLN A 20 12.26 42.80 -24.55
CA GLN A 20 11.63 43.98 -23.93
C GLN A 20 10.31 43.64 -23.23
N ALA A 21 9.48 42.78 -23.82
CA ALA A 21 8.26 42.30 -23.17
C ALA A 21 8.56 41.55 -21.85
N ARG A 22 9.61 40.72 -21.83
CA ARG A 22 10.09 40.07 -20.60
C ARG A 22 10.58 41.07 -19.56
N ARG A 23 11.44 42.02 -19.94
CA ARG A 23 11.96 43.07 -19.04
C ARG A 23 10.85 43.93 -18.40
N ARG A 24 9.73 44.12 -19.09
CA ARG A 24 8.51 44.72 -18.53
C ARG A 24 7.82 43.78 -17.52
N LEU A 25 7.29 42.64 -17.99
CA LEU A 25 6.45 41.75 -17.17
C LEU A 25 7.20 41.10 -16.00
N ALA A 26 8.45 40.65 -16.21
CA ALA A 26 9.28 39.98 -15.21
C ALA A 26 9.70 40.87 -14.02
N ALA A 27 9.30 42.16 -14.03
CA ALA A 27 9.27 43.03 -12.86
C ALA A 27 7.85 43.52 -12.56
N ALA A 28 7.19 44.22 -13.50
CA ALA A 28 5.93 44.91 -13.24
C ALA A 28 4.77 43.97 -12.86
N GLU A 29 4.68 42.78 -13.46
CA GLU A 29 3.73 41.76 -13.00
C GLU A 29 4.32 41.00 -11.80
N SER A 30 5.57 40.54 -11.90
CA SER A 30 6.16 39.55 -10.98
C SER A 30 6.31 40.04 -9.52
N GLN A 31 6.37 41.35 -9.29
CA GLN A 31 6.25 41.96 -7.95
C GLN A 31 4.95 41.57 -7.22
N SER A 32 3.93 41.13 -7.94
CA SER A 32 2.67 40.60 -7.40
C SER A 32 2.80 39.17 -6.82
N GLN A 33 4.02 38.61 -6.74
CA GLN A 33 4.31 37.28 -6.18
C GLN A 33 5.13 37.45 -4.90
N GLU A 34 4.44 37.57 -3.77
CA GLU A 34 4.99 37.92 -2.46
C GLU A 34 5.74 36.78 -1.77
N PRO A 35 6.58 37.09 -0.78
CA PRO A 35 7.11 36.12 0.18
C PRO A 35 6.02 35.48 1.03
N ILE A 36 6.26 34.25 1.46
CA ILE A 36 5.42 33.49 2.39
C ILE A 36 6.12 33.36 3.74
N ALA A 37 5.48 33.72 4.83
CA ALA A 37 6.00 33.54 6.16
C ALA A 37 5.78 32.12 6.66
N VAL A 38 6.76 31.55 7.35
CA VAL A 38 6.57 30.38 8.22
C VAL A 38 6.15 30.88 9.58
N LEU A 39 4.89 30.69 9.98
CA LEU A 39 4.37 31.19 11.25
C LEU A 39 4.78 30.31 12.43
N GLY A 40 4.90 29.01 12.23
CA GLY A 40 5.17 28.06 13.31
C GLY A 40 5.45 26.67 12.80
N ILE A 41 6.14 25.87 13.60
CA ILE A 41 6.64 24.54 13.25
C ILE A 41 6.36 23.57 14.38
N GLY A 42 5.90 22.36 14.06
CA GLY A 42 5.97 21.21 14.96
C GLY A 42 6.73 20.08 14.28
N CYS A 43 7.42 19.22 15.02
CA CYS A 43 8.15 18.09 14.43
C CYS A 43 8.49 16.96 15.40
N ARG A 44 8.77 15.78 14.87
CA ARG A 44 9.35 14.63 15.58
C ARG A 44 10.51 14.10 14.76
N PHE A 45 11.66 13.89 15.36
CA PHE A 45 12.85 13.36 14.68
C PHE A 45 13.61 12.40 15.59
N PRO A 46 14.52 11.58 15.06
CA PRO A 46 15.26 10.61 15.85
C PRO A 46 16.05 11.23 17.00
N GLY A 47 16.33 10.44 18.04
CA GLY A 47 17.05 10.94 19.21
C GLY A 47 16.20 11.75 20.18
N GLY A 48 14.89 11.52 20.21
CA GLY A 48 13.96 12.17 21.15
C GLY A 48 13.70 13.66 20.87
N VAL A 49 13.93 14.13 19.66
CA VAL A 49 13.64 15.50 19.24
C VAL A 49 12.14 15.72 19.13
N ARG A 50 11.58 16.69 19.87
CA ARG A 50 10.14 17.02 19.87
C ARG A 50 9.86 18.48 19.56
N SER A 51 10.84 19.24 19.10
CA SER A 51 10.72 20.65 18.78
C SER A 51 11.90 21.12 17.93
N PRO A 52 11.81 22.29 17.30
CA PRO A 52 12.96 22.94 16.69
C PRO A 52 14.14 23.12 17.64
N GLU A 53 13.92 23.53 18.88
CA GLU A 53 15.02 23.70 19.83
C GLU A 53 15.67 22.37 20.21
N ASP A 54 14.93 21.26 20.29
CA ASP A 54 15.57 19.97 20.49
C ASP A 54 16.45 19.60 19.31
N LEU A 55 15.98 19.85 18.07
CA LEU A 55 16.81 19.60 16.90
C LEU A 55 18.05 20.48 16.92
N TRP A 56 17.89 21.76 17.28
CA TRP A 56 19.02 22.66 17.38
C TRP A 56 20.01 22.20 18.44
N ASP A 57 19.57 21.79 19.63
CA ASP A 57 20.47 21.29 20.65
C ASP A 57 21.27 20.08 20.16
N LEU A 58 20.64 19.16 19.43
CA LEU A 58 21.32 18.02 18.83
C LEU A 58 22.33 18.50 17.78
N VAL A 59 21.91 19.35 16.86
CA VAL A 59 22.71 19.77 15.71
C VAL A 59 23.87 20.66 16.13
N ASP A 60 23.63 21.67 16.95
CA ASP A 60 24.64 22.63 17.39
C ASP A 60 25.68 22.01 18.34
N SER A 61 25.32 20.96 19.09
CA SER A 61 26.29 20.18 19.86
C SER A 61 27.05 19.16 19.01
N GLY A 62 26.70 18.98 17.74
CA GLY A 62 27.38 18.07 16.82
C GLY A 62 27.15 16.59 17.13
N GLY A 63 26.01 16.23 17.72
CA GLY A 63 25.67 14.84 17.98
C GLY A 63 25.16 14.11 16.73
N ASP A 64 24.92 12.81 16.86
CA ASP A 64 24.10 12.06 15.90
C ASP A 64 23.10 11.14 16.59
N ALA A 65 22.04 10.78 15.88
CA ALA A 65 20.86 10.12 16.44
C ALA A 65 20.57 8.74 15.86
N VAL A 66 21.35 8.27 14.88
CA VAL A 66 21.25 6.90 14.36
C VAL A 66 21.64 5.89 15.44
N GLY A 67 20.87 4.80 15.59
CA GLY A 67 21.08 3.81 16.63
C GLY A 67 20.53 2.44 16.28
N GLY A 68 20.41 1.59 17.30
CA GLY A 68 19.90 0.22 17.14
C GLY A 68 18.41 0.14 16.84
N LEU A 69 17.95 -1.05 16.42
CA LEU A 69 16.57 -1.31 16.04
C LEU A 69 15.58 -1.06 17.20
N PRO A 70 14.32 -0.69 16.92
CA PRO A 70 13.32 -0.51 17.94
C PRO A 70 12.86 -1.86 18.49
N ALA A 71 12.76 -1.96 19.81
CA ALA A 71 11.96 -2.99 20.46
C ALA A 71 10.49 -2.56 20.52
N GLY A 72 9.60 -3.46 20.88
CA GLY A 72 8.20 -3.13 21.21
C GLY A 72 7.26 -2.91 20.02
N ARG A 73 7.78 -2.59 18.84
CA ARG A 73 7.09 -2.88 17.56
C ARG A 73 7.15 -4.38 17.35
N GLY A 74 6.08 -4.99 16.83
CA GLY A 74 5.93 -6.45 16.77
C GLY A 74 6.78 -7.21 15.74
N TRP A 75 7.92 -6.66 15.32
CA TRP A 75 8.69 -7.14 14.19
C TRP A 75 9.17 -8.59 14.37
N GLN A 76 8.77 -9.45 13.43
CA GLN A 76 9.15 -10.87 13.40
C GLN A 76 10.57 -11.11 12.86
N ALA A 77 11.30 -10.05 12.50
CA ALA A 77 12.57 -10.12 11.78
C ALA A 77 13.62 -10.99 12.51
N GLY A 78 14.21 -11.93 11.78
CA GLY A 78 15.31 -12.78 12.26
C GLY A 78 16.66 -12.08 12.18
N SER A 79 17.69 -12.83 11.77
CA SER A 79 19.04 -12.31 11.53
C SER A 79 19.12 -11.31 10.37
N ALA A 80 18.07 -11.15 9.57
CA ALA A 80 18.09 -10.33 8.36
C ALA A 80 18.43 -8.84 8.61
N LEU A 81 18.25 -8.34 9.83
CA LEU A 81 18.64 -6.98 10.23
C LEU A 81 19.80 -6.95 11.25
N ASP A 82 20.47 -8.07 11.47
CA ASP A 82 21.53 -8.16 12.46
C ASP A 82 22.68 -7.18 12.13
N GLY A 83 23.01 -6.28 13.06
CA GLY A 83 24.01 -5.25 12.87
C GLY A 83 23.56 -4.00 12.09
N VAL A 84 22.31 -3.93 11.63
CA VAL A 84 21.76 -2.71 10.99
C VAL A 84 21.55 -1.61 12.03
N ASN A 85 21.88 -0.36 11.68
CA ASN A 85 21.53 0.83 12.44
C ASN A 85 20.65 1.76 11.60
N ALA A 86 19.74 2.50 12.23
CA ALA A 86 18.90 3.49 11.57
C ALA A 86 18.37 4.54 12.56
N GLY A 87 17.85 5.65 12.08
CA GLY A 87 17.32 6.72 12.93
C GLY A 87 15.84 6.54 13.23
N PHE A 88 15.48 5.84 14.30
CA PHE A 88 14.09 5.62 14.70
C PHE A 88 13.54 6.71 15.62
N ILE A 89 12.23 6.92 15.58
CA ILE A 89 11.48 7.59 16.64
C ILE A 89 11.15 6.53 17.69
N HIS A 90 11.66 6.70 18.91
CA HIS A 90 11.27 5.83 20.03
C HIS A 90 9.88 6.20 20.55
N GLY A 91 9.10 5.21 20.95
CA GLY A 91 7.75 5.42 21.48
C GLY A 91 6.73 5.83 20.41
N VAL A 92 6.98 5.61 19.13
CA VAL A 92 6.03 5.95 18.06
C VAL A 92 4.71 5.18 18.20
N GLU A 93 4.74 4.02 18.85
CA GLU A 93 3.59 3.18 19.15
C GLU A 93 2.69 3.70 20.28
N GLU A 94 3.09 4.77 20.96
CA GLU A 94 2.34 5.37 22.06
C GLU A 94 1.65 6.66 21.63
N PHE A 95 0.39 6.85 22.04
CA PHE A 95 -0.47 7.92 21.56
C PHE A 95 -1.51 8.26 22.63
N ASP A 96 -2.24 9.37 22.50
CA ASP A 96 -3.26 9.80 23.46
C ASP A 96 -4.63 9.96 22.79
N PRO A 97 -5.41 8.88 22.62
CA PRO A 97 -6.64 8.90 21.85
C PRO A 97 -7.66 9.88 22.42
N TYR A 98 -7.75 9.93 23.74
CA TYR A 98 -8.68 10.78 24.46
C TYR A 98 -8.43 12.26 24.21
N PHE A 99 -7.17 12.68 24.02
CA PHE A 99 -6.91 14.08 23.69
C PHE A 99 -7.59 14.49 22.38
N PHE A 100 -7.46 13.68 21.34
CA PHE A 100 -8.05 13.94 20.02
C PHE A 100 -9.51 13.52 19.88
N GLY A 101 -10.11 12.93 20.92
CA GLY A 101 -11.49 12.44 20.90
C GLY A 101 -11.68 11.12 20.14
N LEU A 102 -10.59 10.42 19.82
CA LEU A 102 -10.63 9.13 19.14
C LEU A 102 -10.93 7.99 20.13
N ASP A 103 -11.71 7.01 19.71
CA ASP A 103 -11.89 5.75 20.42
C ASP A 103 -10.60 4.91 20.35
N PRO A 104 -10.04 4.37 21.44
CA PRO A 104 -8.76 3.65 21.41
C PRO A 104 -8.66 2.51 20.39
N VAL A 105 -9.76 1.87 20.01
CA VAL A 105 -9.74 0.88 18.92
C VAL A 105 -9.51 1.51 17.55
N GLU A 106 -10.06 2.69 17.26
CA GLU A 106 -9.70 3.42 16.04
C GLU A 106 -8.26 3.92 16.12
N ALA A 107 -7.81 4.40 17.27
CA ALA A 107 -6.43 4.84 17.41
C ALA A 107 -5.43 3.69 17.20
N ALA A 108 -5.78 2.45 17.55
CA ALA A 108 -4.99 1.29 17.19
C ALA A 108 -5.03 1.00 15.68
N ALA A 109 -6.16 1.21 15.01
CA ALA A 109 -6.29 0.99 13.57
C ALA A 109 -5.53 2.01 12.72
N MET A 110 -5.34 3.25 13.19
CA MET A 110 -4.65 4.30 12.44
C MET A 110 -3.16 4.00 12.22
N ASP A 111 -2.72 4.12 10.98
CA ASP A 111 -1.32 4.17 10.59
C ASP A 111 -0.58 5.20 11.45
N PRO A 112 0.57 4.87 12.06
CA PRO A 112 1.36 5.79 12.84
C PRO A 112 1.63 7.11 12.14
N GLN A 113 1.73 7.13 10.82
CA GLN A 113 1.92 8.34 10.06
C GLN A 113 0.72 9.29 10.20
N GLN A 114 -0.51 8.79 10.19
CA GLN A 114 -1.66 9.65 10.48
C GLN A 114 -1.58 10.19 11.90
N ARG A 115 -1.19 9.37 12.87
CA ARG A 115 -1.06 9.82 14.26
C ARG A 115 -0.01 10.91 14.42
N LEU A 116 1.18 10.76 13.85
CA LEU A 116 2.21 11.80 13.94
C LEU A 116 1.79 13.08 13.25
N LEU A 117 1.13 13.05 12.09
CA LEU A 117 0.63 14.28 11.48
C LEU A 117 -0.35 14.99 12.38
N LEU A 118 -1.27 14.23 12.95
CA LEU A 118 -2.33 14.74 13.81
C LEU A 118 -1.76 15.40 15.06
N GLU A 119 -0.86 14.71 15.74
CA GLU A 119 -0.14 15.23 16.89
C GLU A 119 0.70 16.46 16.56
N THR A 120 1.44 16.41 15.46
CA THR A 120 2.35 17.49 15.08
C THR A 120 1.62 18.73 14.62
N THR A 121 0.44 18.59 14.03
CA THR A 121 -0.36 19.74 13.60
C THR A 121 -0.82 20.58 14.77
N TRP A 122 -1.27 19.95 15.86
CA TRP A 122 -1.69 20.70 17.05
C TRP A 122 -0.56 21.58 17.55
N GLU A 123 0.62 20.98 17.67
CA GLU A 123 1.84 21.64 18.10
C GLU A 123 2.26 22.78 17.17
N ALA A 124 2.05 22.66 15.86
CA ALA A 124 2.33 23.74 14.93
C ALA A 124 1.43 24.95 15.15
N PHE A 125 0.13 24.77 15.35
CA PHE A 125 -0.75 25.87 15.74
C PHE A 125 -0.32 26.49 17.08
N GLU A 126 -0.01 25.68 18.10
CA GLU A 126 0.39 26.23 19.39
C GLU A 126 1.63 27.10 19.30
N ARG A 127 2.61 26.77 18.45
CA ARG A 127 3.81 27.61 18.30
C ARG A 127 3.62 28.79 17.37
N ALA A 128 2.68 28.71 16.42
CA ALA A 128 2.21 29.89 15.72
C ALA A 128 1.51 30.88 16.65
N GLY A 129 1.16 30.46 17.87
CA GLY A 129 0.40 31.27 18.81
C GLY A 129 -1.06 31.44 18.39
N ILE A 130 -1.62 30.47 17.67
CA ILE A 130 -3.01 30.46 17.24
C ILE A 130 -3.75 29.44 18.09
N ASP A 131 -4.87 29.83 18.68
CA ASP A 131 -5.75 28.87 19.35
C ASP A 131 -6.39 27.95 18.30
N PRO A 132 -6.20 26.63 18.32
CA PRO A 132 -6.80 25.74 17.35
C PRO A 132 -8.32 25.84 17.28
N VAL A 133 -8.99 26.24 18.36
CA VAL A 133 -10.43 26.47 18.35
C VAL A 133 -10.80 27.69 17.50
N ALA A 134 -9.94 28.70 17.43
CA ALA A 134 -10.12 29.83 16.52
C ALA A 134 -9.83 29.47 15.06
N ALA A 135 -9.11 28.39 14.79
CA ALA A 135 -8.86 27.93 13.43
C ALA A 135 -10.06 27.20 12.81
N ARG A 136 -11.02 26.71 13.61
CA ARG A 136 -12.20 26.01 13.10
C ARG A 136 -13.01 26.93 12.18
N GLY A 137 -13.47 26.41 11.06
CA GLY A 137 -14.17 27.18 10.03
C GLY A 137 -13.28 28.11 9.19
N SER A 138 -11.96 28.12 9.37
CA SER A 138 -11.06 28.92 8.54
C SER A 138 -10.83 28.31 7.17
N ARG A 139 -10.54 29.16 6.18
CA ARG A 139 -10.02 28.74 4.87
C ARG A 139 -8.53 28.41 4.98
N THR A 140 -8.22 27.33 5.66
CA THR A 140 -6.87 26.77 5.74
C THR A 140 -6.76 25.56 4.84
N ALA A 141 -5.81 25.54 3.91
CA ALA A 141 -5.55 24.38 3.07
C ALA A 141 -4.49 23.46 3.68
N VAL A 142 -4.50 22.18 3.32
CA VAL A 142 -3.58 21.17 3.87
C VAL A 142 -2.90 20.40 2.75
N TYR A 143 -1.58 20.23 2.83
CA TYR A 143 -0.78 19.54 1.83
C TYR A 143 0.21 18.61 2.53
N ALA A 144 -0.04 17.32 2.57
CA ALA A 144 0.78 16.39 3.35
C ALA A 144 1.51 15.37 2.47
N GLY A 145 2.83 15.31 2.57
CA GLY A 145 3.63 14.27 1.93
C GLY A 145 3.61 13.00 2.75
N VAL A 146 3.05 11.91 2.21
CA VAL A 146 2.86 10.64 2.92
C VAL A 146 3.03 9.50 1.93
N GLN A 147 3.44 8.32 2.39
CA GLN A 147 3.50 7.09 1.60
C GLN A 147 2.82 5.94 2.32
N PHE A 148 2.26 4.98 1.60
CA PHE A 148 1.65 3.81 2.24
C PHE A 148 2.71 2.98 2.96
N GLY A 149 2.59 2.86 4.28
CA GLY A 149 3.60 2.22 5.14
C GLY A 149 3.39 0.72 5.35
N GLY A 150 2.21 0.18 5.02
CA GLY A 150 1.92 -1.24 5.17
C GLY A 150 1.52 -1.69 6.58
N TYR A 151 1.24 -0.77 7.50
CA TYR A 151 0.96 -1.06 8.91
C TYR A 151 -0.02 -2.24 9.17
N PRO A 152 -1.13 -2.43 8.44
CA PRO A 152 -2.02 -3.57 8.67
C PRO A 152 -1.36 -4.93 8.48
N LEU A 153 -0.28 -5.01 7.70
CA LEU A 153 0.44 -6.24 7.42
C LEU A 153 1.25 -6.74 8.63
N LEU A 154 1.29 -6.02 9.75
CA LEU A 154 1.85 -6.55 11.00
C LEU A 154 1.05 -7.71 11.57
N MET A 155 -0.25 -7.79 11.30
CA MET A 155 -1.13 -8.72 11.99
C MET A 155 -0.79 -10.18 11.69
N ARG A 156 -0.63 -10.98 12.76
CA ARG A 156 -0.37 -12.43 12.69
C ARG A 156 -1.63 -13.27 12.45
N GLU A 157 -2.80 -12.65 12.63
CA GLU A 157 -4.12 -13.28 12.67
C GLU A 157 -5.18 -12.28 12.15
N ALA A 158 -6.34 -12.74 11.70
CA ALA A 158 -7.42 -11.87 11.28
C ALA A 158 -7.83 -10.87 12.38
N PRO A 159 -8.13 -9.62 12.05
CA PRO A 159 -8.49 -8.60 13.03
C PRO A 159 -9.82 -8.92 13.72
N PRO A 160 -10.02 -8.46 14.97
CA PRO A 160 -11.33 -8.37 15.59
C PRO A 160 -12.33 -7.57 14.74
N PRO A 161 -13.63 -7.90 14.80
CA PRO A 161 -14.64 -7.29 13.93
C PRO A 161 -14.81 -5.79 14.14
N GLN A 162 -14.47 -5.25 15.32
CA GLN A 162 -14.49 -3.80 15.52
C GLN A 162 -13.32 -3.12 14.80
N VAL A 163 -12.07 -3.52 15.08
CA VAL A 163 -10.91 -2.85 14.49
C VAL A 163 -10.89 -2.99 12.97
N LEU A 164 -11.40 -4.11 12.44
CA LEU A 164 -11.55 -4.35 11.01
C LEU A 164 -12.26 -3.19 10.30
N ASP A 165 -13.36 -2.69 10.83
CA ASP A 165 -14.12 -1.62 10.18
C ASP A 165 -13.39 -0.26 10.19
N HIS A 166 -12.38 -0.07 11.02
CA HIS A 166 -11.56 1.14 11.03
C HIS A 166 -10.30 1.06 10.18
N LEU A 167 -9.87 -0.11 9.70
CA LEU A 167 -8.61 -0.25 8.97
C LEU A 167 -8.59 0.56 7.66
N GLY A 168 -9.71 0.74 6.97
CA GLY A 168 -9.77 1.47 5.71
C GLY A 168 -9.30 2.92 5.83
N LEU A 169 -10.10 3.78 6.46
CA LEU A 169 -9.70 5.18 6.69
C LEU A 169 -8.51 5.31 7.63
N GLY A 170 -8.23 4.32 8.48
CA GLY A 170 -7.01 4.29 9.27
C GLY A 170 -5.73 4.19 8.45
N ASN A 171 -5.78 3.71 7.20
CA ASN A 171 -4.58 3.37 6.43
C ASN A 171 -4.56 3.86 4.99
N SER A 172 -5.66 4.35 4.41
CA SER A 172 -5.61 5.08 3.15
C SER A 172 -4.65 6.26 3.26
N VAL A 173 -3.88 6.52 2.20
CA VAL A 173 -2.98 7.69 2.16
C VAL A 173 -3.79 8.96 2.03
N GLY A 174 -4.72 9.03 1.07
CA GLY A 174 -5.56 10.21 0.87
C GLY A 174 -6.45 10.54 2.06
N ALA A 175 -6.76 9.57 2.91
CA ALA A 175 -7.47 9.84 4.17
C ALA A 175 -6.64 10.67 5.15
N ALA A 176 -5.30 10.69 5.09
CA ALA A 176 -4.47 11.39 6.06
C ALA A 176 -4.71 12.91 6.08
N SER A 177 -4.65 13.60 4.95
CA SER A 177 -4.97 15.02 4.90
C SER A 177 -6.45 15.28 5.20
N GLY A 178 -7.34 14.38 4.79
CA GLY A 178 -8.76 14.49 5.12
C GLY A 178 -9.00 14.46 6.62
N ARG A 179 -8.33 13.56 7.35
CA ARG A 179 -8.47 13.44 8.79
C ARG A 179 -7.98 14.68 9.51
N LEU A 180 -6.87 15.30 9.07
CA LEU A 180 -6.43 16.58 9.63
C LEU A 180 -7.51 17.63 9.46
N ALA A 181 -7.98 17.86 8.23
CA ALA A 181 -8.96 18.90 8.00
C ALA A 181 -10.29 18.62 8.72
N TYR A 182 -10.67 17.37 8.90
CA TYR A 182 -11.81 17.00 9.72
C TYR A 182 -11.57 17.35 11.20
N GLN A 183 -10.47 16.90 11.79
CA GLN A 183 -10.22 17.10 13.22
C GLN A 183 -10.15 18.58 13.58
N PHE A 184 -9.42 19.36 12.81
CA PHE A 184 -9.27 20.80 13.04
C PHE A 184 -10.38 21.65 12.41
N GLY A 185 -11.36 21.05 11.74
CA GLY A 185 -12.49 21.78 11.15
C GLY A 185 -12.07 22.80 10.09
N LEU A 186 -11.09 22.46 9.26
CA LEU A 186 -10.54 23.37 8.25
C LEU A 186 -11.32 23.24 6.94
N LEU A 187 -11.49 24.33 6.20
CA LEU A 187 -12.32 24.36 4.99
C LEU A 187 -11.56 24.46 3.67
N GLY A 188 -10.25 24.67 3.65
CA GLY A 188 -9.50 24.72 2.40
C GLY A 188 -9.38 23.36 1.72
N GLY A 189 -8.70 23.29 0.59
CA GLY A 189 -8.38 22.00 -0.03
C GLY A 189 -7.51 21.14 0.89
N ALA A 190 -7.58 19.83 0.79
CA ALA A 190 -6.84 18.93 1.66
C ALA A 190 -6.33 17.74 0.88
N VAL A 191 -5.07 17.79 0.44
CA VAL A 191 -4.51 16.83 -0.51
C VAL A 191 -3.26 16.15 0.06
N THR A 192 -3.05 14.89 -0.27
CA THR A 192 -1.78 14.21 -0.04
C THR A 192 -1.04 14.01 -1.33
N VAL A 193 0.28 14.06 -1.27
CA VAL A 193 1.15 13.93 -2.43
C VAL A 193 2.22 12.88 -2.16
N ASP A 194 2.66 12.18 -3.20
CA ASP A 194 3.78 11.28 -3.12
C ASP A 194 4.71 11.48 -4.32
N THR A 195 6.00 11.66 -4.06
CA THR A 195 7.11 11.59 -5.00
C THR A 195 8.33 10.93 -4.35
N GLN A 196 8.13 9.97 -3.46
CA GLN A 196 9.16 9.35 -2.64
C GLN A 196 9.93 10.42 -1.84
N CYS A 197 11.26 10.42 -1.82
CA CYS A 197 12.04 11.33 -0.98
C CYS A 197 11.65 12.81 -1.09
N THR A 198 11.30 13.32 -2.26
CA THR A 198 10.92 14.73 -2.40
C THR A 198 9.51 15.08 -1.95
N SER A 199 8.71 14.16 -1.42
CA SER A 199 7.28 14.43 -1.17
C SER A 199 7.02 15.66 -0.32
N SER A 200 7.81 15.90 0.72
CA SER A 200 7.69 17.12 1.51
C SER A 200 7.98 18.40 0.73
N ILE A 201 9.04 18.46 -0.06
CA ILE A 201 9.35 19.68 -0.81
C ILE A 201 8.28 19.96 -1.87
N VAL A 202 7.68 18.91 -2.43
CA VAL A 202 6.55 19.06 -3.34
C VAL A 202 5.35 19.62 -2.59
N ALA A 203 5.06 19.14 -1.38
CA ALA A 203 3.97 19.69 -0.59
C ALA A 203 4.16 21.16 -0.26
N LEU A 204 5.38 21.57 0.11
CA LEU A 204 5.68 22.99 0.34
C LEU A 204 5.50 23.82 -0.92
N HIS A 205 5.98 23.34 -2.07
CA HIS A 205 5.81 24.05 -3.34
C HIS A 205 4.33 24.27 -3.65
N LEU A 206 3.50 23.25 -3.54
CA LEU A 206 2.08 23.38 -3.83
C LEU A 206 1.39 24.31 -2.84
N ALA A 207 1.76 24.28 -1.56
CA ALA A 207 1.21 25.20 -0.58
C ALA A 207 1.60 26.65 -0.87
N VAL A 208 2.85 26.93 -1.25
CA VAL A 208 3.28 28.28 -1.63
C VAL A 208 2.50 28.76 -2.85
N LYS A 209 2.33 27.92 -3.87
CA LYS A 209 1.57 28.30 -5.06
C LYS A 209 0.08 28.51 -4.74
N ALA A 210 -0.51 27.77 -3.82
CA ALA A 210 -1.88 28.01 -3.38
C ALA A 210 -2.03 29.35 -2.67
N LEU A 211 -1.11 29.70 -1.75
CA LEU A 211 -1.16 30.97 -1.05
C LEU A 211 -0.98 32.16 -1.98
N ARG A 212 -0.05 32.09 -2.93
CA ARG A 212 0.17 33.16 -3.91
C ARG A 212 -1.01 33.34 -4.87
N ASN A 213 -1.66 32.27 -5.26
CA ASN A 213 -2.89 32.34 -6.06
C ASN A 213 -4.12 32.78 -5.26
N GLY A 214 -4.00 32.97 -3.94
CA GLY A 214 -5.11 33.45 -3.12
C GLY A 214 -6.22 32.44 -2.93
N GLU A 215 -5.95 31.14 -3.05
CA GLU A 215 -6.97 30.12 -2.78
C GLU A 215 -7.47 30.15 -1.34
N CYS A 216 -6.59 30.47 -0.39
CA CYS A 216 -6.81 30.28 1.03
C CYS A 216 -6.05 31.29 1.89
N ALA A 217 -6.45 31.45 3.15
CA ALA A 217 -5.87 32.41 4.09
C ALA A 217 -4.60 31.88 4.76
N LEU A 218 -4.54 30.59 5.00
CA LEU A 218 -3.44 29.86 5.61
C LEU A 218 -3.21 28.59 4.81
N ALA A 219 -2.02 28.03 4.91
CA ALA A 219 -1.75 26.70 4.40
C ALA A 219 -0.88 25.95 5.38
N LEU A 220 -1.02 24.65 5.41
CA LEU A 220 -0.49 23.80 6.46
C LEU A 220 0.17 22.61 5.79
N ALA A 221 1.49 22.61 5.73
CA ALA A 221 2.23 21.78 4.79
C ALA A 221 3.40 21.04 5.44
N GLY A 222 3.63 19.79 5.05
CA GLY A 222 4.62 18.96 5.71
C GLY A 222 4.54 17.51 5.30
N GLY A 223 4.83 16.58 6.20
CA GLY A 223 4.73 15.16 5.91
C GLY A 223 5.08 14.27 7.08
N ALA A 224 5.01 12.96 6.87
CA ALA A 224 5.42 11.97 7.85
C ALA A 224 6.02 10.73 7.19
N CYS A 225 6.91 10.05 7.91
CA CYS A 225 7.55 8.83 7.50
C CYS A 225 7.85 7.97 8.71
N VAL A 226 7.21 6.81 8.82
CA VAL A 226 7.46 5.84 9.89
C VAL A 226 7.63 4.47 9.26
N MET A 227 8.69 3.76 9.63
CA MET A 227 8.92 2.38 9.23
C MET A 227 8.13 1.48 10.17
N SER A 228 6.82 1.38 9.97
CA SER A 228 6.01 0.45 10.77
C SER A 228 6.36 -1.01 10.47
N LEU A 229 6.79 -1.33 9.26
CA LEU A 229 7.35 -2.64 8.89
C LEU A 229 8.84 -2.54 8.57
N PRO A 230 9.62 -3.60 8.81
CA PRO A 230 11.05 -3.62 8.58
C PRO A 230 11.46 -3.71 7.10
N THR A 231 10.53 -3.95 6.17
CA THR A 231 10.86 -4.42 4.82
C THR A 231 11.78 -3.49 4.03
N VAL A 232 11.65 -2.17 4.17
CA VAL A 232 12.55 -1.23 3.49
C VAL A 232 13.99 -1.34 4.02
N LEU A 233 14.19 -1.57 5.32
CA LEU A 233 15.52 -1.81 5.87
C LEU A 233 16.09 -3.12 5.35
N MET A 234 15.28 -4.18 5.36
CA MET A 234 15.72 -5.47 4.82
C MET A 234 16.16 -5.35 3.38
N ASP A 235 15.42 -4.64 2.53
CA ASP A 235 15.77 -4.45 1.14
C ASP A 235 17.06 -3.63 0.96
N PHE A 236 17.19 -2.48 1.61
CA PHE A 236 18.39 -1.66 1.49
C PHE A 236 19.62 -2.37 2.05
N HIS A 237 19.46 -3.23 3.06
CA HIS A 237 20.54 -4.07 3.56
C HIS A 237 20.88 -5.18 2.58
N ARG A 238 19.87 -5.88 2.05
CA ARG A 238 20.01 -6.97 1.07
C ARG A 238 20.74 -6.50 -0.18
N ARG A 239 20.43 -5.29 -0.67
CA ARG A 239 21.10 -4.68 -1.83
C ARG A 239 22.34 -3.85 -1.48
N SER A 240 22.81 -3.92 -0.24
CA SER A 240 24.04 -3.27 0.24
C SER A 240 24.10 -1.76 0.05
N LEU A 241 22.95 -1.08 0.04
CA LEU A 241 22.87 0.37 -0.13
C LEU A 241 23.25 1.13 1.14
N LEU A 242 23.02 0.54 2.31
CA LEU A 242 23.32 1.19 3.59
C LEU A 242 24.83 1.35 3.78
N ALA A 243 25.27 2.49 4.30
CA ALA A 243 26.59 2.58 4.91
C ALA A 243 26.70 1.54 6.05
N PRO A 244 27.83 0.86 6.23
CA PRO A 244 27.93 -0.29 7.13
C PRO A 244 27.73 0.04 8.62
N ASP A 245 28.04 1.26 9.04
CA ASP A 245 27.78 1.77 10.40
C ASP A 245 26.46 2.57 10.51
N GLY A 246 25.73 2.70 9.41
CA GLY A 246 24.53 3.50 9.30
C GLY A 246 24.73 5.01 9.34
N ARG A 247 25.91 5.57 9.08
CA ARG A 247 26.07 7.04 9.04
C ARG A 247 26.05 7.57 7.61
N SER A 248 25.18 8.54 7.33
CA SER A 248 25.24 9.32 6.10
C SER A 248 26.37 10.35 6.19
N LYS A 249 27.56 10.01 5.69
CA LYS A 249 28.77 10.85 5.80
C LYS A 249 28.77 11.94 4.72
N SER A 250 27.84 12.89 4.83
CA SER A 250 27.50 13.86 3.78
C SER A 250 28.71 14.56 3.18
N PHE A 251 28.92 14.42 1.88
CA PHE A 251 30.01 15.03 1.11
C PHE A 251 31.43 14.65 1.57
N ALA A 252 31.58 13.71 2.50
CA ALA A 252 32.89 13.32 3.00
C ALA A 252 33.62 12.39 2.03
N ALA A 253 34.95 12.39 2.04
CA ALA A 253 35.73 11.38 1.35
C ALA A 253 35.45 9.98 1.92
N ALA A 254 35.12 9.89 3.20
CA ALA A 254 34.64 8.66 3.85
C ALA A 254 33.22 8.19 3.44
N ALA A 255 32.57 8.79 2.44
CA ALA A 255 31.23 8.37 2.01
C ALA A 255 31.15 6.86 1.70
N ASP A 256 30.05 6.22 2.11
CA ASP A 256 29.92 4.75 2.11
C ASP A 256 28.59 4.25 1.50
N GLY A 257 27.53 5.04 1.56
CA GLY A 257 26.17 4.59 1.31
C GLY A 257 25.14 5.50 2.00
N VAL A 258 23.87 5.17 1.84
CA VAL A 258 22.76 5.91 2.48
C VAL A 258 22.53 5.42 3.91
N SER A 259 21.61 6.05 4.65
CA SER A 259 21.16 5.53 5.94
C SER A 259 19.73 5.95 6.24
N LEU A 260 18.84 5.01 6.48
CA LEU A 260 17.41 5.27 6.67
C LEU A 260 17.07 5.82 8.05
N ALA A 261 16.00 6.59 8.13
CA ALA A 261 15.48 7.18 9.35
C ALA A 261 14.02 7.58 9.22
N GLU A 262 13.38 7.89 10.34
CA GLU A 262 11.97 8.29 10.46
C GLU A 262 11.82 9.78 10.75
N GLY A 263 10.61 10.32 10.64
CA GLY A 263 10.36 11.71 11.02
C GLY A 263 8.94 12.16 10.71
N ALA A 264 8.53 13.28 11.27
CA ALA A 264 7.31 13.98 10.89
C ALA A 264 7.46 15.47 11.14
N GLY A 265 6.75 16.30 10.41
CA GLY A 265 6.82 17.74 10.61
C GLY A 265 5.73 18.46 9.84
N MET A 266 5.23 19.57 10.38
CA MET A 266 4.28 20.44 9.72
C MET A 266 4.70 21.88 9.92
N LEU A 267 4.62 22.68 8.86
CA LEU A 267 4.78 24.12 8.91
C LEU A 267 3.43 24.78 8.71
N LEU A 268 3.16 25.86 9.43
CA LEU A 268 1.98 26.69 9.20
C LEU A 268 2.44 27.92 8.42
N LEU A 269 1.83 28.23 7.28
CA LEU A 269 2.30 29.24 6.31
C LEU A 269 1.24 30.30 6.05
N GLU A 270 1.65 31.55 5.82
CA GLU A 270 0.76 32.66 5.41
C GLU A 270 1.49 33.68 4.53
N ARG A 271 0.79 34.42 3.66
CA ARG A 271 1.40 35.54 2.92
C ARG A 271 1.97 36.57 3.89
N LEU A 272 3.19 37.05 3.67
CA LEU A 272 3.86 37.89 4.67
C LEU A 272 3.06 39.15 5.05
N SER A 273 2.42 39.80 4.09
CA SER A 273 1.60 40.98 4.37
C SER A 273 0.43 40.67 5.30
N ASP A 274 -0.30 39.59 5.05
CA ASP A 274 -1.38 39.14 5.94
C ASP A 274 -0.86 38.70 7.29
N ALA A 275 0.30 38.05 7.37
CA ALA A 275 0.90 37.68 8.64
C ALA A 275 1.23 38.92 9.49
N ARG A 276 1.80 39.95 8.88
CA ARG A 276 2.19 41.18 9.58
C ARG A 276 1.01 41.98 10.07
N ARG A 277 -0.02 42.21 9.25
CA ARG A 277 -1.20 42.98 9.70
C ARG A 277 -2.07 42.26 10.74
N ASN A 278 -1.98 40.94 10.84
CA ASN A 278 -2.56 40.18 11.95
C ASN A 278 -1.65 40.11 13.20
N GLY A 279 -0.41 40.59 13.13
CA GLY A 279 0.52 40.58 14.26
C GLY A 279 1.05 39.20 14.64
N HIS A 280 0.97 38.21 13.76
CA HIS A 280 1.53 36.87 14.01
C HIS A 280 3.06 36.90 14.11
N PRO A 281 3.69 35.93 14.80
CA PRO A 281 5.14 35.75 14.74
C PRO A 281 5.57 35.24 13.36
N VAL A 282 6.78 35.58 12.92
CA VAL A 282 7.39 35.03 11.70
C VAL A 282 8.70 34.34 12.05
N MET A 283 8.84 33.05 11.77
CA MET A 283 10.07 32.31 12.04
C MET A 283 11.10 32.45 10.92
N ALA A 284 10.67 32.50 9.68
CA ALA A 284 11.47 32.73 8.47
C ALA A 284 10.55 33.06 7.31
N VAL A 285 11.11 33.50 6.19
CA VAL A 285 10.38 33.70 4.95
C VAL A 285 10.81 32.67 3.92
N ILE A 286 9.87 31.92 3.35
CA ILE A 286 10.09 31.15 2.12
C ILE A 286 9.87 32.11 0.97
N ARG A 287 10.89 32.33 0.13
CA ARG A 287 10.85 33.36 -0.89
C ARG A 287 10.64 32.84 -2.30
N GLY A 288 11.06 31.63 -2.63
CA GLY A 288 10.83 31.07 -3.97
C GLY A 288 11.13 29.59 -4.07
N THR A 289 10.48 28.90 -4.99
CA THR A 289 10.46 27.43 -5.03
C THR A 289 10.42 26.91 -6.46
N ALA A 290 10.99 25.74 -6.73
CA ALA A 290 10.82 25.06 -8.01
C ALA A 290 10.96 23.55 -7.89
N ILE A 291 10.31 22.83 -8.80
CA ILE A 291 10.40 21.38 -8.98
C ILE A 291 10.76 21.13 -10.44
N ASN A 292 11.57 20.12 -10.72
CA ASN A 292 11.68 19.57 -12.07
C ASN A 292 11.94 18.07 -12.01
N GLN A 293 12.26 17.47 -13.14
CA GLN A 293 12.42 16.04 -13.28
C GLN A 293 13.70 15.74 -14.06
N ASP A 294 14.51 14.78 -13.62
CA ASP A 294 15.66 14.28 -14.38
C ASP A 294 15.26 13.75 -15.75
N GLY A 295 14.07 13.17 -15.87
CA GLY A 295 13.59 12.56 -17.11
C GLY A 295 14.45 11.34 -17.46
N ALA A 296 14.91 11.28 -18.70
CA ALA A 296 15.86 10.27 -19.17
C ALA A 296 16.77 10.88 -20.25
N THR A 297 17.95 10.31 -20.46
CA THR A 297 18.92 10.77 -21.47
C THR A 297 19.93 9.67 -21.82
N ASN A 298 20.83 9.94 -22.77
CA ASN A 298 21.88 9.04 -23.25
C ASN A 298 22.84 8.51 -22.15
N GLY A 299 22.93 9.19 -21.00
CA GLY A 299 23.74 8.82 -19.84
C GLY A 299 25.24 9.14 -19.94
N ILE A 300 25.72 9.60 -21.10
CA ILE A 300 27.07 10.19 -21.23
C ILE A 300 27.07 11.65 -20.78
N ILE A 301 25.96 12.38 -20.99
CA ILE A 301 25.62 13.53 -20.16
C ILE A 301 24.89 13.03 -18.91
N SER A 302 25.19 13.60 -17.74
CA SER A 302 24.43 13.27 -16.53
C SER A 302 23.05 13.93 -16.59
N PRO A 303 21.94 13.17 -16.55
CA PRO A 303 20.62 13.79 -16.44
C PRO A 303 20.48 14.56 -15.14
N SER A 304 20.93 13.98 -14.02
CA SER A 304 20.85 14.61 -12.71
C SER A 304 21.69 15.88 -12.64
N GLY A 305 22.89 15.88 -13.22
CA GLY A 305 23.76 17.07 -13.24
C GLY A 305 23.08 18.26 -13.90
N ARG A 306 22.56 18.09 -15.12
CA ARG A 306 21.83 19.16 -15.81
C ARG A 306 20.54 19.52 -15.09
N ALA A 307 19.77 18.55 -14.64
CA ALA A 307 18.50 18.81 -13.98
C ALA A 307 18.66 19.61 -12.68
N GLN A 308 19.67 19.32 -11.87
CA GLN A 308 19.94 20.09 -10.67
C GLN A 308 20.34 21.52 -10.99
N GLU A 309 21.09 21.74 -12.06
CA GLU A 309 21.45 23.10 -12.48
C GLU A 309 20.23 23.89 -12.93
N ARG A 310 19.29 23.26 -13.66
CA ARG A 310 18.05 23.93 -14.05
C ARG A 310 17.19 24.28 -12.85
N VAL A 311 16.97 23.36 -11.91
CA VAL A 311 16.03 23.62 -10.81
C VAL A 311 16.52 24.74 -9.90
N ILE A 312 17.83 24.86 -9.68
CA ILE A 312 18.40 25.97 -8.91
C ILE A 312 18.08 27.30 -9.57
N ARG A 313 18.35 27.45 -10.87
CA ARG A 313 18.04 28.70 -11.59
C ARG A 313 16.56 29.00 -11.60
N ALA A 314 15.71 28.00 -11.77
CA ALA A 314 14.26 28.18 -11.72
C ALA A 314 13.79 28.70 -10.36
N ALA A 315 14.31 28.17 -9.25
CA ALA A 315 13.94 28.64 -7.93
C ALA A 315 14.43 30.06 -7.65
N LEU A 316 15.65 30.41 -8.07
CA LEU A 316 16.16 31.78 -7.92
C LEU A 316 15.30 32.77 -8.71
N ALA A 317 14.95 32.44 -9.95
CA ALA A 317 14.07 33.25 -10.77
C ALA A 317 12.66 33.38 -10.16
N ASP A 318 12.08 32.29 -9.65
CA ASP A 318 10.78 32.34 -8.97
C ASP A 318 10.80 33.28 -7.76
N GLY A 319 11.86 33.23 -6.96
CA GLY A 319 12.03 34.11 -5.81
C GLY A 319 12.44 35.54 -6.16
N ARG A 320 12.76 35.81 -7.42
CA ARG A 320 13.26 37.11 -7.91
C ARG A 320 14.53 37.58 -7.21
N VAL A 321 15.30 36.64 -6.66
CA VAL A 321 16.61 36.86 -6.04
C VAL A 321 17.74 36.57 -7.03
N THR A 322 18.98 36.86 -6.63
CA THR A 322 20.19 36.61 -7.43
C THR A 322 21.15 35.71 -6.67
N ALA A 323 21.84 34.81 -7.37
CA ALA A 323 22.63 33.75 -6.75
C ALA A 323 23.74 34.24 -5.81
N ASP A 324 24.29 35.42 -6.05
CA ASP A 324 25.28 36.06 -5.20
C ASP A 324 24.75 36.43 -3.81
N SER A 325 23.44 36.60 -3.65
CA SER A 325 22.82 36.99 -2.39
C SER A 325 22.53 35.81 -1.46
N VAL A 326 22.76 34.57 -1.87
CA VAL A 326 22.61 33.39 -1.02
C VAL A 326 23.92 33.11 -0.26
N ASP A 327 23.85 32.84 1.04
CA ASP A 327 25.02 32.60 1.89
C ASP A 327 25.32 31.12 2.07
N ALA A 328 24.31 30.26 2.17
CA ALA A 328 24.48 28.86 2.52
C ALA A 328 23.49 27.94 1.81
N VAL A 329 23.87 26.69 1.60
CA VAL A 329 22.97 25.66 1.11
C VAL A 329 22.95 24.49 2.07
N GLU A 330 21.77 24.14 2.51
CA GLU A 330 21.51 22.90 3.21
C GLU A 330 21.26 21.83 2.13
N GLY A 331 22.34 21.24 1.67
CA GLY A 331 22.34 20.33 0.52
C GLY A 331 21.69 18.99 0.83
N HIS A 332 21.54 18.13 -0.17
CA HIS A 332 21.03 16.79 0.02
C HIS A 332 22.08 15.95 0.73
N GLY A 333 23.22 15.69 0.09
CA GLY A 333 24.37 15.06 0.74
C GLY A 333 24.04 13.73 1.42
N VAL A 334 23.23 12.89 0.79
CA VAL A 334 22.68 11.69 1.43
C VAL A 334 23.76 10.67 1.80
N GLY A 335 24.95 10.74 1.20
CA GLY A 335 26.10 9.91 1.55
C GLY A 335 26.42 8.81 0.53
N ALA A 336 25.69 8.72 -0.57
CA ALA A 336 26.07 7.92 -1.72
C ALA A 336 27.31 8.53 -2.39
N THR A 337 28.28 7.70 -2.78
CA THR A 337 29.60 8.18 -3.22
C THR A 337 29.56 9.04 -4.48
N LEU A 338 28.77 8.64 -5.49
CA LEU A 338 28.64 9.37 -6.75
C LEU A 338 27.70 10.57 -6.63
N GLY A 339 26.53 10.39 -6.03
CA GLY A 339 25.50 11.42 -5.93
C GLY A 339 25.99 12.68 -5.24
N ASP A 340 26.75 12.54 -4.15
CA ASP A 340 27.33 13.68 -3.46
C ASP A 340 28.29 14.47 -4.37
N GLY A 341 29.05 13.81 -5.24
CA GLY A 341 29.90 14.49 -6.21
C GLY A 341 29.10 15.27 -7.27
N VAL A 342 28.04 14.67 -7.80
CA VAL A 342 27.18 15.34 -8.78
C VAL A 342 26.51 16.56 -8.17
N GLU A 343 25.98 16.46 -6.95
CA GLU A 343 25.37 17.60 -6.29
C GLU A 343 26.37 18.74 -6.11
N VAL A 344 27.54 18.49 -5.53
CA VAL A 344 28.54 19.54 -5.35
C VAL A 344 28.93 20.16 -6.68
N THR A 345 29.04 19.36 -7.74
CA THR A 345 29.30 19.86 -9.08
C THR A 345 28.24 20.84 -9.53
N SER A 346 26.96 20.52 -9.34
CA SER A 346 25.87 21.39 -9.77
C SER A 346 25.79 22.69 -8.96
N LEU A 347 26.26 22.68 -7.71
CA LEU A 347 26.39 23.92 -6.93
C LEU A 347 27.56 24.76 -7.45
N LEU A 348 28.70 24.14 -7.75
CA LEU A 348 29.85 24.83 -8.31
C LEU A 348 29.51 25.52 -9.63
N SER A 349 28.71 24.90 -10.50
CA SER A 349 28.35 25.47 -11.80
C SER A 349 27.20 26.49 -11.74
N THR A 350 26.50 26.62 -10.60
CA THR A 350 25.46 27.65 -10.41
C THR A 350 25.93 28.71 -9.42
N TYR A 351 25.68 28.58 -8.13
CA TYR A 351 26.15 29.50 -7.10
C TYR A 351 27.67 29.73 -7.13
N GLY A 352 28.45 28.68 -7.36
CA GLY A 352 29.90 28.74 -7.34
C GLY A 352 30.52 29.61 -8.43
N GLN A 353 29.75 30.08 -9.42
CA GLN A 353 30.23 30.98 -10.48
C GLN A 353 30.05 32.47 -10.16
N GLU A 354 29.25 32.84 -9.16
CA GLU A 354 28.75 34.22 -9.00
C GLU A 354 29.09 34.84 -7.64
N ARG A 355 29.96 34.21 -6.84
CA ARG A 355 30.19 34.62 -5.45
C ARG A 355 30.71 36.06 -5.34
N PRO A 356 30.26 36.84 -4.34
CA PRO A 356 30.92 38.08 -3.95
C PRO A 356 32.36 37.84 -3.50
N ALA A 357 33.20 38.87 -3.53
CA ALA A 357 34.58 38.75 -3.13
C ALA A 357 34.71 38.37 -1.65
N GLY A 358 35.45 37.29 -1.36
CA GLY A 358 35.66 36.79 -0.01
C GLY A 358 34.50 36.03 0.63
N ARG A 359 33.48 35.61 -0.14
CA ARG A 359 32.25 34.97 0.37
C ARG A 359 31.96 33.62 -0.30
N PRO A 360 32.70 32.54 0.02
CA PRO A 360 32.37 31.20 -0.45
C PRO A 360 30.95 30.80 -0.06
N LEU A 361 30.28 30.01 -0.88
CA LEU A 361 29.03 29.38 -0.45
C LEU A 361 29.34 28.36 0.66
N LEU A 362 28.56 28.37 1.73
CA LEU A 362 28.76 27.43 2.84
C LEU A 362 27.79 26.27 2.71
N LEU A 363 28.29 25.05 2.68
CA LEU A 363 27.50 23.85 2.39
C LEU A 363 27.48 22.91 3.59
N GLY A 364 26.33 22.30 3.88
CA GLY A 364 26.20 21.25 4.90
C GLY A 364 24.95 20.41 4.69
N SER A 365 24.70 19.44 5.57
CA SER A 365 23.51 18.59 5.50
C SER A 365 23.17 17.97 6.85
N VAL A 366 21.96 18.20 7.35
CA VAL A 366 21.44 17.63 8.60
C VAL A 366 21.30 16.12 8.53
N LYS A 367 21.28 15.52 7.33
CA LYS A 367 21.23 14.06 7.18
C LYS A 367 22.44 13.39 7.79
N SER A 368 23.55 14.10 7.96
CA SER A 368 24.69 13.60 8.73
C SER A 368 24.39 13.44 10.22
N ASN A 369 23.55 14.29 10.83
CA ASN A 369 23.15 14.15 12.23
C ASN A 369 22.02 13.14 12.46
N ILE A 370 21.04 13.03 11.56
CA ILE A 370 19.81 12.26 11.82
C ILE A 370 19.49 11.18 10.79
N GLY A 371 20.36 10.91 9.82
CA GLY A 371 20.08 10.01 8.72
C GLY A 371 19.14 10.62 7.68
N HIS A 372 18.71 9.85 6.69
CA HIS A 372 18.03 10.34 5.50
C HIS A 372 16.65 10.93 5.77
N THR A 373 15.86 10.35 6.67
CA THR A 373 14.44 10.72 6.98
C THR A 373 13.44 10.61 5.82
N GLN A 374 13.87 10.22 4.63
CA GLN A 374 12.99 9.88 3.52
C GLN A 374 12.00 11.01 3.19
N THR A 375 10.67 10.78 3.28
CA THR A 375 9.67 11.72 2.73
C THR A 375 9.70 13.12 3.35
N VAL A 376 10.24 13.29 4.55
CA VAL A 376 10.29 14.58 5.26
C VAL A 376 11.62 15.28 5.20
N GLY A 377 12.54 14.85 4.34
CA GLY A 377 13.89 15.42 4.28
C GLY A 377 13.91 16.95 4.19
N ALA A 378 13.05 17.55 3.38
CA ALA A 378 12.99 18.99 3.27
C ALA A 378 12.49 19.69 4.54
N VAL A 379 11.62 19.08 5.35
CA VAL A 379 11.23 19.69 6.63
C VAL A 379 12.44 19.75 7.55
N ALA A 380 13.20 18.67 7.69
CA ALA A 380 14.38 18.67 8.55
C ALA A 380 15.36 19.77 8.15
N GLY A 381 15.57 19.98 6.86
CA GLY A 381 16.41 21.06 6.36
C GLY A 381 15.88 22.44 6.76
N ILE A 382 14.57 22.69 6.60
CA ILE A 382 13.97 23.95 7.04
C ILE A 382 14.16 24.16 8.53
N VAL A 383 13.90 23.16 9.37
CA VAL A 383 13.99 23.34 10.82
C VAL A 383 15.41 23.73 11.22
N LYS A 384 16.44 23.10 10.62
CA LYS A 384 17.82 23.53 10.83
C LYS A 384 18.02 24.98 10.41
N LEU A 385 17.63 25.38 9.19
CA LEU A 385 17.88 26.75 8.74
C LEU A 385 17.13 27.79 9.57
N VAL A 386 15.89 27.51 9.97
CA VAL A 386 15.12 28.42 10.82
C VAL A 386 15.81 28.63 12.16
N MET A 387 16.30 27.57 12.78
CA MET A 387 17.03 27.71 14.03
C MET A 387 18.39 28.37 13.85
N ALA A 388 19.09 28.12 12.74
CA ALA A 388 20.33 28.80 12.41
C ALA A 388 20.13 30.31 12.26
N LEU A 389 19.04 30.75 11.61
CA LEU A 389 18.71 32.17 11.51
C LEU A 389 18.49 32.79 12.88
N ARG A 390 17.71 32.14 13.76
CA ARG A 390 17.43 32.64 15.12
C ARG A 390 18.66 32.71 16.02
N ASN A 391 19.51 31.69 15.99
CA ASN A 391 20.74 31.66 16.78
C ASN A 391 21.91 32.41 16.13
N GLU A 392 21.76 32.90 14.90
CA GLU A 392 22.78 33.65 14.19
C GLU A 392 24.10 32.89 14.03
N ARG A 393 24.02 31.58 13.76
CA ARG A 393 25.15 30.68 13.58
C ARG A 393 24.79 29.59 12.58
N LEU A 394 25.74 29.12 11.80
CA LEU A 394 25.61 27.94 10.94
C LEU A 394 26.30 26.76 11.62
N PRO A 395 25.60 25.65 11.89
CA PRO A 395 26.19 24.50 12.56
C PRO A 395 27.25 23.76 11.76
N ARG A 396 28.07 22.96 12.46
CA ARG A 396 29.02 22.03 11.87
C ARG A 396 28.31 20.88 11.12
N THR A 397 28.96 20.27 10.14
CA THR A 397 28.54 18.99 9.55
C THR A 397 29.38 17.86 10.14
N VAL A 398 28.75 16.84 10.70
CA VAL A 398 29.46 15.75 11.41
C VAL A 398 30.04 14.73 10.44
N HIS A 399 31.01 13.95 10.90
CA HIS A 399 31.63 12.83 10.17
C HIS A 399 32.36 13.18 8.86
N VAL A 400 32.63 14.46 8.59
CA VAL A 400 33.52 14.85 7.48
C VAL A 400 34.98 14.61 7.88
N ASP A 401 35.63 13.61 7.27
CA ASP A 401 37.07 13.41 7.38
C ASP A 401 37.86 14.38 6.49
N GLY A 402 37.33 14.63 5.30
CA GLY A 402 37.79 15.62 4.32
C GLY A 402 36.76 15.71 3.19
N PRO A 403 36.78 16.76 2.37
CA PRO A 403 35.82 16.94 1.30
C PRO A 403 35.98 15.84 0.23
N THR A 404 34.87 15.34 -0.30
CA THR A 404 34.87 14.21 -1.25
C THR A 404 35.72 14.50 -2.50
N PRO A 405 36.54 13.56 -2.97
CA PRO A 405 37.37 13.75 -4.16
C PRO A 405 36.59 13.82 -5.46
N HIS A 406 35.33 13.37 -5.47
CA HIS A 406 34.47 13.35 -6.66
C HIS A 406 33.92 14.74 -7.08
N ALA A 407 34.54 15.83 -6.65
CA ALA A 407 34.25 17.19 -7.10
C ALA A 407 35.49 18.07 -7.00
N ASP A 408 35.60 19.10 -7.83
CA ASP A 408 36.76 20.00 -7.86
C ASP A 408 36.57 21.23 -6.97
N TRP A 409 36.83 21.05 -5.67
CA TRP A 409 36.83 22.13 -4.67
C TRP A 409 37.85 23.25 -4.93
N SER A 410 38.78 23.05 -5.86
CA SER A 410 39.94 23.90 -6.12
C SER A 410 39.64 25.36 -6.44
N SER A 411 38.43 25.68 -6.92
CA SER A 411 38.03 27.08 -7.15
C SER A 411 37.94 27.89 -5.86
N GLY A 412 37.72 27.24 -4.71
CA GLY A 412 37.52 27.88 -3.41
C GLY A 412 36.17 28.60 -3.26
N THR A 413 35.29 28.57 -4.26
CA THR A 413 34.00 29.28 -4.20
C THR A 413 32.91 28.54 -3.42
N VAL A 414 33.13 27.30 -3.02
CA VAL A 414 32.23 26.51 -2.16
C VAL A 414 33.05 25.79 -1.10
N ARG A 415 32.61 25.73 0.16
CA ARG A 415 33.25 24.87 1.18
C ARG A 415 32.26 24.20 2.11
N LEU A 416 32.63 23.04 2.64
CA LEU A 416 31.86 22.36 3.68
C LEU A 416 32.01 23.10 5.02
N LEU A 417 30.93 23.11 5.81
CA LEU A 417 30.92 23.58 7.19
C LEU A 417 31.60 22.56 8.11
N THR A 418 32.92 22.44 8.02
CA THR A 418 33.73 21.58 8.90
C THR A 418 33.89 22.15 10.31
N GLU A 419 33.62 23.44 10.51
CA GLU A 419 33.53 24.10 11.80
C GLU A 419 32.39 25.11 11.78
N PRO A 420 31.68 25.35 12.90
CA PRO A 420 30.54 26.26 12.92
C PRO A 420 30.97 27.70 12.65
N GLU A 421 30.14 28.48 11.97
CA GLU A 421 30.48 29.86 11.56
C GLU A 421 29.39 30.86 11.96
N PRO A 422 29.75 32.08 12.42
CA PRO A 422 28.78 33.08 12.81
C PRO A 422 28.03 33.61 11.58
N TRP A 423 26.76 33.96 11.76
CA TRP A 423 25.86 34.39 10.69
C TRP A 423 24.95 35.50 11.22
N ARG A 424 25.57 36.59 11.66
CA ARG A 424 24.92 37.73 12.33
C ARG A 424 23.96 38.46 11.41
N ARG A 425 22.81 38.91 11.92
CA ARG A 425 21.96 39.90 11.24
C ARG A 425 22.76 41.17 10.97
N GLY A 426 22.52 41.84 9.84
CA GLY A 426 23.28 43.01 9.41
C GLY A 426 22.76 43.62 8.11
N GLU A 427 23.59 44.38 7.41
CA GLU A 427 23.20 45.08 6.18
C GLU A 427 22.87 44.11 5.03
N ARG A 428 23.69 43.07 4.83
CA ARG A 428 23.44 42.01 3.87
C ARG A 428 22.31 41.11 4.38
N VAL A 429 21.20 41.01 3.65
CA VAL A 429 20.07 40.16 4.04
C VAL A 429 20.49 38.69 3.98
N ARG A 430 20.36 37.96 5.08
CA ARG A 430 20.75 36.53 5.11
C ARG A 430 19.77 35.69 4.32
N ARG A 431 20.27 34.79 3.47
CA ARG A 431 19.47 33.85 2.69
C ARG A 431 20.17 32.51 2.57
N ALA A 432 19.39 31.45 2.41
CA ALA A 432 19.91 30.10 2.26
C ALA A 432 19.00 29.26 1.37
N GLY A 433 19.51 28.18 0.79
CA GLY A 433 18.70 27.29 -0.06
C GLY A 433 18.63 25.85 0.43
N LEU A 434 17.53 25.16 0.16
CA LEU A 434 17.46 23.70 0.25
C LEU A 434 17.64 23.05 -1.11
N THR A 435 18.20 21.85 -1.17
CA THR A 435 17.97 20.90 -2.27
C THR A 435 17.32 19.65 -1.71
N CYS A 436 16.51 18.96 -2.51
CA CYS A 436 16.10 17.60 -2.20
C CYS A 436 15.99 16.82 -3.50
N LEU A 437 16.40 15.55 -3.51
CA LEU A 437 16.63 14.76 -4.73
C LEU A 437 16.02 13.37 -4.56
N THR A 438 15.80 12.66 -5.66
CA THR A 438 15.34 11.26 -5.61
C THR A 438 15.73 10.49 -6.87
N LEU A 439 15.82 9.17 -6.81
CA LEU A 439 16.24 8.36 -7.97
C LEU A 439 15.21 8.34 -9.10
N SER A 440 13.91 8.37 -8.77
CA SER A 440 12.82 8.62 -9.73
C SER A 440 12.76 10.07 -10.24
N GLY A 441 13.75 10.89 -9.89
CA GLY A 441 14.13 12.09 -10.62
C GLY A 441 13.39 13.38 -10.30
N THR A 442 12.33 13.42 -9.48
CA THR A 442 11.72 14.70 -9.08
C THR A 442 12.59 15.47 -8.11
N ASN A 443 13.32 16.47 -8.57
CA ASN A 443 14.15 17.33 -7.73
C ASN A 443 13.38 18.55 -7.24
N GLY A 444 13.83 19.19 -6.18
CA GLY A 444 13.28 20.49 -5.77
C GLY A 444 14.31 21.40 -5.12
N HIS A 445 14.05 22.70 -5.12
CA HIS A 445 14.89 23.70 -4.47
C HIS A 445 14.01 24.80 -3.85
N LEU A 446 14.39 25.31 -2.68
CA LEU A 446 13.71 26.44 -2.00
C LEU A 446 14.72 27.51 -1.68
N ILE A 447 14.32 28.78 -1.66
CA ILE A 447 15.11 29.87 -1.08
C ILE A 447 14.43 30.38 0.19
N LEU A 448 15.15 30.42 1.31
CA LEU A 448 14.73 30.99 2.57
C LEU A 448 15.43 32.33 2.82
N GLU A 449 14.79 33.19 3.59
CA GLU A 449 15.25 34.52 3.94
C GLU A 449 14.92 34.84 5.41
N GLU A 450 15.65 35.76 6.02
CA GLU A 450 15.34 36.30 7.35
C GLU A 450 13.88 36.71 7.53
N PRO A 451 13.34 36.63 8.75
CA PRO A 451 12.19 37.44 9.14
C PRO A 451 12.49 38.94 8.96
N PRO A 452 11.48 39.78 8.76
CA PRO A 452 11.62 41.23 8.90
C PRO A 452 12.15 41.60 10.29
N ALA A 453 12.60 42.84 10.48
CA ALA A 453 13.17 43.28 11.75
C ALA A 453 12.20 43.09 12.92
N ASP A 454 12.66 42.38 13.97
CA ASP A 454 11.91 42.14 15.20
C ASP A 454 11.96 43.37 16.13
N GLU A 455 11.21 44.41 15.76
CA GLU A 455 11.18 45.69 16.46
C GLU A 455 10.71 45.53 17.93
N PRO A 456 11.47 46.00 18.93
CA PRO A 456 11.08 45.95 20.34
C PRO A 456 9.80 46.73 20.67
N ALA A 457 9.24 46.48 21.85
CA ALA A 457 8.01 47.11 22.32
C ALA A 457 8.15 48.59 22.77
N ALA A 458 9.37 49.12 22.90
CA ALA A 458 9.66 50.40 23.56
C ALA A 458 9.07 50.45 24.99
N ARG A 459 9.38 49.41 25.77
CA ARG A 459 8.61 48.93 26.92
C ARG A 459 8.63 49.90 28.12
N PRO A 460 7.48 50.31 28.67
CA PRO A 460 7.40 51.26 29.78
C PRO A 460 7.80 50.63 31.13
N ALA A 461 8.13 51.47 32.11
CA ALA A 461 8.23 51.07 33.51
C ALA A 461 6.85 51.05 34.19
N ASN A 462 6.66 50.17 35.18
CA ASN A 462 5.42 50.05 35.95
C ASN A 462 5.66 49.51 37.38
N PRO A 463 4.78 49.82 38.34
CA PRO A 463 4.70 49.06 39.59
C PRO A 463 4.21 47.64 39.34
N GLU A 464 4.54 46.70 40.21
CA GLU A 464 4.17 45.28 40.11
C GLU A 464 2.71 45.00 40.49
N ARG A 465 1.77 45.52 39.70
CA ARG A 465 0.38 45.08 39.69
C ARG A 465 0.30 43.57 39.48
N THR A 466 -0.70 42.91 40.06
CA THR A 466 -0.87 41.44 40.00
C THR A 466 -0.95 40.92 38.57
N VAL A 467 -0.44 39.70 38.36
CA VAL A 467 -0.57 38.92 37.13
C VAL A 467 -1.38 37.66 37.42
N PRO A 468 -2.43 37.35 36.64
CA PRO A 468 -3.12 36.07 36.69
C PRO A 468 -2.59 35.12 35.61
N LEU A 469 -1.82 34.10 35.97
CA LEU A 469 -1.51 33.01 35.04
C LEU A 469 -2.72 32.09 34.94
N VAL A 470 -3.11 31.67 33.74
CA VAL A 470 -4.27 30.80 33.52
C VAL A 470 -3.84 29.52 32.82
N LEU A 471 -4.15 28.37 33.39
CA LEU A 471 -3.77 27.06 32.87
C LEU A 471 -5.01 26.20 32.68
N SER A 472 -5.05 25.35 31.67
CA SER A 472 -6.10 24.34 31.57
C SER A 472 -5.64 23.11 30.80
N ALA A 473 -6.30 21.97 31.04
CA ALA A 473 -5.93 20.69 30.47
C ALA A 473 -7.14 19.79 30.28
N LYS A 474 -7.02 18.74 29.47
CA LYS A 474 -8.11 17.80 29.25
C LYS A 474 -8.21 16.70 30.33
N SER A 475 -7.25 16.61 31.25
CA SER A 475 -7.30 15.75 32.44
C SER A 475 -6.42 16.30 33.57
N PRO A 476 -6.63 15.93 34.84
CA PRO A 476 -5.93 16.56 35.95
C PRO A 476 -4.42 16.37 35.92
N THR A 477 -3.93 15.20 35.50
CA THR A 477 -2.49 14.95 35.44
C THR A 477 -1.80 15.86 34.43
N ALA A 478 -2.41 16.06 33.27
CA ALA A 478 -1.90 16.99 32.28
C ALA A 478 -1.90 18.44 32.77
N LEU A 479 -2.76 18.79 33.73
CA LEU A 479 -2.71 20.11 34.36
C LEU A 479 -1.44 20.25 35.19
N ARG A 480 -1.11 19.27 36.02
CA ARG A 480 0.10 19.33 36.84
C ARG A 480 1.38 19.22 36.02
N GLU A 481 1.35 18.51 34.91
CA GLU A 481 2.45 18.51 33.94
C GLU A 481 2.73 19.90 33.39
N GLN A 482 1.70 20.67 33.04
CA GLN A 482 1.90 22.04 32.57
C GLN A 482 2.47 22.93 33.65
N ALA A 483 2.06 22.76 34.91
CA ALA A 483 2.66 23.52 35.99
C ALA A 483 4.16 23.24 36.12
N GLU A 484 4.62 22.00 35.96
CA GLU A 484 6.05 21.72 35.94
C GLU A 484 6.77 22.34 34.74
N ARG A 485 6.24 22.16 33.53
CA ARG A 485 6.85 22.73 32.32
C ARG A 485 6.96 24.25 32.40
N LEU A 486 5.90 24.91 32.85
CA LEU A 486 5.81 26.36 32.89
C LEU A 486 6.77 26.97 33.92
N ARG A 487 7.08 26.27 35.02
CA ARG A 487 7.97 26.78 36.07
C ARG A 487 9.38 27.07 35.56
N ALA A 488 9.90 26.25 34.64
CA ALA A 488 11.16 26.51 33.97
C ALA A 488 11.15 27.77 33.08
N THR A 489 9.98 28.26 32.67
CA THR A 489 9.82 29.50 31.90
C THR A 489 9.60 30.72 32.80
N ILE A 490 8.72 30.67 33.80
CA ILE A 490 8.43 31.85 34.63
C ILE A 490 9.67 32.33 35.39
N THR A 491 10.57 31.41 35.73
CA THR A 491 11.87 31.69 36.36
C THR A 491 12.88 32.37 35.44
N ALA A 492 12.52 32.70 34.19
CA ALA A 492 13.41 33.34 33.23
C ALA A 492 12.74 34.45 32.41
N ALA A 493 11.56 34.21 31.84
CA ALA A 493 10.80 35.20 31.09
C ALA A 493 10.11 36.23 31.99
N GLU A 494 9.59 37.31 31.41
CA GLU A 494 8.81 38.30 32.13
C GLU A 494 7.44 37.76 32.56
N PRO A 495 7.02 37.88 33.83
CA PRO A 495 5.78 37.26 34.30
C PRO A 495 4.55 37.85 33.62
N VAL A 496 4.51 39.17 33.40
CA VAL A 496 3.40 39.78 32.68
C VAL A 496 3.33 39.32 31.22
N ASP A 497 4.46 39.09 30.56
CA ASP A 497 4.47 38.59 29.19
C ASP A 497 4.03 37.12 29.13
N VAL A 498 4.45 36.30 30.09
CA VAL A 498 3.99 34.91 30.20
C VAL A 498 2.48 34.87 30.44
N GLY A 499 1.98 35.67 31.39
CA GLY A 499 0.56 35.73 31.67
C GLY A 499 -0.25 36.19 30.46
N HIS A 500 0.22 37.22 29.76
CA HIS A 500 -0.44 37.74 28.58
C HIS A 500 -0.41 36.76 27.43
N SER A 501 0.61 35.93 27.32
CA SER A 501 0.63 34.87 26.32
C SER A 501 -0.40 33.79 26.66
N LEU A 502 -0.41 33.29 27.89
CA LEU A 502 -1.24 32.14 28.27
C LEU A 502 -2.73 32.34 28.04
N HIS A 503 -3.31 33.50 28.33
CA HIS A 503 -4.76 33.68 28.18
C HIS A 503 -5.20 33.80 26.71
N THR A 504 -4.27 33.94 25.76
CA THR A 504 -4.62 34.20 24.35
C THR A 504 -4.01 33.22 23.33
N THR A 505 -2.80 32.71 23.54
CA THR A 505 -2.15 31.78 22.60
C THR A 505 -2.37 30.31 22.94
N ARG A 506 -3.31 29.99 23.84
CA ARG A 506 -3.65 28.62 24.23
C ARG A 506 -5.15 28.45 24.33
N SER A 507 -5.64 27.25 24.02
CA SER A 507 -7.05 26.88 24.14
C SER A 507 -7.49 26.77 25.61
N SER A 508 -8.79 26.78 25.87
CA SER A 508 -9.36 26.60 27.21
C SER A 508 -10.11 25.28 27.33
N PHE A 509 -9.66 24.40 28.22
CA PHE A 509 -10.21 23.06 28.41
C PHE A 509 -11.05 22.94 29.68
N ARG A 510 -11.48 21.71 29.98
CA ARG A 510 -12.40 21.39 31.07
C ARG A 510 -11.78 21.47 32.46
N HIS A 511 -10.54 21.02 32.67
CA HIS A 511 -9.87 21.14 33.98
C HIS A 511 -9.06 22.43 34.00
N ARG A 512 -9.24 23.29 34.99
CA ARG A 512 -8.75 24.67 34.97
C ARG A 512 -8.04 25.05 36.25
N ALA A 513 -7.09 25.97 36.14
CA ALA A 513 -6.48 26.60 37.29
C ALA A 513 -6.08 28.04 36.99
N VAL A 514 -6.03 28.87 38.02
CA VAL A 514 -5.55 30.25 37.95
C VAL A 514 -4.57 30.48 39.08
N VAL A 515 -3.42 31.07 38.80
CA VAL A 515 -2.40 31.42 39.79
C VAL A 515 -2.21 32.92 39.83
N LEU A 516 -2.35 33.54 40.98
CA LEU A 516 -2.23 34.98 41.18
C LEU A 516 -0.95 35.31 41.93
N GLY A 517 -0.26 36.37 41.51
CA GLY A 517 0.88 36.90 42.24
C GLY A 517 1.38 38.21 41.66
N THR A 518 2.35 38.82 42.34
CA THR A 518 3.01 40.06 41.89
C THR A 518 4.47 39.78 41.53
N GLY A 519 5.18 39.04 42.39
CA GLY A 519 6.57 38.67 42.17
C GLY A 519 6.71 37.37 41.41
N ARG A 520 7.79 37.23 40.66
CA ARG A 520 8.19 35.96 40.02
C ARG A 520 8.24 34.82 41.03
N GLU A 521 8.72 35.06 42.24
CA GLU A 521 8.78 34.07 43.31
C GLU A 521 7.39 33.63 43.79
N GLU A 522 6.41 34.53 43.84
CA GLU A 522 5.05 34.18 44.23
C GLU A 522 4.39 33.29 43.17
N LEU A 523 4.54 33.64 41.89
CA LEU A 523 4.03 32.81 40.80
C LEU A 523 4.73 31.45 40.79
N ALA A 524 6.04 31.40 40.97
CA ALA A 524 6.75 30.14 41.06
C ALA A 524 6.28 29.28 42.25
N ALA A 525 6.04 29.89 43.41
CA ALA A 525 5.50 29.17 44.57
C ALA A 525 4.09 28.63 44.32
N GLY A 526 3.24 29.40 43.64
CA GLY A 526 1.91 28.95 43.25
C GLY A 526 1.97 27.78 42.28
N LEU A 527 2.77 27.87 41.22
CA LEU A 527 2.92 26.78 40.27
C LEU A 527 3.52 25.53 40.91
N ASP A 528 4.50 25.66 41.80
CA ASP A 528 5.04 24.53 42.53
C ASP A 528 3.97 23.82 43.37
N ALA A 529 3.11 24.58 44.04
CA ALA A 529 2.01 24.02 44.81
C ALA A 529 0.99 23.30 43.90
N LEU A 530 0.67 23.87 42.75
CA LEU A 530 -0.18 23.21 41.75
C LEU A 530 0.46 21.90 41.30
N ALA A 531 1.74 21.91 40.92
CA ALA A 531 2.45 20.74 40.47
C ALA A 531 2.49 19.63 41.53
N GLY A 532 2.67 20.01 42.80
CA GLY A 532 2.65 19.09 43.94
C GLY A 532 1.25 18.62 44.35
N ASP A 533 0.20 19.10 43.69
CA ASP A 533 -1.20 18.88 44.05
C ASP A 533 -1.56 19.28 45.48
N ARG A 534 -0.91 20.32 46.01
CA ARG A 534 -1.07 20.81 47.39
C ARG A 534 -1.67 22.22 47.40
N THR A 535 -2.63 22.49 48.26
CA THR A 535 -3.36 23.76 48.25
C THR A 535 -2.53 24.92 48.80
N ALA A 536 -2.59 26.07 48.14
CA ALA A 536 -2.01 27.34 48.60
C ALA A 536 -2.91 28.51 48.17
N ASP A 537 -2.98 29.58 48.96
CA ASP A 537 -3.94 30.68 48.75
C ASP A 537 -3.71 31.49 47.47
N GLY A 538 -2.55 31.36 46.84
CA GLY A 538 -2.25 32.01 45.57
C GLY A 538 -2.96 31.41 44.36
N LEU A 539 -3.66 30.28 44.47
CA LEU A 539 -4.23 29.60 43.31
C LEU A 539 -5.63 29.03 43.53
N VAL A 540 -6.33 28.81 42.42
CA VAL A 540 -7.70 28.30 42.37
C VAL A 540 -7.75 27.13 41.41
N ARG A 541 -8.46 26.05 41.75
CA ARG A 541 -8.58 24.80 40.98
C ARG A 541 -10.04 24.45 40.74
N GLY A 542 -10.36 23.78 39.63
CA GLY A 542 -11.70 23.26 39.41
C GLY A 542 -11.97 22.74 38.00
N VAL A 543 -13.23 22.45 37.74
CA VAL A 543 -13.69 21.79 36.52
C VAL A 543 -14.85 22.57 35.92
N ALA A 544 -14.83 22.83 34.62
CA ALA A 544 -15.84 23.64 33.99
C ALA A 544 -17.18 22.91 33.84
N ARG A 545 -18.21 23.41 34.51
CA ARG A 545 -19.62 23.14 34.20
C ARG A 545 -20.00 23.94 32.98
N ALA A 546 -20.55 23.31 31.94
CA ALA A 546 -20.93 24.04 30.72
C ALA A 546 -22.10 25.02 30.93
N GLN A 547 -22.95 24.75 31.93
CA GLN A 547 -24.13 25.55 32.25
C GLN A 547 -23.74 27.02 32.51
N GLY A 548 -24.35 27.95 31.77
CA GLY A 548 -24.02 29.37 31.85
C GLY A 548 -24.65 30.11 33.04
N GLN A 549 -25.72 29.59 33.62
CA GLN A 549 -26.72 30.41 34.31
C GLN A 549 -26.19 31.16 35.54
N THR A 550 -26.03 32.47 35.40
CA THR A 550 -25.32 33.35 36.34
C THR A 550 -26.19 34.53 36.74
N ALA A 551 -26.16 34.97 37.99
CA ALA A 551 -26.93 36.16 38.42
C ALA A 551 -26.11 37.10 39.30
N LEU A 552 -26.53 38.36 39.34
CA LEU A 552 -25.74 39.45 39.91
C LEU A 552 -26.57 40.29 40.88
N LEU A 553 -26.03 40.57 42.06
CA LEU A 553 -26.75 41.15 43.19
C LEU A 553 -26.25 42.55 43.53
N PHE A 554 -27.16 43.53 43.54
CA PHE A 554 -26.85 44.94 43.73
C PHE A 554 -27.37 45.47 45.06
N GLY A 555 -26.50 46.05 45.88
CA GLY A 555 -26.89 46.58 47.20
C GLY A 555 -27.21 48.07 47.19
N GLY A 556 -28.09 48.50 48.08
CA GLY A 556 -28.22 49.92 48.46
C GLY A 556 -27.14 50.34 49.46
N ALA A 557 -27.05 51.64 49.77
CA ALA A 557 -26.03 52.16 50.67
C ALA A 557 -26.22 51.75 52.14
N GLY A 558 -27.42 51.98 52.66
CA GLY A 558 -27.66 52.13 54.10
C GLY A 558 -27.61 50.84 54.93
N ASP A 559 -27.71 49.66 54.32
CA ASP A 559 -27.82 48.39 55.06
C ASP A 559 -26.56 48.01 55.87
N GLY A 560 -25.44 48.71 55.67
CA GLY A 560 -24.27 48.66 56.55
C GLY A 560 -24.56 49.12 57.98
N THR A 561 -25.71 49.76 58.21
CA THR A 561 -26.33 49.98 59.53
C THR A 561 -26.54 48.68 60.32
N SER A 562 -26.56 47.52 59.66
CA SER A 562 -26.56 46.17 60.27
C SER A 562 -25.35 45.91 61.20
N GLY A 563 -24.26 46.67 61.05
CA GLY A 563 -23.18 46.77 62.04
C GLY A 563 -21.80 46.30 61.56
N ASP A 564 -21.72 45.57 60.44
CA ASP A 564 -20.44 45.11 59.86
C ASP A 564 -19.70 46.20 59.06
N ARG A 565 -19.76 47.46 59.55
CA ARG A 565 -19.09 48.62 58.96
C ARG A 565 -17.56 48.45 58.83
N PRO A 566 -16.84 47.69 59.68
CA PRO A 566 -15.44 47.34 59.41
C PRO A 566 -15.19 46.65 58.05
N ALA A 567 -16.17 45.92 57.51
CA ALA A 567 -16.14 45.42 56.14
C ALA A 567 -16.79 46.40 55.15
N ASP A 568 -17.97 46.95 55.47
CA ASP A 568 -18.74 47.81 54.56
C ASP A 568 -18.14 49.23 54.33
N ALA A 569 -17.17 49.66 55.13
CA ALA A 569 -16.31 50.80 54.81
C ALA A 569 -15.03 50.36 54.06
N GLU A 570 -14.50 49.18 54.35
CA GLU A 570 -13.31 48.64 53.68
C GLU A 570 -13.58 48.23 52.23
N GLY A 571 -14.79 47.76 51.90
CA GLY A 571 -15.22 47.50 50.53
C GLY A 571 -15.06 48.74 49.64
N PRO A 572 -15.65 49.90 49.99
CA PRO A 572 -15.43 51.15 49.28
C PRO A 572 -13.97 51.60 49.22
N ARG A 573 -13.19 51.49 50.31
CA ARG A 573 -11.74 51.76 50.26
C ARG A 573 -11.01 50.83 49.29
N THR A 574 -11.42 49.57 49.21
CA THR A 574 -10.92 48.62 48.21
C THR A 574 -11.34 49.03 46.81
N ALA A 575 -12.58 49.51 46.62
CA ALA A 575 -13.06 50.01 45.35
C ALA A 575 -12.27 51.22 44.85
N ARG A 576 -11.77 52.09 45.75
CA ARG A 576 -10.80 53.14 45.38
C ARG A 576 -9.54 52.52 44.77
N GLY A 577 -9.01 51.46 45.38
CA GLY A 577 -7.85 50.73 44.85
C GLY A 577 -8.03 50.20 43.42
N LEU A 578 -9.25 49.83 43.02
CA LEU A 578 -9.54 49.37 41.66
C LEU A 578 -9.28 50.45 40.61
N TYR A 579 -9.46 51.73 40.93
CA TYR A 579 -9.24 52.84 40.00
C TYR A 579 -7.80 52.87 39.47
N GLU A 580 -6.84 52.48 40.31
CA GLU A 580 -5.43 52.43 39.93
C GLU A 580 -5.10 51.23 39.03
N ALA A 581 -5.87 50.14 39.14
CA ALA A 581 -5.52 48.85 38.57
C ALA A 581 -6.25 48.50 37.27
N PHE A 582 -7.47 49.01 37.04
CA PHE A 582 -8.32 48.59 35.92
C PHE A 582 -8.90 49.79 35.16
N PRO A 583 -8.40 50.11 33.95
CA PRO A 583 -8.82 51.29 33.21
C PRO A 583 -10.32 51.38 32.95
N ALA A 584 -10.98 50.25 32.68
CA ALA A 584 -12.42 50.22 32.47
C ALA A 584 -13.20 50.73 33.69
N PHE A 585 -12.72 50.49 34.91
CA PHE A 585 -13.34 51.02 36.12
C PHE A 585 -13.18 52.53 36.20
N ALA A 586 -11.96 53.03 35.99
CA ALA A 586 -11.67 54.45 36.10
C ALA A 586 -12.53 55.27 35.12
N GLU A 587 -12.56 54.85 33.85
CA GLU A 587 -13.43 55.47 32.85
C GLU A 587 -14.89 55.42 33.27
N ALA A 588 -15.40 54.23 33.62
CA ALA A 588 -16.80 54.07 33.97
C ALA A 588 -17.19 54.91 35.18
N LEU A 589 -16.36 54.98 36.21
CA LEU A 589 -16.67 55.73 37.42
C LEU A 589 -16.77 57.23 37.12
N ASP A 590 -15.81 57.75 36.37
CA ASP A 590 -15.83 59.16 36.00
C ASP A 590 -16.99 59.48 35.06
N GLU A 591 -17.37 58.58 34.15
CA GLU A 591 -18.56 58.72 33.32
C GLU A 591 -19.88 58.71 34.10
N VAL A 592 -19.92 58.22 35.36
CA VAL A 592 -21.03 58.55 36.25
C VAL A 592 -20.78 59.91 36.88
N THR A 593 -19.60 60.05 37.48
CA THR A 593 -19.32 61.10 38.44
C THR A 593 -19.35 62.48 37.78
N GLU A 594 -18.55 62.68 36.74
CA GLU A 594 -18.44 63.96 36.05
C GLU A 594 -19.70 64.29 35.24
N HIS A 595 -20.48 63.27 34.90
CA HIS A 595 -21.77 63.41 34.23
C HIS A 595 -22.87 63.87 35.20
N LEU A 596 -22.90 63.34 36.43
CA LEU A 596 -24.09 63.39 37.28
C LEU A 596 -23.85 63.93 38.69
N ALA A 597 -22.61 64.27 39.06
CA ALA A 597 -22.34 65.09 40.24
C ALA A 597 -23.04 66.46 40.19
N GLY A 598 -23.35 66.96 38.99
CA GLY A 598 -24.11 68.20 38.81
C GLY A 598 -25.48 68.21 39.49
N LEU A 599 -26.11 67.04 39.68
CA LEU A 599 -27.36 66.93 40.43
C LEU A 599 -27.20 67.23 41.94
N LEU A 600 -25.98 67.18 42.47
CA LEU A 600 -25.67 67.32 43.90
C LEU A 600 -24.64 68.42 44.22
N GLY A 601 -23.96 68.96 43.22
CA GLY A 601 -22.75 69.78 43.40
C GLY A 601 -21.49 68.92 43.54
N PRO A 602 -20.30 69.49 43.28
CA PRO A 602 -19.05 68.74 43.16
C PRO A 602 -18.57 68.09 44.47
N GLU A 603 -19.20 68.34 45.60
CA GLU A 603 -18.90 67.70 46.89
C GLU A 603 -18.99 66.17 46.80
N VAL A 604 -19.95 65.64 46.04
CA VAL A 604 -20.06 64.19 45.85
C VAL A 604 -18.84 63.59 45.14
N ARG A 605 -18.11 64.37 44.33
CA ARG A 605 -16.89 63.88 43.66
C ARG A 605 -15.80 63.56 44.68
N ALA A 606 -15.65 64.40 45.70
CA ALA A 606 -14.74 64.12 46.81
C ALA A 606 -15.14 62.83 47.55
N ALA A 607 -16.44 62.68 47.86
CA ALA A 607 -16.95 61.47 48.51
C ALA A 607 -16.72 60.20 47.68
N VAL A 608 -16.90 60.27 46.35
CA VAL A 608 -16.63 59.15 45.45
C VAL A 608 -15.13 58.81 45.41
N ARG A 609 -14.25 59.82 45.33
CA ARG A 609 -12.79 59.57 45.24
C ARG A 609 -12.20 59.08 46.57
N GLU A 610 -12.69 59.59 47.69
CA GLU A 610 -12.26 59.20 49.02
C GLU A 610 -13.45 58.71 49.85
N PRO A 611 -13.93 57.47 49.61
CA PRO A 611 -15.06 56.93 50.33
C PRO A 611 -14.74 56.69 51.83
N GLY A 612 -15.79 56.68 52.64
CA GLY A 612 -15.71 56.53 54.10
C GLY A 612 -17.06 56.09 54.70
N PRO A 613 -17.29 56.26 56.00
CA PRO A 613 -18.48 55.74 56.68
C PRO A 613 -19.82 56.18 56.08
N ALA A 614 -19.91 57.41 55.55
CA ALA A 614 -21.12 57.91 54.89
C ALA A 614 -21.58 57.02 53.71
N CYS A 615 -20.65 56.35 53.03
CA CYS A 615 -20.92 55.43 51.93
C CYS A 615 -21.67 54.16 52.35
N ALA A 616 -21.71 53.85 53.65
CA ALA A 616 -22.46 52.74 54.23
C ALA A 616 -23.73 53.20 54.98
N GLU A 617 -24.11 54.48 54.89
CA GLU A 617 -25.17 55.09 55.69
C GLU A 617 -26.31 55.66 54.82
N PRO A 618 -27.57 55.63 55.32
CA PRO A 618 -28.76 56.05 54.58
C PRO A 618 -28.82 57.58 54.42
N THR A 619 -28.13 58.10 53.39
CA THR A 619 -27.98 59.53 53.12
C THR A 619 -27.97 59.80 51.61
N VAL A 620 -28.25 61.02 51.15
CA VAL A 620 -28.22 61.30 49.69
C VAL A 620 -26.84 61.03 49.10
N VAL A 621 -25.79 61.52 49.78
CA VAL A 621 -24.39 61.29 49.38
C VAL A 621 -24.07 59.81 49.38
N GLY A 622 -24.38 59.09 50.46
CA GLY A 622 -24.13 57.65 50.55
C GLY A 622 -24.84 56.87 49.46
N GLN A 623 -26.12 57.17 49.19
CA GLN A 623 -26.88 56.52 48.15
C GLN A 623 -26.29 56.78 46.75
N ALA A 624 -25.89 58.03 46.49
CA ALA A 624 -25.24 58.38 45.24
C ALA A 624 -23.89 57.67 45.06
N VAL A 625 -23.04 57.66 46.09
CA VAL A 625 -21.75 56.94 46.06
C VAL A 625 -21.97 55.46 45.80
N ALA A 626 -22.92 54.84 46.50
CA ALA A 626 -23.23 53.43 46.30
C ALA A 626 -23.67 53.15 44.86
N PHE A 627 -24.54 53.99 44.29
CA PHE A 627 -24.95 53.85 42.89
C PHE A 627 -23.79 54.00 41.92
N ALA A 628 -22.89 54.97 42.16
CA ALA A 628 -21.72 55.18 41.32
C ALA A 628 -20.81 53.95 41.33
N LEU A 629 -20.44 53.46 42.51
CA LEU A 629 -19.54 52.32 42.63
C LEU A 629 -20.18 51.02 42.11
N ASN A 630 -21.47 50.80 42.33
CA ASN A 630 -22.18 49.66 41.73
C ASN A 630 -22.14 49.73 40.20
N THR A 631 -22.38 50.91 39.63
CA THR A 631 -22.32 51.10 38.18
C THR A 631 -20.93 50.84 37.64
N ALA A 632 -19.91 51.35 38.31
CA ALA A 632 -18.53 51.15 37.91
C ALA A 632 -18.13 49.67 37.96
N LEU A 633 -18.47 48.95 39.03
CA LEU A 633 -18.22 47.52 39.11
C LEU A 633 -18.94 46.76 37.99
N HIS A 634 -20.20 47.04 37.72
CA HIS A 634 -20.92 46.36 36.63
C HIS A 634 -20.21 46.54 35.29
N ARG A 635 -19.73 47.75 35.01
CA ARG A 635 -18.99 48.03 33.78
C ARG A 635 -17.62 47.36 33.77
N LEU A 636 -16.98 47.19 34.91
CA LEU A 636 -15.75 46.41 35.04
C LEU A 636 -16.00 44.92 34.75
N LEU A 637 -16.98 44.30 35.41
CA LEU A 637 -17.26 42.88 35.25
C LEU A 637 -17.66 42.54 33.81
N THR A 638 -18.46 43.39 33.18
CA THR A 638 -18.79 43.20 31.76
C THR A 638 -17.59 43.43 30.84
N ALA A 639 -16.61 44.26 31.21
CA ALA A 639 -15.35 44.33 30.47
C ALA A 639 -14.53 43.03 30.58
N PHE A 640 -14.60 42.34 31.72
CA PHE A 640 -14.11 40.96 31.87
C PHE A 640 -15.03 39.92 31.21
N ALA A 641 -16.06 40.32 30.47
CA ALA A 641 -17.03 39.45 29.81
C ALA A 641 -17.87 38.57 30.74
N VAL A 642 -18.00 38.92 32.02
CA VAL A 642 -19.08 38.39 32.87
C VAL A 642 -20.40 38.98 32.41
N ARG A 643 -21.36 38.16 31.96
CA ARG A 643 -22.69 38.62 31.56
C ARG A 643 -23.75 38.03 32.50
N PRO A 644 -24.56 38.84 33.20
CA PRO A 644 -25.63 38.32 34.05
C PRO A 644 -26.77 37.78 33.19
N ASP A 645 -27.34 36.66 33.57
CA ASP A 645 -28.58 36.11 33.01
C ASP A 645 -29.83 36.52 33.80
N ALA A 646 -29.65 37.11 34.98
CA ALA A 646 -30.66 37.79 35.76
C ALA A 646 -29.99 38.82 36.68
N THR A 647 -30.72 39.85 37.11
CA THR A 647 -30.24 40.76 38.15
C THR A 647 -31.27 40.90 39.26
N LEU A 648 -30.80 41.12 40.47
CA LEU A 648 -31.64 41.39 41.64
C LEU A 648 -31.00 42.53 42.40
N GLY A 649 -31.78 43.49 42.87
CA GLY A 649 -31.28 44.61 43.65
C GLY A 649 -32.05 44.80 44.94
N HIS A 650 -31.34 45.10 46.02
CA HIS A 650 -31.89 45.22 47.36
C HIS A 650 -32.05 46.69 47.71
N GLY A 651 -33.26 47.10 48.10
CA GLY A 651 -33.56 48.52 48.33
C GLY A 651 -33.28 49.38 47.10
N ALA A 652 -32.70 50.56 47.33
CA ALA A 652 -32.28 51.45 46.25
C ALA A 652 -31.30 50.81 45.24
N GLY A 653 -30.59 49.75 45.63
CA GLY A 653 -29.77 48.96 44.70
C GLY A 653 -30.56 48.42 43.52
N GLU A 654 -31.89 48.31 43.63
CA GLU A 654 -32.75 47.95 42.51
C GLU A 654 -32.60 48.90 41.32
N VAL A 655 -32.31 50.18 41.53
CA VAL A 655 -32.02 51.10 40.42
C VAL A 655 -30.76 50.68 39.68
N ALA A 656 -29.70 50.33 40.40
CA ALA A 656 -28.49 49.80 39.79
C ALA A 656 -28.76 48.46 39.08
N ALA A 657 -29.52 47.56 39.70
CA ALA A 657 -29.87 46.29 39.06
C ALA A 657 -30.68 46.52 37.76
N ALA A 658 -31.56 47.50 37.75
CA ALA A 658 -32.34 47.88 36.58
C ALA A 658 -31.46 48.50 35.48
N TYR A 659 -30.53 49.37 35.87
CA TYR A 659 -29.53 49.92 34.95
C TYR A 659 -28.70 48.79 34.33
N ALA A 660 -28.22 47.85 35.12
CA ALA A 660 -27.45 46.71 34.63
C ALA A 660 -28.28 45.78 33.72
N ALA A 661 -29.56 45.63 34.01
CA ALA A 661 -30.51 44.94 33.13
C ALA A 661 -30.84 45.73 31.85
N GLY A 662 -30.33 46.95 31.69
CA GLY A 662 -30.54 47.78 30.50
C GLY A 662 -31.86 48.55 30.48
N ALA A 663 -32.60 48.58 31.58
CA ALA A 663 -33.94 49.17 31.60
C ALA A 663 -33.98 50.72 31.65
N LEU A 664 -32.85 51.40 31.83
CA LEU A 664 -32.73 52.85 32.01
C LEU A 664 -31.48 53.42 31.34
N SER A 665 -31.43 54.73 31.10
CA SER A 665 -30.15 55.43 30.93
C SER A 665 -29.45 55.62 32.28
N LEU A 666 -28.15 55.86 32.25
CA LEU A 666 -27.39 56.19 33.44
C LEU A 666 -27.88 57.48 34.12
N ALA A 667 -28.31 58.48 33.33
CA ALA A 667 -28.86 59.72 33.86
C ALA A 667 -30.18 59.50 34.61
N ASP A 668 -31.08 58.67 34.07
CA ASP A 668 -32.32 58.32 34.79
C ASP A 668 -32.02 57.70 36.14
N GLY A 669 -31.02 56.81 36.18
CA GLY A 669 -30.58 56.16 37.39
C GLY A 669 -30.21 57.16 38.48
N ALA A 670 -29.33 58.11 38.18
CA ALA A 670 -28.94 59.11 39.18
C ALA A 670 -30.09 60.03 39.59
N ALA A 671 -30.99 60.41 38.68
CA ALA A 671 -32.17 61.19 39.03
C ALA A 671 -33.05 60.43 40.04
N LEU A 672 -33.40 59.19 39.73
CA LEU A 672 -34.20 58.36 40.61
C LEU A 672 -33.50 58.08 41.94
N VAL A 673 -32.21 57.75 41.92
CA VAL A 673 -31.42 57.50 43.13
C VAL A 673 -31.39 58.73 44.03
N THR A 674 -31.20 59.93 43.49
CA THR A 674 -31.18 61.14 44.33
C THR A 674 -32.56 61.45 44.92
N ALA A 675 -33.65 61.19 44.20
CA ALA A 675 -35.01 61.32 44.74
C ALA A 675 -35.25 60.35 45.91
N LEU A 676 -34.96 59.07 45.71
CA LEU A 676 -35.00 58.05 46.76
C LEU A 676 -34.03 58.38 47.90
N GLY A 677 -32.90 59.01 47.61
CA GLY A 677 -31.95 59.51 48.60
C GLY A 677 -32.59 60.53 49.54
N ARG A 678 -33.24 61.57 49.00
CA ARG A 678 -33.91 62.58 49.85
C ARG A 678 -35.06 61.98 50.66
N ILE A 679 -35.86 61.09 50.07
CA ILE A 679 -36.89 60.34 50.81
C ILE A 679 -36.25 59.55 51.95
N THR A 680 -35.14 58.87 51.68
CA THR A 680 -34.39 58.09 52.68
C THR A 680 -33.90 58.96 53.82
N GLU A 681 -33.44 60.18 53.57
CA GLU A 681 -33.07 61.11 54.63
C GLU A 681 -34.24 61.36 55.59
N ARG A 682 -35.43 61.64 55.07
CA ARG A 682 -36.62 61.90 55.93
C ARG A 682 -36.93 60.70 56.82
N VAL A 683 -36.81 59.49 56.27
CA VAL A 683 -37.02 58.25 57.02
C VAL A 683 -35.94 58.04 58.07
N ALA A 684 -34.66 58.08 57.70
CA ALA A 684 -33.54 57.82 58.61
C ALA A 684 -33.38 58.88 59.71
N THR A 685 -33.73 60.13 59.42
CA THR A 685 -33.78 61.21 60.44
C THR A 685 -35.08 61.24 61.23
N GLY A 686 -36.07 60.42 60.87
CA GLY A 686 -37.38 60.37 61.54
C GLY A 686 -37.33 59.80 62.97
N PRO A 687 -38.42 59.92 63.73
CA PRO A 687 -38.46 59.58 65.16
C PRO A 687 -38.42 58.07 65.47
N GLY A 688 -38.62 57.20 64.49
CA GLY A 688 -38.72 55.76 64.68
C GLY A 688 -37.38 55.03 64.88
N ALA A 689 -37.44 53.70 65.01
CA ALA A 689 -36.28 52.82 65.18
C ALA A 689 -36.44 51.51 64.40
N SER A 690 -35.42 50.65 64.45
CA SER A 690 -35.45 49.28 63.96
C SER A 690 -34.54 48.35 64.77
N VAL A 691 -34.78 47.04 64.64
CA VAL A 691 -34.02 45.95 65.25
C VAL A 691 -33.99 44.75 64.33
N TRP A 692 -33.01 43.87 64.45
CA TRP A 692 -33.13 42.50 63.95
C TRP A 692 -33.42 41.55 65.10
N VAL A 693 -34.22 40.51 64.81
CA VAL A 693 -34.58 39.45 65.75
C VAL A 693 -34.15 38.12 65.16
N ARG A 694 -33.56 37.22 65.96
CA ARG A 694 -33.30 35.83 65.57
C ARG A 694 -34.57 34.96 65.65
N ALA A 695 -35.58 35.39 64.90
CA ALA A 695 -36.83 34.68 64.70
C ALA A 695 -37.33 34.90 63.27
N THR A 696 -37.95 33.88 62.71
CA THR A 696 -38.36 33.88 61.29
C THR A 696 -39.63 34.70 61.07
N GLU A 697 -39.98 34.99 59.82
CA GLU A 697 -41.13 35.85 59.50
C GLU A 697 -42.41 35.39 60.17
N ASP A 698 -42.77 34.11 60.06
CA ASP A 698 -44.02 33.59 60.62
C ASP A 698 -44.05 33.59 62.14
N GLU A 699 -42.89 33.43 62.80
CA GLU A 699 -42.78 33.57 64.26
C GLU A 699 -43.01 35.02 64.68
N VAL A 700 -42.24 35.94 64.11
CA VAL A 700 -42.30 37.36 64.47
C VAL A 700 -43.66 37.92 64.14
N ARG A 701 -44.17 37.70 62.92
CA ARG A 701 -45.47 38.22 62.48
C ARG A 701 -46.60 37.71 63.35
N ALA A 702 -46.60 36.43 63.73
CA ALA A 702 -47.62 35.90 64.65
C ALA A 702 -47.52 36.52 66.05
N ALA A 703 -46.33 36.54 66.65
CA ALA A 703 -46.14 37.10 67.98
C ALA A 703 -46.47 38.59 68.05
N LEU A 704 -46.05 39.35 67.04
CA LEU A 704 -46.33 40.76 66.84
C LEU A 704 -47.84 40.99 66.72
N SER A 705 -48.48 40.33 65.75
CA SER A 705 -49.89 40.56 65.43
C SER A 705 -50.83 40.11 66.56
N GLY A 706 -50.51 39.00 67.24
CA GLY A 706 -51.34 38.45 68.32
C GLY A 706 -51.27 39.25 69.62
N SER A 707 -50.09 39.77 69.97
CA SER A 707 -49.88 40.59 71.18
C SER A 707 -50.39 42.03 71.00
N GLN A 708 -50.45 42.78 72.11
CA GLN A 708 -50.31 44.24 72.06
C GLN A 708 -48.94 44.66 72.63
N GLU A 709 -48.70 45.95 72.85
CA GLU A 709 -47.35 46.55 72.85
C GLU A 709 -46.64 46.48 71.48
N GLN A 710 -47.40 46.28 70.40
CA GLN A 710 -46.92 46.23 69.01
C GLN A 710 -47.03 47.56 68.26
N VAL A 711 -47.72 48.56 68.83
CA VAL A 711 -48.22 49.76 68.14
C VAL A 711 -47.22 50.34 67.14
N GLY A 712 -47.56 50.28 65.85
CA GLY A 712 -46.78 50.86 64.75
C GLY A 712 -45.48 50.11 64.38
N ALA A 713 -45.08 49.06 65.09
CA ALA A 713 -43.96 48.21 64.69
C ALA A 713 -44.38 47.20 63.61
N ALA A 714 -43.58 47.04 62.56
CA ALA A 714 -43.86 46.15 61.44
C ALA A 714 -42.57 45.51 60.87
N VAL A 715 -42.72 44.39 60.17
CA VAL A 715 -41.60 43.70 59.51
C VAL A 715 -41.08 44.54 58.35
N ALA A 716 -39.82 44.95 58.43
CA ALA A 716 -39.12 45.75 57.41
C ALA A 716 -38.41 44.89 56.37
N ALA A 717 -37.81 43.76 56.76
CA ALA A 717 -37.05 42.91 55.82
C ALA A 717 -37.07 41.42 56.18
N VAL A 718 -37.03 40.60 55.14
CA VAL A 718 -37.08 39.14 55.17
C VAL A 718 -36.06 38.61 54.17
N ASP A 719 -34.82 38.50 54.65
CA ASP A 719 -33.65 38.31 53.77
C ASP A 719 -32.92 36.99 54.00
N GLU A 720 -33.01 36.39 55.17
CA GLU A 720 -32.39 35.11 55.50
C GLU A 720 -33.29 34.33 56.47
N PRO A 721 -33.31 32.98 56.45
CA PRO A 721 -34.36 32.23 57.13
C PRO A 721 -34.40 32.46 58.64
N GLY A 722 -33.24 32.61 59.27
CA GLY A 722 -33.10 32.66 60.74
C GLY A 722 -33.31 34.03 61.38
N THR A 723 -33.43 35.12 60.61
CA THR A 723 -33.62 36.46 61.19
C THR A 723 -34.55 37.31 60.35
N THR A 724 -35.21 38.26 61.00
CA THR A 724 -36.03 39.28 60.33
C THR A 724 -35.86 40.63 61.01
N VAL A 725 -36.10 41.70 60.27
CA VAL A 725 -35.87 43.07 60.74
C VAL A 725 -37.21 43.75 60.95
N VAL A 726 -37.37 44.45 62.08
CA VAL A 726 -38.61 45.11 62.48
C VAL A 726 -38.37 46.60 62.64
N SER A 727 -39.30 47.47 62.23
CA SER A 727 -39.18 48.92 62.33
C SER A 727 -40.51 49.65 62.57
N GLY A 728 -40.46 50.85 63.13
CA GLY A 728 -41.64 51.63 63.53
C GLY A 728 -41.35 52.53 64.74
N ASP A 729 -42.36 52.75 65.58
CA ASP A 729 -42.20 53.42 66.88
C ASP A 729 -41.08 52.80 67.71
N ALA A 730 -40.13 53.62 68.18
CA ALA A 730 -39.02 53.16 69.00
C ALA A 730 -39.47 52.44 70.29
N GLY A 731 -40.60 52.83 70.88
CA GLY A 731 -41.17 52.14 72.04
C GLY A 731 -41.58 50.71 71.71
N ALA A 732 -42.56 50.54 70.82
CA ALA A 732 -43.03 49.23 70.40
C ALA A 732 -41.90 48.36 69.83
N VAL A 733 -41.03 48.92 68.98
CA VAL A 733 -39.86 48.22 68.44
C VAL A 733 -38.96 47.67 69.55
N ALA A 734 -38.56 48.49 70.52
CA ALA A 734 -37.73 48.02 71.63
C ALA A 734 -38.45 46.96 72.49
N ARG A 735 -39.76 47.12 72.69
CA ARG A 735 -40.57 46.20 73.50
C ARG A 735 -40.81 44.86 72.80
N VAL A 736 -40.93 44.85 71.48
CA VAL A 736 -40.91 43.64 70.64
C VAL A 736 -39.56 42.92 70.74
N ALA A 737 -38.45 43.67 70.77
CA ALA A 737 -37.14 43.06 70.99
C ALA A 737 -37.02 42.43 72.39
N ALA A 738 -37.48 43.12 73.44
CA ALA A 738 -37.51 42.59 74.81
C ALA A 738 -38.37 41.32 74.92
N HIS A 739 -39.55 41.32 74.29
CA HIS A 739 -40.43 40.15 74.18
C HIS A 739 -39.71 38.94 73.57
N TRP A 740 -38.94 39.12 72.50
CA TRP A 740 -38.17 38.04 71.91
C TRP A 740 -36.96 37.60 72.72
N ARG A 741 -36.30 38.51 73.47
CA ARG A 741 -35.28 38.11 74.46
C ARG A 741 -35.88 37.31 75.63
N ALA A 742 -37.11 37.59 76.02
CA ALA A 742 -37.84 36.80 77.02
C ALA A 742 -38.15 35.39 76.51
N HIS A 743 -38.37 35.20 75.20
CA HIS A 743 -38.40 33.87 74.56
C HIS A 743 -36.99 33.28 74.30
N GLY A 744 -35.93 33.93 74.77
CA GLY A 744 -34.55 33.46 74.69
C GLY A 744 -33.84 33.68 73.35
N ARG A 745 -34.44 34.40 72.39
CA ARG A 745 -33.80 34.72 71.10
C ARG A 745 -32.82 35.89 71.24
N ALA A 746 -31.79 35.90 70.40
CA ALA A 746 -30.91 37.05 70.23
C ALA A 746 -31.59 38.18 69.43
N THR A 747 -31.23 39.42 69.73
CA THR A 747 -31.69 40.62 69.00
C THR A 747 -30.53 41.60 68.83
N GLY A 748 -30.43 42.25 67.68
CA GLY A 748 -29.56 43.40 67.48
C GLY A 748 -30.35 44.70 67.48
N ALA A 749 -29.95 45.63 68.35
CA ALA A 749 -30.73 46.82 68.68
C ALA A 749 -29.90 47.91 69.36
N PRO A 750 -30.42 49.16 69.41
CA PRO A 750 -31.40 49.73 68.49
C PRO A 750 -30.70 50.26 67.22
N ARG A 751 -31.49 50.62 66.19
CA ARG A 751 -31.04 51.30 64.96
C ARG A 751 -32.09 52.32 64.48
N PRO A 752 -31.78 53.22 63.53
CA PRO A 752 -32.75 54.15 62.94
C PRO A 752 -33.94 53.45 62.24
N ALA A 753 -34.98 54.19 61.90
CA ALA A 753 -36.13 53.67 61.15
C ALA A 753 -35.77 53.22 59.73
N ARG A 754 -36.61 52.36 59.13
CA ARG A 754 -36.39 51.77 57.78
C ARG A 754 -37.65 51.76 56.89
N LEU A 755 -38.74 52.40 57.32
CA LEU A 755 -40.06 52.40 56.67
C LEU A 755 -40.70 53.78 56.79
N LEU A 756 -41.67 54.10 55.93
CA LEU A 756 -42.51 55.28 56.13
C LEU A 756 -43.29 55.18 57.45
N LEU A 757 -43.13 56.17 58.33
CA LEU A 757 -43.77 56.18 59.66
C LEU A 757 -45.18 56.79 59.66
N SER A 758 -45.60 57.45 58.57
CA SER A 758 -46.92 58.07 58.41
C SER A 758 -47.38 58.10 56.94
N PRO A 759 -48.70 58.04 56.65
CA PRO A 759 -49.23 58.39 55.33
C PRO A 759 -48.96 59.85 54.92
N ASP A 760 -48.63 60.75 55.85
CA ASP A 760 -48.14 62.09 55.51
C ASP A 760 -46.86 62.00 54.65
N ASP A 761 -45.90 61.21 55.13
CA ASP A 761 -44.63 60.97 54.46
C ASP A 761 -44.84 60.30 53.10
N GLU A 762 -45.80 59.37 53.04
CA GLU A 762 -46.20 58.73 51.78
C GLU A 762 -46.69 59.75 50.75
N GLN A 763 -47.61 60.63 51.12
CA GLN A 763 -48.18 61.60 50.20
C GLN A 763 -47.12 62.62 49.75
N ALA A 764 -46.22 63.05 50.64
CA ALA A 764 -45.08 63.87 50.27
C ALA A 764 -44.14 63.15 49.29
N ALA A 765 -43.79 61.89 49.58
CA ALA A 765 -42.93 61.09 48.72
C ALA A 765 -43.56 60.80 47.35
N LEU A 766 -44.86 60.50 47.29
CA LEU A 766 -45.56 60.29 46.03
C LEU A 766 -45.61 61.56 45.17
N ALA A 767 -45.79 62.73 45.78
CA ALA A 767 -45.69 63.98 45.05
C ALA A 767 -44.28 64.20 44.46
N GLU A 768 -43.23 63.94 45.23
CA GLU A 768 -41.86 64.05 44.74
C GLU A 768 -41.54 63.02 43.64
N LEU A 769 -41.94 61.76 43.83
CA LEU A 769 -41.65 60.69 42.89
C LEU A 769 -42.42 60.83 41.58
N ARG A 770 -43.73 61.07 41.59
CA ARG A 770 -44.53 61.04 40.36
C ARG A 770 -44.02 62.01 39.30
N ALA A 771 -43.61 63.20 39.71
CA ALA A 771 -43.00 64.20 38.84
C ALA A 771 -41.71 63.70 38.17
N ILE A 772 -40.85 63.00 38.94
CA ILE A 772 -39.53 62.54 38.49
C ILE A 772 -39.67 61.26 37.67
N VAL A 773 -40.41 60.27 38.18
CA VAL A 773 -40.66 58.97 37.56
C VAL A 773 -41.27 59.13 36.17
N ALA A 774 -42.22 60.06 36.01
CA ALA A 774 -42.81 60.37 34.71
C ALA A 774 -41.77 60.84 33.66
N GLY A 775 -40.66 61.45 34.10
CA GLY A 775 -39.61 61.95 33.23
C GLY A 775 -38.55 60.92 32.83
N LEU A 776 -38.45 59.77 33.52
CA LEU A 776 -37.40 58.79 33.28
C LEU A 776 -37.61 58.05 31.95
N ALA A 777 -36.55 57.88 31.17
CA ALA A 777 -36.60 57.21 29.87
C ALA A 777 -36.52 55.67 29.99
N PHE A 778 -37.48 55.05 30.69
CA PHE A 778 -37.56 53.60 30.82
C PHE A 778 -37.61 52.89 29.47
N ARG A 779 -37.05 51.68 29.42
CA ARG A 779 -37.15 50.74 28.31
C ARG A 779 -37.11 49.31 28.84
N GLU A 780 -37.58 48.34 28.06
CA GLU A 780 -37.70 46.96 28.56
C GLU A 780 -36.31 46.29 28.70
N PRO A 781 -36.10 45.49 29.76
CA PRO A 781 -34.79 44.95 30.11
C PRO A 781 -34.29 43.91 29.11
N GLU A 782 -32.97 43.80 29.00
CA GLU A 782 -32.29 42.78 28.20
C GLU A 782 -32.37 41.38 28.81
N VAL A 783 -32.45 41.31 30.15
CA VAL A 783 -32.43 40.08 30.96
C VAL A 783 -33.34 40.27 32.18
N PRO A 784 -33.94 39.20 32.73
CA PRO A 784 -34.92 39.32 33.80
C PRO A 784 -34.39 40.06 35.01
N LEU A 785 -35.16 41.04 35.47
CA LEU A 785 -34.88 41.88 36.62
C LEU A 785 -35.85 41.47 37.73
N LEU A 786 -35.34 41.02 38.86
CA LEU A 786 -36.16 40.68 40.03
C LEU A 786 -36.16 41.82 41.03
N SER A 787 -37.30 42.10 41.66
CA SER A 787 -37.44 43.15 42.66
C SER A 787 -37.55 42.61 44.07
N THR A 788 -36.84 43.20 45.03
CA THR A 788 -37.06 42.88 46.46
C THR A 788 -38.36 43.44 47.03
N VAL A 789 -39.15 44.24 46.30
CA VAL A 789 -40.51 44.59 46.75
C VAL A 789 -41.39 43.34 46.70
N THR A 790 -41.37 42.64 45.57
CA THR A 790 -42.26 41.51 45.30
C THR A 790 -41.63 40.17 45.61
N GLY A 791 -40.29 40.05 45.52
CA GLY A 791 -39.61 38.77 45.38
C GLY A 791 -39.84 38.12 44.00
N GLN A 792 -40.19 38.90 42.98
CA GLN A 792 -40.63 38.41 41.66
C GLN A 792 -40.06 39.28 40.51
N PRO A 793 -40.13 38.82 39.25
CA PRO A 793 -39.75 39.64 38.10
C PRO A 793 -40.57 40.92 37.99
N VAL A 794 -40.01 41.95 37.36
CA VAL A 794 -40.65 43.25 37.21
C VAL A 794 -41.24 43.40 35.81
N GLU A 795 -42.52 43.76 35.72
CA GLU A 795 -43.23 44.01 34.45
C GLU A 795 -43.10 45.47 33.96
N PRO A 796 -43.33 45.76 32.66
CA PRO A 796 -43.18 47.10 32.08
C PRO A 796 -43.93 48.22 32.83
N ALA A 797 -45.18 47.97 33.23
CA ALA A 797 -45.97 48.94 33.97
C ALA A 797 -45.48 49.12 35.43
N GLU A 798 -45.01 48.04 36.05
CA GLU A 798 -44.46 48.06 37.41
C GLU A 798 -43.17 48.86 37.46
N LEU A 799 -42.29 48.64 36.48
CA LEU A 799 -41.07 49.41 36.26
C LEU A 799 -41.35 50.91 36.17
N ARG A 800 -42.46 51.28 35.50
CA ARG A 800 -42.93 52.67 35.32
C ARG A 800 -43.72 53.23 36.51
N SER A 801 -44.05 52.45 37.52
CA SER A 801 -44.94 52.86 38.62
C SER A 801 -44.22 53.64 39.73
N ALA A 802 -44.65 54.86 40.01
CA ALA A 802 -44.17 55.62 41.16
C ALA A 802 -44.55 54.95 42.50
N GLU A 803 -45.64 54.19 42.55
CA GLU A 803 -45.99 53.38 43.72
C GLU A 803 -44.93 52.29 43.95
N HIS A 804 -44.56 51.56 42.89
CA HIS A 804 -43.55 50.51 42.98
C HIS A 804 -42.24 51.05 43.54
N TRP A 805 -41.74 52.17 43.02
CA TRP A 805 -40.52 52.77 43.54
C TRP A 805 -40.65 53.26 44.99
N LEU A 806 -41.84 53.65 45.45
CA LEU A 806 -42.05 53.95 46.87
C LEU A 806 -42.17 52.69 47.74
N ASP A 807 -42.51 51.54 47.19
CA ASP A 807 -42.69 50.31 47.95
C ASP A 807 -41.40 49.75 48.58
N HIS A 808 -40.23 50.24 48.14
CA HIS A 808 -38.99 50.05 48.89
C HIS A 808 -39.05 50.64 50.31
N LEU A 809 -39.86 51.67 50.52
CA LEU A 809 -40.12 52.30 51.83
C LEU A 809 -41.44 51.82 52.45
N ARG A 810 -42.33 51.18 51.68
CA ARG A 810 -43.56 50.51 52.13
C ARG A 810 -43.41 48.99 51.98
N GLY A 811 -42.51 48.43 52.77
CA GLY A 811 -42.02 47.05 52.65
C GLY A 811 -43.01 45.93 53.05
N PRO A 812 -42.52 44.75 53.47
CA PRO A 812 -41.12 44.43 53.70
C PRO A 812 -40.30 44.31 52.41
N THR A 813 -38.99 44.42 52.56
CA THR A 813 -38.01 43.88 51.60
C THR A 813 -38.06 42.35 51.65
N ARG A 814 -38.17 41.68 50.52
CA ARG A 814 -38.30 40.21 50.42
C ARG A 814 -37.13 39.56 49.69
N PHE A 815 -35.91 39.84 50.14
CA PHE A 815 -34.71 39.34 49.47
C PHE A 815 -34.63 37.80 49.46
N LEU A 816 -35.11 37.17 50.52
CA LEU A 816 -35.15 35.71 50.62
C LEU A 816 -35.92 35.07 49.47
N ASP A 817 -37.12 35.58 49.17
CA ASP A 817 -37.92 35.07 48.06
C ASP A 817 -37.27 35.33 46.71
N GLY A 818 -36.62 36.48 46.54
CA GLY A 818 -35.87 36.77 45.31
C GLY A 818 -34.76 35.76 45.06
N VAL A 819 -33.91 35.53 46.06
CA VAL A 819 -32.81 34.56 45.94
C VAL A 819 -33.34 33.15 45.75
N ARG A 820 -34.40 32.77 46.47
CA ARG A 820 -35.04 31.46 46.27
C ARG A 820 -35.56 31.32 44.84
N ARG A 821 -36.16 32.36 44.25
CA ARG A 821 -36.61 32.31 42.85
C ARG A 821 -35.44 32.19 41.87
N LEU A 822 -34.31 32.86 42.10
CA LEU A 822 -33.15 32.70 41.22
C LEU A 822 -32.75 31.22 41.11
N ARG A 823 -32.77 30.47 42.21
CA ARG A 823 -32.41 29.05 42.18
C ARG A 823 -33.48 28.16 41.57
N THR A 824 -34.77 28.43 41.76
CA THR A 824 -35.81 27.69 41.02
C THR A 824 -35.67 27.90 39.52
N ASP A 825 -35.26 29.10 39.11
CA ASP A 825 -35.15 29.49 37.71
C ASP A 825 -33.78 29.15 37.09
N GLY A 826 -32.99 28.31 37.77
CA GLY A 826 -31.82 27.62 37.21
C GLY A 826 -30.45 28.25 37.51
N VAL A 827 -30.38 29.37 38.22
CA VAL A 827 -29.11 30.06 38.49
C VAL A 827 -28.14 29.19 39.28
N THR A 828 -26.99 28.89 38.70
CA THR A 828 -25.97 28.03 39.32
C THR A 828 -24.95 28.82 40.13
N ARG A 829 -24.62 30.03 39.69
CA ARG A 829 -23.56 30.86 40.30
C ARG A 829 -24.00 32.31 40.44
N LEU A 830 -23.56 32.96 41.51
CA LEU A 830 -24.28 34.07 42.10
C LEU A 830 -23.31 35.09 42.69
N VAL A 831 -23.30 36.31 42.14
CA VAL A 831 -22.21 37.28 42.34
C VAL A 831 -22.68 38.48 43.15
N GLY A 832 -22.00 38.79 44.24
CA GLY A 832 -22.33 39.90 45.13
C GLY A 832 -21.45 41.13 44.90
N LEU A 833 -22.08 42.29 44.63
CA LEU A 833 -21.42 43.58 44.67
C LEU A 833 -21.38 44.11 46.11
N ASP A 834 -20.62 43.43 46.97
CA ASP A 834 -20.61 43.60 48.43
C ASP A 834 -19.89 44.87 48.93
N LEU A 835 -20.27 46.03 48.41
CA LEU A 835 -19.79 47.34 48.87
C LEU A 835 -20.42 47.77 50.19
N SER A 836 -21.62 47.29 50.51
CA SER A 836 -22.29 47.51 51.79
C SER A 836 -23.28 46.38 52.08
N GLY A 837 -23.62 46.15 53.35
CA GLY A 837 -24.60 45.14 53.77
C GLY A 837 -24.16 43.67 53.62
N ASP A 838 -22.93 43.40 53.19
CA ASP A 838 -22.40 42.06 52.91
C ASP A 838 -23.40 41.19 52.11
N LEU A 839 -23.92 41.73 51.01
CA LEU A 839 -25.12 41.20 50.35
C LEU A 839 -25.04 39.72 49.98
N THR A 840 -23.86 39.19 49.65
CA THR A 840 -23.69 37.76 49.39
C THR A 840 -23.95 36.86 50.61
N GLY A 841 -23.86 37.36 51.85
CA GLY A 841 -24.03 36.55 53.06
C GLY A 841 -25.47 36.09 53.23
N PRO A 842 -26.44 37.01 53.32
CA PRO A 842 -27.85 36.67 53.27
C PRO A 842 -28.25 35.93 51.99
N ALA A 843 -27.56 36.18 50.86
CA ALA A 843 -27.79 35.38 49.67
C ALA A 843 -27.40 33.92 49.91
N GLY A 844 -26.22 33.63 50.48
CA GLY A 844 -25.80 32.26 50.76
C GLY A 844 -26.73 31.55 51.74
N ARG A 845 -27.06 32.19 52.87
CA ARG A 845 -27.94 31.60 53.88
C ARG A 845 -29.36 31.37 53.40
N SER A 846 -29.88 32.17 52.47
CA SER A 846 -31.20 31.90 51.86
C SER A 846 -31.12 30.91 50.70
N ALA A 847 -30.02 30.88 49.94
CA ALA A 847 -29.84 29.99 48.80
C ALA A 847 -29.59 28.53 49.19
N ALA A 848 -28.73 28.27 50.16
CA ALA A 848 -28.17 26.93 50.36
C ALA A 848 -29.20 25.91 50.88
N GLY A 849 -30.17 26.32 51.66
CA GLY A 849 -31.22 25.45 52.20
C GLY A 849 -32.44 25.25 51.31
N PHE A 850 -32.34 25.49 49.99
CA PHE A 850 -33.54 25.59 49.14
C PHE A 850 -34.35 24.30 49.04
N GLY A 851 -33.68 23.14 48.92
CA GLY A 851 -34.33 21.97 48.33
C GLY A 851 -33.39 20.82 47.98
N GLU A 852 -33.99 19.69 47.66
CA GLU A 852 -33.41 18.33 47.71
C GLU A 852 -32.06 18.10 46.98
N PRO A 853 -31.84 18.54 45.74
CA PRO A 853 -30.90 17.81 44.88
C PRO A 853 -29.40 17.91 45.17
N GLY A 854 -28.96 18.62 46.20
CA GLY A 854 -27.52 18.77 46.48
C GLY A 854 -26.77 19.50 45.36
N ARG A 855 -27.45 20.44 44.69
CA ARG A 855 -27.00 21.17 43.49
C ARG A 855 -25.67 21.88 43.68
N PRO A 856 -24.92 22.16 42.60
CA PRO A 856 -23.87 23.17 42.62
C PRO A 856 -24.42 24.55 43.01
N LEU A 857 -23.62 25.31 43.75
CA LEU A 857 -23.91 26.66 44.20
C LEU A 857 -22.58 27.37 44.43
N LEU A 858 -22.29 28.41 43.65
CA LEU A 858 -21.08 29.19 43.79
C LEU A 858 -21.43 30.63 44.18
N LEU A 859 -20.90 31.10 45.30
CA LEU A 859 -21.08 32.45 45.80
C LEU A 859 -19.77 33.22 45.65
N ALA A 860 -19.78 34.38 44.99
CA ALA A 860 -18.56 35.17 44.77
C ALA A 860 -18.77 36.61 45.21
N SER A 861 -17.86 37.15 46.01
CA SER A 861 -17.88 38.54 46.47
C SER A 861 -16.81 39.35 45.73
N VAL A 862 -17.18 40.34 44.92
CA VAL A 862 -16.19 40.93 44.00
C VAL A 862 -15.28 42.00 44.59
N PRO A 863 -15.70 42.94 45.46
CA PRO A 863 -14.79 43.89 46.08
C PRO A 863 -14.23 43.30 47.39
N GLY A 864 -13.74 42.06 47.33
CA GLY A 864 -13.53 41.19 48.50
C GLY A 864 -12.36 41.55 49.44
N GLY A 865 -12.11 40.66 50.40
CA GLY A 865 -11.19 40.86 51.53
C GLY A 865 -9.68 40.65 51.28
N GLY A 866 -9.27 40.30 50.06
CA GLY A 866 -7.85 40.15 49.71
C GLY A 866 -7.05 41.45 49.88
N ARG A 867 -5.79 41.35 50.34
CA ARG A 867 -5.06 42.53 50.84
C ARG A 867 -4.66 43.52 49.74
N PRO A 868 -3.97 43.15 48.65
CA PRO A 868 -3.81 44.06 47.51
C PRO A 868 -5.17 44.17 46.80
N PRO A 869 -5.73 45.37 46.58
CA PRO A 869 -7.13 45.51 46.16
C PRO A 869 -7.51 44.73 44.90
N GLY A 870 -6.62 44.65 43.92
CA GLY A 870 -6.86 43.90 42.69
C GLY A 870 -6.95 42.38 42.89
N GLN A 871 -6.25 41.81 43.88
CA GLN A 871 -6.26 40.37 44.09
C GLN A 871 -7.62 39.84 44.51
N ALA A 872 -8.42 40.61 45.24
CA ALA A 872 -9.77 40.17 45.59
C ALA A 872 -10.62 39.96 44.34
N LEU A 873 -10.65 40.96 43.46
CA LEU A 873 -11.41 40.89 42.22
C LEU A 873 -10.86 39.81 41.29
N LEU A 874 -9.55 39.72 41.10
CA LEU A 874 -8.96 38.67 40.26
C LEU A 874 -9.20 37.28 40.85
N SER A 875 -9.24 37.12 42.17
CA SER A 875 -9.56 35.84 42.79
C SER A 875 -11.01 35.46 42.54
N ALA A 876 -11.95 36.39 42.72
CA ALA A 876 -13.35 36.15 42.43
C ALA A 876 -13.56 35.78 40.96
N LEU A 877 -12.96 36.52 40.03
CA LEU A 877 -13.01 36.20 38.62
C LEU A 877 -12.35 34.86 38.33
N GLY A 878 -11.21 34.56 38.96
CA GLY A 878 -10.53 33.29 38.82
C GLY A 878 -11.43 32.13 39.22
N GLU A 879 -12.22 32.28 40.28
CA GLU A 879 -13.17 31.28 40.70
C GLU A 879 -14.33 31.10 39.71
N LEU A 880 -14.90 32.17 39.18
CA LEU A 880 -15.91 32.07 38.13
C LEU A 880 -15.36 31.40 36.87
N HIS A 881 -14.16 31.78 36.44
CA HIS A 881 -13.51 31.22 35.26
C HIS A 881 -13.24 29.74 35.44
N THR A 882 -12.79 29.37 36.64
CA THR A 882 -12.54 28.00 37.02
C THR A 882 -13.80 27.16 36.99
N ASP A 883 -14.94 27.71 37.42
CA ASP A 883 -16.20 26.97 37.43
C ASP A 883 -16.84 26.83 36.03
N GLY A 884 -16.44 27.66 35.07
CA GLY A 884 -16.84 27.50 33.67
C GLY A 884 -17.22 28.78 32.94
N VAL A 885 -17.23 29.95 33.57
CA VAL A 885 -17.53 31.21 32.88
C VAL A 885 -16.41 31.55 31.90
N ALA A 886 -16.73 31.92 30.67
CA ALA A 886 -15.74 32.27 29.65
C ALA A 886 -15.18 33.69 29.81
N ILE A 887 -14.55 33.99 30.95
CA ILE A 887 -14.00 35.30 31.28
C ILE A 887 -12.91 35.74 30.30
N ASP A 888 -12.93 37.01 29.94
CA ASP A 888 -11.93 37.69 29.12
C ASP A 888 -10.87 38.36 30.01
N TRP A 889 -9.72 37.72 30.17
CA TRP A 889 -8.65 38.20 31.04
C TRP A 889 -7.94 39.47 30.59
N SER A 890 -8.21 40.01 29.41
CA SER A 890 -7.43 41.11 28.84
C SER A 890 -7.34 42.34 29.74
N GLN A 891 -8.36 42.66 30.54
CA GLN A 891 -8.33 43.77 31.47
C GLN A 891 -7.19 43.72 32.49
N ALA A 892 -6.68 42.54 32.85
CA ALA A 892 -5.54 42.46 33.77
C ALA A 892 -4.21 42.90 33.13
N PHE A 893 -4.12 42.81 31.80
CA PHE A 893 -2.92 43.09 31.00
C PHE A 893 -3.00 44.40 30.24
N GLU A 894 -4.19 44.97 30.07
CA GLU A 894 -4.40 46.25 29.41
C GLU A 894 -3.64 47.40 30.11
N GLY A 895 -3.07 48.31 29.33
CA GLY A 895 -2.31 49.46 29.85
C GLY A 895 -0.93 49.12 30.41
N ARG A 896 -0.35 47.99 30.02
CA ARG A 896 0.93 47.47 30.49
C ARG A 896 1.80 47.07 29.30
N GLY A 897 3.11 46.98 29.50
CA GLY A 897 4.10 46.69 28.45
C GLY A 897 4.10 45.24 27.95
N ALA A 898 2.97 44.56 27.93
CA ALA A 898 2.89 43.13 27.67
C ALA A 898 3.26 42.77 26.23
N ARG A 899 4.08 41.73 26.08
CA ARG A 899 4.48 41.15 24.78
C ARG A 899 4.14 39.67 24.74
N ARG A 900 3.83 39.13 23.57
CA ARG A 900 3.75 37.67 23.38
C ARG A 900 5.16 37.07 23.50
N VAL A 901 5.28 35.90 24.11
CA VAL A 901 6.51 35.10 24.20
C VAL A 901 6.22 33.62 23.97
N ASP A 902 7.23 32.84 23.59
CA ASP A 902 7.06 31.40 23.43
C ASP A 902 6.79 30.70 24.76
N LEU A 903 6.07 29.59 24.70
CA LEU A 903 5.60 28.79 25.82
C LEU A 903 5.79 27.30 25.50
N PRO A 904 5.82 26.40 26.50
CA PRO A 904 5.71 24.97 26.26
C PRO A 904 4.40 24.59 25.56
N THR A 905 4.40 23.44 24.90
CA THR A 905 3.22 22.87 24.21
C THR A 905 2.56 21.78 25.05
N TYR A 906 1.38 21.32 24.65
CA TYR A 906 0.56 20.43 25.49
C TYR A 906 1.26 19.09 25.84
N PRO A 907 1.22 18.62 27.09
CA PRO A 907 1.80 17.35 27.52
C PRO A 907 0.83 16.17 27.37
N TYR A 908 0.83 15.50 26.21
CA TYR A 908 0.02 14.31 25.96
C TYR A 908 0.26 13.22 27.00
N GLN A 909 -0.78 12.52 27.44
CA GLN A 909 -0.71 11.44 28.42
C GLN A 909 -0.77 10.09 27.71
N LYS A 910 0.33 9.74 27.04
CA LYS A 910 0.36 8.67 26.03
C LYS A 910 0.24 7.26 26.62
N VAL A 911 -0.36 6.35 25.84
CA VAL A 911 -0.54 4.92 26.13
C VAL A 911 -0.28 4.09 24.86
N ARG A 912 0.05 2.81 24.98
CA ARG A 912 0.32 1.96 23.81
C ARG A 912 -0.91 1.79 22.93
N CYS A 913 -0.79 2.07 21.64
CA CYS A 913 -1.82 1.85 20.62
C CYS A 913 -1.16 1.18 19.42
N TRP A 914 -1.26 -0.14 19.32
CA TRP A 914 -0.61 -0.89 18.25
C TRP A 914 -1.41 -2.15 17.92
N LEU A 915 -1.37 -2.63 16.68
CA LEU A 915 -2.17 -3.77 16.26
C LEU A 915 -1.76 -5.10 16.91
N VAL A 916 -0.54 -5.21 17.42
CA VAL A 916 0.02 -6.44 17.98
C VAL A 916 0.77 -6.19 19.30
N PRO A 917 0.79 -7.15 20.23
CA PRO A 917 1.56 -7.05 21.45
C PRO A 917 3.07 -7.01 21.18
N PRO A 918 3.89 -6.47 22.08
CA PRO A 918 5.34 -6.44 21.93
C PRO A 918 5.92 -7.85 21.90
N GLU A 919 6.98 -8.07 21.13
CA GLU A 919 7.61 -9.39 21.02
C GLU A 919 8.21 -9.87 22.36
N PRO A 920 8.26 -11.19 22.60
CA PRO A 920 9.13 -11.76 23.62
C PRO A 920 10.61 -11.52 23.29
N GLN A 921 11.50 -11.91 24.19
CA GLN A 921 12.95 -11.85 23.95
C GLN A 921 13.34 -12.73 22.74
N VAL A 922 14.19 -12.20 21.84
CA VAL A 922 14.45 -12.77 20.51
C VAL A 922 15.17 -14.13 20.50
N SER A 923 15.58 -14.64 21.66
CA SER A 923 16.21 -15.95 21.85
C SER A 923 15.35 -17.14 21.33
N VAL A 924 14.06 -16.91 21.09
CA VAL A 924 13.11 -17.90 20.54
C VAL A 924 13.53 -18.50 19.18
N VAL A 925 14.23 -17.76 18.32
CA VAL A 925 14.49 -18.19 16.93
C VAL A 925 15.38 -19.43 16.81
N ALA A 926 15.16 -20.22 15.75
CA ALA A 926 15.87 -21.48 15.47
C ALA A 926 15.97 -21.74 13.96
N ALA A 927 16.84 -22.67 13.56
CA ALA A 927 17.14 -22.98 12.16
C ALA A 927 15.90 -23.49 11.37
N PRO A 928 15.81 -23.21 10.06
CA PRO A 928 14.71 -23.64 9.21
C PRO A 928 14.69 -25.17 9.03
N PRO A 929 13.54 -25.76 8.67
CA PRO A 929 13.45 -27.19 8.39
C PRO A 929 14.21 -27.55 7.11
N HIS A 930 14.82 -28.74 7.07
CA HIS A 930 15.46 -29.26 5.87
C HIS A 930 14.40 -29.38 4.76
N PRO A 931 14.61 -28.82 3.57
CA PRO A 931 13.53 -28.33 2.70
C PRO A 931 12.52 -29.37 2.26
N LEU A 932 12.91 -30.63 2.10
CA LEU A 932 12.02 -31.73 1.72
C LEU A 932 11.76 -32.76 2.83
N LEU A 933 12.37 -32.61 4.00
CA LEU A 933 12.03 -33.37 5.21
C LEU A 933 10.87 -32.71 5.94
N GLY A 934 10.91 -31.39 6.08
CA GLY A 934 9.81 -30.57 6.55
C GLY A 934 9.56 -30.60 8.05
N THR A 935 8.30 -30.54 8.44
CA THR A 935 7.91 -30.38 9.85
C THR A 935 7.76 -31.74 10.52
N ALA A 936 8.38 -31.92 11.68
CA ALA A 936 8.19 -33.10 12.50
C ALA A 936 6.83 -33.05 13.23
N LEU A 937 6.01 -34.08 13.09
CA LEU A 937 4.72 -34.18 13.78
C LEU A 937 4.87 -34.73 15.21
N ASP A 938 3.85 -34.53 16.03
CA ASP A 938 3.74 -35.09 17.39
C ASP A 938 2.36 -35.70 17.63
N LEU A 939 1.92 -36.55 16.71
CA LEU A 939 0.80 -37.46 16.92
C LEU A 939 1.07 -38.29 18.19
N VAL A 940 0.19 -38.21 19.18
CA VAL A 940 0.53 -38.50 20.58
C VAL A 940 0.97 -39.93 20.84
N ASP A 941 0.20 -40.92 20.38
CA ASP A 941 0.50 -42.33 20.64
C ASP A 941 1.35 -42.99 19.53
N ALA A 942 2.02 -42.20 18.69
CA ALA A 942 2.89 -42.71 17.64
C ALA A 942 4.13 -43.43 18.20
N THR A 943 4.46 -44.59 17.62
CA THR A 943 5.57 -45.45 18.05
C THR A 943 6.94 -45.02 17.54
N GLY A 944 6.99 -44.15 16.53
CA GLY A 944 8.23 -43.56 16.01
C GLY A 944 7.91 -42.37 15.11
N GLN A 945 8.74 -41.33 15.17
CA GLN A 945 8.36 -40.02 14.64
C GLN A 945 8.18 -40.01 13.12
N SER A 946 7.34 -39.10 12.64
CA SER A 946 7.05 -38.88 11.23
C SER A 946 6.95 -37.39 10.90
N PHE A 947 7.14 -37.06 9.63
CA PHE A 947 7.32 -35.71 9.14
C PHE A 947 6.59 -35.52 7.83
N THR A 948 6.23 -34.28 7.49
CA THR A 948 5.58 -33.96 6.22
C THR A 948 6.06 -32.62 5.67
N GLN A 949 5.97 -32.46 4.35
CA GLN A 949 6.25 -31.20 3.67
C GLN A 949 5.24 -31.02 2.53
N GLN A 950 4.82 -29.78 2.29
CA GLN A 950 4.17 -29.36 1.05
C GLN A 950 5.15 -28.51 0.26
N LEU A 951 5.36 -28.80 -1.02
CA LEU A 951 6.13 -27.98 -1.93
C LEU A 951 5.18 -27.31 -2.92
N THR A 952 5.12 -25.98 -2.88
CA THR A 952 4.36 -25.19 -3.86
C THR A 952 5.17 -25.04 -5.15
N PRO A 953 4.53 -24.77 -6.31
CA PRO A 953 5.18 -24.94 -7.60
C PRO A 953 6.51 -24.19 -7.78
N GLY A 954 6.63 -22.98 -7.28
CA GLY A 954 7.87 -22.21 -7.32
C GLY A 954 8.99 -22.83 -6.48
N GLN A 955 8.67 -23.50 -5.38
CA GLN A 955 9.66 -24.26 -4.61
C GLN A 955 10.09 -25.53 -5.34
N VAL A 956 9.17 -26.21 -6.04
CA VAL A 956 9.46 -27.48 -6.72
C VAL A 956 10.58 -27.31 -7.74
N ALA A 957 10.48 -26.29 -8.58
CA ALA A 957 11.52 -25.96 -9.54
C ALA A 957 12.87 -25.58 -8.90
N GLY A 958 12.87 -25.14 -7.63
CA GLY A 958 14.09 -24.84 -6.87
C GLY A 958 14.78 -26.08 -6.31
N VAL A 959 14.02 -27.07 -5.83
CA VAL A 959 14.55 -28.30 -5.24
C VAL A 959 14.85 -29.37 -6.28
N PHE A 960 14.01 -29.53 -7.30
CA PHE A 960 14.18 -30.54 -8.35
C PHE A 960 15.18 -30.05 -9.40
N GLY A 961 16.45 -29.93 -9.01
CA GLY A 961 17.50 -29.28 -9.81
C GLY A 961 18.00 -30.04 -11.04
N GLN A 962 17.49 -31.24 -11.32
CA GLN A 962 17.83 -32.03 -12.49
C GLN A 962 16.62 -32.12 -13.41
N GLN A 963 16.82 -32.08 -14.71
CA GLN A 963 15.77 -32.41 -15.68
C GLN A 963 16.17 -33.62 -16.51
N LEU A 964 15.27 -34.58 -16.67
CA LEU A 964 15.41 -35.65 -17.65
C LEU A 964 14.44 -35.38 -18.79
N TYR A 965 14.92 -35.33 -20.03
CA TYR A 965 14.07 -35.12 -21.20
C TYR A 965 13.06 -33.96 -21.00
N GLY A 966 13.57 -32.86 -20.45
CA GLY A 966 12.81 -31.65 -20.13
C GLY A 966 12.06 -31.67 -18.80
N THR A 967 11.57 -32.81 -18.31
CA THR A 967 10.77 -32.85 -17.08
C THR A 967 11.65 -32.72 -15.82
N PRO A 968 11.28 -31.93 -14.81
CA PRO A 968 12.01 -31.86 -13.55
C PRO A 968 11.95 -33.16 -12.75
N VAL A 969 13.06 -33.55 -12.13
CA VAL A 969 13.14 -34.70 -11.24
C VAL A 969 13.94 -34.34 -9.99
N LEU A 970 13.68 -35.06 -8.90
CA LEU A 970 14.47 -34.93 -7.69
C LEU A 970 15.81 -35.65 -7.91
N PRO A 971 16.97 -34.99 -7.73
CA PRO A 971 18.26 -35.63 -7.99
C PRO A 971 18.51 -36.81 -7.07
N ALA A 972 19.20 -37.84 -7.52
CA ALA A 972 19.48 -39.00 -6.68
C ALA A 972 20.29 -38.63 -5.42
N GLY A 973 21.23 -37.69 -5.52
CA GLY A 973 21.96 -37.20 -4.35
C GLY A 973 21.05 -36.53 -3.33
N ALA A 974 20.01 -35.81 -3.77
CA ALA A 974 19.05 -35.21 -2.86
C ALA A 974 18.17 -36.26 -2.16
N ARG A 975 17.74 -37.32 -2.85
CA ARG A 975 17.05 -38.43 -2.17
C ARG A 975 17.94 -39.09 -1.14
N LEU A 976 19.19 -39.35 -1.50
CA LEU A 976 20.15 -40.00 -0.61
C LEU A 976 20.47 -39.12 0.61
N GLU A 977 20.49 -37.80 0.44
CA GLU A 977 20.55 -36.85 1.55
C GLU A 977 19.27 -36.82 2.38
N TRP A 978 18.09 -36.87 1.76
CA TRP A 978 16.82 -36.78 2.45
C TRP A 978 16.67 -37.88 3.50
N LEU A 979 17.00 -39.12 3.13
CA LEU A 979 17.02 -40.22 4.08
C LEU A 979 17.99 -39.96 5.23
N LEU A 980 19.18 -39.44 4.96
CA LEU A 980 20.15 -39.14 6.01
C LEU A 980 19.66 -38.04 6.95
N ALA A 981 19.04 -36.99 6.41
CA ALA A 981 18.47 -35.91 7.21
C ALA A 981 17.33 -36.40 8.12
N ALA A 982 16.54 -37.38 7.68
CA ALA A 982 15.57 -38.04 8.55
C ALA A 982 16.28 -38.88 9.62
N ALA A 983 17.29 -39.66 9.25
CA ALA A 983 17.97 -40.56 10.16
C ALA A 983 18.57 -39.82 11.36
N ARG A 984 19.33 -38.73 11.12
CA ARG A 984 20.03 -38.00 12.18
C ARG A 984 19.18 -37.03 12.99
N HIS A 985 17.90 -36.84 12.66
CA HIS A 985 17.10 -35.70 13.13
C HIS A 985 17.11 -35.47 14.64
N GLY A 986 17.00 -36.54 15.43
CA GLY A 986 16.90 -36.46 16.89
C GLY A 986 18.22 -36.36 17.66
N SER A 987 19.38 -36.29 17.01
CA SER A 987 20.69 -36.46 17.67
C SER A 987 21.74 -35.40 17.27
N PRO A 988 22.63 -34.98 18.18
CA PRO A 988 23.78 -34.12 17.87
C PRO A 988 24.97 -34.87 17.25
N ASP A 989 24.94 -36.20 17.17
CA ASP A 989 26.06 -37.03 16.70
C ASP A 989 26.49 -36.68 15.26
N SER A 990 27.79 -36.49 15.05
CA SER A 990 28.36 -36.12 13.76
C SER A 990 28.69 -37.28 12.82
N ALA A 991 28.54 -38.55 13.22
CA ALA A 991 28.90 -39.68 12.36
C ALA A 991 27.78 -40.72 12.22
N TRP A 992 27.62 -41.29 11.02
CA TRP A 992 26.42 -42.02 10.61
C TRP A 992 26.71 -43.17 9.65
N THR A 993 25.80 -44.13 9.55
CA THR A 993 25.93 -45.27 8.65
C THR A 993 24.57 -45.76 8.21
N LEU A 994 24.27 -45.57 6.93
CA LEU A 994 23.07 -46.08 6.30
C LEU A 994 23.42 -47.30 5.49
N THR A 995 22.57 -48.31 5.52
CA THR A 995 22.77 -49.58 4.81
C THR A 995 21.48 -50.05 4.16
N GLY A 996 21.59 -50.99 3.22
CA GLY A 996 20.41 -51.60 2.60
C GLY A 996 19.48 -50.60 1.92
N ILE A 997 20.04 -49.54 1.33
CA ILE A 997 19.28 -48.42 0.79
C ILE A 997 18.57 -48.83 -0.49
N ARG A 998 17.35 -48.35 -0.70
CA ARG A 998 16.59 -48.51 -1.94
C ARG A 998 16.10 -47.15 -2.40
N LEU A 999 16.17 -46.89 -3.70
CA LEU A 999 15.69 -45.67 -4.34
C LEU A 999 14.80 -46.04 -5.52
N PRO A 1000 13.68 -46.76 -5.32
CA PRO A 1000 12.80 -47.16 -6.40
C PRO A 1000 12.20 -45.96 -7.14
N GLY A 1001 11.84 -46.17 -8.41
CA GLY A 1001 11.17 -45.18 -9.25
C GLY A 1001 11.96 -43.89 -9.50
N THR A 1002 11.35 -42.96 -10.22
CA THR A 1002 11.84 -41.57 -10.37
C THR A 1002 10.83 -40.59 -9.78
N VAL A 1003 11.23 -39.81 -8.79
CA VAL A 1003 10.41 -38.69 -8.31
C VAL A 1003 10.45 -37.58 -9.34
N SER A 1004 9.31 -37.20 -9.89
CA SER A 1004 9.20 -36.16 -10.91
C SER A 1004 7.97 -35.29 -10.68
N ALA A 1005 7.95 -34.10 -11.29
CA ALA A 1005 6.81 -33.20 -11.20
C ALA A 1005 6.66 -32.40 -12.49
N ALA A 1006 5.56 -32.64 -13.20
CA ALA A 1006 5.22 -31.88 -14.40
C ALA A 1006 5.16 -30.38 -14.07
N SER A 1007 5.63 -29.54 -14.98
CA SER A 1007 5.89 -28.13 -14.68
C SER A 1007 4.67 -27.40 -14.11
N GLY A 1008 4.87 -26.63 -13.04
CA GLY A 1008 3.82 -25.84 -12.38
C GLY A 1008 2.93 -26.59 -11.38
N THR A 1009 3.27 -27.81 -11.00
CA THR A 1009 2.41 -28.69 -10.17
C THR A 1009 2.88 -28.77 -8.71
N PRO A 1010 2.01 -28.64 -7.69
CA PRO A 1010 2.40 -28.85 -6.29
C PRO A 1010 2.82 -30.30 -6.01
N VAL A 1011 3.63 -30.52 -4.97
CA VAL A 1011 4.11 -31.85 -4.56
C VAL A 1011 3.99 -31.97 -3.05
N ALA A 1012 3.54 -33.11 -2.53
CA ALA A 1012 3.43 -33.36 -1.10
C ALA A 1012 4.30 -34.56 -0.69
N LEU A 1013 5.06 -34.45 0.39
CA LEU A 1013 6.08 -35.43 0.78
C LEU A 1013 5.89 -35.86 2.22
N GLN A 1014 6.18 -37.12 2.54
CA GLN A 1014 6.03 -37.66 3.88
C GLN A 1014 7.15 -38.65 4.20
N THR A 1015 7.55 -38.74 5.46
CA THR A 1015 8.64 -39.64 5.87
C THR A 1015 8.50 -40.05 7.33
N SER A 1016 9.07 -41.19 7.71
CA SER A 1016 8.93 -41.77 9.05
C SER A 1016 10.18 -42.52 9.49
N ARG A 1017 10.38 -42.62 10.81
CA ARG A 1017 11.48 -43.30 11.49
C ARG A 1017 10.92 -44.39 12.36
N GLU A 1018 10.73 -45.59 11.82
CA GLU A 1018 10.37 -46.72 12.67
C GLU A 1018 11.58 -47.19 13.46
N ASP A 1019 11.64 -46.87 14.75
CA ASP A 1019 12.57 -47.50 15.67
C ASP A 1019 12.21 -48.99 15.74
N SER A 1020 12.98 -49.83 15.05
CA SER A 1020 12.55 -51.18 14.70
C SER A 1020 12.62 -52.17 15.86
N GLY A 1021 13.40 -51.86 16.91
CA GLY A 1021 13.74 -52.79 17.98
C GLY A 1021 14.78 -53.86 17.60
N ASP A 1022 15.29 -53.86 16.36
CA ASP A 1022 16.43 -54.68 15.95
C ASP A 1022 17.74 -54.06 16.48
N GLY A 1023 17.96 -54.18 17.79
CA GLY A 1023 18.85 -53.28 18.50
C GLY A 1023 18.39 -51.83 18.37
N HIS A 1024 19.34 -50.91 18.24
CA HIS A 1024 19.07 -49.48 18.03
C HIS A 1024 18.61 -49.12 16.61
N ARG A 1025 18.49 -50.10 15.72
CA ARG A 1025 18.23 -49.89 14.29
C ARG A 1025 16.93 -49.14 14.04
N VAL A 1026 17.02 -48.03 13.34
CA VAL A 1026 15.87 -47.28 12.84
C VAL A 1026 15.69 -47.60 11.35
N ARG A 1027 14.47 -47.85 10.89
CA ARG A 1027 14.15 -47.94 9.46
C ARG A 1027 13.55 -46.61 9.04
N ALA A 1028 14.18 -45.91 8.11
CA ALA A 1028 13.71 -44.63 7.59
C ALA A 1028 13.04 -44.86 6.24
N PHE A 1029 11.83 -44.37 6.05
CA PHE A 1029 11.10 -44.43 4.77
C PHE A 1029 10.85 -43.03 4.26
N VAL A 1030 10.82 -42.84 2.94
CA VAL A 1030 10.33 -41.62 2.31
C VAL A 1030 9.29 -41.95 1.26
N LYS A 1031 8.20 -41.18 1.25
CA LYS A 1031 7.02 -41.46 0.45
C LYS A 1031 6.65 -40.21 -0.34
N GLY A 1032 6.53 -40.37 -1.65
CA GLY A 1032 6.03 -39.35 -2.56
C GLY A 1032 4.51 -39.44 -2.63
N PRO A 1033 3.84 -38.39 -3.11
CA PRO A 1033 2.39 -38.32 -3.13
C PRO A 1033 1.83 -39.29 -4.15
N GLY A 1034 0.53 -39.56 -4.07
CA GLY A 1034 -0.15 -40.24 -5.18
C GLY A 1034 -0.14 -39.39 -6.45
N THR A 1035 -0.23 -40.04 -7.60
CA THR A 1035 -0.61 -39.36 -8.84
C THR A 1035 -2.12 -39.11 -8.80
N GLY A 1036 -2.55 -37.86 -8.96
CA GLY A 1036 -3.96 -37.49 -8.80
C GLY A 1036 -4.54 -37.93 -7.46
N GLY A 1037 -5.72 -38.53 -7.47
CA GLY A 1037 -6.39 -39.10 -6.30
C GLY A 1037 -5.82 -40.42 -5.78
N GLY A 1038 -4.65 -40.87 -6.25
CA GLY A 1038 -3.98 -42.11 -5.83
C GLY A 1038 -3.38 -42.05 -4.41
N ARG A 1039 -2.89 -43.20 -3.95
CA ARG A 1039 -2.25 -43.36 -2.63
C ARG A 1039 -0.79 -42.89 -2.64
N TRP A 1040 -0.28 -42.55 -1.46
CA TRP A 1040 1.15 -42.37 -1.20
C TRP A 1040 1.97 -43.56 -1.68
N ALA A 1041 3.15 -43.31 -2.25
CA ALA A 1041 4.02 -44.34 -2.83
C ALA A 1041 5.44 -44.24 -2.27
N GLU A 1042 6.06 -45.37 -1.96
CA GLU A 1042 7.43 -45.38 -1.47
C GLU A 1042 8.41 -44.94 -2.57
N ARG A 1043 9.29 -43.99 -2.23
CA ARG A 1043 10.29 -43.44 -3.16
C ARG A 1043 11.70 -43.45 -2.58
N GLY A 1044 11.88 -44.09 -1.44
CA GLY A 1044 13.17 -44.39 -0.85
C GLY A 1044 13.00 -45.08 0.49
N GLY A 1045 13.97 -45.89 0.88
CA GLY A 1045 13.99 -46.54 2.18
C GLY A 1045 15.40 -46.92 2.59
N ALA A 1046 15.72 -46.84 3.86
CA ALA A 1046 17.06 -47.11 4.36
C ALA A 1046 17.04 -47.66 5.78
N THR A 1047 18.08 -48.40 6.13
CA THR A 1047 18.32 -48.88 7.49
C THR A 1047 19.44 -48.06 8.11
N VAL A 1048 19.23 -47.55 9.32
CA VAL A 1048 20.22 -46.77 10.06
C VAL A 1048 20.90 -47.67 11.07
N VAL A 1049 22.22 -47.74 11.04
CA VAL A 1049 23.05 -48.38 12.07
C VAL A 1049 23.51 -47.27 13.03
N PRO A 1050 23.48 -47.47 14.36
CA PRO A 1050 23.44 -46.37 15.32
C PRO A 1050 24.61 -45.38 15.24
N ALA A 1051 25.83 -45.85 15.03
CA ALA A 1051 27.04 -45.04 14.91
C ALA A 1051 28.15 -45.82 14.19
N VAL A 1052 29.18 -45.11 13.72
CA VAL A 1052 30.34 -45.73 13.04
C VAL A 1052 31.19 -46.59 13.99
N THR A 1053 31.53 -46.10 15.19
CA THR A 1053 32.23 -46.83 16.27
C THR A 1053 33.61 -47.42 15.92
N ARG A 1054 34.32 -46.88 14.91
CA ARG A 1054 35.67 -47.32 14.48
C ARG A 1054 36.52 -46.19 13.91
N PRO A 1055 37.86 -46.20 14.07
CA PRO A 1055 38.77 -45.24 13.45
C PRO A 1055 38.94 -45.52 11.93
N ALA A 1056 39.59 -44.59 11.24
CA ALA A 1056 39.81 -44.64 9.79
C ALA A 1056 41.15 -43.95 9.39
N PRO A 1057 41.66 -44.17 8.17
CA PRO A 1057 42.89 -43.52 7.67
C PRO A 1057 42.81 -41.99 7.64
N ASP A 1058 43.97 -41.34 7.51
CA ASP A 1058 44.08 -39.88 7.52
C ASP A 1058 45.18 -39.39 6.56
N ARG A 1059 45.06 -38.13 6.13
CA ARG A 1059 46.00 -37.41 5.26
C ARG A 1059 46.39 -38.18 3.99
N VAL A 1060 45.45 -38.96 3.44
CA VAL A 1060 45.64 -39.66 2.17
C VAL A 1060 45.70 -38.64 1.05
N ASP A 1061 46.87 -38.43 0.46
CA ASP A 1061 47.19 -37.23 -0.32
C ASP A 1061 46.24 -37.00 -1.51
N PRO A 1062 45.39 -35.96 -1.51
CA PRO A 1062 44.51 -35.69 -2.64
C PRO A 1062 45.29 -35.45 -3.94
N GLU A 1063 46.45 -34.82 -3.84
CA GLU A 1063 47.27 -34.49 -5.00
C GLU A 1063 47.85 -35.74 -5.67
N SER A 1064 47.81 -36.90 -5.01
CA SER A 1064 48.23 -38.16 -5.61
C SER A 1064 47.12 -38.79 -6.47
N LEU A 1065 45.86 -38.46 -6.21
CA LEU A 1065 44.72 -39.13 -6.83
C LEU A 1065 44.69 -39.08 -8.37
N PRO A 1066 44.85 -37.91 -9.03
CA PRO A 1066 44.61 -37.82 -10.46
C PRO A 1066 45.78 -38.33 -11.32
N GLU A 1067 46.94 -38.57 -10.73
CA GLU A 1067 48.22 -38.46 -11.45
C GLU A 1067 48.46 -39.51 -12.55
N GLY A 1068 47.79 -40.66 -12.47
CA GLY A 1068 47.83 -41.70 -13.52
C GLY A 1068 46.76 -41.57 -14.61
N LEU A 1069 45.94 -40.51 -14.59
CA LEU A 1069 44.65 -40.43 -15.30
C LEU A 1069 44.59 -39.21 -16.25
N ALA A 1070 43.86 -39.35 -17.36
CA ALA A 1070 43.63 -38.25 -18.31
C ALA A 1070 42.64 -37.23 -17.73
N GLU A 1071 42.89 -35.93 -17.89
CA GLU A 1071 41.93 -34.88 -17.51
C GLU A 1071 40.88 -34.64 -18.61
N LEU A 1072 39.67 -34.26 -18.23
CA LEU A 1072 38.56 -33.90 -19.13
C LEU A 1072 38.11 -32.45 -18.88
N ASP A 1073 37.63 -31.78 -19.92
CA ASP A 1073 36.94 -30.51 -19.76
C ASP A 1073 35.57 -30.73 -19.12
N VAL A 1074 35.29 -30.02 -18.02
CA VAL A 1074 33.97 -29.99 -17.37
C VAL A 1074 32.83 -29.74 -18.36
N ALA A 1075 33.02 -28.85 -19.33
CA ALA A 1075 31.99 -28.59 -20.32
C ALA A 1075 31.70 -29.83 -21.20
N GLU A 1076 32.70 -30.64 -21.53
CA GLU A 1076 32.45 -31.89 -22.24
C GLU A 1076 31.84 -32.96 -21.32
N VAL A 1077 32.20 -32.97 -20.03
CA VAL A 1077 31.54 -33.86 -19.07
C VAL A 1077 30.04 -33.59 -19.03
N TYR A 1078 29.63 -32.34 -18.85
CA TYR A 1078 28.21 -32.04 -18.85
C TYR A 1078 27.53 -32.27 -20.21
N ARG A 1079 28.22 -32.08 -21.35
CA ARG A 1079 27.67 -32.51 -22.64
C ARG A 1079 27.49 -34.02 -22.72
N ARG A 1080 28.39 -34.85 -22.18
CA ARG A 1080 28.19 -36.30 -22.14
C ARG A 1080 26.93 -36.67 -21.37
N LEU A 1081 26.69 -36.03 -20.22
CA LEU A 1081 25.46 -36.30 -19.46
C LEU A 1081 24.22 -35.74 -20.16
N TRP A 1082 24.32 -34.64 -20.90
CA TRP A 1082 23.20 -34.17 -21.71
C TRP A 1082 22.84 -35.15 -22.83
N ARG A 1083 23.83 -35.84 -23.40
CA ARG A 1083 23.65 -37.00 -24.30
C ARG A 1083 23.24 -38.30 -23.57
N GLN A 1084 22.95 -38.22 -22.28
CA GLN A 1084 22.25 -39.23 -21.48
C GLN A 1084 20.87 -38.70 -21.04
N GLY A 1085 20.33 -37.71 -21.75
CA GLY A 1085 19.03 -37.11 -21.47
C GLY A 1085 18.98 -36.17 -20.28
N SER A 1086 20.09 -35.97 -19.58
CA SER A 1086 20.11 -35.33 -18.26
C SER A 1086 20.74 -33.96 -18.27
N ASP A 1087 20.04 -32.96 -17.75
CA ASP A 1087 20.57 -31.61 -17.55
C ASP A 1087 20.44 -31.18 -16.08
N TYR A 1088 21.34 -30.31 -15.63
CA TYR A 1088 21.46 -29.86 -14.25
C TYR A 1088 21.45 -28.34 -14.16
N ALA A 1089 20.72 -27.79 -13.18
CA ALA A 1089 20.85 -26.41 -12.79
C ALA A 1089 22.23 -26.12 -12.18
N GLU A 1090 22.67 -24.86 -12.18
CA GLU A 1090 23.99 -24.45 -11.71
C GLU A 1090 24.34 -24.93 -10.29
N PRO A 1091 23.42 -24.93 -9.31
CA PRO A 1091 23.69 -25.48 -7.98
C PRO A 1091 24.11 -26.95 -7.95
N LEU A 1092 23.88 -27.72 -9.02
CA LEU A 1092 24.33 -29.11 -9.15
C LEU A 1092 25.45 -29.29 -10.19
N ARG A 1093 25.84 -28.25 -10.93
CA ARG A 1093 27.01 -28.25 -11.82
C ARG A 1093 28.29 -28.01 -11.01
N VAL A 1094 28.56 -28.87 -10.04
CA VAL A 1094 29.61 -28.65 -9.02
C VAL A 1094 30.95 -29.28 -9.33
N LEU A 1095 31.11 -30.06 -10.39
CA LEU A 1095 32.42 -30.53 -10.81
C LEU A 1095 33.30 -29.35 -11.25
N ARG A 1096 34.61 -29.37 -10.95
CA ARG A 1096 35.55 -28.29 -11.30
C ARG A 1096 36.79 -28.76 -12.05
N ARG A 1097 37.29 -29.94 -11.74
CA ARG A 1097 38.27 -30.67 -12.56
C ARG A 1097 37.93 -32.14 -12.50
N VAL A 1098 38.09 -32.87 -13.58
CA VAL A 1098 37.69 -34.27 -13.68
C VAL A 1098 38.78 -35.05 -14.40
N TRP A 1099 39.12 -36.22 -13.88
CA TRP A 1099 40.06 -37.14 -14.52
C TRP A 1099 39.50 -38.55 -14.58
N LEU A 1100 39.91 -39.31 -15.59
CA LEU A 1100 39.39 -40.66 -15.82
C LEU A 1100 40.48 -41.58 -16.39
N GLY A 1101 40.41 -42.87 -16.09
CA GLY A 1101 41.27 -43.88 -16.69
C GLY A 1101 40.85 -45.30 -16.32
N GLY A 1102 40.72 -46.17 -17.31
CA GLY A 1102 40.25 -47.53 -17.11
C GLY A 1102 38.87 -47.58 -16.44
N ASP A 1103 38.78 -48.32 -15.34
CA ASP A 1103 37.56 -48.50 -14.54
C ASP A 1103 37.47 -47.55 -13.33
N GLU A 1104 38.15 -46.41 -13.32
CA GLU A 1104 37.96 -45.41 -12.28
C GLU A 1104 38.11 -43.96 -12.74
N ALA A 1105 37.59 -43.05 -11.94
CA ALA A 1105 37.61 -41.62 -12.17
C ALA A 1105 37.77 -40.87 -10.85
N VAL A 1106 38.28 -39.65 -10.91
CA VAL A 1106 38.41 -38.77 -9.74
C VAL A 1106 38.08 -37.34 -10.12
N ALA A 1107 37.71 -36.52 -9.16
CA ALA A 1107 37.35 -35.14 -9.45
C ALA A 1107 37.56 -34.21 -8.27
N LEU A 1108 37.72 -32.94 -8.58
CA LEU A 1108 37.67 -31.84 -7.65
C LEU A 1108 36.27 -31.24 -7.72
N VAL A 1109 35.61 -31.11 -6.57
CA VAL A 1109 34.28 -30.51 -6.45
C VAL A 1109 34.39 -29.10 -5.90
N GLY A 1110 33.73 -28.15 -6.57
CA GLY A 1110 33.71 -26.74 -6.20
C GLY A 1110 32.87 -26.49 -4.95
N THR A 1111 32.81 -25.22 -4.51
CA THR A 1111 32.16 -24.86 -3.26
C THR A 1111 30.66 -25.20 -3.31
N ALA A 1112 30.29 -26.25 -2.59
CA ALA A 1112 28.98 -26.87 -2.66
C ALA A 1112 27.98 -26.11 -1.76
N ASP A 1113 27.50 -24.98 -2.26
CA ASP A 1113 26.92 -23.89 -1.45
C ASP A 1113 25.38 -23.86 -1.50
N VAL A 1114 24.75 -25.04 -1.49
CA VAL A 1114 23.30 -25.21 -1.24
C VAL A 1114 22.96 -24.61 0.14
N PRO A 1115 21.83 -23.91 0.34
CA PRO A 1115 21.51 -23.29 1.64
C PRO A 1115 21.56 -24.29 2.80
N THR A 1116 22.04 -23.87 3.97
CA THR A 1116 22.47 -24.75 5.09
C THR A 1116 23.60 -25.73 4.68
N GLY A 1117 24.46 -25.27 3.78
CA GLY A 1117 25.61 -25.98 3.21
C GLY A 1117 26.94 -25.18 3.22
N PRO A 1118 26.98 -23.85 2.99
CA PRO A 1118 28.14 -23.00 3.34
C PRO A 1118 28.60 -23.20 4.79
N SER A 1119 27.65 -23.51 5.67
CA SER A 1119 27.86 -24.29 6.88
C SER A 1119 26.68 -25.26 7.04
N GLY A 1120 26.93 -26.50 7.45
CA GLY A 1120 25.90 -27.49 7.73
C GLY A 1120 25.73 -28.59 6.69
N TRP A 1121 24.90 -29.56 7.04
CA TRP A 1121 24.83 -30.87 6.40
C TRP A 1121 24.24 -30.89 4.98
N SER A 1122 23.36 -29.95 4.61
CA SER A 1122 22.65 -30.01 3.33
C SER A 1122 23.58 -29.97 2.12
N ARG A 1123 24.82 -29.51 2.29
CA ARG A 1123 25.91 -29.62 1.30
C ARG A 1123 26.08 -31.04 0.77
N TRP A 1124 25.81 -32.07 1.57
CA TRP A 1124 25.91 -33.45 1.10
C TRP A 1124 25.01 -33.76 -0.08
N ALA A 1125 23.90 -33.04 -0.30
CA ALA A 1125 23.06 -33.25 -1.48
C ALA A 1125 23.85 -33.05 -2.79
N ALA A 1126 24.55 -31.92 -2.91
CA ALA A 1126 25.33 -31.62 -4.09
C ALA A 1126 26.53 -32.57 -4.23
N VAL A 1127 27.22 -32.85 -3.13
CA VAL A 1127 28.40 -33.72 -3.16
C VAL A 1127 28.05 -35.15 -3.55
N LEU A 1128 26.96 -35.71 -3.03
CA LEU A 1128 26.51 -37.04 -3.44
C LEU A 1128 25.98 -37.03 -4.87
N GLU A 1129 25.33 -35.96 -5.33
CA GLU A 1129 24.93 -35.88 -6.73
C GLU A 1129 26.15 -35.84 -7.66
N ALA A 1130 27.23 -35.16 -7.29
CA ALA A 1130 28.47 -35.20 -8.07
C ALA A 1130 29.04 -36.62 -8.15
N ALA A 1131 28.96 -37.41 -7.09
CA ALA A 1131 29.37 -38.81 -7.15
C ALA A 1131 28.48 -39.60 -8.11
N VAL A 1132 27.17 -39.36 -8.13
CA VAL A 1132 26.28 -39.97 -9.12
C VAL A 1132 26.61 -39.53 -10.53
N GLN A 1133 26.92 -38.26 -10.77
CA GLN A 1133 27.34 -37.77 -12.08
C GLN A 1133 28.56 -38.55 -12.58
N LEU A 1134 29.62 -38.66 -11.78
CA LEU A 1134 30.81 -39.43 -12.16
C LEU A 1134 30.53 -40.92 -12.32
N ALA A 1135 29.64 -41.50 -11.51
CA ALA A 1135 29.25 -42.89 -11.67
C ALA A 1135 28.58 -43.14 -13.01
N ALA A 1136 27.70 -42.23 -13.46
CA ALA A 1136 27.06 -42.33 -14.77
C ALA A 1136 28.04 -42.10 -15.92
N LEU A 1137 29.02 -41.22 -15.73
CA LEU A 1137 29.90 -40.73 -16.79
C LEU A 1137 30.66 -41.82 -17.55
N SER A 1138 31.17 -42.82 -16.85
CA SER A 1138 31.92 -43.94 -17.45
C SER A 1138 31.05 -44.94 -18.21
N GLY A 1139 29.72 -44.93 -18.00
CA GLY A 1139 28.79 -45.81 -18.70
C GLY A 1139 28.35 -45.28 -20.07
N SER A 1140 27.29 -45.87 -20.63
CA SER A 1140 26.58 -45.39 -21.81
C SER A 1140 25.10 -45.80 -21.77
N GLY A 1141 24.25 -45.09 -22.50
CA GLY A 1141 22.79 -45.19 -22.38
C GLY A 1141 22.24 -44.59 -21.08
N PRO A 1142 21.03 -44.01 -21.09
CA PRO A 1142 20.46 -43.32 -19.95
C PRO A 1142 20.25 -44.28 -18.78
N ARG A 1143 20.66 -43.87 -17.58
CA ARG A 1143 20.64 -44.69 -16.36
C ARG A 1143 20.43 -43.84 -15.12
N THR A 1144 19.94 -44.45 -14.04
CA THR A 1144 19.70 -43.76 -12.77
C THR A 1144 19.96 -44.70 -11.58
N PRO A 1145 20.40 -44.22 -10.41
CA PRO A 1145 20.62 -45.06 -9.22
C PRO A 1145 19.39 -45.82 -8.76
N VAL A 1146 19.61 -46.99 -8.17
CA VAL A 1146 18.55 -47.89 -7.67
C VAL A 1146 18.79 -48.28 -6.23
N SER A 1147 20.04 -48.53 -5.84
CA SER A 1147 20.39 -48.99 -4.50
C SER A 1147 21.82 -48.66 -4.15
N VAL A 1148 22.11 -48.68 -2.85
CA VAL A 1148 23.43 -48.54 -2.26
C VAL A 1148 23.54 -49.57 -1.14
N ASP A 1149 24.64 -50.29 -1.02
CA ASP A 1149 24.82 -51.26 0.05
C ASP A 1149 25.23 -50.63 1.37
N ARG A 1150 26.14 -49.65 1.33
CA ARG A 1150 26.55 -48.86 2.51
C ARG A 1150 26.86 -47.43 2.13
N LEU A 1151 26.57 -46.52 3.04
CA LEU A 1151 26.92 -45.11 2.99
C LEU A 1151 27.35 -44.73 4.39
N GLU A 1152 28.63 -44.41 4.57
CA GLU A 1152 29.20 -44.06 5.87
C GLU A 1152 29.70 -42.62 5.81
N VAL A 1153 29.36 -41.81 6.81
CA VAL A 1153 29.51 -40.36 6.75
C VAL A 1153 30.04 -39.82 8.07
N SER A 1154 30.86 -38.77 8.02
CA SER A 1154 31.38 -38.11 9.22
C SER A 1154 31.50 -36.60 9.02
N GLY A 1155 30.59 -35.84 9.62
CA GLY A 1155 30.54 -34.38 9.59
C GLY A 1155 30.10 -33.77 8.25
N PRO A 1156 29.75 -32.47 8.23
CA PRO A 1156 29.53 -31.72 7.00
C PRO A 1156 30.80 -31.65 6.13
N PRO A 1157 30.70 -31.55 4.80
CA PRO A 1157 31.89 -31.44 3.95
C PRO A 1157 32.53 -30.04 3.98
N SER A 1158 33.84 -29.99 3.79
CA SER A 1158 34.63 -28.78 3.58
C SER A 1158 34.28 -28.04 2.27
N GLU A 1159 34.73 -26.79 2.12
CA GLU A 1159 34.54 -25.97 0.91
C GLU A 1159 35.13 -26.59 -0.37
N VAL A 1160 36.16 -27.41 -0.23
CA VAL A 1160 36.74 -28.20 -1.32
C VAL A 1160 36.78 -29.65 -0.91
N VAL A 1161 36.41 -30.55 -1.82
CA VAL A 1161 36.50 -32.00 -1.62
C VAL A 1161 36.92 -32.70 -2.90
N TRP A 1162 37.57 -33.83 -2.73
CA TRP A 1162 38.01 -34.73 -3.78
C TRP A 1162 37.15 -35.98 -3.75
N LEU A 1163 36.65 -36.38 -4.91
CA LEU A 1163 35.87 -37.61 -5.11
C LEU A 1163 36.75 -38.63 -5.80
N ARG A 1164 36.70 -39.88 -5.36
CA ARG A 1164 37.17 -41.04 -6.13
C ARG A 1164 35.99 -41.95 -6.39
N VAL A 1165 35.85 -42.48 -7.60
CA VAL A 1165 34.78 -43.41 -7.96
C VAL A 1165 35.36 -44.54 -8.79
N ARG A 1166 34.99 -45.79 -8.51
CA ARG A 1166 35.58 -46.98 -9.13
C ARG A 1166 34.50 -47.98 -9.52
N HIS A 1167 34.62 -48.58 -10.70
CA HIS A 1167 33.61 -49.46 -11.30
C HIS A 1167 33.98 -50.94 -11.21
N GLY A 1168 34.79 -51.33 -10.22
CA GLY A 1168 35.40 -52.66 -10.18
C GLY A 1168 34.42 -53.82 -10.06
N ALA A 1169 33.31 -53.64 -9.34
CA ALA A 1169 32.25 -54.64 -9.18
C ALA A 1169 31.27 -54.62 -10.36
N ASP A 1170 30.65 -55.77 -10.64
CA ASP A 1170 29.77 -55.94 -11.81
C ASP A 1170 28.53 -55.02 -11.73
N GLY A 1171 28.50 -53.99 -12.59
CA GLY A 1171 27.44 -52.98 -12.61
C GLY A 1171 27.34 -52.08 -11.38
N ALA A 1172 28.31 -52.13 -10.46
CA ALA A 1172 28.23 -51.47 -9.16
C ALA A 1172 29.47 -50.62 -8.86
N ALA A 1173 29.26 -49.36 -8.52
CA ALA A 1173 30.32 -48.44 -8.18
C ALA A 1173 30.62 -48.40 -6.68
N ASP A 1174 31.89 -48.17 -6.33
CA ASP A 1174 32.33 -47.79 -4.99
C ASP A 1174 32.98 -46.41 -5.03
N ALA A 1175 32.84 -45.62 -3.99
CA ALA A 1175 33.28 -44.23 -3.99
C ALA A 1175 33.77 -43.75 -2.62
N VAL A 1176 34.63 -42.73 -2.62
CA VAL A 1176 35.18 -42.10 -1.42
C VAL A 1176 35.18 -40.59 -1.60
N VAL A 1177 34.87 -39.85 -0.54
CA VAL A 1177 35.04 -38.39 -0.50
C VAL A 1177 36.11 -38.04 0.53
N LEU A 1178 37.10 -37.27 0.10
CA LEU A 1178 38.17 -36.74 0.95
C LEU A 1178 38.12 -35.22 0.98
N SER A 1179 38.49 -34.61 2.10
CA SER A 1179 38.72 -33.17 2.15
C SER A 1179 39.92 -32.77 1.29
N GLY A 1180 40.12 -31.48 1.05
CA GLY A 1180 41.33 -30.94 0.43
C GLY A 1180 42.64 -31.20 1.20
N GLU A 1181 42.59 -31.89 2.34
CA GLU A 1181 43.72 -32.27 3.18
C GLU A 1181 43.85 -33.80 3.31
N GLY A 1182 43.07 -34.57 2.55
CA GLY A 1182 43.12 -36.03 2.59
C GLY A 1182 42.39 -36.66 3.77
N VAL A 1183 41.56 -35.89 4.50
CA VAL A 1183 40.73 -36.39 5.58
C VAL A 1183 39.53 -37.14 5.03
N ARG A 1184 39.21 -38.33 5.52
CA ARG A 1184 38.01 -39.09 5.13
C ARG A 1184 36.73 -38.37 5.58
N LEU A 1185 35.87 -37.99 4.64
CA LEU A 1185 34.56 -37.38 4.94
C LEU A 1185 33.41 -38.35 4.77
N ALA A 1186 33.41 -39.18 3.72
CA ALA A 1186 32.43 -40.22 3.51
C ALA A 1186 32.95 -41.33 2.60
N ALA A 1187 32.28 -42.48 2.62
CA ALA A 1187 32.52 -43.58 1.70
C ALA A 1187 31.22 -44.29 1.35
N VAL A 1188 31.14 -44.85 0.14
CA VAL A 1188 29.95 -45.47 -0.42
C VAL A 1188 30.32 -46.78 -1.09
N GLN A 1189 29.54 -47.83 -0.90
CA GLN A 1189 29.79 -49.12 -1.53
C GLN A 1189 28.54 -49.66 -2.21
N GLY A 1190 28.74 -50.28 -3.37
CA GLY A 1190 27.67 -50.99 -4.09
C GLY A 1190 26.60 -50.07 -4.69
N LEU A 1191 26.94 -48.84 -5.04
CA LEU A 1191 26.03 -47.93 -5.74
C LEU A 1191 25.70 -48.51 -7.11
N ARG A 1192 24.46 -48.94 -7.33
CA ARG A 1192 24.04 -49.59 -8.58
C ARG A 1192 23.09 -48.70 -9.37
N LEU A 1193 23.48 -48.36 -10.60
CA LEU A 1193 22.63 -47.69 -11.58
C LEU A 1193 22.06 -48.67 -12.60
N ARG A 1194 22.79 -49.75 -12.91
CA ARG A 1194 22.49 -50.67 -14.01
C ARG A 1194 21.07 -51.25 -14.02
N PRO A 1195 20.44 -51.59 -12.88
CA PRO A 1195 19.06 -52.10 -12.88
C PRO A 1195 18.01 -51.06 -13.33
N MET A 1196 18.36 -49.78 -13.36
CA MET A 1196 17.61 -48.74 -14.07
C MET A 1196 18.44 -48.07 -15.17
N ALA A 1197 19.28 -48.83 -15.86
CA ALA A 1197 19.65 -48.49 -17.22
C ALA A 1197 18.45 -48.72 -18.15
N GLY A 1198 18.21 -47.81 -19.09
CA GLY A 1198 17.29 -48.03 -20.22
C GLY A 1198 15.80 -48.03 -19.87
N ARG A 1199 15.39 -47.35 -18.78
CA ARG A 1199 13.97 -47.16 -18.45
C ARG A 1199 13.30 -46.13 -19.38
N GLU A 1200 11.98 -46.18 -19.50
CA GLU A 1200 11.25 -45.60 -20.63
C GLU A 1200 11.29 -44.05 -20.69
N PRO A 1201 11.97 -43.45 -21.70
CA PRO A 1201 12.06 -42.00 -21.79
C PRO A 1201 10.73 -41.35 -22.17
N ALA A 1202 9.89 -42.03 -22.94
CA ALA A 1202 8.55 -41.55 -23.29
C ALA A 1202 7.62 -41.38 -22.07
N GLY A 1203 7.91 -42.05 -20.96
CA GLY A 1203 7.19 -41.84 -19.70
C GLY A 1203 7.59 -40.53 -19.02
N LEU A 1204 8.87 -40.18 -19.06
CA LEU A 1204 9.40 -38.95 -18.47
C LEU A 1204 9.14 -37.72 -19.33
N ALA A 1205 9.24 -37.84 -20.65
CA ALA A 1205 9.29 -36.71 -21.56
C ALA A 1205 8.11 -35.74 -21.41
N GLU A 1206 8.42 -34.45 -21.25
CA GLU A 1206 7.41 -33.42 -20.99
C GLU A 1206 6.53 -33.13 -22.23
N ALA A 1207 7.07 -33.35 -23.44
CA ALA A 1207 6.47 -32.90 -24.69
C ALA A 1207 5.15 -33.62 -25.07
N PRO A 1208 4.12 -32.88 -25.53
CA PRO A 1208 2.84 -33.43 -25.98
C PRO A 1208 2.86 -33.86 -27.45
N LEU A 1209 1.85 -34.62 -27.88
CA LEU A 1209 1.62 -34.88 -29.31
C LEU A 1209 1.18 -33.60 -30.03
N GLU A 1210 1.83 -33.26 -31.13
CA GLU A 1210 1.62 -32.03 -31.87
C GLU A 1210 1.69 -32.26 -33.37
N ARG A 1211 1.15 -31.31 -34.14
CA ARG A 1211 1.23 -31.28 -35.59
C ARG A 1211 2.38 -30.37 -35.99
N HIS A 1212 3.29 -30.86 -36.81
CA HIS A 1212 4.50 -30.18 -37.29
C HIS A 1212 4.39 -29.95 -38.79
N GLU A 1213 4.60 -28.72 -39.25
CA GLU A 1213 4.40 -28.35 -40.64
C GLU A 1213 5.54 -27.49 -41.16
N VAL A 1214 6.02 -27.79 -42.36
CA VAL A 1214 6.91 -26.88 -43.08
C VAL A 1214 6.06 -25.83 -43.77
N VAL A 1215 6.11 -24.61 -43.28
CA VAL A 1215 5.33 -23.47 -43.75
C VAL A 1215 6.24 -22.52 -44.50
N TRP A 1216 5.89 -22.14 -45.73
CA TRP A 1216 6.60 -21.09 -46.44
C TRP A 1216 6.16 -19.71 -45.97
N HIS A 1217 7.13 -18.84 -45.66
CA HIS A 1217 6.91 -17.44 -45.34
C HIS A 1217 7.51 -16.56 -46.42
N ALA A 1218 6.81 -15.53 -46.88
CA ALA A 1218 7.36 -14.57 -47.83
C ALA A 1218 8.38 -13.63 -47.16
N LEU A 1219 9.42 -13.24 -47.89
CA LEU A 1219 10.46 -12.32 -47.41
C LEU A 1219 10.14 -10.85 -47.73
N ALA A 1220 8.96 -10.35 -47.37
CA ALA A 1220 8.61 -8.95 -47.64
C ALA A 1220 9.60 -7.95 -47.00
N GLU A 1221 10.15 -8.26 -45.83
CA GLU A 1221 11.16 -7.45 -45.12
C GLU A 1221 12.63 -7.69 -45.55
N ASP A 1222 12.91 -8.64 -46.44
CA ASP A 1222 14.29 -9.00 -46.85
C ASP A 1222 14.37 -9.43 -48.33
N GLY A 1223 13.57 -8.83 -49.20
CA GLY A 1223 13.56 -9.11 -50.64
C GLY A 1223 14.79 -8.54 -51.37
N ARG A 1224 15.66 -7.82 -50.67
CA ARG A 1224 16.88 -7.19 -51.19
C ARG A 1224 17.99 -8.23 -51.36
N PRO A 1225 18.54 -8.45 -52.55
CA PRO A 1225 19.57 -9.46 -52.74
C PRO A 1225 20.86 -9.17 -51.96
N GLY A 1226 21.27 -7.91 -51.81
CA GLY A 1226 22.59 -7.59 -51.27
C GLY A 1226 23.74 -8.03 -52.19
N ALA A 1227 24.97 -7.70 -51.82
CA ALA A 1227 26.14 -7.95 -52.66
C ALA A 1227 26.58 -9.42 -52.62
N ILE A 1228 27.01 -9.96 -53.77
CA ILE A 1228 27.78 -11.22 -53.79
C ILE A 1228 29.13 -11.01 -53.10
N GLY A 1229 29.72 -9.83 -53.25
CA GLY A 1229 31.03 -9.51 -52.68
C GLY A 1229 32.20 -10.07 -53.50
N GLY A 1230 33.41 -9.77 -53.02
CA GLY A 1230 34.68 -10.23 -53.60
C GLY A 1230 35.03 -11.67 -53.19
N GLY A 1231 36.31 -11.91 -52.93
CA GLY A 1231 36.89 -13.24 -52.79
C GLY A 1231 37.26 -13.82 -54.15
N THR A 1232 38.41 -14.46 -54.24
CA THR A 1232 38.99 -14.91 -55.51
C THR A 1232 38.39 -16.21 -56.05
N GLY A 1233 37.70 -16.98 -55.21
CA GLY A 1233 37.13 -18.26 -55.63
C GLY A 1233 36.10 -18.08 -56.75
N SER A 1234 36.21 -18.90 -57.78
CA SER A 1234 35.24 -18.96 -58.87
C SER A 1234 33.95 -19.66 -58.45
N TRP A 1235 32.86 -19.41 -59.16
CA TRP A 1235 31.65 -20.20 -59.06
C TRP A 1235 31.61 -21.23 -60.16
N LEU A 1236 31.56 -22.51 -59.80
CA LEU A 1236 31.24 -23.57 -60.74
C LEU A 1236 29.74 -23.58 -60.99
N VAL A 1237 29.30 -23.53 -62.24
CA VAL A 1237 27.87 -23.61 -62.56
C VAL A 1237 27.61 -24.82 -63.45
N PHE A 1238 26.89 -25.79 -62.92
CA PHE A 1238 26.46 -26.98 -63.63
C PHE A 1238 24.97 -26.88 -63.96
N SER A 1239 24.56 -27.32 -65.15
CA SER A 1239 23.15 -27.47 -65.47
C SER A 1239 22.86 -28.64 -66.40
N ASP A 1240 21.64 -29.16 -66.32
CA ASP A 1240 21.05 -30.01 -67.35
C ASP A 1240 20.99 -29.35 -68.74
N ASP A 1241 20.96 -28.02 -68.82
CA ASP A 1241 21.02 -27.22 -70.05
C ASP A 1241 22.36 -26.47 -70.15
N PRO A 1242 23.27 -26.85 -71.07
CA PRO A 1242 24.53 -26.14 -71.24
C PRO A 1242 24.34 -24.66 -71.57
N GLU A 1243 23.27 -24.31 -72.27
CA GLU A 1243 22.90 -22.93 -72.53
C GLU A 1243 22.55 -22.15 -71.26
N ARG A 1244 21.89 -22.78 -70.29
CA ARG A 1244 21.58 -22.15 -69.00
C ARG A 1244 22.87 -21.90 -68.22
N ALA A 1245 23.76 -22.88 -68.19
CA ALA A 1245 25.07 -22.71 -67.55
C ALA A 1245 25.87 -21.58 -68.21
N ALA A 1246 25.93 -21.55 -69.55
CA ALA A 1246 26.63 -20.50 -70.28
C ALA A 1246 26.02 -19.11 -70.00
N ALA A 1247 24.70 -18.97 -70.10
CA ALA A 1247 24.01 -17.71 -69.86
C ALA A 1247 24.27 -17.18 -68.44
N TRP A 1248 24.25 -18.05 -67.44
CA TRP A 1248 24.58 -17.62 -66.08
C TRP A 1248 26.05 -17.29 -65.91
N CYS A 1249 26.98 -17.98 -66.58
CA CYS A 1249 28.37 -17.52 -66.58
C CYS A 1249 28.54 -16.16 -67.24
N ASP A 1250 27.76 -15.85 -68.28
CA ASP A 1250 27.76 -14.51 -68.87
C ASP A 1250 27.23 -13.47 -67.89
N GLU A 1251 26.08 -13.69 -67.23
CA GLU A 1251 25.61 -12.77 -66.21
C GLU A 1251 26.66 -12.57 -65.12
N LEU A 1252 27.28 -13.62 -64.60
CA LEU A 1252 28.34 -13.48 -63.59
C LEU A 1252 29.54 -12.70 -64.13
N ALA A 1253 29.91 -12.90 -65.39
CA ALA A 1253 30.97 -12.13 -66.01
C ALA A 1253 30.64 -10.64 -66.08
N LEU A 1254 29.39 -10.26 -66.40
CA LEU A 1254 29.00 -8.85 -66.42
C LEU A 1254 29.24 -8.19 -65.08
N PHE A 1255 28.88 -8.87 -63.98
CA PHE A 1255 29.09 -8.38 -62.62
C PHE A 1255 30.53 -8.61 -62.10
N GLY A 1256 31.44 -9.10 -62.93
CA GLY A 1256 32.83 -9.29 -62.56
C GLY A 1256 33.11 -10.44 -61.59
N VAL A 1257 32.19 -11.40 -61.46
CA VAL A 1257 32.36 -12.59 -60.61
C VAL A 1257 32.92 -13.73 -61.48
N PRO A 1258 34.08 -14.31 -61.14
CA PRO A 1258 34.68 -15.37 -61.94
C PRO A 1258 33.86 -16.65 -61.88
N ALA A 1259 33.66 -17.33 -63.00
CA ALA A 1259 32.80 -18.51 -63.08
C ALA A 1259 33.25 -19.50 -64.14
N VAL A 1260 32.82 -20.76 -64.02
CA VAL A 1260 33.06 -21.82 -65.01
C VAL A 1260 31.76 -22.55 -65.29
N ALA A 1261 31.36 -22.64 -66.56
CA ALA A 1261 30.21 -23.46 -66.95
C ALA A 1261 30.61 -24.94 -67.05
N LEU A 1262 29.73 -25.84 -66.60
CA LEU A 1262 29.89 -27.29 -66.70
C LEU A 1262 28.60 -27.94 -67.18
N ALA A 1263 28.71 -29.09 -67.83
CA ALA A 1263 27.57 -29.89 -68.24
C ALA A 1263 27.87 -31.40 -68.16
N GLY A 1264 26.81 -32.21 -68.05
CA GLY A 1264 26.92 -33.66 -68.13
C GLY A 1264 27.35 -34.10 -69.53
N GLU A 1265 28.17 -35.16 -69.61
CA GLU A 1265 28.74 -35.61 -70.89
C GLU A 1265 27.76 -36.35 -71.81
N ASP A 1266 26.49 -36.46 -71.42
CA ASP A 1266 25.39 -36.79 -72.32
C ASP A 1266 24.84 -35.57 -73.09
N ALA A 1267 25.18 -34.35 -72.68
CA ALA A 1267 24.85 -33.12 -73.40
C ALA A 1267 25.88 -32.80 -74.50
N GLU A 1268 25.64 -31.72 -75.26
CA GLU A 1268 26.56 -31.25 -76.31
C GLU A 1268 27.95 -30.86 -75.75
N GLY A 1269 28.99 -30.91 -76.58
CA GLY A 1269 30.31 -30.34 -76.30
C GLY A 1269 30.36 -28.82 -76.47
N ARG A 1270 29.38 -28.08 -75.92
CA ARG A 1270 29.22 -26.62 -76.10
C ARG A 1270 30.50 -25.87 -75.73
N ASP A 1271 31.03 -25.09 -76.66
CA ASP A 1271 32.43 -24.66 -76.62
C ASP A 1271 33.01 -23.80 -75.48
N GLY A 1272 32.18 -23.20 -74.62
CA GLY A 1272 32.63 -22.51 -73.41
C GLY A 1272 32.69 -23.41 -72.17
N THR A 1273 32.02 -24.56 -72.16
CA THR A 1273 31.85 -25.35 -70.94
C THR A 1273 32.96 -26.38 -70.74
N GLU A 1274 33.32 -26.62 -69.48
CA GLU A 1274 33.86 -27.91 -69.10
C GLU A 1274 32.78 -28.97 -69.26
N THR A 1275 33.15 -30.25 -69.19
CA THR A 1275 32.19 -31.35 -69.18
C THR A 1275 32.54 -32.36 -68.09
N VAL A 1276 31.53 -33.05 -67.56
CA VAL A 1276 31.66 -33.90 -66.37
C VAL A 1276 31.04 -35.28 -66.66
N PRO A 1277 31.68 -36.40 -66.29
CA PRO A 1277 31.22 -37.76 -66.57
C PRO A 1277 29.99 -38.22 -65.77
N VAL A 1278 29.18 -37.28 -65.28
CA VAL A 1278 27.87 -37.55 -64.66
C VAL A 1278 26.99 -38.36 -65.63
N GLY A 1279 26.21 -39.29 -65.09
CA GLY A 1279 25.62 -40.41 -65.84
C GLY A 1279 26.40 -41.71 -65.60
N THR A 1280 27.71 -41.60 -65.37
CA THR A 1280 28.43 -42.61 -64.57
C THR A 1280 27.98 -42.46 -63.11
N GLY A 1281 27.53 -43.53 -62.47
CA GLY A 1281 27.02 -43.46 -61.09
C GLY A 1281 28.09 -43.26 -60.01
N ASP A 1282 29.37 -43.20 -60.38
CA ASP A 1282 30.50 -43.28 -59.47
C ASP A 1282 31.15 -41.91 -59.23
N PRO A 1283 31.25 -41.42 -57.98
CA PRO A 1283 31.97 -40.21 -57.65
C PRO A 1283 33.42 -40.16 -58.10
N ASP A 1284 34.09 -41.30 -58.31
CA ASP A 1284 35.51 -41.34 -58.64
C ASP A 1284 35.86 -40.57 -59.93
N VAL A 1285 35.14 -40.82 -61.02
CA VAL A 1285 35.39 -40.14 -62.30
C VAL A 1285 35.05 -38.65 -62.24
N VAL A 1286 34.05 -38.28 -61.46
CA VAL A 1286 33.74 -36.87 -61.18
C VAL A 1286 34.88 -36.25 -60.38
N GLY A 1287 35.41 -36.96 -59.39
CA GLY A 1287 36.54 -36.48 -58.61
C GLY A 1287 37.78 -36.27 -59.48
N LYS A 1288 38.11 -37.24 -60.33
CA LYS A 1288 39.16 -37.13 -61.35
C LYS A 1288 38.97 -35.93 -62.26
N THR A 1289 37.72 -35.57 -62.56
CA THR A 1289 37.42 -34.37 -63.34
C THR A 1289 37.81 -33.10 -62.58
N PHE A 1290 37.39 -32.91 -61.32
CA PHE A 1290 37.83 -31.72 -60.60
C PHE A 1290 39.33 -31.73 -60.28
N ALA A 1291 39.96 -32.90 -60.07
CA ALA A 1291 41.39 -32.95 -59.83
C ALA A 1291 42.18 -32.24 -60.94
N GLU A 1292 41.74 -32.35 -62.18
CA GLU A 1292 42.32 -31.62 -63.31
C GLU A 1292 42.08 -30.10 -63.23
N LEU A 1293 40.90 -29.66 -62.76
CA LEU A 1293 40.63 -28.24 -62.50
C LEU A 1293 41.49 -27.69 -61.36
N ARG A 1294 41.74 -28.48 -60.31
CA ARG A 1294 42.65 -28.11 -59.23
C ARG A 1294 44.09 -27.99 -59.73
N GLU A 1295 44.53 -28.84 -60.65
CA GLU A 1295 45.82 -28.67 -61.34
C GLU A 1295 45.85 -27.41 -62.21
N ARG A 1296 44.74 -27.03 -62.87
CA ARG A 1296 44.60 -25.70 -63.51
C ARG A 1296 44.53 -24.53 -62.50
N GLY A 1297 44.58 -24.80 -61.20
CA GLY A 1297 44.60 -23.77 -60.15
C GLY A 1297 43.24 -23.12 -59.91
N VAL A 1298 42.13 -23.74 -60.33
CA VAL A 1298 40.79 -23.20 -60.15
C VAL A 1298 40.40 -23.25 -58.68
N THR A 1299 40.46 -22.10 -58.00
CA THR A 1299 39.92 -21.95 -56.64
C THR A 1299 38.40 -21.84 -56.71
N VAL A 1300 37.67 -22.43 -55.76
CA VAL A 1300 36.21 -22.46 -55.79
C VAL A 1300 35.62 -21.75 -54.58
N ALA A 1301 34.78 -20.74 -54.82
CA ALA A 1301 33.94 -20.14 -53.80
C ALA A 1301 32.67 -20.96 -53.59
N GLY A 1302 32.12 -21.54 -54.65
CA GLY A 1302 30.97 -22.40 -54.54
C GLY A 1302 30.55 -23.10 -55.82
N LEU A 1303 29.59 -24.00 -55.67
CA LEU A 1303 28.98 -24.79 -56.74
C LEU A 1303 27.50 -24.47 -56.83
N LEU A 1304 27.01 -24.19 -58.02
CA LEU A 1304 25.59 -24.04 -58.30
C LEU A 1304 25.18 -25.19 -59.23
N VAL A 1305 24.25 -26.03 -58.79
CA VAL A 1305 23.71 -27.14 -59.59
C VAL A 1305 22.27 -26.82 -59.97
N HIS A 1306 21.98 -26.75 -61.26
CA HIS A 1306 20.67 -26.39 -61.80
C HIS A 1306 19.96 -27.55 -62.50
N ASP A 1307 18.70 -27.75 -62.15
CA ASP A 1307 17.83 -28.81 -62.68
C ASP A 1307 16.80 -28.26 -63.68
N ALA A 1308 16.65 -28.90 -64.84
CA ALA A 1308 15.75 -28.46 -65.91
C ALA A 1308 14.24 -28.65 -65.65
N GLY A 1309 13.83 -29.33 -64.58
CA GLY A 1309 12.42 -29.61 -64.29
C GLY A 1309 11.78 -30.64 -65.20
N ASP A 1310 10.44 -30.63 -65.27
CA ASP A 1310 9.66 -31.59 -66.08
C ASP A 1310 9.84 -31.40 -67.60
N ALA A 1311 10.52 -30.34 -68.05
CA ALA A 1311 10.90 -30.16 -69.46
C ALA A 1311 11.85 -31.26 -69.99
N ARG A 1312 12.39 -32.12 -69.11
CA ARG A 1312 13.04 -33.39 -69.49
C ARG A 1312 12.09 -34.49 -69.97
N GLU A 1313 10.77 -34.37 -69.77
CA GLU A 1313 9.79 -35.32 -70.34
C GLU A 1313 9.88 -35.40 -71.88
N PRO A 1314 9.75 -34.32 -72.66
CA PRO A 1314 9.93 -34.38 -74.11
C PRO A 1314 11.37 -34.75 -74.53
N ALA A 1315 12.36 -34.47 -73.69
CA ALA A 1315 13.75 -34.86 -73.93
C ALA A 1315 14.03 -36.37 -73.74
N SER A 1316 13.12 -37.12 -73.08
CA SER A 1316 13.32 -38.53 -72.72
C SER A 1316 12.18 -39.48 -73.14
N GLY A 1317 10.98 -38.96 -73.43
CA GLY A 1317 9.88 -39.69 -74.06
C GLY A 1317 9.17 -40.73 -73.16
N ALA A 1318 9.11 -40.51 -71.85
CA ALA A 1318 8.56 -41.48 -70.89
C ALA A 1318 7.72 -40.84 -69.76
N ASP A 1319 6.80 -41.64 -69.21
CA ASP A 1319 5.96 -41.33 -68.05
C ASP A 1319 6.39 -42.20 -66.86
N ASP A 1320 7.51 -41.83 -66.23
CA ASP A 1320 8.28 -42.74 -65.38
C ASP A 1320 8.78 -42.07 -64.07
N PRO A 1321 7.89 -41.57 -63.18
CA PRO A 1321 8.30 -40.69 -62.09
C PRO A 1321 9.38 -41.29 -61.18
N LEU A 1322 9.22 -42.56 -60.80
CA LEU A 1322 10.19 -43.25 -59.95
C LEU A 1322 11.54 -43.43 -60.66
N ASP A 1323 11.51 -43.82 -61.92
CA ASP A 1323 12.72 -44.02 -62.72
C ASP A 1323 13.46 -42.69 -62.92
N ALA A 1324 12.72 -41.60 -63.17
CA ALA A 1324 13.26 -40.25 -63.27
C ALA A 1324 13.92 -39.81 -61.96
N ALA A 1325 13.27 -40.06 -60.82
CA ALA A 1325 13.86 -39.80 -59.51
C ALA A 1325 15.17 -40.58 -59.32
N CYS A 1326 15.21 -41.87 -59.69
CA CYS A 1326 16.41 -42.68 -59.59
C CYS A 1326 17.55 -42.11 -60.44
N ARG A 1327 17.28 -41.70 -61.68
CA ARG A 1327 18.27 -41.03 -62.54
C ARG A 1327 18.78 -39.73 -61.93
N ARG A 1328 17.87 -38.81 -61.56
CA ARG A 1328 18.23 -37.50 -60.95
C ARG A 1328 19.09 -37.67 -59.70
N GLY A 1329 18.66 -38.53 -58.78
CA GLY A 1329 19.41 -38.77 -57.55
C GLY A 1329 20.78 -39.35 -57.84
N GLY A 1330 20.86 -40.38 -58.68
CA GLY A 1330 22.12 -41.02 -59.03
C GLY A 1330 23.13 -40.04 -59.63
N ARG A 1331 22.69 -39.29 -60.65
CA ARG A 1331 23.50 -38.25 -61.30
C ARG A 1331 24.00 -37.23 -60.30
N THR A 1332 23.10 -36.69 -59.47
CA THR A 1332 23.46 -35.60 -58.56
C THR A 1332 24.35 -36.07 -57.43
N LEU A 1333 24.17 -37.30 -56.93
CA LEU A 1333 25.06 -37.89 -55.93
C LEU A 1333 26.49 -38.01 -56.46
N ALA A 1334 26.65 -38.55 -57.68
CA ALA A 1334 27.96 -38.68 -58.30
C ALA A 1334 28.64 -37.30 -58.42
N LEU A 1335 27.88 -36.30 -58.87
CA LEU A 1335 28.34 -34.91 -58.97
C LEU A 1335 28.81 -34.38 -57.61
N VAL A 1336 27.91 -34.32 -56.63
CA VAL A 1336 28.16 -33.65 -55.36
C VAL A 1336 29.27 -34.36 -54.59
N ARG A 1337 29.24 -35.68 -54.48
CA ARG A 1337 30.30 -36.42 -53.80
C ARG A 1337 31.64 -36.23 -54.49
N GLY A 1338 31.69 -36.39 -55.82
CA GLY A 1338 32.95 -36.32 -56.54
C GLY A 1338 33.62 -34.96 -56.37
N PHE A 1339 32.83 -33.90 -56.27
CA PHE A 1339 33.36 -32.57 -56.04
C PHE A 1339 33.70 -32.29 -54.57
N LEU A 1340 32.91 -32.78 -53.61
CA LEU A 1340 33.29 -32.71 -52.21
C LEU A 1340 34.63 -33.40 -51.95
N GLN A 1341 34.85 -34.56 -52.57
CA GLN A 1341 36.10 -35.32 -52.46
C GLN A 1341 37.35 -34.52 -52.90
N GLU A 1342 37.18 -33.39 -53.57
CA GLU A 1342 38.26 -32.71 -54.28
C GLU A 1342 38.44 -31.24 -53.91
N TYR A 1343 37.48 -30.59 -53.27
CA TYR A 1343 37.66 -29.22 -52.78
C TYR A 1343 36.88 -28.86 -51.51
N ALA A 1344 36.30 -29.82 -50.78
CA ALA A 1344 35.63 -29.51 -49.52
C ALA A 1344 36.55 -28.80 -48.50
N GLU A 1345 37.87 -29.02 -48.58
CA GLU A 1345 38.87 -28.35 -47.78
C GLU A 1345 38.92 -26.82 -48.00
N GLN A 1346 38.41 -26.32 -49.12
CA GLN A 1346 38.34 -24.88 -49.41
C GLN A 1346 37.13 -24.20 -48.71
N THR A 1347 36.27 -24.96 -48.03
CA THR A 1347 34.96 -24.53 -47.50
C THR A 1347 34.08 -23.89 -48.59
N PRO A 1348 33.77 -24.61 -49.68
CA PRO A 1348 32.89 -24.11 -50.72
C PRO A 1348 31.46 -23.91 -50.20
N ARG A 1349 30.72 -22.97 -50.78
CA ARG A 1349 29.27 -22.89 -50.63
C ARG A 1349 28.58 -23.76 -51.67
N ILE A 1350 27.47 -24.41 -51.36
CA ILE A 1350 26.75 -25.26 -52.33
C ILE A 1350 25.30 -24.79 -52.51
N VAL A 1351 24.86 -24.62 -53.75
CA VAL A 1351 23.47 -24.30 -54.07
C VAL A 1351 22.88 -25.41 -54.91
N LEU A 1352 21.80 -26.04 -54.43
CA LEU A 1352 21.04 -26.99 -55.22
C LEU A 1352 19.77 -26.30 -55.70
N CYS A 1353 19.60 -26.18 -57.01
CA CYS A 1353 18.56 -25.38 -57.62
C CYS A 1353 17.55 -26.27 -58.32
N SER A 1354 16.51 -26.68 -57.59
CA SER A 1354 15.43 -27.53 -58.09
C SER A 1354 14.38 -26.73 -58.85
N ALA A 1355 13.45 -27.41 -59.51
CA ALA A 1355 12.38 -26.78 -60.25
C ALA A 1355 11.04 -27.44 -59.90
N GLY A 1356 10.18 -26.73 -59.19
CA GLY A 1356 8.86 -27.23 -58.79
C GLY A 1356 8.91 -28.40 -57.81
N ALA A 1357 9.96 -28.50 -56.99
CA ALA A 1357 10.02 -29.43 -55.87
C ALA A 1357 9.11 -29.00 -54.70
N ALA A 1358 8.90 -27.69 -54.50
CA ALA A 1358 8.30 -27.16 -53.29
C ALA A 1358 6.76 -27.24 -53.33
N ALA A 1359 6.20 -28.00 -52.40
CA ALA A 1359 4.78 -27.96 -52.05
C ALA A 1359 4.42 -26.65 -51.33
N GLY A 1360 3.13 -26.32 -51.22
CA GLY A 1360 2.66 -25.22 -50.36
C GLY A 1360 2.82 -23.82 -50.97
N LEU A 1361 2.93 -23.72 -52.29
CA LEU A 1361 3.08 -22.47 -53.05
C LEU A 1361 2.14 -22.47 -54.26
N ALA A 1362 1.89 -21.30 -54.83
CA ALA A 1362 0.90 -21.10 -55.90
C ALA A 1362 1.22 -21.82 -57.23
N GLY A 1363 2.48 -22.16 -57.48
CA GLY A 1363 2.99 -22.64 -58.78
C GLY A 1363 2.65 -24.09 -59.16
N GLY A 1364 1.38 -24.48 -59.05
CA GLY A 1364 0.89 -25.82 -59.41
C GLY A 1364 1.33 -26.94 -58.45
N PRO A 1365 0.91 -28.19 -58.69
CA PRO A 1365 1.33 -29.33 -57.89
C PRO A 1365 2.83 -29.60 -58.08
N PRO A 1366 3.56 -30.03 -57.03
CA PRO A 1366 4.99 -30.30 -57.13
C PRO A 1366 5.28 -31.58 -57.92
N HIS A 1367 6.45 -31.65 -58.54
CA HIS A 1367 6.86 -32.79 -59.37
C HIS A 1367 7.61 -33.84 -58.52
N PRO A 1368 7.11 -35.07 -58.34
CA PRO A 1368 7.75 -36.07 -57.48
C PRO A 1368 9.18 -36.40 -57.88
N ALA A 1369 9.49 -36.39 -59.18
CA ALA A 1369 10.84 -36.68 -59.67
C ALA A 1369 11.93 -35.76 -59.10
N GLN A 1370 11.58 -34.58 -58.58
CA GLN A 1370 12.54 -33.65 -57.96
C GLN A 1370 12.96 -34.08 -56.54
N ALA A 1371 12.21 -34.94 -55.86
CA ALA A 1371 12.39 -35.22 -54.44
C ALA A 1371 13.82 -35.62 -53.99
N PRO A 1372 14.63 -36.34 -54.78
CA PRO A 1372 16.00 -36.64 -54.39
C PRO A 1372 16.84 -35.41 -54.07
N LEU A 1373 16.57 -34.26 -54.69
CA LEU A 1373 17.30 -33.02 -54.41
C LEU A 1373 17.07 -32.52 -52.98
N THR A 1374 15.85 -32.52 -52.47
CA THR A 1374 15.61 -32.07 -51.08
C THR A 1374 16.20 -33.03 -50.07
N ALA A 1375 16.14 -34.34 -50.34
CA ALA A 1375 16.80 -35.35 -49.52
C ALA A 1375 18.31 -35.19 -49.51
N LEU A 1376 18.92 -34.93 -50.66
CA LEU A 1376 20.34 -34.69 -50.77
C LEU A 1376 20.74 -33.41 -50.02
N PHE A 1377 19.99 -32.33 -50.18
CA PHE A 1377 20.21 -31.11 -49.42
C PHE A 1377 20.23 -31.37 -47.92
N THR A 1378 19.17 -31.96 -47.36
CA THR A 1378 19.16 -32.16 -45.91
C THR A 1378 20.28 -33.09 -45.45
N SER A 1379 20.67 -34.07 -46.27
CA SER A 1379 21.82 -34.89 -45.95
C SER A 1379 23.09 -34.07 -45.84
N LEU A 1380 23.34 -33.12 -46.75
CA LEU A 1380 24.47 -32.20 -46.61
C LEU A 1380 24.34 -31.34 -45.36
N VAL A 1381 23.15 -30.88 -45.01
CA VAL A 1381 22.93 -30.03 -43.84
C VAL A 1381 23.38 -30.69 -42.55
N TRP A 1382 23.15 -31.99 -42.39
CA TRP A 1382 23.50 -32.71 -41.16
C TRP A 1382 24.83 -33.46 -41.23
N GLU A 1383 25.30 -33.89 -42.41
CA GLU A 1383 26.52 -34.68 -42.54
C GLU A 1383 27.79 -33.86 -42.76
N HIS A 1384 27.69 -32.69 -43.39
CA HIS A 1384 28.83 -31.78 -43.61
C HIS A 1384 28.50 -30.37 -43.12
N PRO A 1385 28.12 -30.22 -41.83
CA PRO A 1385 27.53 -28.99 -41.33
C PRO A 1385 28.43 -27.77 -41.45
N GLU A 1386 29.74 -27.95 -41.57
CA GLU A 1386 30.70 -26.88 -41.79
C GLU A 1386 30.53 -26.16 -43.13
N LEU A 1387 29.92 -26.80 -44.14
CA LEU A 1387 29.71 -26.20 -45.46
C LEU A 1387 28.40 -25.42 -45.52
N PRO A 1388 28.42 -24.09 -45.74
CA PRO A 1388 27.20 -23.35 -45.93
C PRO A 1388 26.55 -23.74 -47.25
N CYS A 1389 25.23 -23.92 -47.28
CA CYS A 1389 24.54 -24.35 -48.48
C CYS A 1389 23.06 -23.99 -48.47
N ALA A 1390 22.42 -24.02 -49.63
CA ALA A 1390 21.00 -23.73 -49.74
C ALA A 1390 20.35 -24.58 -50.81
N GLN A 1391 19.09 -24.90 -50.63
CA GLN A 1391 18.26 -25.43 -51.69
C GLN A 1391 17.32 -24.32 -52.12
N VAL A 1392 17.33 -23.99 -53.40
CA VAL A 1392 16.44 -22.99 -54.01
C VAL A 1392 15.49 -23.72 -54.93
N ASP A 1393 14.18 -23.57 -54.75
CA ASP A 1393 13.21 -24.11 -55.71
C ASP A 1393 12.65 -23.03 -56.61
N LEU A 1394 12.98 -23.10 -57.89
CA LEU A 1394 12.42 -22.23 -58.91
C LEU A 1394 11.03 -22.70 -59.31
N ASP A 1395 10.23 -21.79 -59.86
CA ASP A 1395 9.04 -22.21 -60.60
C ASP A 1395 9.48 -22.99 -61.85
N PRO A 1396 8.88 -24.15 -62.16
CA PRO A 1396 9.31 -24.97 -63.27
C PRO A 1396 8.92 -24.43 -64.65
N ALA A 1397 8.01 -23.44 -64.71
CA ALA A 1397 7.37 -22.98 -65.93
C ALA A 1397 7.61 -21.48 -66.21
N GLU A 1398 7.69 -20.63 -65.19
CA GLU A 1398 8.17 -19.25 -65.36
C GLU A 1398 9.64 -19.21 -65.82
N ASP A 1399 10.09 -18.07 -66.33
CA ASP A 1399 11.51 -17.86 -66.59
C ASP A 1399 12.31 -17.79 -65.27
N PRO A 1400 13.51 -18.39 -65.20
CA PRO A 1400 14.34 -18.30 -64.01
C PRO A 1400 14.79 -16.86 -63.76
N PRO A 1401 15.01 -16.46 -62.50
CA PRO A 1401 15.54 -15.15 -62.17
C PRO A 1401 17.00 -15.01 -62.61
N THR A 1402 17.51 -13.77 -62.65
CA THR A 1402 18.93 -13.50 -62.88
C THR A 1402 19.79 -14.17 -61.81
N VAL A 1403 20.92 -14.73 -62.19
CA VAL A 1403 21.79 -15.49 -61.27
C VAL A 1403 22.31 -14.63 -60.13
N VAL A 1404 22.52 -13.33 -60.35
CA VAL A 1404 22.91 -12.40 -59.28
C VAL A 1404 21.81 -12.21 -58.25
N SER A 1405 20.54 -12.32 -58.65
CA SER A 1405 19.44 -12.37 -57.70
C SER A 1405 19.57 -13.62 -56.81
N LEU A 1406 19.83 -14.78 -57.40
CA LEU A 1406 20.04 -16.01 -56.63
C LEU A 1406 21.20 -15.85 -55.65
N LEU A 1407 22.40 -15.60 -56.15
CA LEU A 1407 23.59 -15.64 -55.30
C LEU A 1407 23.59 -14.52 -54.27
N GLY A 1408 23.01 -13.36 -54.59
CA GLY A 1408 22.75 -12.35 -53.59
C GLY A 1408 21.85 -12.90 -52.48
N GLN A 1409 20.65 -13.36 -52.84
CA GLN A 1409 19.69 -13.83 -51.85
C GLN A 1409 20.23 -15.01 -51.03
N VAL A 1410 20.96 -15.93 -51.65
CA VAL A 1410 21.62 -17.04 -50.95
C VAL A 1410 22.63 -16.52 -49.95
N MET A 1411 23.52 -15.61 -50.34
CA MET A 1411 24.59 -15.15 -49.46
C MET A 1411 24.12 -14.21 -48.35
N ARG A 1412 22.82 -13.93 -48.23
CA ARG A 1412 22.21 -13.45 -46.98
C ARG A 1412 22.46 -14.45 -45.84
N LEU A 1413 22.49 -15.74 -46.15
CA LEU A 1413 22.49 -16.83 -45.18
C LEU A 1413 23.91 -17.26 -44.80
N PRO A 1414 24.36 -17.08 -43.55
CA PRO A 1414 25.36 -17.97 -43.00
C PRO A 1414 24.72 -19.34 -42.81
N GLY A 1415 25.52 -20.41 -42.79
CA GLY A 1415 24.97 -21.75 -42.57
C GLY A 1415 24.04 -22.20 -43.69
N ALA A 1416 22.81 -22.61 -43.37
CA ALA A 1416 21.93 -23.21 -44.37
C ALA A 1416 20.45 -22.90 -44.20
N GLY A 1417 19.70 -23.02 -45.29
CA GLY A 1417 18.25 -22.81 -45.34
C GLY A 1417 17.63 -23.23 -46.67
N ARG A 1418 16.30 -23.30 -46.73
CA ARG A 1418 15.53 -23.61 -47.94
C ARG A 1418 14.80 -22.38 -48.43
N LEU A 1419 14.92 -22.06 -49.71
CA LEU A 1419 14.30 -20.91 -50.35
C LEU A 1419 13.47 -21.34 -51.55
N ALA A 1420 12.50 -20.54 -51.94
CA ALA A 1420 11.77 -20.75 -53.18
C ALA A 1420 11.38 -19.41 -53.82
N VAL A 1421 11.19 -19.43 -55.14
CA VAL A 1421 10.81 -18.26 -55.92
C VAL A 1421 9.54 -18.54 -56.70
N ARG A 1422 8.57 -17.63 -56.67
CA ARG A 1422 7.35 -17.68 -57.50
C ARG A 1422 6.99 -16.26 -57.91
N GLY A 1423 6.98 -15.95 -59.20
CA GLY A 1423 7.03 -14.56 -59.67
C GLY A 1423 8.30 -13.87 -59.15
N GLY A 1424 8.20 -12.61 -58.75
CA GLY A 1424 9.28 -11.92 -58.06
C GLY A 1424 9.38 -12.23 -56.56
N ARG A 1425 8.39 -12.92 -55.99
CA ARG A 1425 8.33 -13.20 -54.55
C ARG A 1425 9.37 -14.25 -54.15
N TRP A 1426 10.11 -13.97 -53.08
CA TRP A 1426 11.00 -14.92 -52.42
C TRP A 1426 10.38 -15.44 -51.14
N PHE A 1427 10.44 -16.75 -50.94
CA PHE A 1427 9.92 -17.41 -49.76
C PHE A 1427 11.00 -18.22 -49.06
N GLU A 1428 10.89 -18.35 -47.75
CA GLU A 1428 11.78 -19.16 -46.93
C GLU A 1428 10.96 -20.12 -46.08
N ALA A 1429 11.40 -21.36 -45.94
CA ALA A 1429 10.69 -22.35 -45.15
C ALA A 1429 10.93 -22.17 -43.65
N ARG A 1430 9.90 -22.33 -42.82
CA ARG A 1430 10.01 -22.53 -41.38
C ARG A 1430 9.36 -23.85 -41.03
N LEU A 1431 9.95 -24.63 -40.14
CA LEU A 1431 9.26 -25.78 -39.55
C LEU A 1431 8.63 -25.32 -38.25
N GLU A 1432 7.32 -25.34 -38.17
CA GLU A 1432 6.57 -24.83 -37.03
C GLU A 1432 5.38 -25.72 -36.68
N ARG A 1433 4.91 -25.56 -35.44
CA ARG A 1433 4.16 -26.59 -34.71
C ARG A 1433 2.94 -26.02 -34.03
N ARG A 1434 1.87 -26.82 -33.97
CA ARG A 1434 0.57 -26.46 -33.39
C ARG A 1434 -0.13 -27.67 -32.77
N PRO A 1435 -1.08 -27.48 -31.84
CA PRO A 1435 -1.78 -28.59 -31.19
C PRO A 1435 -2.56 -29.48 -32.15
N ALA A 1436 -2.88 -30.70 -31.70
CA ALA A 1436 -3.60 -31.70 -32.49
C ALA A 1436 -4.81 -32.24 -31.70
N PRO A 1437 -6.05 -31.80 -32.02
CA PRO A 1437 -7.25 -32.23 -31.32
C PRO A 1437 -7.63 -33.70 -31.60
N ALA A 1438 -7.20 -34.63 -30.75
CA ALA A 1438 -7.49 -36.06 -30.89
C ALA A 1438 -8.98 -36.40 -30.66
N ASP A 1439 -9.73 -35.54 -29.96
CA ASP A 1439 -11.17 -35.67 -29.74
C ASP A 1439 -11.98 -35.70 -31.06
N ARG A 1440 -11.42 -35.19 -32.16
CA ARG A 1440 -12.01 -35.34 -33.50
C ARG A 1440 -12.16 -36.82 -33.89
N GLY A 1441 -11.15 -37.65 -33.58
CA GLY A 1441 -11.20 -39.10 -33.81
C GLY A 1441 -12.07 -39.85 -32.79
N GLU A 1442 -12.17 -39.33 -31.56
CA GLU A 1442 -13.08 -39.86 -30.54
C GLU A 1442 -14.56 -39.63 -30.92
N ARG A 1443 -14.86 -38.51 -31.59
CA ARG A 1443 -16.17 -38.29 -32.24
C ARG A 1443 -16.35 -39.17 -33.47
N LEU A 1444 -15.39 -39.19 -34.41
CA LEU A 1444 -15.49 -40.01 -35.63
C LEU A 1444 -15.20 -41.50 -35.39
N ALA A 1445 -16.22 -42.24 -34.96
CA ALA A 1445 -16.28 -43.66 -35.28
C ALA A 1445 -16.44 -43.81 -36.80
N LEU A 1446 -15.67 -44.72 -37.42
CA LEU A 1446 -15.72 -44.93 -38.87
C LEU A 1446 -17.02 -45.63 -39.29
N ARG A 1447 -17.47 -45.44 -40.54
CA ARG A 1447 -18.76 -45.97 -40.97
C ARG A 1447 -18.81 -47.51 -40.95
N PRO A 1448 -19.89 -48.13 -40.45
CA PRO A 1448 -19.95 -49.57 -40.22
C PRO A 1448 -20.14 -50.41 -41.48
N ASP A 1449 -20.69 -49.84 -42.55
CA ASP A 1449 -21.08 -50.53 -43.78
C ASP A 1449 -19.94 -50.62 -44.82
N ALA A 1450 -18.71 -50.83 -44.37
CA ALA A 1450 -17.52 -50.64 -45.19
C ALA A 1450 -16.36 -51.58 -44.89
N THR A 1451 -15.51 -51.78 -45.90
CA THR A 1451 -14.21 -52.43 -45.79
C THR A 1451 -13.10 -51.40 -45.67
N TYR A 1452 -12.09 -51.71 -44.86
CA TYR A 1452 -10.86 -50.95 -44.70
C TYR A 1452 -9.65 -51.83 -45.00
N LEU A 1453 -8.63 -51.29 -45.66
CA LEU A 1453 -7.41 -52.04 -46.02
C LEU A 1453 -6.23 -51.57 -45.19
N VAL A 1454 -5.55 -52.48 -44.54
CA VAL A 1454 -4.31 -52.21 -43.80
C VAL A 1454 -3.20 -52.96 -44.49
N ALA A 1455 -2.16 -52.27 -44.93
CA ALA A 1455 -1.23 -52.80 -45.91
C ALA A 1455 0.24 -52.54 -45.55
N GLY A 1456 1.11 -53.45 -45.98
CA GLY A 1456 2.57 -53.25 -46.03
C GLY A 1456 3.33 -53.16 -44.70
N GLY A 1457 2.66 -53.15 -43.55
CA GLY A 1457 3.30 -53.04 -42.25
C GLY A 1457 3.92 -54.34 -41.75
N ASP A 1458 4.81 -54.24 -40.75
CA ASP A 1458 5.15 -55.39 -39.90
C ASP A 1458 4.00 -55.72 -38.93
N THR A 1459 4.10 -56.86 -38.26
CA THR A 1459 3.05 -57.34 -37.35
C THR A 1459 2.79 -56.40 -36.19
N ARG A 1460 3.81 -55.71 -35.67
CA ARG A 1460 3.67 -54.81 -34.52
C ARG A 1460 2.80 -53.61 -34.88
N HIS A 1461 3.09 -52.93 -35.98
CA HIS A 1461 2.25 -51.84 -36.46
C HIS A 1461 0.88 -52.36 -36.86
N ALA A 1462 0.81 -53.48 -37.59
CA ALA A 1462 -0.45 -54.02 -38.08
C ALA A 1462 -1.42 -54.32 -36.94
N ALA A 1463 -0.94 -54.93 -35.86
CA ALA A 1463 -1.78 -55.24 -34.71
C ALA A 1463 -2.41 -53.98 -34.10
N ALA A 1464 -1.62 -52.91 -33.96
CA ALA A 1464 -2.14 -51.66 -33.40
C ALA A 1464 -3.13 -50.96 -34.33
N ALA A 1465 -2.87 -50.95 -35.64
CA ALA A 1465 -3.82 -50.41 -36.61
C ALA A 1465 -5.13 -51.18 -36.60
N LEU A 1466 -5.06 -52.51 -36.63
CA LEU A 1466 -6.20 -53.40 -36.60
C LEU A 1466 -7.02 -53.23 -35.32
N GLU A 1467 -6.36 -53.13 -34.17
CA GLU A 1467 -7.00 -52.84 -32.90
C GLU A 1467 -7.69 -51.48 -32.90
N TRP A 1468 -7.04 -50.44 -33.43
CA TRP A 1468 -7.62 -49.11 -33.49
C TRP A 1468 -8.87 -49.09 -34.38
N LEU A 1469 -8.82 -49.77 -35.53
CA LEU A 1469 -9.97 -49.95 -36.39
C LEU A 1469 -11.13 -50.62 -35.64
N ALA A 1470 -10.85 -51.70 -34.90
CA ALA A 1470 -11.87 -52.38 -34.10
C ALA A 1470 -12.47 -51.46 -33.03
N ALA A 1471 -11.63 -50.71 -32.31
CA ALA A 1471 -12.06 -49.76 -31.29
C ALA A 1471 -12.90 -48.62 -31.86
N ARG A 1472 -12.60 -48.16 -33.08
CA ARG A 1472 -13.36 -47.12 -33.81
C ARG A 1472 -14.44 -47.67 -34.74
N GLY A 1473 -14.87 -48.92 -34.52
CA GLY A 1473 -16.12 -49.46 -35.08
C GLY A 1473 -16.04 -50.00 -36.51
N ALA A 1474 -14.85 -50.24 -37.06
CA ALA A 1474 -14.70 -50.92 -38.35
C ALA A 1474 -15.17 -52.38 -38.28
N ARG A 1475 -15.86 -52.87 -39.31
CA ARG A 1475 -16.49 -54.21 -39.32
C ARG A 1475 -15.90 -55.20 -40.32
N SER A 1476 -15.42 -54.73 -41.47
CA SER A 1476 -14.72 -55.53 -42.47
C SER A 1476 -13.30 -55.00 -42.68
N VAL A 1477 -12.28 -55.84 -42.57
CA VAL A 1477 -10.87 -55.43 -42.72
C VAL A 1477 -10.07 -56.45 -43.52
N VAL A 1478 -9.18 -55.97 -44.40
CA VAL A 1478 -8.18 -56.81 -45.06
C VAL A 1478 -6.77 -56.46 -44.60
N LEU A 1479 -6.05 -57.43 -44.07
CA LEU A 1479 -4.61 -57.37 -43.84
C LEU A 1479 -3.86 -57.66 -45.14
N ALA A 1480 -3.72 -56.64 -45.96
CA ALA A 1480 -2.94 -56.63 -47.19
C ALA A 1480 -1.42 -56.56 -46.89
N GLY A 1481 -0.93 -57.44 -46.03
CA GLY A 1481 0.50 -57.59 -45.72
C GLY A 1481 1.11 -58.81 -46.38
N ALA A 1482 2.40 -58.78 -46.68
CA ALA A 1482 3.17 -59.94 -47.16
C ALA A 1482 3.27 -61.03 -46.09
N GLU A 1483 3.40 -60.65 -44.82
CA GLU A 1483 3.43 -61.58 -43.69
C GLU A 1483 2.09 -62.30 -43.47
N SER A 1484 0.98 -61.69 -43.89
CA SER A 1484 -0.37 -61.95 -43.35
C SER A 1484 -0.91 -63.39 -43.47
N GLU A 1485 -0.39 -64.23 -44.36
CA GLU A 1485 -0.75 -65.66 -44.43
C GLU A 1485 0.46 -66.61 -44.42
N ARG A 1486 1.69 -66.09 -44.49
CA ARG A 1486 2.92 -66.90 -44.33
C ARG A 1486 3.28 -67.07 -42.85
N GLY A 1487 3.04 -66.03 -42.05
CA GLY A 1487 2.74 -66.14 -40.63
C GLY A 1487 1.25 -66.39 -40.41
N ASP A 1488 0.87 -67.00 -39.30
CA ASP A 1488 -0.55 -67.31 -39.02
C ASP A 1488 -1.36 -66.04 -38.72
N LEU A 1489 -0.76 -65.06 -38.03
CA LEU A 1489 -1.43 -63.85 -37.52
C LEU A 1489 -2.66 -64.17 -36.65
N ALA A 1490 -2.59 -65.27 -35.87
CA ALA A 1490 -3.61 -65.64 -34.89
C ALA A 1490 -3.76 -64.59 -33.76
N GLY A 1491 -2.67 -63.94 -33.35
CA GLY A 1491 -2.71 -62.80 -32.42
C GLY A 1491 -3.45 -61.61 -33.01
N ALA A 1492 -3.17 -61.25 -34.27
CA ALA A 1492 -3.88 -60.18 -34.97
C ALA A 1492 -5.38 -60.49 -35.07
N ARG A 1493 -5.78 -61.71 -35.47
CA ARG A 1493 -7.20 -62.11 -35.44
C ARG A 1493 -7.80 -62.04 -34.04
N THR A 1494 -7.07 -62.48 -33.03
CA THR A 1494 -7.54 -62.47 -31.63
C THR A 1494 -7.87 -61.05 -31.15
N THR A 1495 -7.02 -60.06 -31.42
CA THR A 1495 -7.33 -58.66 -31.09
C THR A 1495 -8.37 -58.06 -32.05
N GLY A 1496 -8.31 -58.37 -33.35
CA GLY A 1496 -9.26 -57.86 -34.33
C GLY A 1496 -10.70 -58.23 -34.01
N HIS A 1497 -10.96 -59.50 -33.69
CA HIS A 1497 -12.27 -60.00 -33.29
C HIS A 1497 -12.75 -59.52 -31.90
N ALA A 1498 -12.05 -58.58 -31.26
CA ALA A 1498 -12.66 -57.75 -30.21
C ALA A 1498 -13.79 -56.85 -30.75
N GLY A 1499 -13.85 -56.61 -32.07
CA GLY A 1499 -14.97 -55.92 -32.72
C GLY A 1499 -15.13 -56.18 -34.22
N ILE A 1500 -14.08 -56.53 -34.94
CA ILE A 1500 -14.12 -56.77 -36.39
C ILE A 1500 -14.83 -58.09 -36.68
N GLU A 1501 -15.91 -58.01 -37.45
CA GLU A 1501 -16.77 -59.16 -37.78
C GLU A 1501 -16.16 -59.98 -38.92
N ARG A 1502 -15.65 -59.32 -39.96
CA ARG A 1502 -15.03 -59.94 -41.13
C ARG A 1502 -13.58 -59.51 -41.24
N LEU A 1503 -12.67 -60.47 -41.22
CA LEU A 1503 -11.23 -60.21 -41.27
C LEU A 1503 -10.58 -61.16 -42.29
N GLU A 1504 -9.76 -60.60 -43.17
CA GLU A 1504 -9.12 -61.33 -44.26
C GLU A 1504 -7.64 -60.99 -44.36
N HIS A 1505 -6.88 -61.88 -44.98
CA HIS A 1505 -5.43 -61.87 -45.09
C HIS A 1505 -5.06 -62.24 -46.55
N VAL A 1506 -3.84 -61.96 -47.01
CA VAL A 1506 -3.51 -62.08 -48.46
C VAL A 1506 -2.12 -62.64 -48.78
N ALA A 1507 -1.13 -62.48 -47.90
CA ALA A 1507 0.30 -62.67 -48.19
C ALA A 1507 0.75 -61.98 -49.51
N VAL A 1508 0.31 -60.73 -49.71
CA VAL A 1508 0.60 -59.94 -50.90
C VAL A 1508 2.03 -59.41 -50.92
N ASP A 1509 2.77 -59.69 -51.99
CA ASP A 1509 3.97 -58.91 -52.33
C ASP A 1509 3.56 -57.59 -53.00
N LEU A 1510 3.61 -56.48 -52.26
CA LEU A 1510 3.21 -55.17 -52.78
C LEU A 1510 4.08 -54.67 -53.94
N SER A 1511 5.29 -55.21 -54.15
CA SER A 1511 6.11 -54.85 -55.31
C SER A 1511 5.56 -55.45 -56.62
N SER A 1512 4.72 -56.49 -56.55
CA SER A 1512 4.13 -57.16 -57.71
C SER A 1512 2.84 -56.50 -58.16
N ALA A 1513 2.83 -55.95 -59.38
CA ALA A 1513 1.63 -55.38 -59.98
C ALA A 1513 0.49 -56.40 -60.07
N ALA A 1514 0.79 -57.68 -60.35
CA ALA A 1514 -0.21 -58.73 -60.41
C ALA A 1514 -0.91 -58.95 -59.07
N ASP A 1515 -0.16 -59.04 -57.98
CA ASP A 1515 -0.75 -59.23 -56.65
C ASP A 1515 -1.47 -57.96 -56.18
N VAL A 1516 -0.95 -56.78 -56.51
CA VAL A 1516 -1.65 -55.51 -56.27
C VAL A 1516 -2.96 -55.43 -57.06
N ALA A 1517 -2.99 -55.93 -58.29
CA ALA A 1517 -4.24 -56.08 -59.04
C ALA A 1517 -5.19 -57.06 -58.35
N ARG A 1518 -4.69 -58.15 -57.76
CA ARG A 1518 -5.52 -59.05 -56.96
C ARG A 1518 -6.11 -58.35 -55.74
N LEU A 1519 -5.38 -57.47 -55.05
CA LEU A 1519 -5.96 -56.66 -53.97
C LEU A 1519 -7.14 -55.82 -54.48
N ALA A 1520 -6.97 -55.16 -55.63
CA ALA A 1520 -8.05 -54.36 -56.21
C ALA A 1520 -9.26 -55.24 -56.55
N GLU A 1521 -9.05 -56.41 -57.16
CA GLU A 1521 -10.13 -57.36 -57.45
C GLU A 1521 -10.84 -57.86 -56.18
N LEU A 1522 -10.09 -58.29 -55.16
CA LEU A 1522 -10.66 -58.75 -53.89
C LEU A 1522 -11.42 -57.62 -53.20
N CYS A 1523 -10.88 -56.40 -53.21
CA CYS A 1523 -11.56 -55.24 -52.66
C CYS A 1523 -12.86 -54.90 -53.42
N ALA A 1524 -12.94 -55.25 -54.70
CA ALA A 1524 -14.09 -55.06 -55.55
C ALA A 1524 -15.07 -56.27 -55.60
N ASP A 1525 -14.84 -57.31 -54.80
CA ASP A 1525 -15.54 -58.61 -54.93
C ASP A 1525 -17.03 -58.63 -54.53
N GLY A 1526 -17.59 -57.53 -54.01
CA GLY A 1526 -18.96 -57.44 -53.51
C GLY A 1526 -19.08 -57.38 -51.98
N ARG A 1527 -17.97 -57.41 -51.24
CA ARG A 1527 -17.90 -57.04 -49.81
C ARG A 1527 -18.49 -55.64 -49.51
N PRO A 1528 -18.73 -55.30 -48.23
CA PRO A 1528 -19.06 -53.92 -47.84
C PRO A 1528 -17.99 -52.97 -48.40
N PRO A 1529 -18.37 -51.92 -49.16
CA PRO A 1529 -17.46 -51.22 -50.06
C PRO A 1529 -16.29 -50.52 -49.37
N LEU A 1530 -15.24 -50.23 -50.13
CA LEU A 1530 -14.02 -49.64 -49.62
C LEU A 1530 -14.23 -48.21 -49.11
N ARG A 1531 -13.74 -47.89 -47.90
CA ARG A 1531 -13.76 -46.52 -47.38
C ARG A 1531 -12.46 -46.02 -46.77
N GLY A 1532 -11.51 -46.89 -46.41
CA GLY A 1532 -10.20 -46.44 -45.95
C GLY A 1532 -9.08 -47.37 -46.39
N VAL A 1533 -7.92 -46.80 -46.67
CA VAL A 1533 -6.69 -47.52 -47.02
C VAL A 1533 -5.55 -46.95 -46.21
N LEU A 1534 -4.72 -47.80 -45.63
CA LEU A 1534 -3.64 -47.39 -44.75
C LEU A 1534 -2.40 -48.23 -45.06
N LEU A 1535 -1.42 -47.64 -45.74
CA LEU A 1535 -0.12 -48.26 -45.94
C LEU A 1535 0.76 -47.86 -44.77
N LEU A 1536 1.14 -48.83 -43.95
CA LEU A 1536 1.84 -48.63 -42.68
C LEU A 1536 3.33 -48.33 -42.84
N PRO A 1537 4.02 -47.86 -41.78
CA PRO A 1537 5.44 -47.57 -41.82
C PRO A 1537 6.28 -48.79 -42.19
N GLN A 1538 7.41 -48.56 -42.85
CA GLN A 1538 8.36 -49.59 -43.23
C GLN A 1538 9.80 -49.16 -42.89
N PRO A 1539 10.68 -50.10 -42.54
CA PRO A 1539 12.11 -49.83 -42.43
C PRO A 1539 12.71 -49.54 -43.81
N VAL A 1540 13.78 -48.75 -43.84
CA VAL A 1540 14.62 -48.49 -45.02
C VAL A 1540 16.08 -48.57 -44.60
N ALA A 1541 16.95 -49.05 -45.48
CA ALA A 1541 18.38 -49.22 -45.19
C ALA A 1541 19.07 -47.91 -44.80
N GLY A 1542 20.04 -47.99 -43.89
CA GLY A 1542 20.89 -46.87 -43.53
C GLY A 1542 21.88 -46.46 -44.63
N GLY A 1543 22.35 -45.23 -44.57
CA GLY A 1543 23.40 -44.73 -45.46
C GLY A 1543 23.44 -43.21 -45.48
N GLY A 1544 24.57 -42.64 -45.08
CA GLY A 1544 24.95 -41.28 -45.42
C GLY A 1544 25.61 -41.23 -46.80
N LEU A 1545 25.96 -40.02 -47.26
CA LEU A 1545 26.53 -39.84 -48.60
C LEU A 1545 27.80 -40.65 -48.79
N ASP A 1546 28.71 -40.64 -47.82
CA ASP A 1546 29.96 -41.39 -47.92
C ASP A 1546 29.82 -42.92 -47.81
N GLU A 1547 28.61 -43.46 -47.71
CA GLU A 1547 28.32 -44.89 -47.86
C GLU A 1547 27.62 -45.22 -49.18
N LEU A 1548 27.55 -44.27 -50.12
CA LEU A 1548 26.57 -44.29 -51.20
C LEU A 1548 27.17 -43.88 -52.55
N ASP A 1549 26.58 -44.41 -53.62
CA ASP A 1549 26.85 -44.04 -55.02
C ASP A 1549 25.53 -44.11 -55.80
N GLY A 1550 25.52 -43.63 -57.04
CA GLY A 1550 24.28 -43.52 -57.80
C GLY A 1550 23.62 -44.86 -58.13
N ALA A 1551 24.42 -45.89 -58.42
CA ALA A 1551 23.89 -47.21 -58.73
C ALA A 1551 23.23 -47.85 -57.51
N ARG A 1552 23.85 -47.75 -56.31
CA ARG A 1552 23.23 -48.17 -55.06
C ARG A 1552 21.96 -47.34 -54.80
N PHE A 1553 22.02 -46.02 -54.94
CA PHE A 1553 20.88 -45.16 -54.64
C PHE A 1553 19.66 -45.51 -55.48
N GLY A 1554 19.81 -45.62 -56.80
CA GLY A 1554 18.68 -45.93 -57.67
C GLY A 1554 18.06 -47.28 -57.34
N ALA A 1555 18.88 -48.30 -57.07
CA ALA A 1555 18.40 -49.61 -56.69
C ALA A 1555 17.58 -49.55 -55.38
N GLU A 1556 18.12 -48.93 -54.35
CA GLU A 1556 17.47 -48.91 -53.03
C GLU A 1556 16.24 -48.00 -53.01
N LEU A 1557 16.26 -46.86 -53.69
CA LEU A 1557 15.09 -45.99 -53.80
C LEU A 1557 13.95 -46.70 -54.55
N ALA A 1558 14.25 -47.39 -55.64
CA ALA A 1558 13.24 -48.14 -56.38
C ALA A 1558 12.63 -49.23 -55.51
N GLY A 1559 13.47 -49.98 -54.78
CA GLY A 1559 13.01 -50.99 -53.83
C GLY A 1559 12.12 -50.42 -52.74
N ALA A 1560 12.45 -49.24 -52.20
CA ALA A 1560 11.65 -48.58 -51.19
C ALA A 1560 10.27 -48.13 -51.71
N LEU A 1561 10.22 -47.55 -52.91
CA LEU A 1561 9.01 -46.89 -53.40
C LEU A 1561 8.06 -47.79 -54.20
N ARG A 1562 8.51 -48.88 -54.82
CA ARG A 1562 7.66 -49.68 -55.73
C ARG A 1562 6.33 -50.09 -55.11
N GLY A 1563 6.34 -50.60 -53.88
CA GLY A 1563 5.13 -51.00 -53.16
C GLY A 1563 4.06 -49.90 -53.10
N PRO A 1564 4.29 -48.81 -52.39
CA PRO A 1564 3.30 -47.75 -52.27
C PRO A 1564 2.98 -47.08 -53.60
N VAL A 1565 3.95 -46.92 -54.50
CA VAL A 1565 3.70 -46.27 -55.80
C VAL A 1565 2.76 -47.12 -56.64
N GLU A 1566 3.05 -48.40 -56.85
CA GLU A 1566 2.22 -49.25 -57.70
C GLU A 1566 0.83 -49.45 -57.12
N LEU A 1567 0.69 -49.61 -55.80
CA LEU A 1567 -0.64 -49.69 -55.19
C LEU A 1567 -1.41 -48.38 -55.40
N THR A 1568 -0.81 -47.24 -55.07
CA THR A 1568 -1.47 -45.94 -55.19
C THR A 1568 -1.89 -45.69 -56.63
N ARG A 1569 -1.03 -46.01 -57.59
CA ARG A 1569 -1.33 -45.94 -59.02
C ARG A 1569 -2.52 -46.84 -59.36
N ARG A 1570 -2.41 -48.16 -59.14
CA ARG A 1570 -3.43 -49.12 -59.55
C ARG A 1570 -4.80 -48.81 -58.93
N PHE A 1571 -4.85 -48.50 -57.65
CA PHE A 1571 -6.11 -48.17 -56.97
C PHE A 1571 -6.73 -46.88 -57.51
N THR A 1572 -5.91 -45.95 -57.98
CA THR A 1572 -6.41 -44.71 -58.59
C THR A 1572 -6.88 -44.95 -60.03
N ASP A 1573 -6.15 -45.76 -60.80
CA ASP A 1573 -6.53 -46.13 -62.16
C ASP A 1573 -7.90 -46.83 -62.22
N VAL A 1574 -8.21 -47.70 -61.26
CA VAL A 1574 -9.51 -48.38 -61.17
C VAL A 1574 -10.57 -47.60 -60.36
N GLY A 1575 -10.23 -46.41 -59.84
CA GLY A 1575 -11.15 -45.56 -59.08
C GLY A 1575 -11.51 -46.04 -57.67
N LEU A 1576 -10.77 -46.99 -57.09
CA LEU A 1576 -10.89 -47.34 -55.67
C LEU A 1576 -10.40 -46.19 -54.77
N THR A 1577 -9.34 -45.49 -55.18
CA THR A 1577 -9.01 -44.17 -54.62
C THR A 1577 -10.18 -43.20 -54.93
N GLY A 1578 -10.59 -42.36 -53.98
CA GLY A 1578 -11.75 -41.46 -54.16
C GLY A 1578 -13.11 -42.14 -53.89
N GLY A 1579 -13.28 -43.41 -54.25
CA GLY A 1579 -14.29 -44.26 -53.61
C GLY A 1579 -13.97 -44.45 -52.12
N THR A 1580 -12.67 -44.56 -51.82
CA THR A 1580 -12.06 -44.43 -50.50
C THR A 1580 -12.27 -43.03 -49.92
N ASP A 1581 -12.73 -42.93 -48.68
CA ASP A 1581 -12.84 -41.67 -47.93
C ASP A 1581 -11.49 -41.20 -47.36
N PHE A 1582 -10.58 -42.12 -46.99
CA PHE A 1582 -9.27 -41.82 -46.40
C PHE A 1582 -8.18 -42.75 -46.93
N PHE A 1583 -7.24 -42.27 -47.73
CA PHE A 1583 -6.10 -43.06 -48.21
C PHE A 1583 -4.80 -42.50 -47.62
N VAL A 1584 -4.08 -43.28 -46.81
CA VAL A 1584 -2.93 -42.79 -46.04
C VAL A 1584 -1.64 -43.51 -46.43
N LEU A 1585 -0.62 -42.72 -46.72
CA LEU A 1585 0.75 -43.14 -46.95
C LEU A 1585 1.63 -42.78 -45.74
N SER A 1586 2.45 -43.71 -45.28
CA SER A 1586 3.35 -43.50 -44.13
C SER A 1586 4.69 -42.88 -44.52
N THR A 1587 5.16 -41.94 -43.71
CA THR A 1587 6.50 -41.35 -43.76
C THR A 1587 6.98 -41.02 -42.35
N SER A 1588 8.27 -40.79 -42.12
CA SER A 1588 8.76 -40.36 -40.82
C SER A 1588 8.70 -38.84 -40.65
N VAL A 1589 8.29 -38.35 -39.47
CA VAL A 1589 8.39 -36.92 -39.13
C VAL A 1589 9.82 -36.41 -39.21
N VAL A 1590 10.80 -37.28 -38.97
CA VAL A 1590 12.21 -36.95 -39.01
C VAL A 1590 12.61 -36.44 -40.39
N SER A 1591 11.94 -36.89 -41.45
CA SER A 1591 12.20 -36.41 -42.80
C SER A 1591 11.82 -34.94 -43.05
N LEU A 1592 11.13 -34.24 -42.14
CA LEU A 1592 10.84 -32.82 -42.32
C LEU A 1592 12.11 -31.95 -42.21
N PRO A 1593 12.85 -31.89 -41.09
CA PRO A 1593 14.17 -31.28 -41.06
C PRO A 1593 15.25 -32.18 -41.67
N GLY A 1594 14.98 -33.48 -41.80
CA GLY A 1594 15.92 -34.53 -42.14
C GLY A 1594 16.95 -34.81 -41.04
N ARG A 1595 17.82 -35.79 -41.27
CA ARG A 1595 18.77 -36.31 -40.29
C ARG A 1595 20.01 -36.89 -40.98
N ALA A 1596 21.14 -36.96 -40.29
CA ALA A 1596 22.33 -37.59 -40.86
C ALA A 1596 22.13 -39.09 -41.08
N GLY A 1597 22.72 -39.64 -42.15
CA GLY A 1597 22.84 -41.09 -42.34
C GLY A 1597 21.62 -41.80 -42.90
N THR A 1598 20.62 -41.08 -43.43
CA THR A 1598 19.33 -41.64 -43.87
C THR A 1598 18.90 -41.18 -45.26
N VAL A 1599 19.83 -41.10 -46.21
CA VAL A 1599 19.60 -40.48 -47.53
C VAL A 1599 18.39 -41.06 -48.22
N VAL A 1600 18.35 -42.39 -48.39
CA VAL A 1600 17.28 -43.06 -49.15
C VAL A 1600 15.93 -42.92 -48.46
N GLY A 1601 15.89 -43.08 -47.13
CA GLY A 1601 14.63 -42.96 -46.38
C GLY A 1601 14.05 -41.56 -46.47
N SER A 1602 14.90 -40.53 -46.44
CA SER A 1602 14.47 -39.16 -46.66
C SER A 1602 13.96 -38.94 -48.09
N ALA A 1603 14.65 -39.48 -49.10
CA ALA A 1603 14.22 -39.36 -50.48
C ALA A 1603 12.84 -39.99 -50.69
N ALA A 1604 12.63 -41.21 -50.22
CA ALA A 1604 11.34 -41.87 -50.33
C ALA A 1604 10.23 -41.08 -49.63
N ASP A 1605 10.47 -40.57 -48.41
CA ASP A 1605 9.49 -39.75 -47.71
C ASP A 1605 9.16 -38.45 -48.46
N ALA A 1606 10.15 -37.79 -49.03
CA ALA A 1606 9.91 -36.60 -49.83
C ALA A 1606 9.09 -36.96 -51.08
N PHE A 1607 9.45 -38.04 -51.78
CA PHE A 1607 8.75 -38.48 -52.97
C PHE A 1607 7.28 -38.78 -52.66
N LEU A 1608 6.99 -39.52 -51.60
CA LEU A 1608 5.60 -39.80 -51.21
C LEU A 1608 4.86 -38.54 -50.78
N THR A 1609 5.54 -37.57 -50.17
CA THR A 1609 4.90 -36.29 -49.84
C THR A 1609 4.46 -35.56 -51.11
N ALA A 1610 5.32 -35.47 -52.11
CA ALA A 1610 4.99 -34.86 -53.39
C ALA A 1610 3.88 -35.64 -54.12
N LEU A 1611 4.02 -36.96 -54.20
CA LEU A 1611 3.06 -37.84 -54.86
C LEU A 1611 1.67 -37.71 -54.26
N ALA A 1612 1.57 -37.69 -52.92
CA ALA A 1612 0.30 -37.50 -52.24
C ALA A 1612 -0.31 -36.16 -52.62
N ARG A 1613 0.45 -35.06 -52.60
CA ARG A 1613 -0.10 -33.75 -52.97
C ARG A 1613 -0.52 -33.64 -54.43
N HIS A 1614 0.18 -34.28 -55.35
CA HIS A 1614 -0.24 -34.34 -56.74
C HIS A 1614 -1.65 -34.94 -56.88
N HIS A 1615 -1.93 -36.07 -56.22
CA HIS A 1615 -3.28 -36.64 -56.21
C HIS A 1615 -4.28 -35.85 -55.35
N ARG A 1616 -3.84 -35.22 -54.26
CA ARG A 1616 -4.69 -34.39 -53.41
C ARG A 1616 -5.22 -33.17 -54.15
N GLN A 1617 -4.38 -32.53 -54.95
CA GLN A 1617 -4.75 -31.39 -55.79
C GLN A 1617 -5.53 -31.81 -57.04
N ALA A 1618 -5.48 -33.09 -57.43
CA ALA A 1618 -6.47 -33.70 -58.33
C ALA A 1618 -7.80 -34.03 -57.64
N GLY A 1619 -7.97 -33.71 -56.34
CA GLY A 1619 -9.22 -33.82 -55.59
C GLY A 1619 -9.42 -35.13 -54.81
N LEU A 1620 -8.48 -36.07 -54.87
CA LEU A 1620 -8.59 -37.35 -54.15
C LEU A 1620 -8.20 -37.19 -52.66
N PRO A 1621 -8.81 -37.90 -51.71
CA PRO A 1621 -8.45 -37.86 -50.30
C PRO A 1621 -7.21 -38.72 -49.98
N VAL A 1622 -6.09 -38.39 -50.60
CA VAL A 1622 -4.78 -39.03 -50.41
C VAL A 1622 -3.92 -38.15 -49.52
N VAL A 1623 -3.36 -38.71 -48.45
CA VAL A 1623 -2.51 -37.99 -47.49
C VAL A 1623 -1.22 -38.75 -47.22
N ALA A 1624 -0.07 -38.08 -47.29
CA ALA A 1624 1.16 -38.58 -46.71
C ALA A 1624 1.24 -38.07 -45.27
N ALA A 1625 1.22 -38.98 -44.31
CA ALA A 1625 1.37 -38.66 -42.90
C ALA A 1625 2.83 -38.87 -42.49
N ALA A 1626 3.42 -37.90 -41.80
CA ALA A 1626 4.76 -38.04 -41.26
C ALA A 1626 4.69 -38.24 -39.75
N TRP A 1627 5.14 -39.38 -39.25
CA TRP A 1627 4.92 -39.81 -37.86
C TRP A 1627 6.20 -39.99 -37.07
N GLY A 1628 6.12 -39.80 -35.75
CA GLY A 1628 7.16 -40.28 -34.84
C GLY A 1628 7.12 -41.80 -34.71
N PRO A 1629 8.07 -42.43 -34.02
CA PRO A 1629 8.06 -43.87 -33.82
C PRO A 1629 6.80 -44.31 -33.05
N TRP A 1630 6.12 -45.34 -33.53
CA TRP A 1630 4.97 -45.88 -32.82
C TRP A 1630 5.41 -46.59 -31.53
N LEU A 1631 4.77 -46.30 -30.41
CA LEU A 1631 5.15 -46.83 -29.10
C LEU A 1631 5.11 -48.36 -29.06
N GLU A 1632 4.08 -48.95 -29.64
CA GLU A 1632 3.94 -50.39 -29.84
C GLU A 1632 5.03 -51.00 -30.73
N SER A 1633 5.79 -50.19 -31.46
CA SER A 1633 6.90 -50.62 -32.31
C SER A 1633 8.27 -50.43 -31.64
N VAL A 1634 8.32 -49.93 -30.41
CA VAL A 1634 9.56 -49.82 -29.63
C VAL A 1634 10.04 -51.21 -29.25
N ASP A 1635 11.15 -51.64 -29.85
CA ASP A 1635 11.64 -53.00 -29.66
C ASP A 1635 12.26 -53.20 -28.27
N GLU A 1636 11.53 -53.89 -27.41
CA GLU A 1636 11.95 -54.26 -26.07
C GLU A 1636 13.18 -55.20 -26.07
N SER A 1637 13.48 -55.84 -27.20
CA SER A 1637 14.62 -56.74 -27.36
C SER A 1637 15.95 -55.97 -27.43
N ASP A 1638 15.92 -54.77 -27.98
CA ASP A 1638 17.02 -53.79 -27.95
C ASP A 1638 16.46 -52.39 -28.22
N GLU A 1639 16.30 -51.61 -27.16
CA GLU A 1639 15.67 -50.29 -27.20
C GLU A 1639 16.53 -49.23 -27.93
N ALA A 1640 17.75 -49.56 -28.38
CA ALA A 1640 18.70 -48.60 -28.95
C ALA A 1640 18.15 -47.62 -30.01
N PRO A 1641 17.28 -48.01 -30.97
CA PRO A 1641 16.68 -47.05 -31.89
C PRO A 1641 15.85 -46.00 -31.15
N ALA A 1642 14.99 -46.43 -30.23
CA ALA A 1642 14.20 -45.51 -29.42
C ALA A 1642 15.05 -44.70 -28.45
N VAL A 1643 16.17 -45.25 -27.94
CA VAL A 1643 17.15 -44.48 -27.16
C VAL A 1643 17.80 -43.38 -28.00
N ALA A 1644 18.23 -43.70 -29.22
CA ALA A 1644 18.83 -42.73 -30.13
C ALA A 1644 17.84 -41.60 -30.44
N PHE A 1645 16.59 -41.95 -30.79
CA PHE A 1645 15.54 -40.96 -30.97
C PHE A 1645 15.32 -40.13 -29.70
N ALA A 1646 15.25 -40.77 -28.53
CA ALA A 1646 15.01 -40.06 -27.28
C ALA A 1646 16.15 -39.08 -26.96
N GLU A 1647 17.41 -39.43 -27.19
CA GLU A 1647 18.50 -38.47 -27.03
C GLU A 1647 18.36 -37.31 -28.00
N ALA A 1648 17.98 -37.59 -29.25
CA ALA A 1648 17.64 -36.57 -30.22
C ALA A 1648 16.32 -35.83 -29.94
N GLY A 1649 15.64 -36.08 -28.83
CA GLY A 1649 14.41 -35.38 -28.48
C GLY A 1649 13.17 -35.77 -29.29
N VAL A 1650 13.18 -36.93 -29.95
CA VAL A 1650 11.99 -37.52 -30.55
C VAL A 1650 11.54 -38.66 -29.67
N TYR A 1651 10.32 -38.62 -29.11
CA TYR A 1651 9.87 -39.64 -28.18
C TYR A 1651 8.66 -40.38 -28.75
N PRO A 1652 8.61 -41.72 -28.67
CA PRO A 1652 7.50 -42.50 -29.21
C PRO A 1652 6.11 -42.10 -28.71
N ALA A 1653 5.08 -42.49 -29.45
CA ALA A 1653 3.68 -42.21 -29.10
C ALA A 1653 2.74 -43.34 -29.57
N PRO A 1654 1.55 -43.52 -28.97
CA PRO A 1654 0.64 -44.61 -29.34
C PRO A 1654 0.06 -44.43 -30.74
N GLY A 1655 0.21 -45.44 -31.60
CA GLY A 1655 -0.29 -45.41 -32.97
C GLY A 1655 -1.78 -45.04 -33.06
N GLY A 1656 -2.61 -45.62 -32.20
CA GLY A 1656 -4.04 -45.33 -32.16
C GLY A 1656 -4.36 -43.87 -31.83
N GLU A 1657 -3.56 -43.21 -30.99
CA GLU A 1657 -3.76 -41.79 -30.70
C GLU A 1657 -3.41 -40.93 -31.91
N MET A 1658 -2.35 -41.28 -32.64
CA MET A 1658 -2.00 -40.56 -33.86
C MET A 1658 -3.07 -40.74 -34.93
N LEU A 1659 -3.61 -41.95 -35.08
CA LEU A 1659 -4.71 -42.18 -36.01
C LEU A 1659 -5.96 -41.39 -35.60
N ASP A 1660 -6.32 -41.33 -34.32
CA ASP A 1660 -7.40 -40.45 -33.85
C ASP A 1660 -7.16 -38.99 -34.19
N ALA A 1661 -5.93 -38.49 -34.00
CA ALA A 1661 -5.62 -37.11 -34.30
C ALA A 1661 -5.56 -36.81 -35.80
N LEU A 1662 -5.17 -37.78 -36.64
CA LEU A 1662 -5.08 -37.62 -38.09
C LEU A 1662 -6.42 -37.81 -38.82
N LEU A 1663 -7.03 -38.99 -38.68
CA LEU A 1663 -7.90 -39.52 -39.74
C LEU A 1663 -9.23 -38.79 -40.01
N PRO A 1664 -9.89 -38.04 -39.10
CA PRO A 1664 -11.12 -37.32 -39.48
C PRO A 1664 -10.88 -36.15 -40.44
N LEU A 1665 -9.67 -35.59 -40.53
CA LEU A 1665 -9.41 -34.33 -41.23
C LEU A 1665 -9.68 -34.28 -42.75
N PRO A 1666 -9.39 -35.31 -43.57
CA PRO A 1666 -9.28 -35.14 -45.02
C PRO A 1666 -10.52 -34.60 -45.75
N ALA A 1667 -11.73 -34.74 -45.20
CA ALA A 1667 -12.94 -34.14 -45.77
C ALA A 1667 -13.01 -32.60 -45.62
N ALA A 1668 -12.28 -32.01 -44.67
CA ALA A 1668 -12.40 -30.60 -44.32
C ALA A 1668 -11.69 -29.64 -45.29
N GLY A 1669 -10.54 -30.06 -45.83
CA GLY A 1669 -9.66 -29.20 -46.64
C GLY A 1669 -8.19 -29.32 -46.20
N GLU A 1670 -7.59 -28.20 -45.77
CA GLU A 1670 -6.18 -28.06 -45.32
C GLU A 1670 -5.11 -28.42 -46.37
N ALA A 1671 -5.51 -28.72 -47.61
CA ALA A 1671 -4.67 -29.35 -48.62
C ALA A 1671 -3.41 -28.53 -48.96
N ASP A 1672 -3.56 -27.22 -49.17
CA ASP A 1672 -2.44 -26.37 -49.55
C ASP A 1672 -1.60 -25.90 -48.35
N GLY A 1673 -2.26 -25.28 -47.38
CA GLY A 1673 -1.63 -24.63 -46.21
C GLY A 1673 -0.85 -25.59 -45.30
N SER A 1674 -1.09 -26.90 -45.43
CA SER A 1674 -0.27 -27.93 -44.77
C SER A 1674 1.20 -27.91 -45.20
N GLY A 1675 1.54 -27.40 -46.39
CA GLY A 1675 2.90 -27.49 -46.94
C GLY A 1675 3.36 -28.94 -47.02
N GLU A 1676 4.39 -29.29 -46.24
CA GLU A 1676 4.73 -30.66 -45.85
C GLU A 1676 4.34 -30.85 -44.37
N ALA A 1677 3.53 -31.85 -44.02
CA ALA A 1677 2.94 -31.96 -42.68
C ALA A 1677 3.13 -33.33 -42.00
N GLY A 1678 3.24 -33.29 -40.68
CA GLY A 1678 3.45 -34.45 -39.82
C GLY A 1678 2.85 -34.28 -38.44
N LEU A 1679 2.85 -35.34 -37.67
CA LEU A 1679 2.09 -35.48 -36.43
C LEU A 1679 2.88 -36.39 -35.50
N ALA A 1680 3.50 -35.82 -34.47
CA ALA A 1680 4.50 -36.49 -33.67
C ALA A 1680 4.76 -35.76 -32.37
N ARG A 1681 5.48 -36.41 -31.45
CA ARG A 1681 5.77 -35.86 -30.13
C ARG A 1681 7.28 -35.63 -30.00
N VAL A 1682 7.70 -34.39 -30.22
CA VAL A 1682 9.11 -34.04 -30.49
C VAL A 1682 9.50 -32.72 -29.83
N ASP A 1683 10.74 -32.61 -29.36
CA ASP A 1683 11.35 -31.39 -28.85
C ASP A 1683 12.47 -30.92 -29.79
N TRP A 1684 12.18 -29.94 -30.64
CA TRP A 1684 13.13 -29.50 -31.65
C TRP A 1684 14.40 -28.87 -31.06
N ASP A 1685 14.39 -28.35 -29.84
CA ASP A 1685 15.62 -27.78 -29.27
C ASP A 1685 16.65 -28.87 -28.95
N ARG A 1686 16.21 -30.00 -28.41
CA ARG A 1686 17.08 -31.17 -28.34
C ARG A 1686 17.49 -31.59 -29.73
N TYR A 1687 16.56 -31.72 -30.66
CA TYR A 1687 16.87 -32.21 -31.99
C TYR A 1687 17.97 -31.40 -32.67
N LEU A 1688 17.86 -30.08 -32.61
CA LEU A 1688 18.80 -29.13 -33.18
C LEU A 1688 20.20 -29.23 -32.56
N THR A 1689 20.31 -29.62 -31.29
CA THR A 1689 21.59 -29.64 -30.59
C THR A 1689 22.16 -31.05 -30.41
N ALA A 1690 21.35 -32.08 -30.60
CA ALA A 1690 21.78 -33.47 -30.63
C ALA A 1690 22.55 -33.79 -31.91
N GLY A 1691 22.10 -33.26 -33.05
CA GLY A 1691 22.99 -33.05 -34.19
C GLY A 1691 23.96 -31.93 -33.89
N HIS A 1692 25.23 -32.07 -34.25
CA HIS A 1692 26.19 -30.97 -34.11
C HIS A 1692 25.96 -29.95 -35.22
N ARG A 1693 25.90 -28.67 -34.85
CA ARG A 1693 25.50 -27.61 -35.78
C ARG A 1693 26.26 -26.31 -35.49
N PRO A 1694 27.53 -26.21 -35.89
CA PRO A 1694 28.13 -24.91 -36.13
C PRO A 1694 27.36 -24.23 -37.28
N LEU A 1695 27.17 -22.92 -37.21
CA LEU A 1695 26.35 -22.12 -38.16
C LEU A 1695 24.85 -22.48 -38.14
N PRO A 1696 23.94 -21.50 -38.22
CA PRO A 1696 22.52 -21.73 -38.05
C PRO A 1696 21.87 -22.52 -39.18
N TYR A 1697 20.67 -23.05 -38.93
CA TYR A 1697 19.83 -23.73 -39.91
C TYR A 1697 18.41 -23.18 -39.87
N THR A 1698 18.08 -22.32 -40.83
CA THR A 1698 16.91 -21.43 -40.69
C THR A 1698 15.54 -22.10 -40.85
N VAL A 1699 15.51 -23.41 -41.13
CA VAL A 1699 14.27 -24.20 -41.02
C VAL A 1699 13.84 -24.34 -39.57
N LEU A 1700 14.78 -24.66 -38.68
CA LEU A 1700 14.54 -24.83 -37.24
C LEU A 1700 14.72 -23.55 -36.43
N GLU A 1701 15.43 -22.56 -36.94
CA GLU A 1701 15.81 -21.35 -36.21
C GLU A 1701 15.28 -20.06 -36.84
N THR A 1702 15.00 -19.06 -36.00
CA THR A 1702 14.72 -17.69 -36.46
C THR A 1702 15.93 -17.11 -37.21
N ARG A 1703 15.68 -16.32 -38.26
CA ARG A 1703 16.74 -15.77 -39.14
C ARG A 1703 17.75 -14.90 -38.38
N ALA A 1704 17.28 -14.05 -37.49
CA ALA A 1704 18.09 -13.15 -36.66
C ALA A 1704 19.08 -12.27 -37.46
N SER A 1705 18.63 -11.75 -38.61
CA SER A 1705 19.42 -10.88 -39.51
C SER A 1705 19.71 -9.49 -38.93
N TYR A 1706 18.99 -9.06 -37.89
CA TYR A 1706 19.13 -7.76 -37.24
C TYR A 1706 18.95 -7.89 -35.72
N ASP A 1707 19.40 -6.88 -34.98
CA ASP A 1707 19.30 -6.79 -33.52
C ASP A 1707 19.18 -5.33 -33.06
N GLU A 1708 18.62 -5.09 -31.88
CA GLU A 1708 18.36 -3.75 -31.33
C GLU A 1708 18.67 -3.66 -29.83
N GLU A 1709 19.14 -2.48 -29.38
CA GLU A 1709 19.61 -2.23 -28.01
C GLU A 1709 18.54 -1.72 -27.02
N LYS A 1710 18.87 -1.73 -25.72
CA LYS A 1710 18.00 -1.31 -24.60
C LYS A 1710 18.77 -0.49 -23.55
N ALA A 1711 18.13 0.55 -23.01
CA ALA A 1711 18.65 1.44 -21.96
C ALA A 1711 18.69 0.79 -20.55
N PRO A 1712 19.34 1.41 -19.54
CA PRO A 1712 19.43 0.86 -18.19
C PRO A 1712 18.08 0.64 -17.48
N GLY A 1713 17.08 1.46 -17.77
CA GLY A 1713 15.72 1.34 -17.22
C GLY A 1713 15.42 2.26 -16.05
N PHE A 1714 14.13 2.37 -15.70
CA PHE A 1714 13.64 3.29 -14.68
C PHE A 1714 14.24 3.03 -13.30
N GLY A 1715 14.72 4.08 -12.63
CA GLY A 1715 15.39 4.00 -11.34
C GLY A 1715 16.77 3.33 -11.35
N GLN A 1716 17.22 2.75 -12.48
CA GLN A 1716 18.52 2.07 -12.59
C GLN A 1716 19.67 3.05 -12.94
N ASN A 1717 19.44 4.36 -12.87
CA ASN A 1717 20.27 5.40 -13.48
C ASN A 1717 21.73 5.42 -13.02
N ARG A 1718 22.04 4.86 -11.84
CA ARG A 1718 23.39 4.73 -11.28
C ARG A 1718 24.16 3.48 -11.76
N MET A 1719 23.62 2.72 -12.71
CA MET A 1719 24.28 1.58 -13.35
C MET A 1719 25.64 1.95 -13.96
N LYS B 9 23.83 30.14 -40.71
CA LYS B 9 24.10 30.85 -39.47
C LYS B 9 23.01 31.89 -39.18
N TYR B 10 22.05 31.52 -38.31
CA TYR B 10 20.85 32.31 -38.00
C TYR B 10 20.41 32.14 -36.53
N LEU B 11 19.68 33.13 -35.99
CA LEU B 11 19.25 33.19 -34.59
C LEU B 11 18.08 32.24 -34.23
N ARG B 12 17.50 31.56 -35.23
CA ARG B 12 16.22 30.79 -35.16
C ARG B 12 16.01 29.95 -33.90
N LYS B 13 16.99 29.15 -33.46
CA LYS B 13 16.89 28.30 -32.27
C LYS B 13 16.78 29.11 -30.98
N VAL B 14 17.62 30.14 -30.83
CA VAL B 14 17.56 31.10 -29.72
C VAL B 14 16.22 31.85 -29.73
N THR B 15 15.76 32.31 -30.89
CA THR B 15 14.44 32.95 -31.01
C THR B 15 13.31 32.01 -30.58
N ALA B 16 13.32 30.74 -31.00
CA ALA B 16 12.32 29.75 -30.58
C ALA B 16 12.35 29.46 -29.07
N GLU B 17 13.53 29.30 -28.48
CA GLU B 17 13.69 29.17 -27.02
C GLU B 17 13.18 30.42 -26.27
N LEU B 18 13.48 31.62 -26.76
CA LEU B 18 13.03 32.87 -26.14
C LEU B 18 11.53 33.15 -26.38
N GLN B 19 10.92 32.66 -27.46
CA GLN B 19 9.46 32.62 -27.59
C GLN B 19 8.83 31.71 -26.51
N GLN B 20 9.35 30.50 -26.34
CA GLN B 20 8.88 29.58 -25.29
C GLN B 20 9.06 30.18 -23.88
N ALA B 21 10.19 30.84 -23.61
CA ALA B 21 10.43 31.55 -22.36
C ALA B 21 9.53 32.80 -22.16
N ARG B 22 9.09 33.48 -23.24
CA ARG B 22 8.06 34.56 -23.13
C ARG B 22 6.69 33.99 -22.78
N ARG B 23 6.28 32.89 -23.42
CA ARG B 23 4.97 32.24 -23.18
C ARG B 23 4.77 31.79 -21.72
N ARG B 24 5.87 31.48 -21.02
CA ARG B 24 5.90 31.19 -19.57
C ARG B 24 5.67 32.40 -18.65
N LEU B 25 5.51 33.63 -19.18
CA LEU B 25 5.05 34.81 -18.43
C LEU B 25 3.53 34.84 -18.17
N ALA B 26 2.85 33.70 -18.33
CA ALA B 26 1.39 33.54 -18.23
C ALA B 26 0.76 34.06 -16.93
N ALA B 27 1.55 34.32 -15.87
CA ALA B 27 1.10 35.05 -14.69
C ALA B 27 0.37 36.37 -15.05
N ALA B 28 0.86 37.11 -16.05
CA ALA B 28 0.21 38.33 -16.54
C ALA B 28 -1.19 38.08 -17.15
N GLU B 29 -1.44 36.89 -17.67
CA GLU B 29 -2.77 36.48 -18.16
C GLU B 29 -3.63 35.92 -17.01
N SER B 30 -3.00 35.23 -16.06
CA SER B 30 -3.65 34.71 -14.85
C SER B 30 -4.28 35.78 -13.96
N GLN B 31 -3.97 37.07 -14.19
CA GLN B 31 -4.50 38.25 -13.48
C GLN B 31 -6.04 38.23 -13.36
N SER B 32 -6.72 37.76 -14.41
CA SER B 32 -8.07 37.21 -14.34
C SER B 32 -7.97 35.69 -14.42
N GLN B 33 -7.70 35.16 -15.60
CA GLN B 33 -7.36 33.77 -15.88
C GLN B 33 -6.83 33.66 -17.31
N GLU B 34 -6.08 32.60 -17.61
CA GLU B 34 -5.88 32.12 -18.97
C GLU B 34 -6.69 30.83 -19.14
N PRO B 35 -7.49 30.66 -20.20
CA PRO B 35 -8.22 29.43 -20.41
C PRO B 35 -7.27 28.31 -20.77
N ILE B 36 -7.55 27.09 -20.35
CA ILE B 36 -6.69 25.95 -20.63
C ILE B 36 -7.35 25.05 -21.66
N ALA B 37 -6.66 24.74 -22.74
CA ALA B 37 -7.16 23.90 -23.81
C ALA B 37 -6.91 22.42 -23.50
N VAL B 38 -7.92 21.58 -23.65
CA VAL B 38 -7.74 20.13 -23.69
C VAL B 38 -7.33 19.73 -25.11
N LEU B 39 -6.09 19.34 -25.32
CA LEU B 39 -5.58 19.02 -26.65
C LEU B 39 -5.95 17.61 -27.11
N GLY B 40 -6.01 16.65 -26.20
CA GLY B 40 -6.24 15.24 -26.52
C GLY B 40 -6.52 14.44 -25.27
N ILE B 41 -7.29 13.36 -25.39
CA ILE B 41 -7.66 12.52 -24.26
C ILE B 41 -7.48 11.07 -24.60
N GLY B 42 -6.84 10.29 -23.74
CA GLY B 42 -6.86 8.83 -23.80
C GLY B 42 -7.62 8.26 -22.62
N CYS B 43 -8.31 7.14 -22.78
CA CYS B 43 -9.01 6.49 -21.68
C CYS B 43 -9.21 4.99 -21.84
N ARG B 44 -9.46 4.29 -20.74
CA ARG B 44 -9.99 2.92 -20.69
C ARG B 44 -11.12 2.92 -19.67
N PHE B 45 -12.27 2.37 -20.00
CA PHE B 45 -13.44 2.34 -19.13
C PHE B 45 -14.18 1.01 -19.29
N PRO B 46 -15.08 0.64 -18.37
CA PRO B 46 -15.83 -0.60 -18.46
C PRO B 46 -16.65 -0.70 -19.74
N GLY B 47 -16.96 -1.92 -20.20
CA GLY B 47 -17.73 -2.13 -21.42
C GLY B 47 -16.90 -2.01 -22.70
N GLY B 48 -15.58 -2.22 -22.64
CA GLY B 48 -14.70 -2.25 -23.81
C GLY B 48 -14.40 -0.87 -24.42
N VAL B 49 -14.65 0.21 -23.68
CA VAL B 49 -14.35 1.57 -24.13
C VAL B 49 -12.85 1.79 -24.16
N ARG B 50 -12.30 2.20 -25.30
CA ARG B 50 -10.86 2.51 -25.48
C ARG B 50 -10.59 3.93 -26.00
N SER B 51 -11.63 4.74 -26.19
CA SER B 51 -11.52 6.08 -26.73
C SER B 51 -12.73 6.92 -26.33
N PRO B 52 -12.65 8.25 -26.43
CA PRO B 52 -13.81 9.11 -26.30
C PRO B 52 -14.97 8.69 -27.21
N GLU B 53 -14.69 8.31 -28.46
CA GLU B 53 -15.72 7.85 -29.38
C GLU B 53 -16.40 6.56 -28.91
N ASP B 54 -15.68 5.61 -28.30
CA ASP B 54 -16.34 4.45 -27.73
C ASP B 54 -17.25 4.82 -26.56
N LEU B 55 -16.80 5.72 -25.68
CA LEU B 55 -17.63 6.15 -24.56
C LEU B 55 -18.87 6.86 -25.07
N TRP B 56 -18.71 7.71 -26.09
CA TRP B 56 -19.83 8.38 -26.70
C TRP B 56 -20.83 7.38 -27.26
N ASP B 57 -20.39 6.37 -28.00
CA ASP B 57 -21.32 5.37 -28.52
C ASP B 57 -22.09 4.66 -27.41
N LEU B 58 -21.45 4.37 -26.28
CA LEU B 58 -22.12 3.78 -25.14
C LEU B 58 -23.20 4.70 -24.56
N VAL B 59 -22.86 5.95 -24.23
CA VAL B 59 -23.83 6.86 -23.59
C VAL B 59 -24.90 7.34 -24.55
N ASP B 60 -24.58 7.59 -25.81
CA ASP B 60 -25.52 8.07 -26.81
C ASP B 60 -26.55 6.99 -27.19
N SER B 61 -26.14 5.73 -27.20
CA SER B 61 -27.07 4.60 -27.33
C SER B 61 -27.80 4.26 -26.02
N GLY B 62 -27.47 4.92 -24.91
CA GLY B 62 -28.11 4.70 -23.61
C GLY B 62 -27.83 3.35 -22.99
N GLY B 63 -26.69 2.72 -23.30
CA GLY B 63 -26.31 1.44 -22.69
C GLY B 63 -25.80 1.57 -21.26
N ASP B 64 -25.58 0.44 -20.59
CA ASP B 64 -24.77 0.40 -19.38
C ASP B 64 -23.79 -0.80 -19.38
N ALA B 65 -22.74 -0.70 -18.58
CA ALA B 65 -21.57 -1.58 -18.68
C ALA B 65 -21.25 -2.37 -17.41
N VAL B 66 -22.05 -2.25 -16.36
CA VAL B 66 -21.90 -3.06 -15.13
C VAL B 66 -22.18 -4.53 -15.44
N GLY B 67 -21.36 -5.44 -14.93
CA GLY B 67 -21.48 -6.88 -15.21
C GLY B 67 -20.83 -7.76 -14.15
N GLY B 68 -20.69 -9.04 -14.47
CA GLY B 68 -20.14 -10.05 -13.57
C GLY B 68 -18.65 -9.89 -13.29
N LEU B 69 -18.17 -10.60 -12.26
CA LEU B 69 -16.78 -10.56 -11.80
C LEU B 69 -15.80 -11.05 -12.87
N PRO B 70 -14.56 -10.52 -12.92
CA PRO B 70 -13.58 -10.92 -13.90
C PRO B 70 -13.00 -12.29 -13.55
N ALA B 71 -13.10 -13.24 -14.46
CA ALA B 71 -12.26 -14.42 -14.45
C ALA B 71 -10.82 -14.06 -14.82
N GLY B 72 -9.86 -14.95 -14.57
CA GLY B 72 -8.51 -14.84 -15.11
C GLY B 72 -7.56 -13.92 -14.36
N ARG B 73 -8.07 -13.01 -13.52
CA ARG B 73 -7.31 -12.51 -12.37
C ARG B 73 -7.22 -13.65 -11.35
N GLY B 74 -6.16 -13.70 -10.57
CA GLY B 74 -5.89 -14.80 -9.63
C GLY B 74 -6.76 -14.81 -8.37
N TRP B 75 -7.97 -14.24 -8.41
CA TRP B 75 -8.83 -14.07 -7.25
C TRP B 75 -9.30 -15.39 -6.67
N GLN B 76 -8.94 -15.66 -5.42
CA GLN B 76 -9.43 -16.80 -4.64
C GLN B 76 -10.58 -16.38 -3.70
N ALA B 77 -11.44 -15.47 -4.16
CA ALA B 77 -12.64 -15.09 -3.45
C ALA B 77 -13.61 -16.29 -3.34
N GLY B 78 -14.15 -16.51 -2.14
CA GLY B 78 -15.14 -17.56 -1.90
C GLY B 78 -16.56 -17.15 -2.32
N SER B 79 -17.56 -17.67 -1.62
CA SER B 79 -18.96 -17.27 -1.78
C SER B 79 -19.24 -15.80 -1.42
N ALA B 80 -18.28 -15.12 -0.79
CA ALA B 80 -18.42 -13.75 -0.29
C ALA B 80 -18.83 -12.71 -1.35
N LEU B 81 -18.64 -12.98 -2.64
CA LEU B 81 -19.05 -12.10 -3.74
C LEU B 81 -20.12 -12.69 -4.66
N ASP B 82 -20.80 -13.77 -4.26
CA ASP B 82 -21.90 -14.32 -5.05
C ASP B 82 -22.99 -13.27 -5.32
N GLY B 83 -23.35 -13.08 -6.59
CA GLY B 83 -24.36 -12.11 -7.02
C GLY B 83 -23.88 -10.65 -7.13
N VAL B 84 -22.63 -10.34 -6.79
CA VAL B 84 -22.08 -8.99 -6.93
C VAL B 84 -21.84 -8.64 -8.40
N ASN B 85 -22.24 -7.44 -8.82
CA ASN B 85 -21.92 -6.89 -10.14
C ASN B 85 -21.12 -5.58 -9.99
N ALA B 86 -20.21 -5.31 -10.90
CA ALA B 86 -19.41 -4.09 -10.93
C ALA B 86 -18.90 -3.79 -12.33
N GLY B 87 -18.41 -2.58 -12.59
CA GLY B 87 -17.89 -2.20 -13.91
C GLY B 87 -16.42 -2.52 -14.05
N PHE B 88 -16.05 -3.69 -14.56
CA PHE B 88 -14.65 -4.08 -14.75
C PHE B 88 -14.09 -3.70 -16.11
N ILE B 89 -12.77 -3.48 -16.19
CA ILE B 89 -12.02 -3.53 -17.43
C ILE B 89 -11.66 -4.99 -17.70
N HIS B 90 -12.15 -5.57 -18.78
CA HIS B 90 -11.70 -6.89 -19.21
C HIS B 90 -10.35 -6.80 -19.89
N GLY B 91 -9.46 -7.77 -19.65
CA GLY B 91 -8.13 -7.77 -20.23
C GLY B 91 -7.13 -6.81 -19.57
N VAL B 92 -7.40 -6.31 -18.36
CA VAL B 92 -6.43 -5.46 -17.64
C VAL B 92 -5.13 -6.21 -17.31
N GLU B 93 -5.19 -7.54 -17.24
CA GLU B 93 -4.06 -8.42 -17.00
C GLU B 93 -3.14 -8.61 -18.22
N GLU B 94 -3.37 -7.87 -19.29
CA GLU B 94 -2.59 -7.94 -20.53
C GLU B 94 -1.96 -6.59 -20.89
N PHE B 95 -0.77 -6.65 -21.48
CA PHE B 95 0.07 -5.49 -21.77
C PHE B 95 1.05 -5.83 -22.89
N ASP B 96 1.71 -4.86 -23.51
CA ASP B 96 2.83 -5.15 -24.43
C ASP B 96 4.15 -4.57 -23.91
N PRO B 97 4.94 -5.33 -23.15
CA PRO B 97 6.16 -4.84 -22.56
C PRO B 97 7.15 -4.31 -23.60
N TYR B 98 7.24 -5.01 -24.73
CA TYR B 98 8.22 -4.70 -25.75
C TYR B 98 7.99 -3.34 -26.40
N PHE B 99 6.75 -2.90 -26.58
CA PHE B 99 6.49 -1.57 -27.16
C PHE B 99 7.09 -0.46 -26.31
N PHE B 100 6.99 -0.55 -24.98
CA PHE B 100 7.56 0.40 -24.04
C PHE B 100 9.02 0.10 -23.68
N GLY B 101 9.62 -0.93 -24.26
CA GLY B 101 11.01 -1.32 -23.97
C GLY B 101 11.21 -1.97 -22.60
N LEU B 102 10.16 -2.43 -21.95
CA LEU B 102 10.22 -3.12 -20.66
C LEU B 102 10.51 -4.61 -20.84
N ASP B 103 11.27 -5.19 -19.92
CA ASP B 103 11.38 -6.65 -19.79
C ASP B 103 10.04 -7.22 -19.30
N PRO B 104 9.49 -8.30 -19.88
CA PRO B 104 8.28 -8.93 -19.39
C PRO B 104 8.28 -9.28 -17.89
N VAL B 105 9.44 -9.54 -17.28
CA VAL B 105 9.54 -9.73 -15.83
C VAL B 105 9.25 -8.44 -15.07
N GLU B 106 9.82 -7.31 -15.49
CA GLU B 106 9.48 -6.02 -14.89
C GLU B 106 8.01 -5.68 -15.12
N ALA B 107 7.50 -5.92 -16.32
CA ALA B 107 6.10 -5.63 -16.62
C ALA B 107 5.15 -6.45 -15.74
N ALA B 108 5.47 -7.69 -15.39
CA ALA B 108 4.68 -8.47 -14.45
C ALA B 108 4.71 -7.88 -13.04
N ALA B 109 5.83 -7.31 -12.61
CA ALA B 109 5.98 -6.72 -11.30
C ALA B 109 5.24 -5.39 -11.13
N MET B 110 4.99 -4.64 -12.20
CA MET B 110 4.27 -3.37 -12.15
C MET B 110 2.80 -3.51 -11.79
N ASP B 111 2.32 -2.63 -10.93
CA ASP B 111 0.91 -2.43 -10.64
C ASP B 111 0.15 -2.14 -11.93
N PRO B 112 -0.97 -2.81 -12.21
CA PRO B 112 -1.81 -2.52 -13.38
C PRO B 112 -2.14 -1.05 -13.57
N GLN B 113 -2.25 -0.28 -12.50
CA GLN B 113 -2.49 1.15 -12.59
C GLN B 113 -1.33 1.88 -13.26
N GLN B 114 -0.08 1.55 -12.94
CA GLN B 114 1.05 2.13 -13.64
C GLN B 114 0.99 1.78 -15.12
N ARG B 115 0.63 0.54 -15.45
CA ARG B 115 0.57 0.09 -16.85
C ARG B 115 -0.53 0.81 -17.62
N LEU B 116 -1.73 0.93 -17.09
CA LEU B 116 -2.80 1.65 -17.78
C LEU B 116 -2.46 3.14 -17.97
N LEU B 117 -1.82 3.80 -17.02
CA LEU B 117 -1.37 5.18 -17.22
C LEU B 117 -0.38 5.25 -18.37
N LEU B 118 0.60 4.35 -18.37
CA LEU B 118 1.66 4.32 -19.36
C LEU B 118 1.12 4.05 -20.76
N GLU B 119 0.19 3.11 -20.89
CA GLU B 119 -0.51 2.83 -22.14
C GLU B 119 -1.34 4.01 -22.61
N THR B 120 -2.12 4.60 -21.71
CA THR B 120 -3.06 5.67 -22.05
C THR B 120 -2.36 6.97 -22.39
N THR B 121 -1.25 7.28 -21.74
CA THR B 121 -0.48 8.49 -22.01
C THR B 121 0.01 8.54 -23.45
N TRP B 122 0.44 7.41 -24.02
CA TRP B 122 0.81 7.36 -25.42
C TRP B 122 -0.36 7.78 -26.30
N GLU B 123 -1.53 7.21 -26.04
CA GLU B 123 -2.73 7.52 -26.80
C GLU B 123 -3.17 8.99 -26.65
N ALA B 124 -2.97 9.60 -25.49
CA ALA B 124 -3.26 11.02 -25.31
C ALA B 124 -2.40 11.90 -26.21
N PHE B 125 -1.10 11.62 -26.36
CA PHE B 125 -0.28 12.32 -27.33
C PHE B 125 -0.71 12.06 -28.77
N GLU B 126 -0.99 10.81 -29.14
CA GLU B 126 -1.42 10.51 -30.51
C GLU B 126 -2.71 11.23 -30.89
N ARG B 127 -3.69 11.30 -30.00
CA ARG B 127 -4.95 12.01 -30.31
C ARG B 127 -4.79 13.52 -30.29
N ALA B 128 -3.86 14.05 -29.51
CA ALA B 128 -3.46 15.46 -29.62
C ALA B 128 -2.70 15.77 -30.92
N GLY B 129 -2.32 14.76 -31.69
CA GLY B 129 -1.59 14.93 -32.94
C GLY B 129 -0.12 15.30 -32.75
N ILE B 130 0.42 15.21 -31.54
CA ILE B 130 1.83 15.42 -31.24
C ILE B 130 2.57 14.11 -31.42
N ASP B 131 3.74 14.14 -32.05
CA ASP B 131 4.64 12.99 -32.09
C ASP B 131 5.27 12.80 -30.70
N PRO B 132 5.10 11.65 -30.02
CA PRO B 132 5.68 11.44 -28.70
C PRO B 132 7.20 11.55 -28.67
N VAL B 133 7.89 11.39 -29.81
CA VAL B 133 9.34 11.59 -29.89
C VAL B 133 9.71 13.06 -29.91
N ALA B 134 8.82 13.94 -30.39
CA ALA B 134 9.00 15.38 -30.27
C ALA B 134 8.73 15.92 -28.86
N ALA B 135 7.97 15.19 -28.03
CA ALA B 135 7.74 15.57 -26.64
C ALA B 135 8.96 15.38 -25.74
N ARG B 136 9.96 14.59 -26.14
CA ARG B 136 11.16 14.33 -25.33
C ARG B 136 11.95 15.60 -25.10
N GLY B 137 12.44 15.82 -23.88
CA GLY B 137 13.14 17.05 -23.51
C GLY B 137 12.24 18.28 -23.39
N SER B 138 10.90 18.15 -23.47
CA SER B 138 9.99 19.27 -23.26
C SER B 138 9.76 19.54 -21.77
N ARG B 139 9.43 20.78 -21.41
CA ARG B 139 8.89 21.11 -20.08
C ARG B 139 7.42 20.76 -19.99
N THR B 140 7.10 19.48 -19.99
CA THR B 140 5.76 18.98 -19.72
C THR B 140 5.69 18.49 -18.29
N ALA B 141 4.75 18.99 -17.49
CA ALA B 141 4.50 18.52 -16.13
C ALA B 141 3.49 17.36 -16.11
N VAL B 142 3.48 16.54 -15.06
CA VAL B 142 2.60 15.37 -14.94
C VAL B 142 1.92 15.34 -13.58
N TYR B 143 0.60 15.13 -13.54
CA TYR B 143 -0.16 15.07 -12.29
C TYR B 143 -1.13 13.89 -12.32
N ALA B 144 -0.82 12.83 -11.59
CA ALA B 144 -1.60 11.59 -11.66
C ALA B 144 -2.33 11.31 -10.35
N GLY B 145 -3.64 11.11 -10.39
CA GLY B 145 -4.41 10.61 -9.25
C GLY B 145 -4.34 9.10 -9.18
N VAL B 146 -3.76 8.53 -8.13
CA VAL B 146 -3.57 7.08 -7.99
C VAL B 146 -3.73 6.69 -6.53
N GLN B 147 -4.23 5.50 -6.25
CA GLN B 147 -4.28 4.93 -4.89
C GLN B 147 -3.59 3.58 -4.84
N PHE B 148 -2.95 3.22 -3.74
CA PHE B 148 -2.24 1.96 -3.63
C PHE B 148 -3.20 0.79 -3.77
N GLY B 149 -3.01 -0.05 -4.79
CA GLY B 149 -3.94 -1.13 -5.13
C GLY B 149 -3.71 -2.44 -4.38
N GLY B 150 -2.54 -2.63 -3.77
CA GLY B 150 -2.22 -3.87 -3.07
C GLY B 150 -1.84 -5.04 -3.97
N TYR B 151 -1.64 -4.82 -5.27
CA TYR B 151 -1.35 -5.85 -6.27
C TYR B 151 -0.40 -6.98 -5.84
N PRO B 152 0.79 -6.76 -5.25
CA PRO B 152 1.67 -7.84 -4.83
C PRO B 152 1.07 -8.79 -3.80
N LEU B 153 0.06 -8.38 -3.04
CA LEU B 153 -0.62 -9.25 -2.08
C LEU B 153 -1.40 -10.38 -2.75
N LEU B 154 -1.53 -10.42 -4.08
CA LEU B 154 -2.05 -11.58 -4.79
C LEU B 154 -1.17 -12.83 -4.65
N MET B 155 0.13 -12.69 -4.41
CA MET B 155 1.05 -13.83 -4.37
C MET B 155 0.79 -14.75 -3.17
N ARG B 156 0.76 -16.07 -3.40
CA ARG B 156 0.78 -17.09 -2.33
C ARG B 156 2.21 -17.47 -1.95
N GLU B 157 3.00 -17.89 -2.92
CA GLU B 157 4.43 -18.16 -2.72
C GLU B 157 5.22 -16.86 -2.55
N ALA B 158 6.47 -16.94 -2.09
CA ALA B 158 7.41 -15.85 -2.29
C ALA B 158 7.74 -15.66 -3.78
N PRO B 159 8.03 -14.44 -4.25
CA PRO B 159 8.43 -14.19 -5.63
C PRO B 159 9.84 -14.73 -5.94
N PRO B 160 10.15 -15.04 -7.21
CA PRO B 160 11.51 -15.18 -7.70
C PRO B 160 12.30 -13.88 -7.51
N PRO B 161 13.62 -13.90 -7.28
CA PRO B 161 14.39 -12.70 -6.95
C PRO B 161 14.35 -11.65 -8.06
N GLN B 162 14.35 -12.07 -9.33
CA GLN B 162 14.23 -11.14 -10.46
C GLN B 162 12.87 -10.42 -10.51
N VAL B 163 11.81 -10.97 -9.93
CA VAL B 163 10.56 -10.23 -9.70
C VAL B 163 10.69 -9.34 -8.48
N LEU B 164 11.23 -9.87 -7.39
CA LEU B 164 11.36 -9.19 -6.11
C LEU B 164 12.09 -7.84 -6.26
N ASP B 165 13.17 -7.80 -7.03
CA ASP B 165 13.91 -6.57 -7.29
C ASP B 165 13.11 -5.48 -8.03
N HIS B 166 12.02 -5.83 -8.72
CA HIS B 166 11.17 -4.87 -9.43
C HIS B 166 9.87 -4.52 -8.69
N LEU B 167 9.50 -5.18 -7.60
CA LEU B 167 8.23 -4.88 -6.92
C LEU B 167 8.19 -3.48 -6.31
N GLY B 168 9.30 -2.93 -5.81
CA GLY B 168 9.34 -1.60 -5.21
C GLY B 168 8.88 -0.49 -6.16
N LEU B 169 9.68 -0.18 -7.18
CA LEU B 169 9.30 0.81 -8.20
C LEU B 169 8.06 0.38 -9.00
N GLY B 170 7.76 -0.91 -9.08
CA GLY B 170 6.55 -1.41 -9.70
C GLY B 170 5.27 -1.04 -8.96
N ASN B 171 5.32 -0.73 -7.66
CA ASN B 171 4.11 -0.57 -6.85
C ASN B 171 4.08 0.70 -5.99
N SER B 172 5.19 1.41 -5.82
CA SER B 172 5.18 2.70 -5.13
C SER B 172 4.29 3.72 -5.85
N VAL B 173 3.36 4.35 -5.16
CA VAL B 173 2.43 5.32 -5.75
C VAL B 173 3.16 6.55 -6.26
N GLY B 174 4.19 7.03 -5.57
CA GLY B 174 5.03 8.12 -6.05
C GLY B 174 5.74 7.79 -7.36
N ALA B 175 6.14 6.54 -7.55
CA ALA B 175 6.77 6.10 -8.78
C ALA B 175 5.83 6.09 -9.98
N ALA B 176 4.50 6.09 -9.80
CA ALA B 176 3.56 6.04 -10.91
C ALA B 176 3.67 7.25 -11.84
N SER B 177 3.73 8.46 -11.31
CA SER B 177 3.99 9.66 -12.11
C SER B 177 5.45 9.75 -12.54
N GLY B 178 6.39 9.25 -11.74
CA GLY B 178 7.80 9.19 -12.11
C GLY B 178 8.07 8.38 -13.37
N ARG B 179 7.47 7.20 -13.52
CA ARG B 179 7.62 6.38 -14.73
C ARG B 179 7.21 7.11 -15.98
N LEU B 180 6.08 7.83 -15.99
CA LEU B 180 5.64 8.53 -17.19
C LEU B 180 6.69 9.53 -17.64
N ALA B 181 7.14 10.38 -16.73
CA ALA B 181 8.11 11.39 -17.11
C ALA B 181 9.47 10.78 -17.49
N TYR B 182 9.85 9.63 -16.94
CA TYR B 182 11.01 8.89 -17.43
C TYR B 182 10.79 8.33 -18.83
N GLN B 183 9.71 7.58 -19.06
CA GLN B 183 9.43 6.91 -20.33
C GLN B 183 9.32 7.87 -21.49
N PHE B 184 8.58 8.96 -21.32
CA PHE B 184 8.44 10.00 -22.33
C PHE B 184 9.53 11.06 -22.27
N GLY B 185 10.52 10.96 -21.36
CA GLY B 185 11.63 11.90 -21.28
C GLY B 185 11.21 13.34 -21.00
N LEU B 186 10.20 13.56 -20.17
CA LEU B 186 9.63 14.87 -19.84
C LEU B 186 10.41 15.53 -18.70
N LEU B 187 10.58 16.85 -18.73
CA LEU B 187 11.40 17.57 -17.76
C LEU B 187 10.63 18.36 -16.70
N GLY B 188 9.31 18.53 -16.84
CA GLY B 188 8.50 19.24 -15.84
C GLY B 188 8.30 18.42 -14.58
N GLY B 189 7.78 19.04 -13.52
CA GLY B 189 7.50 18.31 -12.28
C GLY B 189 6.52 17.17 -12.47
N ALA B 190 6.74 16.04 -11.80
CA ALA B 190 5.86 14.88 -11.83
C ALA B 190 5.35 14.61 -10.42
N VAL B 191 4.04 14.54 -10.22
CA VAL B 191 3.44 14.42 -8.88
C VAL B 191 2.37 13.34 -8.91
N THR B 192 2.35 12.46 -7.92
CA THR B 192 1.20 11.57 -7.71
C THR B 192 0.39 12.10 -6.54
N VAL B 193 -0.93 12.18 -6.65
CA VAL B 193 -1.81 12.72 -5.60
C VAL B 193 -2.88 11.73 -5.17
N ASP B 194 -3.30 11.79 -3.92
CA ASP B 194 -4.44 11.00 -3.43
C ASP B 194 -5.37 11.88 -2.57
N THR B 195 -6.66 11.82 -2.88
CA THR B 195 -7.77 12.32 -2.08
C THR B 195 -9.01 11.41 -2.24
N GLN B 196 -8.89 10.09 -2.18
CA GLN B 196 -10.03 9.19 -2.42
C GLN B 196 -10.67 9.47 -3.80
N CYS B 197 -12.00 9.49 -3.92
CA CYS B 197 -12.69 9.63 -5.20
C CYS B 197 -12.38 10.93 -5.97
N THR B 198 -12.03 12.02 -5.29
CA THR B 198 -11.70 13.27 -5.99
C THR B 198 -10.27 13.30 -6.50
N SER B 199 -9.48 12.23 -6.41
CA SER B 199 -8.06 12.30 -6.75
C SER B 199 -7.80 12.82 -8.15
N SER B 200 -8.62 12.45 -9.13
CA SER B 200 -8.50 12.97 -10.48
C SER B 200 -8.81 14.46 -10.58
N ILE B 201 -9.94 14.93 -10.07
CA ILE B 201 -10.26 16.36 -10.19
C ILE B 201 -9.24 17.24 -9.45
N VAL B 202 -8.66 16.74 -8.36
CA VAL B 202 -7.58 17.43 -7.66
C VAL B 202 -6.33 17.47 -8.54
N ALA B 203 -5.95 16.35 -9.17
CA ALA B 203 -4.81 16.32 -10.07
C ALA B 203 -4.98 17.30 -11.22
N LEU B 204 -6.17 17.34 -11.80
CA LEU B 204 -6.48 18.26 -12.88
C LEU B 204 -6.45 19.72 -12.41
N HIS B 205 -6.96 20.03 -11.24
CA HIS B 205 -6.91 21.39 -10.68
C HIS B 205 -5.48 21.88 -10.53
N LEU B 206 -4.58 21.07 -9.99
CA LEU B 206 -3.19 21.47 -9.83
C LEU B 206 -2.51 21.69 -11.17
N ALA B 207 -2.81 20.88 -12.18
CA ALA B 207 -2.28 21.07 -13.51
C ALA B 207 -2.73 22.39 -14.15
N VAL B 208 -4.00 22.77 -13.95
CA VAL B 208 -4.51 24.09 -14.39
C VAL B 208 -3.75 25.21 -13.71
N LYS B 209 -3.49 25.14 -12.40
CA LYS B 209 -2.69 26.15 -11.72
C LYS B 209 -1.26 26.20 -12.24
N ALA B 210 -0.60 25.07 -12.43
CA ALA B 210 0.76 25.03 -12.95
C ALA B 210 0.89 25.74 -14.31
N LEU B 211 -0.03 25.48 -15.23
CA LEU B 211 -0.05 26.15 -16.53
C LEU B 211 -0.27 27.65 -16.41
N ARG B 212 -1.20 28.10 -15.56
CA ARG B 212 -1.47 29.53 -15.35
C ARG B 212 -0.31 30.27 -14.69
N ASN B 213 0.39 29.64 -13.75
CA ASN B 213 1.60 30.18 -13.14
C ASN B 213 2.76 30.27 -14.13
N GLY B 214 2.71 29.57 -15.26
CA GLY B 214 3.83 29.48 -16.19
C GLY B 214 4.94 28.55 -15.73
N GLU B 215 4.65 27.56 -14.89
CA GLU B 215 5.65 26.58 -14.46
C GLU B 215 6.10 25.65 -15.59
N CYS B 216 5.27 25.45 -16.62
CA CYS B 216 5.50 24.49 -17.70
C CYS B 216 4.82 24.88 -19.01
N ALA B 217 5.22 24.23 -20.10
CA ALA B 217 4.68 24.45 -21.44
C ALA B 217 3.40 23.67 -21.70
N LEU B 218 3.36 22.41 -21.29
CA LEU B 218 2.19 21.54 -21.29
C LEU B 218 2.06 20.89 -19.92
N ALA B 219 0.89 20.36 -19.64
CA ALA B 219 0.68 19.55 -18.46
C ALA B 219 -0.18 18.36 -18.84
N LEU B 220 -0.05 17.27 -18.10
CA LEU B 220 -0.53 15.97 -18.50
C LEU B 220 -1.17 15.33 -17.28
N ALA B 221 -2.48 15.33 -17.20
CA ALA B 221 -3.22 15.18 -15.95
C ALA B 221 -4.34 14.16 -16.04
N GLY B 222 -4.53 13.34 -15.01
CA GLY B 222 -5.50 12.26 -15.06
C GLY B 222 -5.36 11.30 -13.91
N GLY B 223 -5.60 10.02 -14.11
CA GLY B 223 -5.48 9.02 -13.05
C GLY B 223 -5.86 7.62 -13.48
N ALA B 224 -5.76 6.66 -12.56
CA ALA B 224 -6.17 5.29 -12.80
C ALA B 224 -6.74 4.64 -11.55
N CYS B 225 -7.57 3.62 -11.73
CA CYS B 225 -8.14 2.81 -10.67
C CYS B 225 -8.40 1.39 -11.18
N VAL B 226 -7.75 0.40 -10.60
CA VAL B 226 -7.94 -1.01 -10.94
C VAL B 226 -8.09 -1.82 -9.66
N MET B 227 -9.13 -2.62 -9.58
CA MET B 227 -9.38 -3.55 -8.49
C MET B 227 -8.56 -4.81 -8.73
N SER B 228 -7.25 -4.74 -8.50
CA SER B 228 -6.40 -5.92 -8.62
C SER B 228 -6.69 -6.96 -7.53
N LEU B 229 -7.20 -6.54 -6.37
CA LEU B 229 -7.70 -7.44 -5.33
C LEU B 229 -9.20 -7.23 -5.08
N PRO B 230 -9.94 -8.27 -4.68
CA PRO B 230 -11.37 -8.20 -4.45
C PRO B 230 -11.77 -7.44 -3.18
N THR B 231 -10.83 -7.11 -2.29
CA THR B 231 -11.13 -6.70 -0.91
C THR B 231 -12.02 -5.46 -0.80
N VAL B 232 -11.91 -4.50 -1.71
CA VAL B 232 -12.79 -3.32 -1.68
C VAL B 232 -14.23 -3.67 -2.04
N LEU B 233 -14.47 -4.60 -2.97
CA LEU B 233 -15.82 -5.11 -3.24
C LEU B 233 -16.35 -5.85 -2.03
N MET B 234 -15.52 -6.66 -1.38
CA MET B 234 -15.93 -7.38 -0.17
C MET B 234 -16.31 -6.40 0.94
N ASP B 235 -15.58 -5.33 1.16
CA ASP B 235 -15.95 -4.33 2.18
C ASP B 235 -17.28 -3.65 1.87
N PHE B 236 -17.49 -3.21 0.64
CA PHE B 236 -18.73 -2.54 0.29
C PHE B 236 -19.92 -3.49 0.31
N HIS B 237 -19.71 -4.78 -0.01
CA HIS B 237 -20.75 -5.79 0.10
C HIS B 237 -21.03 -6.17 1.55
N ARG B 238 -20.00 -6.32 2.40
CA ARG B 238 -20.16 -6.64 3.82
C ARG B 238 -20.98 -5.59 4.54
N ARG B 239 -20.71 -4.31 4.25
CA ARG B 239 -21.42 -3.17 4.85
C ARG B 239 -22.69 -2.77 4.10
N SER B 240 -23.13 -3.57 3.12
CA SER B 240 -24.37 -3.37 2.36
C SER B 240 -24.47 -2.00 1.66
N LEU B 241 -23.35 -1.41 1.28
CA LEU B 241 -23.30 -0.12 0.58
C LEU B 241 -23.71 -0.25 -0.89
N LEU B 242 -23.43 -1.39 -1.52
CA LEU B 242 -23.75 -1.60 -2.92
C LEU B 242 -25.25 -1.62 -3.19
N ALA B 243 -25.69 -1.01 -4.29
CA ALA B 243 -26.98 -1.32 -4.88
C ALA B 243 -27.06 -2.83 -5.20
N PRO B 244 -28.20 -3.49 -5.00
CA PRO B 244 -28.27 -4.95 -5.02
C PRO B 244 -28.03 -5.57 -6.40
N ASP B 245 -28.38 -4.86 -7.47
CA ASP B 245 -28.09 -5.23 -8.86
C ASP B 245 -26.80 -4.56 -9.38
N GLY B 246 -26.12 -3.78 -8.55
CA GLY B 246 -24.93 -3.02 -8.92
C GLY B 246 -25.18 -1.82 -9.83
N ARG B 247 -26.39 -1.29 -9.98
CA ARG B 247 -26.61 -0.07 -10.79
C ARG B 247 -26.62 1.18 -9.91
N SER B 248 -25.79 2.16 -10.23
CA SER B 248 -25.89 3.52 -9.68
C SER B 248 -27.05 4.27 -10.35
N LYS B 249 -28.23 4.25 -9.74
CA LYS B 249 -29.46 4.80 -10.31
C LYS B 249 -29.54 6.31 -10.08
N SER B 250 -28.60 7.05 -10.66
CA SER B 250 -28.31 8.46 -10.35
C SER B 250 -29.55 9.34 -10.24
N PHE B 251 -29.74 10.01 -9.10
CA PHE B 251 -30.82 10.95 -8.82
C PHE B 251 -32.25 10.40 -8.90
N ALA B 252 -32.46 9.12 -9.15
CA ALA B 252 -33.78 8.53 -9.24
C ALA B 252 -34.43 8.33 -7.86
N ALA B 253 -35.74 8.17 -7.81
CA ALA B 253 -36.43 7.67 -6.63
C ALA B 253 -36.00 6.23 -6.26
N ALA B 254 -35.49 5.46 -7.23
CA ALA B 254 -34.97 4.11 -7.06
C ALA B 254 -33.51 4.05 -6.55
N ALA B 255 -32.98 5.10 -5.95
CA ALA B 255 -31.59 5.19 -5.50
C ALA B 255 -31.27 4.21 -4.35
N ASP B 256 -30.89 2.98 -4.69
CA ASP B 256 -30.61 1.89 -3.73
C ASP B 256 -29.25 1.99 -3.01
N GLY B 257 -28.22 2.50 -3.67
CA GLY B 257 -26.85 2.44 -3.17
C GLY B 257 -25.82 2.75 -4.25
N VAL B 258 -24.54 2.60 -3.93
CA VAL B 258 -23.42 2.87 -4.85
C VAL B 258 -23.10 1.67 -5.74
N SER B 259 -22.16 1.82 -6.68
CA SER B 259 -21.64 0.69 -7.45
C SER B 259 -20.21 0.92 -7.91
N LEU B 260 -19.28 0.03 -7.54
CA LEU B 260 -17.87 0.19 -7.87
C LEU B 260 -17.58 -0.11 -9.33
N ALA B 261 -16.54 0.52 -9.87
CA ALA B 261 -16.04 0.26 -11.21
C ALA B 261 -14.57 0.68 -11.34
N GLU B 262 -13.91 0.20 -12.39
CA GLU B 262 -12.53 0.50 -12.73
C GLU B 262 -12.45 1.59 -13.80
N GLY B 263 -11.27 2.11 -14.09
CA GLY B 263 -11.09 3.08 -15.16
C GLY B 263 -9.71 3.71 -15.16
N ALA B 264 -9.29 4.28 -16.28
CA ALA B 264 -8.08 5.07 -16.36
C ALA B 264 -8.22 6.12 -17.45
N GLY B 265 -7.52 7.24 -17.33
CA GLY B 265 -7.57 8.28 -18.35
C GLY B 265 -6.55 9.38 -18.12
N MET B 266 -6.07 10.00 -19.19
CA MET B 266 -5.16 11.14 -19.14
C MET B 266 -5.60 12.18 -20.16
N LEU B 267 -5.56 13.45 -19.77
CA LEU B 267 -5.79 14.60 -20.64
C LEU B 267 -4.46 15.30 -20.85
N LEU B 268 -4.18 15.76 -22.07
CA LEU B 268 -3.05 16.63 -22.33
C LEU B 268 -3.57 18.07 -22.42
N LEU B 269 -2.96 18.99 -21.67
CA LEU B 269 -3.43 20.35 -21.47
C LEU B 269 -2.38 21.37 -21.89
N GLU B 270 -2.79 22.52 -22.41
CA GLU B 270 -1.92 23.66 -22.69
C GLU B 270 -2.68 24.99 -22.59
N ARG B 271 -2.02 26.12 -22.31
CA ARG B 271 -2.68 27.43 -22.32
C ARG B 271 -3.28 27.72 -23.68
N LEU B 272 -4.50 28.23 -23.74
CA LEU B 272 -5.20 28.35 -25.01
C LEU B 272 -4.48 29.24 -26.03
N SER B 273 -3.88 30.34 -25.60
CA SER B 273 -3.08 31.18 -26.50
C SER B 273 -1.90 30.43 -27.10
N ASP B 274 -1.25 29.54 -26.37
CA ASP B 274 -0.14 28.74 -26.91
C ASP B 274 -0.62 27.62 -27.83
N ALA B 275 -1.75 26.99 -27.52
CA ALA B 275 -2.37 26.03 -28.41
C ALA B 275 -2.69 26.65 -29.77
N ARG B 276 -3.26 27.86 -29.78
CA ARG B 276 -3.57 28.60 -31.01
C ARG B 276 -2.32 29.10 -31.74
N ARG B 277 -1.29 29.56 -31.05
CA ARG B 277 0.00 29.93 -31.68
C ARG B 277 0.66 28.76 -32.41
N ASN B 278 0.66 27.57 -31.81
CA ASN B 278 1.23 26.36 -32.44
C ASN B 278 0.30 25.69 -33.45
N GLY B 279 -1.00 25.98 -33.43
CA GLY B 279 -1.97 25.31 -34.29
C GLY B 279 -2.29 23.88 -33.89
N HIS B 280 -2.14 23.52 -32.61
CA HIS B 280 -2.65 22.25 -32.10
C HIS B 280 -4.20 22.20 -32.17
N PRO B 281 -4.83 21.01 -32.22
CA PRO B 281 -6.28 20.91 -32.11
C PRO B 281 -6.75 21.28 -30.70
N VAL B 282 -8.01 21.66 -30.53
CA VAL B 282 -8.62 21.90 -29.21
C VAL B 282 -9.93 21.14 -29.11
N MET B 283 -10.07 20.26 -28.11
CA MET B 283 -11.29 19.47 -27.92
C MET B 283 -12.33 20.18 -27.05
N ALA B 284 -11.88 20.95 -26.06
CA ALA B 284 -12.68 21.82 -25.19
C ALA B 284 -11.75 22.75 -24.41
N VAL B 285 -12.31 23.75 -23.74
CA VAL B 285 -11.55 24.68 -22.92
C VAL B 285 -11.98 24.58 -21.46
N ILE B 286 -11.08 24.24 -20.54
CA ILE B 286 -11.31 24.34 -19.11
C ILE B 286 -11.17 25.81 -18.72
N ARG B 287 -12.22 26.38 -18.17
CA ARG B 287 -12.32 27.82 -17.92
C ARG B 287 -11.99 28.21 -16.49
N GLY B 288 -12.28 27.37 -15.51
CA GLY B 288 -11.94 27.64 -14.11
C GLY B 288 -12.29 26.50 -13.17
N THR B 289 -11.66 26.45 -12.01
CA THR B 289 -11.67 25.27 -11.12
C THR B 289 -11.61 25.64 -9.64
N ALA B 290 -12.11 24.79 -8.75
CA ALA B 290 -11.96 24.99 -7.31
C ALA B 290 -12.02 23.68 -6.52
N ILE B 291 -11.46 23.69 -5.31
CA ILE B 291 -11.51 22.59 -4.33
C ILE B 291 -11.83 23.18 -2.95
N ASN B 292 -12.57 22.47 -2.11
CA ASN B 292 -12.64 22.77 -0.68
C ASN B 292 -12.85 21.49 0.14
N GLN B 293 -12.70 21.58 1.45
CA GLN B 293 -13.20 20.57 2.37
C GLN B 293 -14.61 20.92 2.82
N ASP B 294 -15.39 19.92 3.23
CA ASP B 294 -16.62 20.14 4.00
C ASP B 294 -16.39 20.25 5.52
N GLY B 295 -15.15 20.08 5.98
CA GLY B 295 -14.77 20.31 7.37
C GLY B 295 -15.43 19.33 8.33
N ALA B 296 -15.84 19.83 9.50
CA ALA B 296 -16.57 19.05 10.51
C ALA B 296 -17.41 19.98 11.38
N THR B 297 -18.71 19.71 11.50
CA THR B 297 -19.65 20.44 12.35
C THR B 297 -20.91 19.58 12.58
N ASN B 298 -21.96 20.14 13.17
CA ASN B 298 -23.23 19.43 13.37
C ASN B 298 -23.90 19.09 12.03
N GLY B 299 -24.27 17.81 11.83
CA GLY B 299 -24.95 17.34 10.62
C GLY B 299 -26.28 18.02 10.30
N ILE B 300 -26.93 18.64 11.30
CA ILE B 300 -28.22 19.31 11.13
C ILE B 300 -28.18 20.48 10.15
N ILE B 301 -27.04 21.17 10.04
CA ILE B 301 -26.84 22.29 9.10
C ILE B 301 -26.32 21.85 7.72
N SER B 302 -26.29 20.54 7.43
CA SER B 302 -25.83 19.94 6.16
C SER B 302 -24.42 20.36 5.73
N PRO B 303 -23.35 19.89 6.41
CA PRO B 303 -21.99 20.35 6.16
C PRO B 303 -21.57 20.17 4.70
N SER B 304 -21.84 19.00 4.13
CA SER B 304 -21.63 18.68 2.72
C SER B 304 -22.44 19.60 1.80
N GLY B 305 -23.69 19.89 2.14
CA GLY B 305 -24.54 20.82 1.38
C GLY B 305 -23.94 22.21 1.29
N ARG B 306 -23.55 22.80 2.43
CA ARG B 306 -22.90 24.12 2.46
C ARG B 306 -21.59 24.12 1.72
N ALA B 307 -20.76 23.10 1.92
CA ALA B 307 -19.49 23.00 1.23
C ALA B 307 -19.64 22.92 -0.28
N GLN B 308 -20.64 22.19 -0.77
CA GLN B 308 -20.95 22.13 -2.19
C GLN B 308 -21.39 23.48 -2.73
N GLU B 309 -22.21 24.23 -2.00
CA GLU B 309 -22.56 25.58 -2.43
C GLU B 309 -21.35 26.50 -2.50
N ARG B 310 -20.42 26.42 -1.55
CA ARG B 310 -19.20 27.23 -1.59
C ARG B 310 -18.31 26.87 -2.77
N VAL B 311 -18.06 25.59 -3.02
CA VAL B 311 -17.13 25.21 -4.09
C VAL B 311 -17.67 25.58 -5.46
N ILE B 312 -18.99 25.49 -5.69
CA ILE B 312 -19.60 25.95 -6.94
C ILE B 312 -19.33 27.43 -7.15
N ARG B 313 -19.61 28.26 -6.14
CA ARG B 313 -19.38 29.72 -6.27
C ARG B 313 -17.92 30.06 -6.46
N ALA B 314 -17.00 29.35 -5.81
CA ALA B 314 -15.58 29.56 -5.99
C ALA B 314 -15.11 29.20 -7.40
N ALA B 315 -15.58 28.09 -7.98
CA ALA B 315 -15.20 27.70 -9.34
C ALA B 315 -15.68 28.71 -10.38
N LEU B 316 -16.90 29.22 -10.23
CA LEU B 316 -17.42 30.28 -11.08
C LEU B 316 -16.56 31.55 -10.95
N ALA B 317 -16.26 31.98 -9.73
CA ALA B 317 -15.44 33.16 -9.48
C ALA B 317 -14.01 33.02 -10.02
N ASP B 318 -13.41 31.83 -10.02
CA ASP B 318 -12.11 31.59 -10.65
C ASP B 318 -12.17 31.82 -12.16
N GLY B 319 -13.17 31.22 -12.82
CA GLY B 319 -13.31 31.30 -14.27
C GLY B 319 -13.85 32.63 -14.80
N ARG B 320 -14.23 33.57 -13.92
CA ARG B 320 -14.87 34.86 -14.23
C ARG B 320 -16.24 34.76 -14.91
N VAL B 321 -16.77 33.55 -15.10
CA VAL B 321 -18.12 33.31 -15.65
C VAL B 321 -19.21 33.58 -14.62
N THR B 322 -20.46 33.60 -15.05
CA THR B 322 -21.64 33.82 -14.20
C THR B 322 -22.63 32.66 -14.33
N ALA B 323 -23.31 32.30 -13.24
CA ALA B 323 -24.06 31.05 -13.15
C ALA B 323 -25.21 30.91 -14.15
N ASP B 324 -25.73 32.01 -14.69
CA ASP B 324 -26.73 32.01 -15.76
C ASP B 324 -26.17 31.51 -17.10
N SER B 325 -24.86 31.63 -17.32
CA SER B 325 -24.21 31.27 -18.58
C SER B 325 -23.80 29.80 -18.68
N VAL B 326 -24.20 28.96 -17.72
CA VAL B 326 -23.99 27.51 -17.72
C VAL B 326 -25.26 26.80 -18.14
N ASP B 327 -25.17 25.85 -19.07
CA ASP B 327 -26.33 25.15 -19.64
C ASP B 327 -26.65 23.84 -18.96
N ALA B 328 -25.63 23.11 -18.54
CA ALA B 328 -25.76 21.76 -18.01
C ALA B 328 -24.72 21.49 -16.93
N VAL B 329 -24.98 20.52 -16.07
CA VAL B 329 -24.01 20.06 -15.09
C VAL B 329 -23.97 18.55 -15.04
N GLU B 330 -22.77 18.02 -15.07
CA GLU B 330 -22.50 16.60 -14.96
C GLU B 330 -22.21 16.35 -13.48
N GLY B 331 -23.27 16.06 -12.73
CA GLY B 331 -23.22 15.93 -11.27
C GLY B 331 -22.52 14.65 -10.84
N HIS B 332 -22.26 14.53 -9.54
CA HIS B 332 -21.70 13.30 -8.98
C HIS B 332 -22.74 12.19 -9.07
N GLY B 333 -23.88 12.34 -8.40
CA GLY B 333 -25.05 11.46 -8.59
C GLY B 333 -24.73 9.98 -8.41
N VAL B 334 -23.94 9.63 -7.41
CA VAL B 334 -23.36 8.27 -7.25
C VAL B 334 -24.41 7.20 -6.96
N GLY B 335 -25.62 7.57 -6.52
CA GLY B 335 -26.73 6.66 -6.26
C GLY B 335 -27.01 6.39 -4.78
N ALA B 336 -26.24 6.98 -3.87
CA ALA B 336 -26.54 6.93 -2.45
C ALA B 336 -27.80 7.75 -2.14
N THR B 337 -28.72 7.21 -1.35
CA THR B 337 -30.11 7.67 -1.34
C THR B 337 -30.28 9.13 -0.89
N LEU B 338 -29.55 9.53 0.14
CA LEU B 338 -29.59 10.90 0.69
C LEU B 338 -28.63 11.84 -0.03
N GLY B 339 -27.42 11.37 -0.38
CA GLY B 339 -26.37 12.20 -0.98
C GLY B 339 -26.78 12.81 -2.31
N ASP B 340 -27.46 12.04 -3.17
CA ASP B 340 -28.00 12.56 -4.43
C ASP B 340 -29.00 13.71 -4.17
N GLY B 341 -29.81 13.63 -3.12
CA GLY B 341 -30.73 14.71 -2.75
C GLY B 341 -30.00 15.98 -2.29
N VAL B 342 -28.93 15.83 -1.50
CA VAL B 342 -28.11 16.96 -1.07
C VAL B 342 -27.46 17.64 -2.26
N GLU B 343 -26.93 16.88 -3.22
CA GLU B 343 -26.32 17.48 -4.40
C GLU B 343 -27.34 18.31 -5.17
N VAL B 344 -28.50 17.75 -5.51
CA VAL B 344 -29.55 18.50 -6.21
C VAL B 344 -29.94 19.74 -5.42
N THR B 345 -30.04 19.65 -4.10
CA THR B 345 -30.35 20.80 -3.25
C THR B 345 -29.31 21.90 -3.42
N SER B 346 -28.03 21.57 -3.40
CA SER B 346 -26.98 22.57 -3.56
C SER B 346 -26.92 23.17 -4.97
N LEU B 347 -27.43 22.47 -5.99
CA LEU B 347 -27.57 23.04 -7.33
C LEU B 347 -28.75 23.99 -7.41
N LEU B 348 -29.87 23.65 -6.79
CA LEU B 348 -31.05 24.52 -6.73
C LEU B 348 -30.73 25.86 -6.05
N SER B 349 -29.92 25.85 -5.00
CA SER B 349 -29.51 27.05 -4.27
C SER B 349 -28.34 27.83 -4.90
N THR B 350 -27.70 27.32 -5.96
CA THR B 350 -26.64 28.01 -6.72
C THR B 350 -27.12 28.34 -8.12
N TYR B 351 -26.89 27.47 -9.11
CA TYR B 351 -27.34 27.64 -10.48
C TYR B 351 -28.85 27.82 -10.60
N GLY B 352 -29.62 27.13 -9.76
CA GLY B 352 -31.08 27.15 -9.80
C GLY B 352 -31.72 28.49 -9.39
N GLN B 353 -30.95 29.47 -8.92
CA GLN B 353 -31.42 30.81 -8.60
C GLN B 353 -31.32 31.80 -9.75
N GLU B 354 -30.52 31.53 -10.78
CA GLU B 354 -30.07 32.56 -11.73
C GLU B 354 -30.44 32.27 -13.18
N ARG B 355 -31.29 31.28 -13.44
CA ARG B 355 -31.54 30.76 -14.79
C ARG B 355 -32.08 31.84 -15.74
N PRO B 356 -31.64 31.88 -17.01
CA PRO B 356 -32.34 32.62 -18.05
C PRO B 356 -33.77 32.14 -18.25
N ALA B 357 -34.62 32.99 -18.81
CA ALA B 357 -36.04 32.70 -18.98
C ALA B 357 -36.27 31.44 -19.82
N GLY B 358 -36.84 30.40 -19.22
CA GLY B 358 -37.12 29.11 -19.88
C GLY B 358 -35.90 28.23 -20.13
N ARG B 359 -34.76 28.47 -19.48
CA ARG B 359 -33.50 27.70 -19.65
C ARG B 359 -33.14 26.94 -18.37
N PRO B 360 -33.90 25.92 -17.96
CA PRO B 360 -33.59 25.16 -16.76
C PRO B 360 -32.25 24.45 -16.89
N LEU B 361 -31.51 24.32 -15.79
CA LEU B 361 -30.24 23.63 -15.79
C LEU B 361 -30.49 22.13 -16.03
N LEU B 362 -29.82 21.55 -17.01
CA LEU B 362 -29.93 20.13 -17.30
C LEU B 362 -28.91 19.36 -16.46
N LEU B 363 -29.36 18.40 -15.68
CA LEU B 363 -28.52 17.61 -14.78
C LEU B 363 -28.44 16.15 -15.26
N GLY B 364 -27.26 15.56 -15.27
CA GLY B 364 -27.09 14.12 -15.49
C GLY B 364 -25.83 13.56 -14.85
N SER B 365 -25.59 12.25 -14.96
CA SER B 365 -24.36 11.62 -14.48
C SER B 365 -24.00 10.34 -15.24
N VAL B 366 -22.80 10.28 -15.80
CA VAL B 366 -22.23 9.11 -16.50
C VAL B 366 -22.08 7.91 -15.58
N LYS B 367 -22.09 8.10 -14.25
CA LYS B 367 -22.04 6.98 -13.31
C LYS B 367 -23.24 6.06 -13.47
N SER B 368 -24.34 6.55 -14.02
CA SER B 368 -25.47 5.70 -14.40
C SER B 368 -25.13 4.72 -15.52
N ASN B 369 -24.25 5.06 -16.47
CA ASN B 369 -23.83 4.16 -17.54
C ASN B 369 -22.70 3.21 -17.15
N ILE B 370 -21.72 3.66 -16.35
CA ILE B 370 -20.48 2.90 -16.12
C ILE B 370 -20.13 2.64 -14.65
N GLY B 371 -21.01 2.96 -13.71
CA GLY B 371 -20.71 2.85 -12.28
C GLY B 371 -19.77 3.95 -11.79
N HIS B 372 -19.30 3.87 -10.55
CA HIS B 372 -18.65 4.99 -9.87
C HIS B 372 -17.25 5.33 -10.40
N THR B 373 -16.46 4.37 -10.83
CA THR B 373 -15.06 4.53 -11.31
C THR B 373 -14.08 5.12 -10.30
N GLN B 374 -14.49 5.39 -9.05
CA GLN B 374 -13.60 5.71 -7.94
C GLN B 374 -12.67 6.88 -8.25
N THR B 375 -11.34 6.69 -8.32
CA THR B 375 -10.38 7.80 -8.41
C THR B 375 -10.49 8.63 -9.68
N VAL B 376 -11.10 8.13 -10.75
CA VAL B 376 -11.11 8.78 -12.08
C VAL B 376 -12.47 9.35 -12.48
N GLY B 377 -13.44 9.44 -11.59
CA GLY B 377 -14.80 9.84 -11.95
C GLY B 377 -14.88 11.16 -12.72
N ALA B 378 -14.02 12.13 -12.39
CA ALA B 378 -13.96 13.39 -13.11
C ALA B 378 -13.45 13.25 -14.55
N VAL B 379 -12.56 12.32 -14.87
CA VAL B 379 -12.19 12.09 -16.28
C VAL B 379 -13.39 11.60 -17.07
N ALA B 380 -14.14 10.63 -16.54
CA ALA B 380 -15.33 10.15 -17.23
C ALA B 380 -16.32 11.28 -17.50
N GLY B 381 -16.52 12.17 -16.53
CA GLY B 381 -17.33 13.37 -16.72
C GLY B 381 -16.81 14.26 -17.85
N ILE B 382 -15.52 14.59 -17.88
CA ILE B 382 -14.98 15.43 -18.95
C ILE B 382 -15.16 14.74 -20.30
N VAL B 383 -14.83 13.45 -20.43
CA VAL B 383 -14.93 12.77 -21.72
C VAL B 383 -16.34 12.81 -22.26
N LYS B 384 -17.35 12.57 -21.42
CA LYS B 384 -18.75 12.75 -21.81
C LYS B 384 -19.01 14.17 -22.31
N LEU B 385 -18.66 15.20 -21.56
CA LEU B 385 -18.94 16.58 -21.98
C LEU B 385 -18.20 16.98 -23.25
N VAL B 386 -16.96 16.56 -23.42
CA VAL B 386 -16.17 16.85 -24.63
C VAL B 386 -16.83 16.25 -25.86
N MET B 387 -17.31 15.01 -25.77
CA MET B 387 -18.03 14.39 -26.88
C MET B 387 -19.41 15.01 -27.09
N ALA B 388 -20.12 15.39 -26.04
CA ALA B 388 -21.39 16.09 -26.13
C ALA B 388 -21.24 17.42 -26.88
N LEU B 389 -20.20 18.19 -26.59
CA LEU B 389 -19.90 19.42 -27.31
C LEU B 389 -19.67 19.16 -28.79
N ARG B 390 -18.85 18.15 -29.16
CA ARG B 390 -18.59 17.81 -30.57
C ARG B 390 -19.82 17.33 -31.32
N ASN B 391 -20.68 16.57 -30.68
CA ASN B 391 -21.90 16.03 -31.31
C ASN B 391 -23.12 16.93 -31.18
N GLU B 392 -23.00 18.09 -30.53
CA GLU B 392 -24.10 19.04 -30.34
C GLU B 392 -25.33 18.43 -29.67
N ARG B 393 -25.14 17.51 -28.72
CA ARG B 393 -26.23 16.81 -28.03
C ARG B 393 -25.82 16.49 -26.61
N LEU B 394 -26.77 16.49 -25.68
CA LEU B 394 -26.56 16.00 -24.32
C LEU B 394 -27.28 14.64 -24.17
N PRO B 395 -26.59 13.53 -23.85
CA PRO B 395 -27.22 12.22 -23.72
C PRO B 395 -28.09 12.09 -22.48
N ARG B 396 -29.13 11.24 -22.52
CA ARG B 396 -29.99 11.01 -21.35
C ARG B 396 -29.29 10.26 -20.22
N THR B 397 -29.72 10.49 -18.99
CA THR B 397 -29.34 9.66 -17.82
C THR B 397 -30.18 8.38 -17.82
N VAL B 398 -29.56 7.22 -17.65
CA VAL B 398 -30.28 5.93 -17.64
C VAL B 398 -30.81 5.57 -16.25
N HIS B 399 -31.77 4.65 -16.18
CA HIS B 399 -32.41 4.17 -14.94
C HIS B 399 -33.19 5.23 -14.12
N VAL B 400 -33.53 6.38 -14.69
CA VAL B 400 -34.34 7.39 -13.99
C VAL B 400 -35.83 7.05 -14.07
N ASP B 401 -36.33 6.30 -13.09
CA ASP B 401 -37.77 6.00 -12.97
C ASP B 401 -38.61 7.25 -12.67
N GLY B 402 -38.03 8.21 -11.96
CA GLY B 402 -38.63 9.49 -11.59
C GLY B 402 -37.68 10.26 -10.68
N PRO B 403 -37.71 11.59 -10.63
CA PRO B 403 -36.77 12.38 -9.84
C PRO B 403 -36.86 12.07 -8.34
N THR B 404 -35.73 12.04 -7.64
CA THR B 404 -35.68 11.64 -6.23
C THR B 404 -36.57 12.53 -5.34
N PRO B 405 -37.34 11.96 -4.40
CA PRO B 405 -38.17 12.73 -3.48
C PRO B 405 -37.35 13.52 -2.44
N HIS B 406 -36.06 13.23 -2.28
CA HIS B 406 -35.18 13.92 -1.33
C HIS B 406 -34.68 15.29 -1.79
N ALA B 407 -35.28 15.89 -2.81
CA ALA B 407 -35.01 17.25 -3.26
C ALA B 407 -36.27 17.92 -3.83
N ASP B 408 -36.36 19.25 -3.76
CA ASP B 408 -37.54 19.98 -4.21
C ASP B 408 -37.43 20.45 -5.67
N TRP B 409 -37.89 19.63 -6.60
CA TRP B 409 -37.93 19.95 -8.03
C TRP B 409 -38.97 21.01 -8.43
N SER B 410 -39.81 21.49 -7.52
CA SER B 410 -41.03 22.23 -7.87
C SER B 410 -40.82 23.59 -8.51
N SER B 411 -39.63 24.20 -8.35
CA SER B 411 -39.27 25.43 -9.05
C SER B 411 -39.14 25.23 -10.56
N GLY B 412 -38.86 24.01 -11.01
CA GLY B 412 -38.53 23.69 -12.40
C GLY B 412 -37.20 24.27 -12.88
N THR B 413 -36.41 24.95 -12.04
CA THR B 413 -35.17 25.61 -12.48
C THR B 413 -34.00 24.65 -12.70
N VAL B 414 -34.06 23.43 -12.17
CA VAL B 414 -33.14 22.32 -12.47
C VAL B 414 -33.98 21.10 -12.85
N ARG B 415 -33.61 20.34 -13.87
CA ARG B 415 -34.29 19.07 -14.17
C ARG B 415 -33.37 17.99 -14.69
N LEU B 416 -33.69 16.74 -14.38
CA LEU B 416 -32.93 15.60 -14.87
C LEU B 416 -33.08 15.48 -16.37
N LEU B 417 -31.98 15.15 -17.03
CA LEU B 417 -31.93 14.95 -18.45
C LEU B 417 -32.39 13.53 -18.80
N THR B 418 -33.70 13.31 -18.83
CA THR B 418 -34.32 11.98 -19.02
C THR B 418 -34.53 11.61 -20.50
N GLU B 419 -34.34 12.52 -21.42
CA GLU B 419 -34.31 12.31 -22.87
C GLU B 419 -33.18 13.14 -23.49
N PRO B 420 -32.53 12.70 -24.57
CA PRO B 420 -31.42 13.44 -25.13
C PRO B 420 -31.90 14.78 -25.71
N GLU B 421 -31.11 15.83 -25.58
CA GLU B 421 -31.49 17.18 -26.02
C GLU B 421 -30.43 17.85 -26.90
N PRO B 422 -30.82 18.63 -27.92
CA PRO B 422 -29.89 19.30 -28.80
C PRO B 422 -29.15 20.41 -28.06
N TRP B 423 -27.89 20.62 -28.42
CA TRP B 423 -26.99 21.57 -27.78
C TRP B 423 -26.07 22.18 -28.84
N ARG B 424 -26.67 22.92 -29.77
CA ARG B 424 -26.05 23.47 -30.98
C ARG B 424 -25.05 24.57 -30.66
N ARG B 425 -24.00 24.71 -31.48
CA ARG B 425 -23.22 25.95 -31.54
C ARG B 425 -24.13 27.11 -31.98
N GLY B 426 -23.91 28.31 -31.46
CA GLY B 426 -24.76 29.46 -31.72
C GLY B 426 -24.24 30.75 -31.07
N GLU B 427 -25.12 31.71 -30.82
CA GLU B 427 -24.75 32.99 -30.23
C GLU B 427 -24.38 32.86 -28.74
N ARG B 428 -25.15 32.06 -28.00
CA ARG B 428 -24.87 31.71 -26.61
C ARG B 428 -23.71 30.73 -26.54
N VAL B 429 -22.62 31.10 -25.87
CA VAL B 429 -21.47 30.21 -25.68
C VAL B 429 -21.88 29.03 -24.82
N ARG B 430 -21.74 27.80 -25.31
CA ARG B 430 -22.10 26.61 -24.53
C ARG B 430 -21.10 26.43 -23.40
N ARG B 431 -21.58 26.17 -22.20
CA ARG B 431 -20.75 25.84 -21.03
C ARG B 431 -21.41 24.80 -20.17
N ALA B 432 -20.62 24.01 -19.48
CA ALA B 432 -21.09 23.00 -18.55
C ALA B 432 -20.13 22.85 -17.38
N GLY B 433 -20.59 22.33 -16.26
CA GLY B 433 -19.75 22.08 -15.09
C GLY B 433 -19.66 20.62 -14.67
N LEU B 434 -18.56 20.23 -14.03
CA LEU B 434 -18.45 18.95 -13.31
C LEU B 434 -18.56 19.16 -11.82
N THR B 435 -19.16 18.23 -11.10
CA THR B 435 -19.00 18.12 -9.64
C THR B 435 -18.41 16.78 -9.29
N CYS B 436 -17.50 16.71 -8.32
CA CYS B 436 -16.99 15.44 -7.79
C CYS B 436 -16.80 15.55 -6.28
N LEU B 437 -17.13 14.50 -5.52
CA LEU B 437 -17.30 14.54 -4.06
C LEU B 437 -16.72 13.28 -3.40
N THR B 438 -16.39 13.34 -2.12
CA THR B 438 -15.97 12.15 -1.36
C THR B 438 -16.15 12.29 0.16
N LEU B 439 -16.18 11.18 0.89
CA LEU B 439 -16.48 11.11 2.32
C LEU B 439 -15.42 11.78 3.20
N SER B 440 -14.14 11.65 2.85
CA SER B 440 -13.04 12.36 3.55
C SER B 440 -13.12 13.88 3.41
N GLY B 441 -14.01 14.38 2.57
CA GLY B 441 -14.50 15.75 2.63
C GLY B 441 -14.11 16.65 1.46
N THR B 442 -13.16 16.25 0.61
CA THR B 442 -12.80 17.08 -0.54
C THR B 442 -13.92 17.11 -1.56
N ASN B 443 -14.27 18.30 -2.03
CA ASN B 443 -15.21 18.52 -3.11
C ASN B 443 -14.49 19.29 -4.21
N GLY B 444 -14.85 19.09 -5.46
CA GLY B 444 -14.28 19.85 -6.57
C GLY B 444 -15.32 20.23 -7.61
N HIS B 445 -15.11 21.32 -8.30
CA HIS B 445 -15.98 21.77 -9.39
C HIS B 445 -15.16 22.40 -10.52
N LEU B 446 -15.55 22.19 -11.77
CA LEU B 446 -14.90 22.73 -12.98
C LEU B 446 -15.92 23.43 -13.86
N ILE B 447 -15.50 24.35 -14.71
CA ILE B 447 -16.30 24.89 -15.81
C ILE B 447 -15.61 24.59 -17.13
N LEU B 448 -16.35 24.18 -18.16
CA LEU B 448 -15.86 23.91 -19.51
C LEU B 448 -16.56 24.79 -20.54
N GLU B 449 -15.92 25.06 -21.67
CA GLU B 449 -16.51 25.72 -22.82
C GLU B 449 -16.21 25.00 -24.13
N GLU B 450 -16.94 25.37 -25.17
CA GLU B 450 -16.66 25.04 -26.56
C GLU B 450 -15.22 25.32 -26.97
N PRO B 451 -14.65 24.56 -27.91
CA PRO B 451 -13.50 25.02 -28.68
C PRO B 451 -13.81 26.37 -29.35
N PRO B 452 -12.87 27.31 -29.38
CA PRO B 452 -13.12 28.64 -29.90
C PRO B 452 -13.17 28.64 -31.43
N ALA B 453 -14.38 28.53 -31.97
CA ALA B 453 -14.75 28.93 -33.33
C ALA B 453 -13.81 28.42 -34.44
N ASP B 454 -13.45 27.14 -34.42
CA ASP B 454 -12.62 26.53 -35.45
C ASP B 454 -13.30 26.60 -36.82
N GLU B 455 -12.65 27.18 -37.82
CA GLU B 455 -13.21 27.42 -39.15
C GLU B 455 -12.16 27.12 -40.23
N PRO B 456 -12.20 25.95 -40.88
CA PRO B 456 -11.25 25.58 -41.91
C PRO B 456 -11.28 26.54 -43.10
N ALA B 457 -10.12 26.85 -43.68
CA ALA B 457 -10.02 27.59 -44.93
C ALA B 457 -10.62 26.79 -46.09
N ALA B 458 -11.15 27.47 -47.11
CA ALA B 458 -11.67 26.83 -48.32
C ALA B 458 -10.55 26.10 -49.10
N ARG B 459 -10.81 24.85 -49.48
CA ARG B 459 -9.83 24.02 -50.21
C ARG B 459 -9.72 24.50 -51.66
N PRO B 460 -8.51 24.70 -52.21
CA PRO B 460 -8.33 25.07 -53.60
C PRO B 460 -8.69 23.91 -54.54
N ALA B 461 -9.05 24.22 -55.79
CA ALA B 461 -9.16 23.22 -56.85
C ALA B 461 -7.77 22.67 -57.24
N ASN B 462 -7.66 21.37 -57.47
CA ASN B 462 -6.43 20.72 -57.95
C ASN B 462 -6.75 19.42 -58.72
N PRO B 463 -5.88 19.00 -59.66
CA PRO B 463 -5.90 17.64 -60.22
C PRO B 463 -5.41 16.61 -59.19
N GLU B 464 -5.79 15.35 -59.34
CA GLU B 464 -5.47 14.27 -58.41
C GLU B 464 -4.00 13.78 -58.51
N ARG B 465 -3.08 14.64 -58.08
CA ARG B 465 -1.66 14.31 -57.88
C ARG B 465 -1.51 13.17 -56.87
N THR B 466 -0.44 12.39 -56.98
CA THR B 466 -0.19 11.21 -56.12
C THR B 466 -0.12 11.57 -54.64
N VAL B 467 -0.57 10.68 -53.77
CA VAL B 467 -0.46 10.78 -52.31
C VAL B 467 0.40 9.63 -51.77
N PRO B 468 1.47 9.90 -51.00
CA PRO B 468 2.20 8.87 -50.28
C PRO B 468 1.63 8.68 -48.86
N LEU B 469 0.89 7.60 -48.59
CA LEU B 469 0.57 7.23 -47.21
C LEU B 469 1.80 6.56 -46.58
N VAL B 470 2.20 6.97 -45.39
CA VAL B 470 3.38 6.42 -44.69
C VAL B 470 2.95 5.72 -43.42
N LEU B 471 3.28 4.44 -43.26
CA LEU B 471 2.92 3.63 -42.10
C LEU B 471 4.18 3.07 -41.46
N SER B 472 4.21 2.95 -40.14
CA SER B 472 5.28 2.23 -39.46
C SER B 472 4.84 1.65 -38.13
N ALA B 473 5.53 0.62 -37.67
CA ALA B 473 5.18 -0.11 -36.46
C ALA B 473 6.41 -0.75 -35.82
N LYS B 474 6.30 -1.18 -34.56
CA LYS B 474 7.42 -1.82 -33.87
C LYS B 474 7.47 -3.35 -34.06
N SER B 475 6.53 -3.92 -34.81
CA SER B 475 6.55 -5.33 -35.23
C SER B 475 5.85 -5.50 -36.59
N PRO B 476 6.16 -6.54 -37.39
CA PRO B 476 5.50 -6.74 -38.67
C PRO B 476 4.00 -6.88 -38.54
N THR B 477 3.52 -7.62 -37.55
CA THR B 477 2.09 -7.87 -37.38
C THR B 477 1.35 -6.58 -37.05
N ALA B 478 1.92 -5.71 -36.20
CA ALA B 478 1.30 -4.45 -35.87
C ALA B 478 1.18 -3.53 -37.07
N LEU B 479 2.10 -3.63 -38.04
CA LEU B 479 1.99 -2.89 -39.29
C LEU B 479 0.73 -3.30 -40.06
N ARG B 480 0.46 -4.61 -40.16
CA ARG B 480 -0.75 -5.09 -40.85
C ARG B 480 -2.03 -4.68 -40.10
N GLU B 481 -2.03 -4.68 -38.78
CA GLU B 481 -3.18 -4.18 -38.02
C GLU B 481 -3.43 -2.70 -38.26
N GLN B 482 -2.39 -1.86 -38.39
CA GLN B 482 -2.59 -0.48 -38.79
C GLN B 482 -3.19 -0.35 -40.18
N ALA B 483 -2.76 -1.17 -41.13
CA ALA B 483 -3.35 -1.15 -42.46
C ALA B 483 -4.84 -1.46 -42.42
N GLU B 484 -5.29 -2.40 -41.60
CA GLU B 484 -6.72 -2.68 -41.44
C GLU B 484 -7.49 -1.53 -40.80
N ARG B 485 -6.96 -0.92 -39.73
CA ARG B 485 -7.62 0.23 -39.10
C ARG B 485 -7.75 1.39 -40.08
N LEU B 486 -6.67 1.74 -40.76
CA LEU B 486 -6.62 2.87 -41.67
C LEU B 486 -7.52 2.67 -42.89
N ARG B 487 -7.75 1.43 -43.34
CA ARG B 487 -8.64 1.13 -44.48
C ARG B 487 -10.10 1.53 -44.23
N ALA B 488 -10.54 1.63 -42.97
CA ALA B 488 -11.82 2.28 -42.69
C ALA B 488 -11.70 3.80 -42.92
N THR B 489 -10.75 4.46 -42.26
CA THR B 489 -10.54 5.91 -42.29
C THR B 489 -10.29 6.48 -43.68
N ILE B 490 -9.67 5.75 -44.60
CA ILE B 490 -9.44 6.25 -45.96
C ILE B 490 -10.73 6.39 -46.77
N THR B 491 -11.83 5.75 -46.34
CA THR B 491 -13.17 6.08 -46.85
C THR B 491 -13.68 7.36 -46.20
N ALA B 492 -14.45 8.17 -46.93
CA ALA B 492 -14.97 9.48 -46.52
C ALA B 492 -13.94 10.59 -46.24
N ALA B 493 -12.87 10.36 -45.47
CA ALA B 493 -11.83 11.38 -45.30
C ALA B 493 -11.04 11.58 -46.60
N GLU B 494 -10.66 12.81 -46.93
CA GLU B 494 -9.92 13.08 -48.17
C GLU B 494 -8.49 12.52 -48.11
N PRO B 495 -8.02 11.82 -49.15
CA PRO B 495 -6.77 11.08 -49.07
C PRO B 495 -5.57 11.98 -48.83
N VAL B 496 -5.57 13.21 -49.37
CA VAL B 496 -4.47 14.15 -49.10
C VAL B 496 -4.50 14.67 -47.67
N ASP B 497 -5.66 14.79 -47.03
CA ASP B 497 -5.75 15.13 -45.61
C ASP B 497 -5.25 13.96 -44.75
N VAL B 498 -5.58 12.71 -45.11
CA VAL B 498 -5.06 11.52 -44.42
C VAL B 498 -3.54 11.41 -44.58
N GLY B 499 -3.04 11.50 -45.80
CA GLY B 499 -1.60 11.41 -46.08
C GLY B 499 -0.80 12.49 -45.36
N HIS B 500 -1.27 13.73 -45.38
CA HIS B 500 -0.62 14.81 -44.66
C HIS B 500 -0.62 14.58 -43.16
N SER B 501 -1.71 14.05 -42.62
CA SER B 501 -1.78 13.74 -41.20
C SER B 501 -0.79 12.65 -40.79
N LEU B 502 -0.59 11.62 -41.61
CA LEU B 502 0.24 10.47 -41.25
C LEU B 502 1.71 10.83 -41.07
N HIS B 503 2.31 11.59 -41.99
CA HIS B 503 3.75 11.85 -41.90
C HIS B 503 4.12 12.80 -40.76
N THR B 504 3.16 13.57 -40.22
CA THR B 504 3.44 14.58 -39.19
C THR B 504 2.91 14.22 -37.79
N THR B 505 1.77 13.54 -37.67
CA THR B 505 1.14 13.25 -36.36
C THR B 505 1.48 11.89 -35.77
N ARG B 506 2.40 11.12 -36.36
CA ARG B 506 2.75 9.76 -35.90
C ARG B 506 4.26 9.54 -35.93
N SER B 507 4.79 8.79 -34.97
CA SER B 507 6.21 8.50 -34.81
C SER B 507 6.71 7.46 -35.81
N SER B 508 7.93 7.61 -36.32
CA SER B 508 8.52 6.69 -37.30
C SER B 508 9.27 5.53 -36.63
N PHE B 509 8.67 4.35 -36.60
CA PHE B 509 9.26 3.13 -36.02
C PHE B 509 10.13 2.35 -37.00
N ARG B 510 10.64 1.20 -36.55
CA ARG B 510 11.61 0.35 -37.26
C ARG B 510 11.05 -0.38 -38.48
N HIS B 511 9.86 -0.96 -38.42
CA HIS B 511 9.24 -1.63 -39.58
C HIS B 511 8.38 -0.63 -40.33
N ARG B 512 8.54 -0.51 -41.64
CA ARG B 512 8.00 0.61 -42.42
C ARG B 512 7.32 0.16 -43.69
N ALA B 513 6.34 0.93 -44.14
CA ALA B 513 5.72 0.77 -45.43
C ALA B 513 5.30 2.11 -46.01
N VAL B 514 5.22 2.19 -47.32
CA VAL B 514 4.68 3.35 -48.05
C VAL B 514 3.68 2.85 -49.06
N VAL B 515 2.53 3.51 -49.16
CA VAL B 515 1.50 3.19 -50.15
C VAL B 515 1.30 4.39 -51.06
N LEU B 516 1.45 4.19 -52.35
CA LEU B 516 1.32 5.23 -53.37
C LEU B 516 0.07 5.01 -54.22
N GLY B 517 -0.68 6.09 -54.46
CA GLY B 517 -1.83 6.08 -55.36
C GLY B 517 -2.38 7.47 -55.57
N THR B 518 -3.43 7.60 -56.37
CA THR B 518 -4.13 8.86 -56.66
C THR B 518 -5.57 8.78 -56.19
N GLY B 519 -6.28 7.71 -56.54
CA GLY B 519 -7.68 7.51 -56.20
C GLY B 519 -7.87 6.83 -54.85
N ARG B 520 -9.01 7.07 -54.22
CA ARG B 520 -9.39 6.40 -52.97
C ARG B 520 -9.39 4.88 -53.12
N GLU B 521 -9.83 4.35 -54.25
CA GLU B 521 -9.75 2.92 -54.56
C GLU B 521 -8.30 2.41 -54.66
N GLU B 522 -7.38 3.17 -55.27
CA GLU B 522 -5.99 2.73 -55.39
C GLU B 522 -5.30 2.63 -54.03
N LEU B 523 -5.52 3.61 -53.17
CA LEU B 523 -4.99 3.58 -51.81
C LEU B 523 -5.64 2.47 -51.00
N ALA B 524 -6.95 2.26 -51.12
CA ALA B 524 -7.61 1.17 -50.44
C ALA B 524 -7.08 -0.20 -50.91
N ALA B 525 -6.77 -0.36 -52.20
CA ALA B 525 -6.18 -1.58 -52.72
C ALA B 525 -4.76 -1.79 -52.18
N GLY B 526 -3.94 -0.74 -52.14
CA GLY B 526 -2.61 -0.82 -51.53
C GLY B 526 -2.66 -1.21 -50.05
N LEU B 527 -3.54 -0.59 -49.26
CA LEU B 527 -3.69 -0.95 -47.86
C LEU B 527 -4.21 -2.38 -47.68
N ASP B 528 -5.16 -2.82 -48.49
CA ASP B 528 -5.64 -4.20 -48.44
C ASP B 528 -4.51 -5.19 -48.76
N ALA B 529 -3.66 -4.89 -49.73
CA ALA B 529 -2.51 -5.72 -50.03
C ALA B 529 -1.52 -5.79 -48.85
N LEU B 530 -1.31 -4.69 -48.14
CA LEU B 530 -0.50 -4.67 -46.92
C LEU B 530 -1.13 -5.57 -45.86
N ALA B 531 -2.43 -5.43 -45.61
CA ALA B 531 -3.13 -6.26 -44.63
C ALA B 531 -3.08 -7.76 -44.97
N GLY B 532 -3.13 -8.11 -46.26
CA GLY B 532 -2.97 -9.49 -46.73
C GLY B 532 -1.53 -9.99 -46.81
N ASP B 533 -0.55 -9.15 -46.46
CA ASP B 533 0.89 -9.41 -46.58
C ASP B 533 1.35 -9.79 -48.01
N ARG B 534 0.64 -9.28 -49.02
CA ARG B 534 0.79 -9.65 -50.44
C ARG B 534 1.25 -8.45 -51.27
N THR B 535 2.08 -8.68 -52.28
CA THR B 535 2.65 -7.60 -53.10
C THR B 535 1.64 -6.97 -54.04
N ALA B 536 1.71 -5.66 -54.18
CA ALA B 536 1.02 -4.87 -55.20
C ALA B 536 1.92 -3.69 -55.59
N ASP B 537 1.81 -3.17 -56.81
CA ASP B 537 2.76 -2.16 -57.32
C ASP B 537 2.74 -0.83 -56.57
N GLY B 538 1.69 -0.53 -55.81
CA GLY B 538 1.61 0.65 -54.96
C GLY B 538 2.40 0.57 -53.66
N LEU B 539 2.83 -0.61 -53.22
CA LEU B 539 3.51 -0.80 -51.93
C LEU B 539 5.02 -0.68 -52.01
N VAL B 540 5.61 -0.30 -50.89
CA VAL B 540 7.01 -0.53 -50.53
C VAL B 540 7.04 -1.01 -49.08
N ARG B 541 7.91 -1.99 -48.75
CA ARG B 541 8.00 -2.63 -47.42
C ARG B 541 9.44 -2.82 -47.00
N GLY B 542 9.75 -2.76 -45.71
CA GLY B 542 11.11 -3.03 -45.23
C GLY B 542 11.37 -2.64 -43.78
N VAL B 543 12.62 -2.78 -43.36
CA VAL B 543 13.09 -2.55 -42.00
C VAL B 543 14.18 -1.51 -42.02
N ALA B 544 14.16 -0.55 -41.10
CA ALA B 544 15.13 0.53 -41.08
C ALA B 544 16.49 0.08 -40.55
N ARG B 545 17.52 0.09 -41.40
CA ARG B 545 18.93 0.15 -40.96
C ARG B 545 19.23 1.57 -40.49
N ALA B 546 19.70 1.73 -39.26
CA ALA B 546 19.86 3.06 -38.66
C ALA B 546 20.91 3.94 -39.36
N GLN B 547 21.90 3.30 -39.99
CA GLN B 547 23.07 3.92 -40.59
C GLN B 547 22.69 4.83 -41.77
N GLY B 548 23.31 6.01 -41.85
CA GLY B 548 22.98 7.04 -42.85
C GLY B 548 23.66 6.87 -44.21
N GLN B 549 24.75 6.11 -44.30
CA GLN B 549 25.78 6.31 -45.31
C GLN B 549 25.30 6.19 -46.77
N THR B 550 25.12 7.34 -47.43
CA THR B 550 24.45 7.51 -48.72
C THR B 550 25.33 8.27 -49.71
N ALA B 551 25.31 7.91 -50.99
CA ALA B 551 26.00 8.70 -52.03
C ALA B 551 25.12 8.94 -53.24
N LEU B 552 25.48 9.96 -54.01
CA LEU B 552 24.65 10.54 -55.05
C LEU B 552 25.48 10.71 -56.33
N LEU B 553 24.98 10.20 -57.46
CA LEU B 553 25.75 10.03 -58.69
C LEU B 553 25.25 10.94 -59.80
N PHE B 554 26.15 11.74 -60.39
CA PHE B 554 25.81 12.77 -61.37
C PHE B 554 26.44 12.47 -62.71
N GLY B 555 25.64 12.38 -63.77
CA GLY B 555 26.13 12.16 -65.14
C GLY B 555 26.03 13.41 -66.00
N GLY B 556 27.02 13.64 -66.86
CA GLY B 556 26.91 14.60 -67.96
C GLY B 556 26.01 14.07 -69.09
N ALA B 557 25.81 14.86 -70.15
CA ALA B 557 25.12 14.39 -71.35
C ALA B 557 25.93 13.34 -72.13
N GLY B 558 27.26 13.36 -71.99
CA GLY B 558 28.22 12.68 -72.86
C GLY B 558 27.97 11.20 -73.10
N ASP B 559 27.65 10.41 -72.07
CA ASP B 559 27.48 8.96 -72.23
C ASP B 559 26.19 8.57 -72.98
N GLY B 560 25.29 9.54 -73.25
CA GLY B 560 24.22 9.40 -74.24
C GLY B 560 24.72 9.15 -75.67
N THR B 561 26.03 9.33 -75.91
CA THR B 561 26.74 8.89 -77.13
C THR B 561 26.79 7.36 -77.27
N SER B 562 26.54 6.59 -76.21
CA SER B 562 26.64 5.11 -76.23
C SER B 562 25.56 4.44 -77.09
N GLY B 563 24.27 4.72 -76.86
CA GLY B 563 23.19 4.20 -77.72
C GLY B 563 21.79 4.18 -77.12
N ASP B 564 21.63 4.03 -75.81
CA ASP B 564 20.32 4.01 -75.13
C ASP B 564 19.67 5.41 -74.96
N ARG B 565 20.06 6.39 -75.79
CA ARG B 565 19.49 7.75 -75.82
C ARG B 565 17.96 7.85 -75.87
N PRO B 566 17.17 7.00 -76.57
CA PRO B 566 15.70 7.11 -76.51
C PRO B 566 15.10 6.64 -75.18
N ALA B 567 15.75 5.70 -74.49
CA ALA B 567 15.37 5.26 -73.14
C ALA B 567 15.82 6.27 -72.08
N ASP B 568 17.05 6.78 -72.16
CA ASP B 568 17.56 7.87 -71.31
C ASP B 568 16.68 9.13 -71.39
N ALA B 569 16.24 9.52 -72.59
CA ALA B 569 15.34 10.65 -72.80
C ALA B 569 14.01 10.51 -72.04
N GLU B 570 13.62 9.32 -71.59
CA GLU B 570 12.46 9.17 -70.70
C GLU B 570 12.64 9.88 -69.36
N GLY B 571 13.88 10.02 -68.88
CA GLY B 571 14.17 10.85 -67.70
C GLY B 571 13.76 12.32 -67.93
N PRO B 572 14.34 13.03 -68.90
CA PRO B 572 13.93 14.39 -69.26
C PRO B 572 12.46 14.53 -69.66
N ARG B 573 11.88 13.57 -70.41
CA ARG B 573 10.42 13.58 -70.68
C ARG B 573 9.61 13.48 -69.39
N THR B 574 10.04 12.67 -68.42
CA THR B 574 9.44 12.63 -67.08
C THR B 574 9.67 13.93 -66.33
N ALA B 575 10.84 14.55 -66.46
CA ALA B 575 11.20 15.77 -65.74
C ALA B 575 10.25 16.93 -66.05
N ARG B 576 9.62 16.95 -67.24
CA ARG B 576 8.52 17.87 -67.57
C ARG B 576 7.42 17.85 -66.51
N GLY B 577 7.06 16.66 -66.03
CA GLY B 577 6.07 16.47 -64.99
C GLY B 577 6.52 16.95 -63.62
N LEU B 578 7.81 16.91 -63.30
CA LEU B 578 8.30 17.38 -62.01
C LEU B 578 8.06 18.88 -61.81
N TYR B 579 8.17 19.68 -62.87
CA TYR B 579 7.91 21.12 -62.81
C TYR B 579 6.46 21.43 -62.43
N GLU B 580 5.52 20.60 -62.87
CA GLU B 580 4.13 20.67 -62.47
C GLU B 580 3.91 20.15 -61.03
N ALA B 581 4.58 19.06 -60.67
CA ALA B 581 4.28 18.31 -59.44
C ALA B 581 4.92 18.86 -58.16
N PHE B 582 6.16 19.38 -58.19
CA PHE B 582 6.90 19.75 -56.98
C PHE B 582 7.36 21.22 -57.01
N PRO B 583 6.86 22.10 -56.14
CA PRO B 583 7.20 23.52 -56.15
C PRO B 583 8.71 23.78 -56.06
N ALA B 584 9.42 23.03 -55.22
CA ALA B 584 10.86 23.21 -55.06
C ALA B 584 11.64 22.93 -56.34
N PHE B 585 11.16 22.02 -57.20
CA PHE B 585 11.82 21.77 -58.48
C PHE B 585 11.65 22.96 -59.41
N ALA B 586 10.44 23.51 -59.52
CA ALA B 586 10.18 24.66 -60.38
C ALA B 586 11.03 25.85 -59.98
N GLU B 587 11.09 26.19 -58.69
CA GLU B 587 11.96 27.26 -58.21
C GLU B 587 13.42 27.01 -58.55
N ALA B 588 13.93 25.83 -58.23
CA ALA B 588 15.33 25.51 -58.47
C ALA B 588 15.68 25.56 -59.96
N LEU B 589 14.85 24.99 -60.82
CA LEU B 589 15.10 24.95 -62.25
C LEU B 589 15.14 26.36 -62.83
N ASP B 590 14.19 27.21 -62.47
CA ASP B 590 14.19 28.59 -62.96
C ASP B 590 15.37 29.38 -62.40
N GLU B 591 15.77 29.17 -61.16
CA GLU B 591 16.98 29.77 -60.60
C GLU B 591 18.28 29.29 -61.24
N VAL B 592 18.30 28.21 -62.02
CA VAL B 592 19.39 27.99 -62.97
C VAL B 592 19.10 28.73 -64.26
N THR B 593 17.91 28.51 -64.80
CA THR B 593 17.56 28.85 -66.17
C THR B 593 17.56 30.35 -66.40
N GLU B 594 16.74 31.09 -65.67
CA GLU B 594 16.61 32.54 -65.83
C GLU B 594 17.85 33.27 -65.32
N HIS B 595 18.61 32.64 -64.43
CA HIS B 595 19.88 33.14 -63.92
C HIS B 595 21.01 33.04 -64.95
N LEU B 596 21.09 31.96 -65.72
CA LEU B 596 22.29 31.59 -66.47
C LEU B 596 22.06 31.32 -67.96
N ALA B 597 20.84 31.44 -68.47
CA ALA B 597 20.56 31.50 -69.90
C ALA B 597 21.27 32.68 -70.62
N GLY B 598 21.64 33.73 -69.90
CA GLY B 598 22.45 34.83 -70.46
C GLY B 598 23.81 34.39 -71.03
N LEU B 599 24.35 33.25 -70.58
CA LEU B 599 25.60 32.69 -71.10
C LEU B 599 25.43 32.02 -72.48
N LEU B 600 24.20 31.79 -72.94
CA LEU B 600 23.88 31.05 -74.17
C LEU B 600 22.82 31.73 -75.05
N GLY B 601 22.14 32.77 -74.56
CA GLY B 601 20.91 33.28 -75.16
C GLY B 601 19.69 32.42 -74.82
N PRO B 602 18.48 32.91 -75.08
CA PRO B 602 17.23 32.31 -74.59
C PRO B 602 16.91 30.92 -75.16
N GLU B 603 17.63 30.46 -76.19
CA GLU B 603 17.44 29.15 -76.82
C GLU B 603 17.55 27.99 -75.81
N VAL B 604 18.46 28.09 -74.83
CA VAL B 604 18.56 27.09 -73.77
C VAL B 604 17.28 26.98 -72.95
N ARG B 605 16.53 28.08 -72.78
CA ARG B 605 15.27 28.07 -72.04
C ARG B 605 14.21 27.25 -72.76
N ALA B 606 14.12 27.36 -74.07
CA ALA B 606 13.25 26.50 -74.87
C ALA B 606 13.64 25.02 -74.72
N ALA B 607 14.93 24.70 -74.79
CA ALA B 607 15.41 23.33 -74.61
C ALA B 607 15.10 22.77 -73.21
N VAL B 608 15.40 23.52 -72.15
CA VAL B 608 15.06 23.14 -70.77
C VAL B 608 13.56 22.99 -70.57
N ARG B 609 12.75 23.85 -71.21
CA ARG B 609 11.28 23.80 -71.12
C ARG B 609 10.69 22.57 -71.81
N GLU B 610 11.30 22.11 -72.89
CA GLU B 610 10.79 21.06 -73.77
C GLU B 610 11.91 20.07 -74.16
N PRO B 611 12.51 19.35 -73.20
CA PRO B 611 13.68 18.52 -73.45
C PRO B 611 13.32 17.22 -74.16
N GLY B 612 14.21 16.73 -75.02
CA GLY B 612 14.05 15.49 -75.76
C GLY B 612 15.40 14.89 -76.18
N PRO B 613 15.42 13.92 -77.12
CA PRO B 613 16.64 13.24 -77.54
C PRO B 613 17.74 14.19 -78.03
N ALA B 614 17.39 15.30 -78.70
CA ALA B 614 18.33 16.34 -79.12
C ALA B 614 19.12 16.96 -77.95
N CYS B 615 18.56 16.94 -76.73
CA CYS B 615 19.19 17.45 -75.52
C CYS B 615 20.12 16.42 -74.83
N ALA B 616 19.98 15.13 -75.14
CA ALA B 616 20.90 14.08 -74.69
C ALA B 616 22.18 14.00 -75.55
N GLU B 617 22.18 14.60 -76.74
CA GLU B 617 23.39 14.78 -77.55
C GLU B 617 24.42 15.68 -76.84
N PRO B 618 25.73 15.49 -77.09
CA PRO B 618 26.80 16.16 -76.36
C PRO B 618 27.05 17.62 -76.79
N THR B 619 26.01 18.32 -77.23
CA THR B 619 26.08 19.72 -77.68
C THR B 619 26.24 20.69 -76.50
N VAL B 620 26.61 21.95 -76.72
CA VAL B 620 26.70 22.91 -75.60
C VAL B 620 25.36 23.06 -74.90
N VAL B 621 24.27 23.18 -75.68
CA VAL B 621 22.91 23.25 -75.15
C VAL B 621 22.55 21.98 -74.40
N GLY B 622 22.83 20.79 -74.95
CA GLY B 622 22.57 19.53 -74.27
C GLY B 622 23.31 19.43 -72.93
N GLN B 623 24.59 19.80 -72.90
CA GLN B 623 25.38 19.82 -71.68
C GLN B 623 24.82 20.81 -70.64
N ALA B 624 24.36 21.98 -71.09
CA ALA B 624 23.70 22.95 -70.22
C ALA B 624 22.36 22.44 -69.68
N VAL B 625 21.51 21.84 -70.52
CA VAL B 625 20.25 21.21 -70.10
C VAL B 625 20.53 20.15 -69.03
N ALA B 626 21.51 19.28 -69.27
CA ALA B 626 21.92 18.26 -68.31
C ALA B 626 22.33 18.88 -66.97
N PHE B 627 23.18 19.90 -66.96
CA PHE B 627 23.59 20.56 -65.73
C PHE B 627 22.41 21.23 -65.00
N ALA B 628 21.49 21.86 -65.73
CA ALA B 628 20.32 22.49 -65.14
C ALA B 628 19.41 21.45 -64.47
N LEU B 629 19.04 20.39 -65.19
CA LEU B 629 18.16 19.36 -64.66
C LEU B 629 18.81 18.59 -63.49
N ASN B 630 20.10 18.28 -63.55
CA ASN B 630 20.82 17.68 -62.43
C ASN B 630 20.77 18.57 -61.19
N THR B 631 21.01 19.88 -61.37
CA THR B 631 20.97 20.82 -60.25
C THR B 631 19.58 20.90 -59.65
N ALA B 632 18.55 20.99 -60.49
CA ALA B 632 17.17 21.04 -60.03
C ALA B 632 16.79 19.78 -59.24
N LEU B 633 17.11 18.59 -59.74
CA LEU B 633 16.90 17.34 -59.00
C LEU B 633 17.63 17.35 -57.67
N HIS B 634 18.90 17.75 -57.63
CA HIS B 634 19.63 17.80 -56.37
C HIS B 634 18.91 18.67 -55.34
N ARG B 635 18.49 19.87 -55.74
CA ARG B 635 17.77 20.77 -54.84
C ARG B 635 16.44 20.16 -54.40
N LEU B 636 15.73 19.47 -55.29
CA LEU B 636 14.51 18.74 -54.93
C LEU B 636 14.78 17.71 -53.84
N LEU B 637 15.82 16.88 -53.99
CA LEU B 637 16.16 15.86 -53.00
C LEU B 637 16.53 16.47 -51.65
N THR B 638 17.24 17.59 -51.61
CA THR B 638 17.48 18.27 -50.33
C THR B 638 16.20 18.81 -49.71
N ALA B 639 15.19 19.19 -50.50
CA ALA B 639 13.90 19.60 -49.97
C ALA B 639 13.14 18.41 -49.34
N PHE B 640 13.32 17.20 -49.86
CA PHE B 640 12.90 15.95 -49.21
C PHE B 640 13.82 15.49 -48.08
N ALA B 641 14.83 16.28 -47.70
CA ALA B 641 15.80 15.95 -46.65
C ALA B 641 16.68 14.73 -46.91
N VAL B 642 16.85 14.31 -48.16
CA VAL B 642 17.95 13.42 -48.56
C VAL B 642 19.25 14.25 -48.59
N ARG B 643 20.23 13.91 -47.77
CA ARG B 643 21.55 14.58 -47.74
C ARG B 643 22.68 13.60 -48.08
N PRO B 644 23.47 13.82 -49.12
CA PRO B 644 24.54 12.89 -49.50
C PRO B 644 25.72 12.96 -48.54
N ASP B 645 26.34 11.82 -48.24
CA ASP B 645 27.61 11.72 -47.52
C ASP B 645 28.83 11.70 -48.44
N ALA B 646 28.62 11.51 -49.74
CA ALA B 646 29.61 11.66 -50.80
C ALA B 646 28.91 11.91 -52.14
N THR B 647 29.62 12.44 -53.12
CA THR B 647 29.12 12.54 -54.50
C THR B 647 30.15 12.04 -55.49
N LEU B 648 29.71 11.50 -56.62
CA LEU B 648 30.61 11.06 -57.68
C LEU B 648 30.09 11.60 -59.01
N GLY B 649 30.94 12.31 -59.73
CA GLY B 649 30.62 12.85 -61.05
C GLY B 649 31.24 12.02 -62.16
N HIS B 650 30.44 11.70 -63.16
CA HIS B 650 30.87 11.04 -64.40
C HIS B 650 30.91 12.06 -65.53
N GLY B 651 32.07 12.19 -66.18
CA GLY B 651 32.29 13.21 -67.22
C GLY B 651 32.03 14.62 -66.71
N ALA B 652 31.42 15.46 -67.54
CA ALA B 652 31.00 16.82 -67.16
C ALA B 652 30.04 16.86 -65.96
N GLY B 653 29.40 15.74 -65.61
CA GLY B 653 28.63 15.59 -64.38
C GLY B 653 29.43 15.89 -63.10
N GLU B 654 30.77 15.87 -63.15
CA GLU B 654 31.58 16.35 -62.04
C GLU B 654 31.28 17.80 -61.65
N VAL B 655 30.89 18.68 -62.58
CA VAL B 655 30.52 20.06 -62.19
C VAL B 655 29.27 20.04 -61.32
N ALA B 656 28.25 19.28 -61.70
CA ALA B 656 27.06 19.13 -60.89
C ALA B 656 27.38 18.50 -59.53
N ALA B 657 28.19 17.44 -59.51
CA ALA B 657 28.61 16.79 -58.28
C ALA B 657 29.38 17.75 -57.35
N ALA B 658 30.22 18.61 -57.93
CA ALA B 658 30.99 19.61 -57.21
C ALA B 658 30.08 20.69 -56.63
N TYR B 659 29.13 21.20 -57.42
CA TYR B 659 28.12 22.12 -56.93
C TYR B 659 27.34 21.50 -55.77
N ALA B 660 26.88 20.25 -55.92
CA ALA B 660 26.13 19.55 -54.89
C ALA B 660 26.94 19.37 -53.59
N ALA B 661 28.25 19.13 -53.70
CA ALA B 661 29.17 19.07 -52.56
C ALA B 661 29.50 20.46 -51.97
N GLY B 662 29.02 21.55 -52.56
CA GLY B 662 29.25 22.92 -52.10
C GLY B 662 30.55 23.55 -52.60
N ALA B 663 31.28 22.92 -53.51
CA ALA B 663 32.61 23.38 -53.91
C ALA B 663 32.64 24.59 -54.85
N LEU B 664 31.51 24.93 -55.47
CA LEU B 664 31.33 26.06 -56.39
C LEU B 664 29.98 26.74 -56.13
N SER B 665 29.80 27.99 -56.57
CA SER B 665 28.45 28.56 -56.70
C SER B 665 27.76 28.00 -57.93
N LEU B 666 26.43 28.12 -57.96
CA LEU B 666 25.64 27.77 -59.14
C LEU B 666 26.06 28.57 -60.38
N ALA B 667 26.38 29.85 -60.22
CA ALA B 667 26.81 30.70 -61.32
C ALA B 667 28.11 30.19 -61.95
N ASP B 668 29.07 29.78 -61.13
CA ASP B 668 30.34 29.23 -61.63
C ASP B 668 30.11 27.95 -62.43
N GLY B 669 29.18 27.12 -61.97
CA GLY B 669 28.84 25.86 -62.61
C GLY B 669 28.51 26.02 -64.08
N ALA B 670 27.59 26.93 -64.43
CA ALA B 670 27.22 27.12 -65.83
C ALA B 670 28.37 27.68 -66.68
N ALA B 671 29.24 28.54 -66.11
CA ALA B 671 30.42 29.00 -66.82
C ALA B 671 31.36 27.84 -67.16
N LEU B 672 31.68 27.00 -66.18
CA LEU B 672 32.53 25.82 -66.38
C LEU B 672 31.89 24.81 -67.35
N VAL B 673 30.61 24.53 -67.18
CA VAL B 673 29.85 23.61 -68.05
C VAL B 673 29.82 24.10 -69.49
N THR B 674 29.62 25.40 -69.73
CA THR B 674 29.59 25.89 -71.11
C THR B 674 30.97 25.85 -71.76
N ALA B 675 32.05 26.08 -71.00
CA ALA B 675 33.41 25.88 -71.49
C ALA B 675 33.68 24.42 -71.87
N LEU B 676 33.40 23.49 -70.95
CA LEU B 676 33.53 22.06 -71.22
C LEU B 676 32.62 21.62 -72.37
N GLY B 677 31.43 22.22 -72.49
CA GLY B 677 30.51 22.01 -73.60
C GLY B 677 31.13 22.36 -74.96
N ARG B 678 31.75 23.53 -75.11
CA ARG B 678 32.40 23.91 -76.37
C ARG B 678 33.56 22.99 -76.73
N ILE B 679 34.40 22.64 -75.75
CA ILE B 679 35.45 21.63 -75.95
C ILE B 679 34.84 20.30 -76.41
N THR B 680 33.72 19.89 -75.79
CA THR B 680 33.01 18.66 -76.15
C THR B 680 32.50 18.70 -77.58
N GLU B 681 31.95 19.82 -78.06
CA GLU B 681 31.55 19.95 -79.47
C GLU B 681 32.71 19.67 -80.43
N ARG B 682 33.89 20.23 -80.15
CA ARG B 682 35.09 20.03 -80.99
C ARG B 682 35.46 18.54 -81.07
N VAL B 683 35.39 17.83 -79.96
CA VAL B 683 35.62 16.38 -79.91
C VAL B 683 34.51 15.61 -80.61
N ALA B 684 33.25 15.89 -80.31
CA ALA B 684 32.08 15.17 -80.83
C ALA B 684 31.92 15.33 -82.34
N THR B 685 32.30 16.48 -82.89
CA THR B 685 32.34 16.74 -84.33
C THR B 685 33.66 16.30 -84.98
N GLY B 686 34.66 15.87 -84.21
CA GLY B 686 35.98 15.49 -84.70
C GLY B 686 35.98 14.24 -85.58
N PRO B 687 37.06 14.01 -86.35
CA PRO B 687 37.15 12.95 -87.36
C PRO B 687 37.31 11.52 -86.80
N GLY B 688 37.49 11.36 -85.49
CA GLY B 688 37.63 10.05 -84.84
C GLY B 688 36.31 9.31 -84.59
N ALA B 689 36.39 8.23 -83.81
CA ALA B 689 35.24 7.41 -83.43
C ALA B 689 35.38 6.81 -82.01
N SER B 690 34.35 6.13 -81.53
CA SER B 690 34.38 5.28 -80.35
C SER B 690 33.48 4.04 -80.49
N VAL B 691 33.73 3.03 -79.66
CA VAL B 691 33.04 1.73 -79.62
C VAL B 691 33.02 1.20 -78.19
N TRP B 692 32.12 0.26 -77.88
CA TRP B 692 32.27 -0.58 -76.68
C TRP B 692 32.53 -2.04 -77.05
N VAL B 693 33.24 -2.73 -76.16
CA VAL B 693 33.63 -4.13 -76.34
C VAL B 693 33.27 -4.91 -75.08
N ARG B 694 32.73 -6.12 -75.21
CA ARG B 694 32.53 -7.05 -74.09
C ARG B 694 33.84 -7.72 -73.65
N ALA B 695 34.78 -6.89 -73.24
CA ALA B 695 36.08 -7.27 -72.73
C ALA B 695 36.53 -6.27 -71.67
N THR B 696 37.30 -6.74 -70.70
CA THR B 696 37.73 -5.91 -69.58
C THR B 696 38.96 -5.07 -69.93
N GLU B 697 39.36 -4.16 -69.04
CA GLU B 697 40.43 -3.21 -69.29
C GLU B 697 41.73 -3.89 -69.73
N ASP B 698 42.24 -4.84 -68.94
CA ASP B 698 43.53 -5.48 -69.22
C ASP B 698 43.51 -6.31 -70.51
N GLU B 699 42.39 -6.93 -70.84
CA GLU B 699 42.21 -7.65 -72.10
C GLU B 699 42.40 -6.70 -73.29
N VAL B 700 41.64 -5.61 -73.30
CA VAL B 700 41.68 -4.64 -74.39
C VAL B 700 43.02 -3.92 -74.45
N ARG B 701 43.56 -3.53 -73.30
CA ARG B 701 44.86 -2.85 -73.20
C ARG B 701 46.01 -3.70 -73.76
N ALA B 702 45.97 -5.02 -73.56
CA ALA B 702 46.89 -5.94 -74.21
C ALA B 702 46.61 -6.04 -75.72
N ALA B 703 45.37 -6.29 -76.12
CA ALA B 703 45.00 -6.49 -77.54
C ALA B 703 45.32 -5.28 -78.42
N LEU B 704 45.24 -4.05 -77.90
CA LEU B 704 45.66 -2.84 -78.61
C LEU B 704 47.14 -2.90 -79.03
N SER B 705 47.99 -3.50 -78.20
CA SER B 705 49.40 -3.73 -78.54
C SER B 705 49.56 -4.88 -79.54
N GLY B 706 48.92 -6.03 -79.29
CA GLY B 706 49.02 -7.22 -80.16
C GLY B 706 48.51 -7.00 -81.58
N SER B 707 47.44 -6.22 -81.74
CA SER B 707 46.91 -5.80 -83.04
C SER B 707 47.67 -4.62 -83.68
N GLN B 708 48.57 -3.98 -82.94
CA GLN B 708 49.16 -2.67 -83.23
C GLN B 708 48.17 -1.51 -83.46
N GLU B 709 46.87 -1.70 -83.24
CA GLU B 709 45.90 -0.60 -83.34
C GLU B 709 46.04 0.45 -82.23
N GLN B 710 46.89 0.20 -81.22
CA GLN B 710 47.43 1.24 -80.33
C GLN B 710 48.05 2.43 -81.08
N VAL B 711 48.42 2.26 -82.36
CA VAL B 711 48.85 3.34 -83.25
C VAL B 711 47.77 4.42 -83.44
N GLY B 712 46.48 4.09 -83.27
CA GLY B 712 45.37 5.05 -83.44
C GLY B 712 44.26 5.03 -82.38
N ALA B 713 44.16 3.97 -81.56
CA ALA B 713 43.05 3.78 -80.63
C ALA B 713 43.53 3.62 -79.17
N ALA B 714 42.69 4.03 -78.21
CA ALA B 714 42.97 3.96 -76.77
C ALA B 714 41.69 3.64 -75.97
N VAL B 715 41.85 3.07 -74.77
CA VAL B 715 40.73 2.87 -73.83
C VAL B 715 40.26 4.22 -73.30
N ALA B 716 38.97 4.50 -73.48
CA ALA B 716 38.31 5.73 -73.10
C ALA B 716 37.47 5.62 -71.83
N ALA B 717 36.88 4.47 -71.51
CA ALA B 717 36.10 4.30 -70.27
C ALA B 717 36.17 2.90 -69.66
N VAL B 718 36.10 2.86 -68.33
CA VAL B 718 36.27 1.71 -67.46
C VAL B 718 35.21 1.80 -66.35
N ASP B 719 33.97 1.45 -66.70
CA ASP B 719 32.79 1.79 -65.90
C ASP B 719 32.00 0.59 -65.39
N GLU B 720 32.21 -0.60 -65.95
CA GLU B 720 31.66 -1.86 -65.45
C GLU B 720 32.66 -2.99 -65.72
N PRO B 721 32.66 -4.11 -64.96
CA PRO B 721 33.73 -5.08 -65.10
C PRO B 721 33.81 -5.74 -66.47
N GLY B 722 32.65 -6.02 -67.08
CA GLY B 722 32.53 -6.82 -68.29
C GLY B 722 32.61 -6.06 -69.62
N THR B 723 32.72 -4.74 -69.63
CA THR B 723 32.88 -3.97 -70.87
C THR B 723 33.81 -2.77 -70.71
N THR B 724 34.39 -2.33 -71.81
CA THR B 724 35.16 -1.09 -71.88
C THR B 724 34.92 -0.38 -73.20
N VAL B 725 35.15 0.92 -73.20
CA VAL B 725 34.93 1.80 -74.35
C VAL B 725 36.27 2.19 -74.93
N VAL B 726 36.42 2.14 -76.25
CA VAL B 726 37.65 2.52 -76.96
C VAL B 726 37.37 3.68 -77.90
N SER B 727 38.28 4.64 -78.01
CA SER B 727 38.15 5.83 -78.88
C SER B 727 39.48 6.28 -79.48
N GLY B 728 39.43 7.06 -80.56
CA GLY B 728 40.60 7.52 -81.31
C GLY B 728 40.31 7.56 -82.81
N ASP B 729 41.33 7.27 -83.63
CA ASP B 729 41.22 7.12 -85.08
C ASP B 729 40.12 6.12 -85.45
N ALA B 730 39.17 6.53 -86.28
CA ALA B 730 38.06 5.68 -86.70
C ALA B 730 38.50 4.35 -87.35
N GLY B 731 39.63 4.35 -88.07
CA GLY B 731 40.21 3.13 -88.64
C GLY B 731 40.64 2.14 -87.55
N ALA B 732 41.62 2.52 -86.73
CA ALA B 732 42.10 1.70 -85.63
C ALA B 732 40.96 1.27 -84.69
N VAL B 733 40.06 2.18 -84.35
CA VAL B 733 38.87 1.91 -83.53
C VAL B 733 37.98 0.83 -84.15
N ALA B 734 37.69 0.89 -85.45
CA ALA B 734 36.89 -0.13 -86.12
C ALA B 734 37.60 -1.48 -86.17
N ARG B 735 38.92 -1.48 -86.43
CA ARG B 735 39.74 -2.70 -86.44
C ARG B 735 39.78 -3.38 -85.07
N VAL B 736 39.86 -2.61 -83.98
CA VAL B 736 39.80 -3.14 -82.62
C VAL B 736 38.47 -3.86 -82.36
N ALA B 737 37.35 -3.29 -82.78
CA ALA B 737 36.07 -3.96 -82.65
C ALA B 737 36.03 -5.28 -83.46
N ALA B 738 36.50 -5.26 -84.70
CA ALA B 738 36.61 -6.47 -85.51
C ALA B 738 37.50 -7.55 -84.88
N HIS B 739 38.65 -7.16 -84.32
CA HIS B 739 39.57 -8.05 -83.61
C HIS B 739 38.90 -8.76 -82.43
N TRP B 740 38.10 -8.04 -81.64
CA TRP B 740 37.36 -8.65 -80.55
C TRP B 740 36.21 -9.55 -80.99
N ARG B 741 35.56 -9.24 -82.12
CA ARG B 741 34.64 -10.19 -82.75
C ARG B 741 35.34 -11.44 -83.29
N ALA B 742 36.61 -11.35 -83.69
CA ALA B 742 37.41 -12.55 -84.01
C ALA B 742 37.66 -13.44 -82.77
N HIS B 743 37.80 -12.84 -81.58
CA HIS B 743 37.78 -13.55 -80.30
C HIS B 743 36.36 -13.91 -79.81
N GLY B 744 35.33 -13.62 -80.60
CA GLY B 744 33.94 -13.97 -80.32
C GLY B 744 33.22 -13.07 -79.32
N ARG B 745 33.85 -12.01 -78.80
CA ARG B 745 33.19 -11.04 -77.92
C ARG B 745 32.21 -10.18 -78.70
N ALA B 746 31.13 -9.75 -78.04
CA ALA B 746 30.19 -8.77 -78.58
C ALA B 746 30.78 -7.34 -78.56
N THR B 747 30.29 -6.48 -79.46
CA THR B 747 30.72 -5.09 -79.60
C THR B 747 29.56 -4.18 -79.99
N GLY B 748 29.57 -2.93 -79.55
CA GLY B 748 28.68 -1.88 -80.05
C GLY B 748 29.48 -0.78 -80.75
N ALA B 749 29.17 -0.54 -82.01
CA ALA B 749 29.97 0.28 -82.91
C ALA B 749 29.20 0.75 -84.15
N PRO B 750 29.69 1.78 -84.86
CA PRO B 750 30.58 2.84 -84.37
C PRO B 750 29.79 3.99 -83.74
N ARG B 751 30.47 4.88 -83.03
CA ARG B 751 29.93 6.11 -82.42
C ARG B 751 30.92 7.27 -82.58
N PRO B 752 30.52 8.53 -82.36
CA PRO B 752 31.43 9.69 -82.32
C PRO B 752 32.61 9.53 -81.33
N ALA B 753 33.67 10.32 -81.50
CA ALA B 753 34.84 10.29 -80.61
C ALA B 753 34.54 10.79 -79.18
N ARG B 754 35.40 10.43 -78.22
CA ARG B 754 35.22 10.73 -76.77
C ARG B 754 36.47 11.25 -76.05
N LEU B 755 37.56 11.51 -76.77
CA LEU B 755 38.87 11.94 -76.26
C LEU B 755 39.48 13.00 -77.18
N LEU B 756 40.45 13.78 -76.70
CA LEU B 756 41.23 14.68 -77.57
C LEU B 756 42.00 13.87 -78.62
N LEU B 757 41.72 14.11 -79.89
CA LEU B 757 42.33 13.39 -81.02
C LEU B 757 43.73 13.90 -81.36
N SER B 758 44.12 15.08 -80.87
CA SER B 758 45.48 15.63 -80.97
C SER B 758 45.80 16.57 -79.80
N PRO B 759 47.07 16.69 -79.37
CA PRO B 759 47.49 17.77 -78.48
C PRO B 759 47.32 19.17 -79.10
N ASP B 760 47.12 19.30 -80.41
CA ASP B 760 46.75 20.58 -81.03
C ASP B 760 45.47 21.16 -80.42
N ASP B 761 44.49 20.31 -80.14
CA ASP B 761 43.25 20.68 -79.46
C ASP B 761 43.49 20.94 -77.97
N GLU B 762 44.37 20.16 -77.34
CA GLU B 762 44.70 20.30 -75.93
C GLU B 762 45.18 21.71 -75.57
N GLN B 763 46.08 22.30 -76.36
CA GLN B 763 46.65 23.60 -75.99
C GLN B 763 45.59 24.70 -76.00
N ALA B 764 44.72 24.71 -77.01
CA ALA B 764 43.58 25.63 -77.06
C ALA B 764 42.58 25.37 -75.92
N ALA B 765 42.28 24.09 -75.64
CA ALA B 765 41.37 23.72 -74.57
C ALA B 765 41.91 24.13 -73.19
N LEU B 766 43.19 23.92 -72.92
CA LEU B 766 43.84 24.38 -71.70
C LEU B 766 43.82 25.90 -71.61
N ALA B 767 44.08 26.62 -72.70
CA ALA B 767 44.03 28.07 -72.70
C ALA B 767 42.61 28.60 -72.34
N GLU B 768 41.59 28.07 -73.01
CA GLU B 768 40.19 28.41 -72.74
C GLU B 768 39.80 28.08 -71.29
N LEU B 769 40.14 26.88 -70.81
CA LEU B 769 39.84 26.49 -69.43
C LEU B 769 40.59 27.36 -68.43
N ARG B 770 41.91 27.55 -68.55
CA ARG B 770 42.67 28.39 -67.60
C ARG B 770 42.07 29.79 -67.50
N ALA B 771 41.70 30.39 -68.64
CA ALA B 771 41.08 31.70 -68.67
C ALA B 771 39.77 31.78 -67.85
N ILE B 772 38.92 30.75 -67.94
CA ILE B 772 37.63 30.71 -67.25
C ILE B 772 37.79 30.24 -65.79
N VAL B 773 38.49 29.13 -65.58
CA VAL B 773 38.75 28.51 -64.27
C VAL B 773 39.40 29.49 -63.30
N ALA B 774 40.33 30.31 -63.75
CA ALA B 774 40.96 31.33 -62.90
C ALA B 774 39.96 32.39 -62.37
N GLY B 775 38.81 32.55 -63.01
CA GLY B 775 37.74 33.46 -62.58
C GLY B 775 36.73 32.86 -61.61
N LEU B 776 36.69 31.53 -61.46
CA LEU B 776 35.68 30.85 -60.63
C LEU B 776 36.04 30.87 -59.15
N ALA B 777 35.02 30.93 -58.28
CA ALA B 777 35.18 31.01 -56.84
C ALA B 777 35.11 29.63 -56.16
N PHE B 778 36.06 28.74 -56.44
CA PHE B 778 36.15 27.45 -55.76
C PHE B 778 36.27 27.61 -54.24
N ARG B 779 35.71 26.66 -53.50
CA ARG B 779 35.81 26.57 -52.05
C ARG B 779 35.82 25.11 -51.61
N GLU B 780 36.34 24.83 -50.42
CA GLU B 780 36.51 23.44 -49.97
C GLU B 780 35.15 22.77 -49.68
N PRO B 781 34.94 21.53 -50.14
CA PRO B 781 33.63 20.90 -50.13
C PRO B 781 33.14 20.50 -48.74
N GLU B 782 31.82 20.41 -48.58
CA GLU B 782 31.18 19.94 -47.35
C GLU B 782 31.31 18.41 -47.17
N VAL B 783 31.37 17.67 -48.28
CA VAL B 783 31.45 16.21 -48.35
C VAL B 783 32.29 15.80 -49.56
N PRO B 784 33.00 14.66 -49.55
CA PRO B 784 33.98 14.35 -50.58
C PRO B 784 33.37 14.19 -51.96
N LEU B 785 33.92 14.91 -52.94
CA LEU B 785 33.77 14.56 -54.35
C LEU B 785 34.70 13.40 -54.65
N LEU B 786 34.21 12.36 -55.31
CA LEU B 786 35.04 11.52 -56.16
C LEU B 786 34.95 12.03 -57.61
N SER B 787 35.92 11.66 -58.46
CA SER B 787 35.92 12.04 -59.88
C SER B 787 36.20 10.84 -60.77
N THR B 788 35.53 10.72 -61.92
CA THR B 788 35.90 9.72 -62.92
C THR B 788 37.26 9.93 -63.57
N VAL B 789 37.97 11.04 -63.31
CA VAL B 789 39.39 11.16 -63.68
C VAL B 789 40.26 10.31 -62.76
N THR B 790 39.89 10.20 -61.48
CA THR B 790 40.79 9.76 -60.41
C THR B 790 40.38 8.44 -59.75
N GLY B 791 39.08 8.17 -59.65
CA GLY B 791 38.50 7.26 -58.67
C GLY B 791 38.59 7.81 -57.23
N GLN B 792 39.76 8.23 -56.81
CA GLN B 792 40.02 8.79 -55.47
C GLN B 792 39.39 10.18 -55.24
N PRO B 793 39.20 10.62 -53.98
CA PRO B 793 38.65 11.92 -53.68
C PRO B 793 39.43 13.08 -54.29
N VAL B 794 38.73 14.11 -54.76
CA VAL B 794 39.34 15.27 -55.44
C VAL B 794 40.05 16.19 -54.44
N GLU B 795 41.31 16.49 -54.69
CA GLU B 795 42.14 17.39 -53.87
C GLU B 795 41.79 18.88 -54.12
N PRO B 796 41.91 19.77 -53.14
CA PRO B 796 41.77 21.22 -53.33
C PRO B 796 42.59 21.80 -54.50
N ALA B 797 43.79 21.28 -54.73
CA ALA B 797 44.63 21.69 -55.86
C ALA B 797 44.11 21.17 -57.21
N GLU B 798 43.61 19.93 -57.26
CA GLU B 798 42.99 19.36 -58.46
C GLU B 798 41.71 20.14 -58.81
N LEU B 799 40.89 20.42 -57.80
CA LEU B 799 39.65 21.18 -57.93
C LEU B 799 39.86 22.54 -58.62
N ARG B 800 41.02 23.17 -58.36
CA ARG B 800 41.42 24.46 -58.95
C ARG B 800 42.14 24.35 -60.30
N SER B 801 42.44 23.15 -60.80
CA SER B 801 43.32 22.96 -61.96
C SER B 801 42.57 22.81 -63.27
N ALA B 802 42.91 23.63 -64.26
CA ALA B 802 42.41 23.46 -65.62
C ALA B 802 42.83 22.11 -66.24
N GLU B 803 43.95 21.54 -65.80
CA GLU B 803 44.36 20.19 -66.21
C GLU B 803 43.34 19.15 -65.73
N HIS B 804 42.99 19.18 -64.44
CA HIS B 804 42.02 18.26 -63.84
C HIS B 804 40.69 18.34 -64.56
N TRP B 805 40.18 19.55 -64.78
CA TRP B 805 38.93 19.72 -65.52
C TRP B 805 39.03 19.26 -66.98
N LEU B 806 40.17 19.42 -67.65
CA LEU B 806 40.35 18.88 -68.99
C LEU B 806 40.50 17.36 -69.03
N ASP B 807 40.94 16.72 -67.94
CA ASP B 807 41.22 15.28 -67.96
C ASP B 807 40.02 14.39 -68.24
N HIS B 808 38.79 14.89 -68.16
CA HIS B 808 37.61 14.20 -68.70
C HIS B 808 37.69 13.94 -70.21
N LEU B 809 38.47 14.74 -70.95
CA LEU B 809 38.78 14.54 -72.36
C LEU B 809 40.15 13.89 -72.58
N ARG B 810 40.95 13.73 -71.52
CA ARG B 810 42.27 13.08 -71.50
C ARG B 810 42.24 11.89 -70.52
N GLY B 811 41.30 10.99 -70.76
CA GLY B 811 40.89 9.94 -69.83
C GLY B 811 41.90 8.79 -69.63
N PRO B 812 41.43 7.57 -69.35
CA PRO B 812 40.05 7.14 -69.39
C PRO B 812 39.16 7.69 -68.28
N THR B 813 37.86 7.62 -68.50
CA THR B 813 36.83 7.68 -67.47
C THR B 813 36.90 6.41 -66.62
N ARG B 814 36.96 6.53 -65.30
CA ARG B 814 37.11 5.40 -64.37
C ARG B 814 35.97 5.32 -63.37
N PHE B 815 34.74 5.12 -63.83
CA PHE B 815 33.58 5.05 -62.93
C PHE B 815 33.65 3.82 -62.02
N LEU B 816 34.17 2.70 -62.52
CA LEU B 816 34.26 1.45 -61.79
C LEU B 816 35.01 1.62 -60.46
N ASP B 817 36.19 2.24 -60.51
CA ASP B 817 37.03 2.45 -59.33
C ASP B 817 36.40 3.41 -58.33
N GLY B 818 35.75 4.47 -58.81
CA GLY B 818 35.05 5.41 -57.94
C GLY B 818 33.92 4.74 -57.16
N VAL B 819 33.07 3.99 -57.86
CA VAL B 819 31.96 3.26 -57.22
C VAL B 819 32.49 2.29 -56.17
N ARG B 820 33.56 1.57 -56.45
CA ARG B 820 34.15 0.65 -55.47
C ARG B 820 34.70 1.37 -54.26
N ARG B 821 35.33 2.53 -54.42
CA ARG B 821 35.77 3.32 -53.26
C ARG B 821 34.58 3.81 -52.41
N LEU B 822 33.44 4.16 -53.01
CA LEU B 822 32.27 4.48 -52.19
C LEU B 822 31.91 3.33 -51.25
N ARG B 823 32.00 2.07 -51.72
CA ARG B 823 31.70 0.91 -50.86
C ARG B 823 32.79 0.58 -49.85
N THR B 824 34.08 0.75 -50.18
CA THR B 824 35.11 0.65 -49.12
C THR B 824 34.90 1.70 -48.05
N ASP B 825 34.42 2.88 -48.43
CA ASP B 825 34.17 3.99 -47.52
C ASP B 825 32.75 3.98 -46.91
N GLY B 826 32.07 2.84 -46.98
CA GLY B 826 30.89 2.50 -46.18
C GLY B 826 29.53 2.77 -46.82
N VAL B 827 29.47 3.31 -48.04
CA VAL B 827 28.19 3.70 -48.67
C VAL B 827 27.28 2.50 -48.90
N THR B 828 26.13 2.50 -48.23
CA THR B 828 25.16 1.39 -48.28
C THR B 828 24.10 1.59 -49.34
N ARG B 829 23.72 2.84 -49.59
CA ARG B 829 22.64 3.19 -50.53
C ARG B 829 23.08 4.28 -51.48
N LEU B 830 22.70 4.13 -52.74
CA LEU B 830 23.48 4.66 -53.85
C LEU B 830 22.54 5.16 -54.94
N VAL B 831 22.39 6.48 -55.04
CA VAL B 831 21.30 7.13 -55.76
C VAL B 831 21.81 7.74 -57.05
N GLY B 832 21.29 7.34 -58.20
CA GLY B 832 21.61 7.95 -59.48
C GLY B 832 20.62 9.03 -59.87
N LEU B 833 21.10 10.19 -60.31
CA LEU B 833 20.22 11.18 -60.94
C LEU B 833 19.80 10.78 -62.36
N ASP B 834 20.52 9.89 -63.02
CA ASP B 834 19.99 8.99 -64.04
C ASP B 834 19.27 9.59 -65.28
N LEU B 835 19.39 10.90 -65.53
CA LEU B 835 18.79 11.57 -66.70
C LEU B 835 19.44 11.20 -68.03
N SER B 836 20.64 10.62 -68.02
CA SER B 836 21.33 10.06 -69.19
C SER B 836 22.39 9.04 -68.78
N GLY B 837 22.80 8.19 -69.72
CA GLY B 837 23.77 7.13 -69.50
C GLY B 837 23.30 5.97 -68.61
N ASP B 838 22.02 5.90 -68.24
CA ASP B 838 21.48 4.87 -67.33
C ASP B 838 22.34 4.66 -66.07
N LEU B 839 22.88 5.75 -65.52
CA LEU B 839 24.05 5.76 -64.64
C LEU B 839 23.96 4.81 -63.44
N THR B 840 22.74 4.57 -62.93
CA THR B 840 22.51 3.65 -61.82
C THR B 840 22.88 2.20 -62.17
N GLY B 841 22.71 1.78 -63.43
CA GLY B 841 22.97 0.41 -63.87
C GLY B 841 24.43 0.03 -63.72
N PRO B 842 25.37 0.72 -64.39
CA PRO B 842 26.80 0.50 -64.22
C PRO B 842 27.28 0.63 -62.78
N ALA B 843 26.65 1.47 -61.96
CA ALA B 843 26.99 1.53 -60.55
C ALA B 843 26.69 0.20 -59.85
N GLY B 844 25.48 -0.34 -60.01
CA GLY B 844 25.12 -1.66 -59.46
C GLY B 844 26.00 -2.77 -59.98
N ARG B 845 26.25 -2.76 -61.29
CA ARG B 845 27.14 -3.69 -61.99
C ARG B 845 28.56 -3.69 -61.41
N SER B 846 29.11 -2.53 -61.09
CA SER B 846 30.43 -2.40 -60.47
C SER B 846 30.43 -2.84 -59.02
N ALA B 847 29.41 -2.45 -58.26
CA ALA B 847 29.33 -2.64 -56.82
C ALA B 847 29.10 -4.09 -56.38
N ALA B 848 28.17 -4.81 -56.99
CA ALA B 848 27.67 -6.07 -56.40
C ALA B 848 28.70 -7.21 -56.37
N GLY B 849 29.68 -7.19 -57.26
CA GLY B 849 30.75 -8.19 -57.33
C GLY B 849 32.01 -7.85 -56.52
N PHE B 850 31.92 -6.94 -55.55
CA PHE B 850 33.07 -6.40 -54.83
C PHE B 850 32.78 -6.18 -53.34
N GLY B 851 33.82 -6.16 -52.51
CA GLY B 851 33.71 -5.90 -51.08
C GLY B 851 33.18 -7.09 -50.27
N GLU B 852 32.80 -6.85 -49.03
CA GLU B 852 32.43 -7.92 -48.10
C GLU B 852 31.14 -8.67 -48.51
N PRO B 853 31.13 -10.00 -48.65
CA PRO B 853 29.94 -10.75 -49.09
C PRO B 853 28.71 -10.56 -48.21
N GLY B 854 27.53 -10.54 -48.85
CA GLY B 854 26.24 -10.49 -48.18
C GLY B 854 25.84 -9.13 -47.61
N ARG B 855 26.69 -8.09 -47.72
CA ARG B 855 26.38 -6.71 -47.31
C ARG B 855 25.15 -6.18 -48.03
N PRO B 856 24.37 -5.28 -47.41
CA PRO B 856 23.29 -4.58 -48.07
C PRO B 856 23.81 -3.65 -49.17
N LEU B 857 22.96 -3.40 -50.17
CA LEU B 857 23.20 -2.51 -51.29
C LEU B 857 21.86 -2.10 -51.88
N LEU B 858 21.51 -0.80 -51.80
CA LEU B 858 20.29 -0.25 -52.36
C LEU B 858 20.61 0.65 -53.54
N LEU B 859 20.03 0.39 -54.70
CA LEU B 859 20.17 1.21 -55.90
C LEU B 859 18.86 1.94 -56.19
N ALA B 860 18.92 3.22 -56.50
CA ALA B 860 17.73 4.01 -56.87
C ALA B 860 18.04 4.98 -58.01
N SER B 861 17.08 5.24 -58.89
CA SER B 861 17.26 6.05 -60.10
C SER B 861 16.15 7.08 -60.20
N VAL B 862 16.38 8.30 -59.70
CA VAL B 862 15.25 9.09 -59.20
C VAL B 862 14.24 9.63 -60.22
N PRO B 863 14.59 10.03 -61.46
CA PRO B 863 13.58 10.26 -62.50
C PRO B 863 13.20 8.90 -63.10
N GLY B 864 12.48 8.08 -62.32
CA GLY B 864 12.22 6.67 -62.65
C GLY B 864 11.35 6.42 -63.89
N GLY B 865 11.19 5.14 -64.25
CA GLY B 865 10.46 4.69 -65.44
C GLY B 865 8.94 4.59 -65.31
N GLY B 866 8.38 4.67 -64.10
CA GLY B 866 6.94 4.62 -63.85
C GLY B 866 6.17 5.72 -64.59
N ARG B 867 4.96 5.40 -65.09
CA ARG B 867 4.26 6.29 -66.02
C ARG B 867 3.83 7.64 -65.43
N PRO B 868 3.26 7.72 -64.21
CA PRO B 868 2.96 8.99 -63.58
C PRO B 868 4.26 9.58 -63.00
N PRO B 869 4.68 10.80 -63.37
CA PRO B 869 5.95 11.38 -62.93
C PRO B 869 6.08 11.50 -61.41
N GLY B 870 4.99 11.80 -60.70
CA GLY B 870 4.97 11.80 -59.25
C GLY B 870 5.27 10.41 -58.68
N GLN B 871 4.57 9.37 -59.13
CA GLN B 871 4.81 8.00 -58.65
C GLN B 871 6.26 7.57 -58.87
N ALA B 872 6.88 7.94 -59.99
CA ALA B 872 8.26 7.56 -60.24
C ALA B 872 9.20 8.06 -59.14
N LEU B 873 9.18 9.37 -58.86
CA LEU B 873 10.05 9.94 -57.84
C LEU B 873 9.65 9.50 -56.43
N LEU B 874 8.36 9.53 -56.12
CA LEU B 874 7.88 9.17 -54.78
C LEU B 874 8.14 7.69 -54.49
N SER B 875 8.15 6.81 -55.48
CA SER B 875 8.55 5.42 -55.29
C SER B 875 10.01 5.30 -54.92
N ALA B 876 10.91 6.01 -55.62
CA ALA B 876 12.33 5.99 -55.29
C ALA B 876 12.58 6.50 -53.88
N LEU B 877 11.92 7.60 -53.48
CA LEU B 877 11.98 8.10 -52.12
C LEU B 877 11.37 7.11 -51.13
N GLY B 878 10.29 6.43 -51.52
CA GLY B 878 9.67 5.39 -50.69
C GLY B 878 10.65 4.26 -50.39
N GLU B 879 11.45 3.84 -51.36
CA GLU B 879 12.47 2.82 -51.15
C GLU B 879 13.52 3.28 -50.13
N LEU B 880 14.04 4.50 -50.26
CA LEU B 880 15.01 5.05 -49.32
C LEU B 880 14.44 5.23 -47.92
N HIS B 881 13.23 5.76 -47.78
CA HIS B 881 12.59 5.95 -46.48
C HIS B 881 12.36 4.62 -45.79
N THR B 882 11.92 3.64 -46.55
CA THR B 882 11.69 2.29 -46.07
C THR B 882 12.98 1.61 -45.65
N ASP B 883 14.11 1.93 -46.28
CA ASP B 883 15.40 1.40 -45.90
C ASP B 883 15.99 2.03 -44.63
N GLY B 884 15.57 3.24 -44.28
CA GLY B 884 15.97 3.91 -43.04
C GLY B 884 16.18 5.41 -43.14
N VAL B 885 16.24 5.99 -44.33
CA VAL B 885 16.51 7.43 -44.51
C VAL B 885 15.37 8.28 -43.95
N ALA B 886 15.69 9.31 -43.18
CA ALA B 886 14.71 10.16 -42.50
C ALA B 886 14.05 11.20 -43.43
N ILE B 887 13.42 10.76 -44.52
CA ILE B 887 12.84 11.63 -45.54
C ILE B 887 11.73 12.52 -44.99
N ASP B 888 11.75 13.79 -45.38
CA ASP B 888 10.71 14.77 -45.10
C ASP B 888 9.66 14.77 -46.23
N TRP B 889 8.54 14.12 -46.00
CA TRP B 889 7.48 13.98 -46.99
C TRP B 889 6.74 15.27 -47.33
N SER B 890 6.98 16.39 -46.65
CA SER B 890 6.16 17.60 -46.81
C SER B 890 6.12 18.14 -48.24
N GLN B 891 7.17 17.97 -49.05
CA GLN B 891 7.13 18.39 -50.46
C GLN B 891 6.03 17.72 -51.28
N ALA B 892 5.55 16.53 -50.92
CA ALA B 892 4.45 15.89 -51.63
C ALA B 892 3.09 16.57 -51.36
N PHE B 893 3.00 17.32 -50.26
CA PHE B 893 1.79 18.00 -49.79
C PHE B 893 1.84 19.51 -49.95
N GLU B 894 3.02 20.10 -50.05
CA GLU B 894 3.20 21.54 -50.16
C GLU B 894 2.40 22.13 -51.33
N GLY B 895 1.69 23.23 -51.07
CA GLY B 895 0.83 23.91 -52.04
C GLY B 895 -0.55 23.28 -52.27
N ARG B 896 -0.81 22.09 -51.73
CA ARG B 896 -2.13 21.43 -51.81
C ARG B 896 -2.98 21.79 -50.58
N GLY B 897 -4.28 21.57 -50.66
CA GLY B 897 -5.26 22.01 -49.64
C GLY B 897 -5.29 21.24 -48.33
N ALA B 898 -4.19 20.62 -47.92
CA ALA B 898 -4.17 19.61 -46.87
C ALA B 898 -4.52 20.15 -45.48
N ARG B 899 -5.27 19.36 -44.70
CA ARG B 899 -5.67 19.64 -43.31
C ARG B 899 -5.49 18.39 -42.45
N ARG B 900 -5.22 18.55 -41.16
CA ARG B 900 -5.12 17.42 -40.22
C ARG B 900 -6.48 16.76 -39.99
N VAL B 901 -6.53 15.44 -39.81
CA VAL B 901 -7.74 14.67 -39.44
C VAL B 901 -7.43 13.61 -38.39
N ASP B 902 -8.46 13.13 -37.69
CA ASP B 902 -8.33 12.19 -36.57
C ASP B 902 -8.06 10.75 -37.03
N LEU B 903 -6.78 10.44 -37.26
CA LEU B 903 -6.30 9.10 -37.52
C LEU B 903 -6.54 8.14 -36.34
N PRO B 904 -6.64 6.82 -36.56
CA PRO B 904 -6.63 5.83 -35.49
C PRO B 904 -5.30 5.81 -34.72
N THR B 905 -5.27 5.12 -33.59
CA THR B 905 -4.10 5.00 -32.69
C THR B 905 -3.44 3.62 -32.75
N TYR B 906 -2.25 3.49 -32.19
CA TYR B 906 -1.42 2.29 -32.34
C TYR B 906 -2.07 1.00 -31.80
N PRO B 907 -2.03 -0.13 -32.52
CA PRO B 907 -2.55 -1.43 -32.06
C PRO B 907 -1.56 -2.16 -31.14
N TYR B 908 -1.76 -2.12 -29.83
CA TYR B 908 -0.72 -2.50 -28.86
C TYR B 908 -0.28 -3.96 -28.88
N GLN B 909 -1.09 -4.90 -29.37
CA GLN B 909 -0.64 -6.28 -29.62
C GLN B 909 -0.10 -7.01 -28.37
N LYS B 910 -0.91 -6.95 -27.30
CA LYS B 910 -0.62 -7.33 -25.93
C LYS B 910 -0.60 -8.83 -25.63
N VAL B 911 -0.01 -9.20 -24.49
CA VAL B 911 0.13 -10.56 -23.91
C VAL B 911 -0.08 -10.52 -22.40
N ARG B 912 -0.35 -11.65 -21.74
CA ARG B 912 -0.59 -11.70 -20.28
C ARG B 912 0.64 -11.28 -19.47
N CYS B 913 0.44 -10.39 -18.49
CA CYS B 913 1.45 -9.95 -17.53
C CYS B 913 0.82 -9.84 -16.15
N TRP B 914 0.91 -10.89 -15.34
CA TRP B 914 0.28 -10.95 -14.03
C TRP B 914 1.14 -11.78 -13.07
N LEU B 915 1.15 -11.46 -11.78
CA LEU B 915 1.97 -12.20 -10.80
C LEU B 915 1.52 -13.64 -10.56
N VAL B 916 0.30 -13.99 -10.96
CA VAL B 916 -0.35 -15.27 -10.61
C VAL B 916 -1.01 -15.89 -11.84
N PRO B 917 -0.89 -17.21 -12.10
CA PRO B 917 -1.62 -17.87 -13.18
C PRO B 917 -3.13 -17.86 -12.93
N PRO B 918 -3.97 -17.95 -13.96
CA PRO B 918 -5.41 -17.87 -13.81
C PRO B 918 -5.95 -19.03 -12.95
N GLU B 919 -6.88 -18.73 -12.04
CA GLU B 919 -7.56 -19.74 -11.21
C GLU B 919 -8.47 -20.64 -12.07
N PRO B 920 -8.59 -21.94 -11.76
CA PRO B 920 -9.56 -22.81 -12.42
C PRO B 920 -11.00 -22.33 -12.26
N GLN B 921 -11.81 -22.47 -13.31
CA GLN B 921 -13.25 -22.13 -13.24
C GLN B 921 -14.04 -23.15 -12.40
N VAL B 922 -13.56 -24.39 -12.35
CA VAL B 922 -14.06 -25.43 -11.45
C VAL B 922 -13.60 -25.15 -10.02
N SER B 923 -14.49 -25.27 -9.05
CA SER B 923 -14.13 -25.31 -7.62
C SER B 923 -15.15 -26.09 -6.80
N VAL B 924 -14.67 -26.78 -5.76
CA VAL B 924 -15.51 -27.42 -4.73
C VAL B 924 -16.06 -26.39 -3.73
N VAL B 925 -17.04 -26.79 -2.91
CA VAL B 925 -17.66 -25.93 -1.89
C VAL B 925 -16.71 -25.56 -0.74
N ALA B 926 -15.66 -26.37 -0.47
CA ALA B 926 -14.56 -26.07 0.45
C ALA B 926 -14.99 -25.61 1.85
N ALA B 927 -15.94 -26.31 2.48
CA ALA B 927 -16.41 -26.00 3.84
C ALA B 927 -15.27 -26.00 4.87
N PRO B 928 -15.26 -25.07 5.85
CA PRO B 928 -14.21 -24.98 6.86
C PRO B 928 -14.27 -26.15 7.85
N PRO B 929 -13.14 -26.55 8.45
CA PRO B 929 -13.10 -27.62 9.44
C PRO B 929 -13.82 -27.20 10.72
N HIS B 930 -14.45 -28.15 11.42
CA HIS B 930 -15.03 -27.89 12.74
C HIS B 930 -13.91 -27.39 13.68
N PRO B 931 -14.03 -26.21 14.27
CA PRO B 931 -12.88 -25.41 14.70
C PRO B 931 -12.10 -26.01 15.86
N LEU B 932 -12.61 -27.02 16.56
CA LEU B 932 -11.88 -27.73 17.60
C LEU B 932 -11.07 -28.94 17.09
N LEU B 933 -11.36 -29.53 15.92
CA LEU B 933 -10.58 -30.68 15.40
C LEU B 933 -9.70 -30.36 14.20
N GLY B 934 -10.01 -29.33 13.42
CA GLY B 934 -9.12 -28.87 12.36
C GLY B 934 -8.89 -29.86 11.23
N THR B 935 -7.68 -29.85 10.68
CA THR B 935 -7.29 -30.69 9.53
C THR B 935 -7.14 -32.15 9.94
N ALA B 936 -7.72 -33.06 9.16
CA ALA B 936 -7.41 -34.48 9.24
C ALA B 936 -6.04 -34.79 8.62
N LEU B 937 -5.23 -35.59 9.29
CA LEU B 937 -3.96 -36.07 8.74
C LEU B 937 -4.19 -37.31 7.88
N ASP B 938 -3.50 -37.41 6.74
CA ASP B 938 -3.45 -38.62 5.91
C ASP B 938 -2.10 -39.34 6.06
N LEU B 939 -1.66 -39.49 7.30
CA LEU B 939 -0.44 -40.21 7.65
C LEU B 939 -0.49 -41.65 7.12
N VAL B 940 0.55 -42.14 6.43
CA VAL B 940 0.39 -43.29 5.52
C VAL B 940 -0.03 -44.59 6.21
N ASP B 941 0.73 -45.04 7.19
CA ASP B 941 0.54 -46.34 7.83
C ASP B 941 -0.43 -46.31 9.03
N ALA B 942 -1.20 -45.24 9.19
CA ALA B 942 -2.08 -45.07 10.35
C ALA B 942 -3.16 -46.16 10.45
N THR B 943 -3.34 -46.70 11.64
CA THR B 943 -4.38 -47.71 11.95
C THR B 943 -5.78 -47.12 12.04
N GLY B 944 -5.89 -45.82 12.32
CA GLY B 944 -7.13 -45.07 12.44
C GLY B 944 -6.88 -43.56 12.38
N GLN B 945 -7.84 -42.81 11.86
CA GLN B 945 -7.68 -41.40 11.51
C GLN B 945 -7.33 -40.52 12.70
N SER B 946 -6.60 -39.42 12.48
CA SER B 946 -6.33 -38.41 13.51
C SER B 946 -6.32 -36.99 12.92
N PHE B 947 -6.50 -36.00 13.79
CA PHE B 947 -6.75 -34.61 13.41
C PHE B 947 -6.06 -33.66 14.39
N THR B 948 -5.73 -32.46 13.95
CA THR B 948 -5.04 -31.46 14.76
C THR B 948 -5.50 -30.04 14.45
N GLN B 949 -5.45 -29.17 15.45
CA GLN B 949 -5.74 -27.75 15.31
C GLN B 949 -4.79 -26.93 16.17
N GLN B 950 -4.39 -25.76 15.67
CA GLN B 950 -3.79 -24.70 16.47
C GLN B 950 -4.80 -23.56 16.61
N LEU B 951 -5.02 -23.06 17.81
CA LEU B 951 -5.80 -21.86 18.08
C LEU B 951 -4.87 -20.73 18.50
N THR B 952 -4.96 -19.60 17.81
CA THR B 952 -4.22 -18.39 18.16
C THR B 952 -4.83 -17.70 19.38
N PRO B 953 -4.08 -16.83 20.06
CA PRO B 953 -4.61 -16.01 21.15
C PRO B 953 -5.83 -15.18 20.75
N GLY B 954 -5.96 -14.80 19.49
CA GLY B 954 -7.16 -14.14 18.97
C GLY B 954 -8.38 -15.05 18.89
N GLN B 955 -8.19 -16.29 18.45
CA GLN B 955 -9.28 -17.27 18.33
C GLN B 955 -9.75 -17.81 19.67
N VAL B 956 -8.84 -18.05 20.62
CA VAL B 956 -9.17 -18.76 21.87
C VAL B 956 -10.32 -18.09 22.61
N ALA B 957 -10.27 -16.78 22.80
CA ALA B 957 -11.34 -16.05 23.49
C ALA B 957 -12.68 -16.06 22.74
N GLY B 958 -12.66 -16.32 21.42
CA GLY B 958 -13.87 -16.49 20.62
C GLY B 958 -14.50 -17.88 20.79
N VAL B 959 -13.68 -18.92 20.98
CA VAL B 959 -14.15 -20.30 21.12
C VAL B 959 -14.49 -20.66 22.57
N PHE B 960 -13.68 -20.23 23.53
CA PHE B 960 -13.86 -20.51 24.95
C PHE B 960 -14.90 -19.54 25.53
N GLY B 961 -16.15 -19.70 25.13
CA GLY B 961 -17.23 -18.75 25.43
C GLY B 961 -17.72 -18.73 26.88
N GLN B 962 -17.17 -19.56 27.77
CA GLN B 962 -17.49 -19.56 29.19
C GLN B 962 -16.28 -19.07 29.97
N GLN B 963 -16.51 -18.36 31.06
CA GLN B 963 -15.47 -18.08 32.05
C GLN B 963 -15.85 -18.66 33.40
N LEU B 964 -14.88 -19.24 34.09
CA LEU B 964 -14.99 -19.57 35.52
C LEU B 964 -14.06 -18.65 36.27
N TYR B 965 -14.58 -17.88 37.22
CA TYR B 965 -13.76 -16.99 38.05
C TYR B 965 -12.81 -16.12 37.20
N GLY B 966 -13.34 -15.58 36.11
CA GLY B 966 -12.61 -14.74 35.17
C GLY B 966 -11.77 -15.48 34.14
N THR B 967 -11.29 -16.69 34.39
CA THR B 967 -10.47 -17.40 33.40
C THR B 967 -11.31 -18.02 32.29
N PRO B 968 -10.94 -17.92 31.00
CA PRO B 968 -11.65 -18.61 29.93
C PRO B 968 -11.55 -20.13 30.01
N VAL B 969 -12.65 -20.83 29.74
CA VAL B 969 -12.70 -22.29 29.67
C VAL B 969 -13.51 -22.75 28.48
N LEU B 970 -13.21 -23.94 27.96
CA LEU B 970 -14.02 -24.53 26.90
C LEU B 970 -15.35 -25.03 27.51
N PRO B 971 -16.52 -24.63 26.99
CA PRO B 971 -17.80 -25.05 27.54
C PRO B 971 -17.98 -26.56 27.48
N ALA B 972 -18.65 -27.18 28.45
CA ALA B 972 -18.86 -28.62 28.43
C ALA B 972 -19.68 -29.07 27.22
N GLY B 973 -20.67 -28.29 26.78
CA GLY B 973 -21.40 -28.56 25.55
C GLY B 973 -20.51 -28.52 24.31
N ALA B 974 -19.48 -27.67 24.28
CA ALA B 974 -18.52 -27.65 23.18
C ALA B 974 -17.61 -28.88 23.19
N ARG B 975 -17.12 -29.34 24.36
CA ARG B 975 -16.39 -30.62 24.43
C ARG B 975 -17.25 -31.78 23.98
N LEU B 976 -18.51 -31.81 24.41
CA LEU B 976 -19.41 -32.89 24.06
C LEU B 976 -19.73 -32.89 22.57
N GLU B 977 -19.86 -31.72 21.95
CA GLU B 977 -19.93 -31.59 20.49
C GLU B 977 -18.63 -31.99 19.80
N TRP B 978 -17.46 -31.67 20.36
CA TRP B 978 -16.17 -31.97 19.75
C TRP B 978 -15.99 -33.47 19.54
N LEU B 979 -16.35 -34.28 20.53
CA LEU B 979 -16.37 -35.73 20.39
C LEU B 979 -17.33 -36.17 19.27
N LEU B 980 -18.54 -35.62 19.21
CA LEU B 980 -19.51 -35.96 18.16
C LEU B 980 -19.04 -35.53 16.77
N ALA B 981 -18.39 -34.38 16.64
CA ALA B 981 -17.84 -33.92 15.38
C ALA B 981 -16.74 -34.85 14.87
N ALA B 982 -15.87 -35.36 15.75
CA ALA B 982 -14.90 -36.37 15.37
C ALA B 982 -15.61 -37.67 14.97
N ALA B 983 -16.58 -38.12 15.76
CA ALA B 983 -17.29 -39.37 15.52
C ALA B 983 -17.97 -39.42 14.16
N ARG B 984 -18.70 -38.37 13.76
CA ARG B 984 -19.42 -38.35 12.48
C ARG B 984 -18.58 -37.94 11.28
N HIS B 985 -17.30 -37.62 11.43
CA HIS B 985 -16.51 -37.02 10.36
C HIS B 985 -16.49 -37.82 9.05
N GLY B 986 -16.42 -39.15 9.14
CA GLY B 986 -16.21 -40.03 7.99
C GLY B 986 -17.47 -40.42 7.20
N SER B 987 -18.65 -39.86 7.49
CA SER B 987 -19.93 -40.38 6.99
C SER B 987 -20.97 -39.28 6.70
N PRO B 988 -21.90 -39.49 5.75
CA PRO B 988 -23.04 -38.60 5.51
C PRO B 988 -24.21 -38.83 6.48
N ASP B 989 -24.20 -39.90 7.28
CA ASP B 989 -25.36 -40.34 8.07
C ASP B 989 -25.82 -39.29 9.10
N SER B 990 -27.14 -39.19 9.30
CA SER B 990 -27.79 -38.17 10.12
C SER B 990 -28.17 -38.62 11.54
N ALA B 991 -27.90 -39.86 11.95
CA ALA B 991 -28.25 -40.36 13.28
C ALA B 991 -27.08 -41.07 13.97
N TRP B 992 -26.87 -40.79 15.25
CA TRP B 992 -25.65 -41.13 15.99
C TRP B 992 -25.92 -41.47 17.44
N THR B 993 -25.03 -42.23 18.06
CA THR B 993 -25.02 -42.48 19.49
C THR B 993 -23.60 -42.48 20.00
N LEU B 994 -23.37 -41.88 21.15
CA LEU B 994 -22.12 -41.93 21.89
C LEU B 994 -22.40 -42.49 23.27
N THR B 995 -21.50 -43.32 23.80
CA THR B 995 -21.69 -43.96 25.11
C THR B 995 -20.40 -43.98 25.90
N GLY B 996 -20.51 -44.18 27.22
CA GLY B 996 -19.35 -44.24 28.11
C GLY B 996 -18.50 -42.96 28.09
N ILE B 997 -19.13 -41.81 27.91
CA ILE B 997 -18.42 -40.55 27.69
C ILE B 997 -17.74 -40.11 28.98
N ARG B 998 -16.51 -39.63 28.88
CA ARG B 998 -15.75 -39.03 29.98
C ARG B 998 -15.33 -37.64 29.59
N LEU B 999 -15.34 -36.69 30.51
CA LEU B 999 -14.91 -35.31 30.30
C LEU B 999 -13.99 -34.87 31.45
N PRO B 1000 -12.89 -35.60 31.73
CA PRO B 1000 -12.01 -35.30 32.85
C PRO B 1000 -11.39 -33.90 32.74
N GLY B 1001 -11.03 -33.32 33.89
CA GLY B 1001 -10.38 -32.02 33.98
C GLY B 1001 -11.20 -30.85 33.46
N THR B 1002 -10.59 -29.67 33.43
CA THR B 1002 -11.14 -28.47 32.79
C THR B 1002 -10.18 -27.95 31.73
N VAL B 1003 -10.63 -27.82 30.48
CA VAL B 1003 -9.84 -27.16 29.44
C VAL B 1003 -9.88 -25.65 29.69
N SER B 1004 -8.74 -25.02 29.89
CA SER B 1004 -8.66 -23.58 30.19
C SER B 1004 -7.42 -22.95 29.58
N ALA B 1005 -7.46 -21.65 29.37
CA ALA B 1005 -6.36 -20.91 28.77
C ALA B 1005 -6.29 -19.50 29.34
N ALA B 1006 -5.22 -19.19 30.07
CA ALA B 1006 -4.98 -17.84 30.58
C ALA B 1006 -4.98 -16.83 29.44
N SER B 1007 -5.60 -15.68 29.67
CA SER B 1007 -5.91 -14.71 28.61
C SER B 1007 -4.67 -14.32 27.80
N GLY B 1008 -4.73 -14.44 26.47
CA GLY B 1008 -3.59 -14.15 25.58
C GLY B 1008 -2.57 -15.29 25.42
N THR B 1009 -3.02 -16.54 25.31
CA THR B 1009 -2.15 -17.73 25.19
C THR B 1009 -2.59 -18.64 24.04
N PRO B 1010 -1.69 -19.21 23.22
CA PRO B 1010 -2.06 -20.18 22.18
C PRO B 1010 -2.50 -21.53 22.76
N VAL B 1011 -3.32 -22.29 22.03
CA VAL B 1011 -3.76 -23.63 22.42
C VAL B 1011 -3.64 -24.58 21.25
N ALA B 1012 -3.07 -25.76 21.44
CA ALA B 1012 -3.01 -26.82 20.42
C ALA B 1012 -3.92 -27.98 20.80
N LEU B 1013 -4.72 -28.49 19.87
CA LEU B 1013 -5.70 -29.54 20.10
C LEU B 1013 -5.44 -30.71 19.16
N GLN B 1014 -5.70 -31.93 19.63
CA GLN B 1014 -5.51 -33.14 18.83
C GLN B 1014 -6.60 -34.15 19.15
N THR B 1015 -7.02 -34.96 18.18
CA THR B 1015 -8.05 -35.98 18.37
C THR B 1015 -7.86 -37.16 17.44
N SER B 1016 -8.32 -38.35 17.82
CA SER B 1016 -8.09 -39.60 17.10
C SER B 1016 -9.30 -40.52 17.14
N ARG B 1017 -9.61 -41.17 16.02
CA ARG B 1017 -10.68 -42.17 15.84
C ARG B 1017 -10.03 -43.55 15.84
N GLU B 1018 -9.67 -44.02 17.02
CA GLU B 1018 -8.85 -45.21 17.23
C GLU B 1018 -9.70 -46.47 17.11
N ASP B 1019 -10.21 -46.71 15.90
CA ASP B 1019 -11.19 -47.74 15.59
C ASP B 1019 -10.82 -49.10 16.19
N SER B 1020 -11.68 -49.64 17.06
CA SER B 1020 -11.45 -50.94 17.70
C SER B 1020 -11.64 -52.11 16.72
N GLY B 1021 -12.27 -51.87 15.57
CA GLY B 1021 -12.67 -52.89 14.61
C GLY B 1021 -13.94 -53.67 15.00
N ASP B 1022 -14.50 -53.44 16.20
CA ASP B 1022 -15.75 -54.06 16.64
C ASP B 1022 -16.98 -53.38 16.01
N GLY B 1023 -17.12 -53.50 14.68
CA GLY B 1023 -18.25 -53.03 13.90
C GLY B 1023 -18.47 -51.52 14.04
N HIS B 1024 -19.55 -51.15 14.73
CA HIS B 1024 -19.87 -49.77 15.09
C HIS B 1024 -18.77 -49.08 15.93
N ARG B 1025 -18.00 -49.84 16.73
CA ARG B 1025 -17.19 -49.32 17.85
C ARG B 1025 -15.90 -48.60 17.41
N VAL B 1026 -16.03 -47.47 16.76
CA VAL B 1026 -14.97 -46.46 16.73
C VAL B 1026 -14.84 -45.87 18.14
N ARG B 1027 -13.63 -45.76 18.68
CA ARG B 1027 -13.37 -45.05 19.94
C ARG B 1027 -12.78 -43.68 19.62
N ALA B 1028 -13.36 -42.61 20.14
CA ALA B 1028 -12.89 -41.25 19.91
C ALA B 1028 -12.20 -40.71 21.17
N PHE B 1029 -11.03 -40.11 21.03
CA PHE B 1029 -10.31 -39.40 22.09
C PHE B 1029 -10.09 -37.94 21.71
N VAL B 1030 -10.06 -37.03 22.67
CA VAL B 1030 -9.63 -35.65 22.46
C VAL B 1030 -8.57 -35.28 23.49
N LYS B 1031 -7.53 -34.57 23.04
CA LYS B 1031 -6.35 -34.30 23.85
C LYS B 1031 -6.01 -32.81 23.81
N GLY B 1032 -5.84 -32.22 24.98
CA GLY B 1032 -5.37 -30.85 25.17
C GLY B 1032 -3.85 -30.83 25.30
N PRO B 1033 -3.21 -29.69 25.11
CA PRO B 1033 -1.77 -29.59 24.96
C PRO B 1033 -1.04 -29.73 26.29
N GLY B 1034 0.27 -29.92 26.23
CA GLY B 1034 1.11 -29.84 27.42
C GLY B 1034 1.02 -28.47 28.11
N THR B 1035 1.01 -28.48 29.44
CA THR B 1035 1.18 -27.25 30.23
C THR B 1035 2.63 -26.79 30.10
N GLY B 1036 2.87 -25.65 29.45
CA GLY B 1036 4.23 -25.20 29.14
C GLY B 1036 5.03 -26.24 28.34
N GLY B 1037 6.22 -26.59 28.83
CA GLY B 1037 7.07 -27.66 28.29
C GLY B 1037 6.62 -29.10 28.60
N GLY B 1038 5.41 -29.31 29.12
CA GLY B 1038 4.82 -30.61 29.45
C GLY B 1038 4.38 -31.43 28.22
N ARG B 1039 3.36 -32.27 28.38
CA ARG B 1039 2.91 -33.25 27.37
C ARG B 1039 1.39 -33.29 27.24
N TRP B 1040 0.92 -33.71 26.07
CA TRP B 1040 -0.51 -33.87 25.76
C TRP B 1040 -1.26 -34.68 26.81
N ALA B 1041 -2.48 -34.28 27.13
CA ALA B 1041 -3.33 -34.91 28.15
C ALA B 1041 -4.75 -35.13 27.64
N GLU B 1042 -5.40 -36.22 28.03
CA GLU B 1042 -6.78 -36.48 27.65
C GLU B 1042 -7.74 -35.47 28.30
N ARG B 1043 -8.64 -34.92 27.50
CA ARG B 1043 -9.67 -33.99 27.95
C ARG B 1043 -11.08 -34.39 27.51
N GLY B 1044 -11.21 -35.58 26.95
CA GLY B 1044 -12.49 -36.22 26.68
C GLY B 1044 -12.30 -37.52 25.92
N GLY B 1045 -13.27 -38.42 26.02
CA GLY B 1045 -13.27 -39.66 25.28
C GLY B 1045 -14.64 -40.30 25.26
N ALA B 1046 -14.99 -40.98 24.17
CA ALA B 1046 -16.30 -41.55 23.96
C ALA B 1046 -16.24 -42.79 23.07
N THR B 1047 -17.19 -43.69 23.21
CA THR B 1047 -17.34 -44.82 22.28
C THR B 1047 -18.49 -44.53 21.34
N VAL B 1048 -18.24 -44.61 20.04
CA VAL B 1048 -19.23 -44.32 19.02
C VAL B 1048 -20.06 -45.56 18.73
N VAL B 1049 -21.35 -45.34 18.44
CA VAL B 1049 -22.26 -46.32 17.88
C VAL B 1049 -23.08 -45.61 16.79
N PRO B 1050 -22.71 -45.71 15.51
CA PRO B 1050 -23.42 -45.08 14.39
C PRO B 1050 -24.85 -45.61 14.20
N ALA B 1051 -25.60 -45.02 13.25
CA ALA B 1051 -26.77 -45.62 12.62
C ALA B 1051 -27.80 -46.24 13.60
N VAL B 1052 -28.41 -45.39 14.45
CA VAL B 1052 -29.19 -45.84 15.62
C VAL B 1052 -30.38 -46.76 15.29
N THR B 1053 -30.98 -46.64 14.10
CA THR B 1053 -31.87 -47.64 13.46
C THR B 1053 -32.99 -48.20 14.36
N ARG B 1054 -33.64 -47.33 15.14
CA ARG B 1054 -34.85 -47.63 15.93
C ARG B 1054 -35.81 -46.44 15.96
N PRO B 1055 -37.14 -46.67 15.96
CA PRO B 1055 -38.13 -45.60 15.99
C PRO B 1055 -38.22 -44.92 17.37
N ALA B 1056 -38.83 -43.73 17.42
CA ALA B 1056 -39.01 -42.93 18.62
C ALA B 1056 -40.37 -42.21 18.63
N PRO B 1057 -40.89 -41.78 19.79
CA PRO B 1057 -42.14 -41.02 19.89
C PRO B 1057 -42.12 -39.74 19.05
N ASP B 1058 -43.30 -39.25 18.68
CA ASP B 1058 -43.47 -38.13 17.75
C ASP B 1058 -44.55 -37.13 18.22
N ARG B 1059 -44.37 -35.87 17.81
CA ARG B 1059 -45.24 -34.72 18.12
C ARG B 1059 -45.62 -34.62 19.60
N VAL B 1060 -44.67 -34.93 20.49
CA VAL B 1060 -44.83 -34.76 21.94
C VAL B 1060 -44.98 -33.28 22.23
N ASP B 1061 -46.15 -32.84 22.66
CA ASP B 1061 -46.55 -31.44 22.64
C ASP B 1061 -45.62 -30.55 23.48
N PRO B 1062 -44.86 -29.61 22.90
CA PRO B 1062 -44.01 -28.72 23.67
C PRO B 1062 -44.80 -27.89 24.68
N GLU B 1063 -46.02 -27.49 24.33
CA GLU B 1063 -46.86 -26.68 25.21
C GLU B 1063 -47.36 -27.46 26.42
N SER B 1064 -47.23 -28.79 26.43
CA SER B 1064 -47.54 -29.60 27.60
C SER B 1064 -46.40 -29.66 28.61
N LEU B 1065 -45.18 -29.32 28.20
CA LEU B 1065 -43.99 -29.39 29.04
C LEU B 1065 -44.05 -28.44 30.27
N PRO B 1066 -44.38 -27.15 30.15
CA PRO B 1066 -44.35 -26.23 31.29
C PRO B 1066 -45.47 -26.42 32.32
N GLU B 1067 -46.43 -27.31 32.09
CA GLU B 1067 -47.72 -27.31 32.82
C GLU B 1067 -47.59 -27.41 34.35
N GLY B 1068 -46.69 -28.26 34.86
CA GLY B 1068 -46.48 -28.43 36.29
C GLY B 1068 -45.56 -27.39 36.95
N LEU B 1069 -45.07 -26.40 36.19
CA LEU B 1069 -43.83 -25.68 36.48
C LEU B 1069 -44.00 -24.15 36.51
N ALA B 1070 -43.23 -23.48 37.35
CA ALA B 1070 -43.24 -22.02 37.48
C ALA B 1070 -42.20 -21.37 36.56
N GLU B 1071 -42.57 -20.31 35.85
CA GLU B 1071 -41.62 -19.57 35.01
C GLU B 1071 -40.62 -18.75 35.86
N LEU B 1072 -39.37 -18.67 35.40
CA LEU B 1072 -38.31 -17.81 35.95
C LEU B 1072 -37.88 -16.79 34.90
N ASP B 1073 -37.41 -15.62 35.35
CA ASP B 1073 -36.74 -14.67 34.47
C ASP B 1073 -35.35 -15.19 34.08
N VAL B 1074 -35.05 -15.21 32.78
CA VAL B 1074 -33.73 -15.57 32.25
C VAL B 1074 -32.61 -14.74 32.88
N ALA B 1075 -32.85 -13.46 33.19
CA ALA B 1075 -31.84 -12.65 33.86
C ALA B 1075 -31.49 -13.20 35.24
N GLU B 1076 -32.46 -13.70 36.01
CA GLU B 1076 -32.17 -14.34 37.29
C GLU B 1076 -31.49 -15.69 37.11
N VAL B 1077 -31.81 -16.44 36.05
CA VAL B 1077 -31.09 -17.68 35.72
C VAL B 1077 -29.61 -17.40 35.50
N TYR B 1078 -29.26 -16.44 34.65
CA TYR B 1078 -27.85 -16.13 34.45
C TYR B 1078 -27.20 -15.49 35.70
N ARG B 1079 -27.92 -14.77 36.56
CA ARG B 1079 -27.40 -14.39 37.87
C ARG B 1079 -27.14 -15.58 38.78
N ARG B 1080 -28.03 -16.58 38.85
CA ARG B 1080 -27.80 -17.79 39.63
C ARG B 1080 -26.51 -18.49 39.21
N LEU B 1081 -26.27 -18.62 37.90
CA LEU B 1081 -25.04 -19.21 37.39
C LEU B 1081 -23.82 -18.34 37.69
N TRP B 1082 -23.94 -17.01 37.67
CA TRP B 1082 -22.84 -16.14 38.07
C TRP B 1082 -22.45 -16.30 39.54
N ARG B 1083 -23.43 -16.59 40.41
CA ARG B 1083 -23.21 -17.01 41.81
C ARG B 1083 -22.80 -18.48 41.96
N GLN B 1084 -22.48 -19.14 40.86
CA GLN B 1084 -21.77 -20.42 40.77
C GLN B 1084 -20.42 -20.21 40.05
N GLY B 1085 -19.89 -18.99 40.06
CA GLY B 1085 -18.62 -18.63 39.43
C GLY B 1085 -18.63 -18.56 37.91
N SER B 1086 -19.73 -18.88 37.25
CA SER B 1086 -19.78 -19.09 35.81
C SER B 1086 -20.43 -17.94 35.06
N ASP B 1087 -19.75 -17.40 34.06
CA ASP B 1087 -20.29 -16.38 33.16
C ASP B 1087 -20.13 -16.81 31.70
N TYR B 1088 -21.01 -16.33 30.82
CA TYR B 1088 -21.14 -16.76 29.45
C TYR B 1088 -21.15 -15.58 28.47
N ALA B 1089 -20.46 -15.72 27.36
CA ALA B 1089 -20.60 -14.82 26.22
C ALA B 1089 -21.99 -14.93 25.57
N GLU B 1090 -22.40 -13.92 24.80
CA GLU B 1090 -23.71 -13.86 24.15
C GLU B 1090 -24.06 -15.09 23.31
N PRO B 1091 -23.14 -15.71 22.55
CA PRO B 1091 -23.42 -16.94 21.81
C PRO B 1091 -23.81 -18.15 22.69
N LEU B 1092 -23.63 -18.10 24.00
CA LEU B 1092 -24.06 -19.15 24.93
C LEU B 1092 -25.18 -18.70 25.88
N ARG B 1093 -25.59 -17.44 25.84
CA ARG B 1093 -26.78 -16.93 26.53
C ARG B 1093 -28.05 -17.26 25.73
N VAL B 1094 -28.24 -18.54 25.44
CA VAL B 1094 -29.24 -19.04 24.49
C VAL B 1094 -30.58 -19.45 25.10
N LEU B 1095 -30.73 -19.46 26.43
CA LEU B 1095 -32.05 -19.60 27.04
C LEU B 1095 -32.94 -18.40 26.68
N ARG B 1096 -34.24 -18.63 26.44
CA ARG B 1096 -35.23 -17.58 26.12
C ARG B 1096 -36.38 -17.53 27.11
N ARG B 1097 -36.86 -18.70 27.54
CA ARG B 1097 -37.82 -18.84 28.64
C ARG B 1097 -37.48 -20.10 29.41
N VAL B 1098 -37.68 -20.08 30.71
CA VAL B 1098 -37.33 -21.21 31.60
C VAL B 1098 -38.47 -21.43 32.57
N TRP B 1099 -38.83 -22.69 32.80
CA TRP B 1099 -39.75 -23.07 33.86
C TRP B 1099 -39.09 -24.15 34.72
N LEU B 1100 -39.36 -24.12 36.02
CA LEU B 1100 -38.69 -24.98 36.99
C LEU B 1100 -39.68 -25.44 38.06
N GLY B 1101 -39.50 -26.64 38.58
CA GLY B 1101 -40.32 -27.14 39.69
C GLY B 1101 -39.85 -28.49 40.20
N GLY B 1102 -39.80 -28.64 41.52
CA GLY B 1102 -39.37 -29.88 42.16
C GLY B 1102 -37.96 -30.30 41.73
N ASP B 1103 -37.87 -31.45 41.07
CA ASP B 1103 -36.64 -32.06 40.57
C ASP B 1103 -36.54 -32.04 39.04
N GLU B 1104 -37.23 -31.13 38.35
CA GLU B 1104 -37.11 -30.97 36.90
C GLU B 1104 -37.27 -29.53 36.41
N ALA B 1105 -36.81 -29.30 35.19
CA ALA B 1105 -36.86 -28.02 34.51
C ALA B 1105 -37.15 -28.22 33.02
N VAL B 1106 -37.70 -27.19 32.38
CA VAL B 1106 -37.89 -27.14 30.94
C VAL B 1106 -37.59 -25.75 30.43
N ALA B 1107 -37.20 -25.63 29.16
CA ALA B 1107 -36.87 -24.33 28.60
C ALA B 1107 -37.09 -24.25 27.11
N LEU B 1108 -37.28 -23.02 26.65
CA LEU B 1108 -37.28 -22.64 25.25
C LEU B 1108 -35.89 -22.07 24.94
N VAL B 1109 -35.22 -22.63 23.94
CA VAL B 1109 -33.87 -22.19 23.51
C VAL B 1109 -33.97 -21.42 22.21
N GLY B 1110 -33.28 -20.27 22.17
CA GLY B 1110 -33.33 -19.33 21.05
C GLY B 1110 -32.53 -19.77 19.84
N THR B 1111 -32.46 -18.92 18.81
CA THR B 1111 -31.74 -19.20 17.56
C THR B 1111 -30.23 -19.24 17.83
N ALA B 1112 -29.74 -20.45 18.13
CA ALA B 1112 -28.36 -20.75 18.46
C ALA B 1112 -27.50 -20.75 17.18
N ASP B 1113 -27.18 -19.56 16.69
CA ASP B 1113 -26.72 -19.33 15.31
C ASP B 1113 -25.19 -19.38 15.17
N VAL B 1114 -24.63 -20.47 15.69
CA VAL B 1114 -23.21 -20.88 15.51
C VAL B 1114 -22.89 -20.98 14.01
N PRO B 1115 -21.67 -20.69 13.52
CA PRO B 1115 -21.30 -20.97 12.13
C PRO B 1115 -21.53 -22.45 11.80
N THR B 1116 -22.22 -22.77 10.70
CA THR B 1116 -22.76 -24.11 10.40
C THR B 1116 -23.68 -24.65 11.52
N GLY B 1117 -24.58 -23.80 12.00
CA GLY B 1117 -25.56 -24.08 13.06
C GLY B 1117 -27.03 -23.92 12.64
N PRO B 1118 -27.43 -22.82 11.97
CA PRO B 1118 -28.76 -22.70 11.37
C PRO B 1118 -29.05 -23.80 10.35
N SER B 1119 -28.05 -24.12 9.53
CA SER B 1119 -27.89 -25.41 8.88
C SER B 1119 -26.49 -25.96 9.21
N GLY B 1120 -26.36 -27.27 9.40
CA GLY B 1120 -25.16 -27.89 9.94
C GLY B 1120 -25.24 -28.13 11.45
N TRP B 1121 -24.35 -28.99 11.94
CA TRP B 1121 -24.47 -29.59 13.28
C TRP B 1121 -23.88 -28.75 14.40
N SER B 1122 -23.08 -27.72 14.12
CA SER B 1122 -22.33 -26.99 15.15
C SER B 1122 -23.22 -26.33 16.19
N ARG B 1123 -24.49 -26.08 15.87
CA ARG B 1123 -25.51 -25.64 16.83
C ARG B 1123 -25.67 -26.58 18.02
N TRP B 1124 -25.36 -27.87 17.89
CA TRP B 1124 -25.39 -28.78 19.03
C TRP B 1124 -24.47 -28.35 20.17
N ALA B 1125 -23.36 -27.65 19.91
CA ALA B 1125 -22.51 -27.14 21.00
C ALA B 1125 -23.29 -26.25 21.96
N ALA B 1126 -24.02 -25.27 21.42
CA ALA B 1126 -24.83 -24.36 22.20
C ALA B 1126 -26.02 -25.07 22.86
N VAL B 1127 -26.75 -25.90 22.12
CA VAL B 1127 -27.94 -26.57 22.65
C VAL B 1127 -27.58 -27.53 23.79
N LEU B 1128 -26.49 -28.28 23.66
CA LEU B 1128 -26.01 -29.12 24.75
C LEU B 1128 -25.51 -28.27 25.93
N GLU B 1129 -24.87 -27.13 25.68
CA GLU B 1129 -24.47 -26.26 26.78
C GLU B 1129 -25.69 -25.71 27.52
N ALA B 1130 -26.79 -25.41 26.84
CA ALA B 1130 -28.02 -25.03 27.52
C ALA B 1130 -28.55 -26.14 28.44
N ALA B 1131 -28.48 -27.40 28.02
CA ALA B 1131 -28.83 -28.51 28.88
C ALA B 1131 -27.92 -28.57 30.12
N VAL B 1132 -26.62 -28.32 29.97
CA VAL B 1132 -25.71 -28.23 31.11
C VAL B 1132 -26.04 -27.05 32.02
N GLN B 1133 -26.38 -25.88 31.47
CA GLN B 1133 -26.82 -24.73 32.25
C GLN B 1133 -28.02 -25.10 33.13
N LEU B 1134 -29.05 -25.74 32.59
CA LEU B 1134 -30.19 -26.20 33.39
C LEU B 1134 -29.83 -27.30 34.39
N ALA B 1135 -28.95 -28.22 34.04
CA ALA B 1135 -28.51 -29.26 34.96
C ALA B 1135 -27.75 -28.65 36.16
N ALA B 1136 -26.97 -27.61 35.94
CA ALA B 1136 -26.30 -26.87 37.01
C ALA B 1136 -27.28 -26.02 37.84
N LEU B 1137 -28.29 -25.42 37.19
CA LEU B 1137 -29.23 -24.49 37.81
C LEU B 1137 -29.96 -25.09 39.02
N SER B 1138 -30.35 -26.36 38.94
CA SER B 1138 -31.02 -27.08 40.03
C SER B 1138 -30.13 -27.40 41.24
N GLY B 1139 -28.81 -27.29 41.10
CA GLY B 1139 -27.86 -27.67 42.15
C GLY B 1139 -27.52 -26.52 43.11
N SER B 1140 -26.44 -26.71 43.87
CA SER B 1140 -25.80 -25.66 44.67
C SER B 1140 -24.30 -25.92 44.85
N GLY B 1141 -23.51 -24.86 45.02
CA GLY B 1141 -22.05 -24.91 44.95
C GLY B 1141 -21.54 -25.10 43.51
N PRO B 1142 -20.40 -24.49 43.16
CA PRO B 1142 -19.87 -24.50 41.80
C PRO B 1142 -19.54 -25.92 41.34
N ARG B 1143 -20.01 -26.32 40.16
CA ARG B 1143 -19.92 -27.70 39.64
C ARG B 1143 -19.83 -27.73 38.12
N THR B 1144 -19.33 -28.82 37.56
CA THR B 1144 -19.08 -28.98 36.11
C THR B 1144 -19.20 -30.44 35.68
N PRO B 1145 -19.60 -30.77 34.44
CA PRO B 1145 -19.78 -32.16 34.01
C PRO B 1145 -18.52 -33.02 34.10
N VAL B 1146 -18.71 -34.30 34.35
CA VAL B 1146 -17.66 -35.30 34.49
C VAL B 1146 -17.86 -36.47 33.53
N SER B 1147 -19.11 -36.91 33.34
CA SER B 1147 -19.43 -38.05 32.49
C SER B 1147 -20.86 -37.97 31.96
N VAL B 1148 -21.12 -38.70 30.88
CA VAL B 1148 -22.45 -38.95 30.33
C VAL B 1148 -22.51 -40.42 29.95
N ASP B 1149 -23.55 -41.13 30.37
CA ASP B 1149 -23.65 -42.57 30.11
C ASP B 1149 -24.10 -42.85 28.68
N ARG B 1150 -25.10 -42.13 28.17
CA ARG B 1150 -25.51 -42.18 26.76
C ARG B 1150 -25.89 -40.80 26.24
N LEU B 1151 -25.55 -40.53 25.00
CA LEU B 1151 -26.02 -39.40 24.23
C LEU B 1151 -26.49 -39.96 22.89
N GLU B 1152 -27.69 -39.63 22.44
CA GLU B 1152 -28.26 -40.12 21.21
C GLU B 1152 -28.82 -38.94 20.42
N VAL B 1153 -28.54 -38.86 19.13
CA VAL B 1153 -28.75 -37.64 18.34
C VAL B 1153 -29.28 -38.00 16.96
N SER B 1154 -30.18 -37.18 16.42
CA SER B 1154 -30.69 -37.32 15.06
C SER B 1154 -30.93 -35.96 14.42
N GLY B 1155 -30.14 -35.64 13.40
CA GLY B 1155 -30.17 -34.37 12.68
C GLY B 1155 -29.60 -33.18 13.47
N PRO B 1156 -29.31 -32.06 12.80
CA PRO B 1156 -28.99 -30.80 13.46
C PRO B 1156 -30.25 -30.17 14.11
N PRO B 1157 -30.13 -29.29 15.12
CA PRO B 1157 -31.29 -28.70 15.78
C PRO B 1157 -31.98 -27.61 14.96
N SER B 1158 -33.30 -27.52 15.10
CA SER B 1158 -34.14 -26.45 14.55
C SER B 1158 -33.89 -25.08 15.21
N GLU B 1159 -34.33 -23.98 14.58
CA GLU B 1159 -34.16 -22.61 15.10
C GLU B 1159 -34.73 -22.42 16.51
N VAL B 1160 -35.83 -23.11 16.80
CA VAL B 1160 -36.40 -23.23 18.13
C VAL B 1160 -36.32 -24.68 18.56
N VAL B 1161 -35.91 -24.93 19.80
CA VAL B 1161 -36.01 -26.24 20.44
C VAL B 1161 -36.46 -26.10 21.89
N TRP B 1162 -37.06 -27.16 22.40
CA TRP B 1162 -37.51 -27.29 23.77
C TRP B 1162 -36.65 -28.31 24.50
N LEU B 1163 -36.15 -27.94 25.68
CA LEU B 1163 -35.38 -28.82 26.55
C LEU B 1163 -36.26 -29.28 27.69
N ARG B 1164 -36.08 -30.52 28.12
CA ARG B 1164 -36.53 -31.02 29.43
C ARG B 1164 -35.34 -31.64 30.13
N VAL B 1165 -35.15 -31.36 31.41
CA VAL B 1165 -34.04 -31.89 32.22
C VAL B 1165 -34.57 -32.35 33.56
N ARG B 1166 -34.19 -33.55 34.01
CA ARG B 1166 -34.78 -34.18 35.20
C ARG B 1166 -33.71 -34.78 36.09
N HIS B 1167 -33.80 -34.55 37.39
CA HIS B 1167 -32.83 -34.98 38.40
C HIS B 1167 -33.28 -36.23 39.18
N GLY B 1168 -34.07 -37.10 38.53
CA GLY B 1168 -34.70 -38.24 39.21
C GLY B 1168 -33.73 -39.30 39.71
N ALA B 1169 -32.62 -39.52 38.99
CA ALA B 1169 -31.56 -40.43 39.39
C ALA B 1169 -30.75 -39.91 40.58
N ASP B 1170 -30.08 -40.81 41.28
CA ASP B 1170 -29.18 -40.52 42.40
C ASP B 1170 -27.92 -39.77 41.91
N GLY B 1171 -27.86 -38.46 42.13
CA GLY B 1171 -26.71 -37.62 41.79
C GLY B 1171 -26.45 -37.44 40.29
N ALA B 1172 -27.45 -37.67 39.43
CA ALA B 1172 -27.33 -37.61 37.98
C ALA B 1172 -28.61 -37.08 37.31
N ALA B 1173 -28.46 -36.53 36.12
CA ALA B 1173 -29.55 -35.94 35.36
C ALA B 1173 -29.74 -36.63 34.01
N ASP B 1174 -30.98 -36.61 33.53
CA ASP B 1174 -31.37 -37.07 32.20
C ASP B 1174 -32.08 -35.94 31.46
N ALA B 1175 -32.01 -35.92 30.14
CA ALA B 1175 -32.55 -34.81 29.35
C ALA B 1175 -33.06 -35.23 27.99
N VAL B 1176 -33.99 -34.46 27.44
CA VAL B 1176 -34.57 -34.64 26.11
C VAL B 1176 -34.59 -33.30 25.38
N VAL B 1177 -34.25 -33.30 24.10
CA VAL B 1177 -34.40 -32.12 23.23
C VAL B 1177 -35.46 -32.39 22.18
N LEU B 1178 -36.45 -31.52 22.07
CA LEU B 1178 -37.52 -31.60 21.09
C LEU B 1178 -37.48 -30.42 20.13
N SER B 1179 -37.88 -30.64 18.88
CA SER B 1179 -38.11 -29.57 17.92
C SER B 1179 -39.31 -28.71 18.31
N GLY B 1180 -39.51 -27.57 17.64
CA GLY B 1180 -40.70 -26.74 17.85
C GLY B 1180 -42.04 -27.45 17.59
N GLU B 1181 -42.04 -28.55 16.85
CA GLU B 1181 -43.20 -29.41 16.59
C GLU B 1181 -43.33 -30.58 17.59
N GLY B 1182 -42.35 -30.80 18.46
CA GLY B 1182 -42.35 -31.94 19.38
C GLY B 1182 -41.70 -33.21 18.84
N VAL B 1183 -40.85 -33.13 17.81
CA VAL B 1183 -40.06 -34.26 17.31
C VAL B 1183 -38.85 -34.51 18.21
N ARG B 1184 -38.50 -35.76 18.52
CA ARG B 1184 -37.29 -36.13 19.26
C ARG B 1184 -36.02 -35.81 18.45
N LEU B 1185 -35.26 -34.80 18.85
CA LEU B 1185 -33.97 -34.46 18.22
C LEU B 1185 -32.78 -35.14 18.90
N ALA B 1186 -32.75 -35.16 20.23
CA ALA B 1186 -31.70 -35.83 20.99
C ALA B 1186 -32.17 -36.24 22.38
N ALA B 1187 -31.42 -37.14 23.02
CA ALA B 1187 -31.63 -37.54 24.40
C ALA B 1187 -30.30 -37.78 25.10
N VAL B 1188 -30.26 -37.58 26.41
CA VAL B 1188 -29.07 -37.72 27.25
C VAL B 1188 -29.43 -38.48 28.50
N GLN B 1189 -28.61 -39.43 28.93
CA GLN B 1189 -28.83 -40.18 30.16
C GLN B 1189 -27.57 -40.19 31.02
N GLY B 1190 -27.75 -40.08 32.33
CA GLY B 1190 -26.67 -40.23 33.30
C GLY B 1190 -25.63 -39.11 33.28
N LEU B 1191 -26.01 -37.90 32.85
CA LEU B 1191 -25.15 -36.72 32.96
C LEU B 1191 -24.83 -36.45 34.43
N ARG B 1192 -23.55 -36.43 34.80
CA ARG B 1192 -23.10 -36.20 36.19
C ARG B 1192 -22.18 -35.00 36.31
N LEU B 1193 -22.39 -34.21 37.36
CA LEU B 1193 -21.60 -33.02 37.67
C LEU B 1193 -20.94 -33.11 39.06
N ARG B 1194 -21.59 -33.81 40.00
CA ARG B 1194 -21.21 -33.79 41.43
C ARG B 1194 -19.74 -34.15 41.71
N PRO B 1195 -19.09 -35.11 41.04
CA PRO B 1195 -17.69 -35.45 41.32
C PRO B 1195 -16.69 -34.33 40.99
N MET B 1196 -17.12 -33.27 40.29
CA MET B 1196 -16.36 -32.01 40.18
C MET B 1196 -17.12 -30.79 40.70
N ALA B 1197 -18.11 -30.99 41.58
CA ALA B 1197 -18.54 -29.92 42.47
C ALA B 1197 -17.42 -29.57 43.44
N GLY B 1198 -17.08 -28.29 43.56
CA GLY B 1198 -16.13 -27.80 44.56
C GLY B 1198 -14.68 -28.29 44.35
N ARG B 1199 -14.23 -28.48 43.11
CA ARG B 1199 -12.78 -28.55 42.83
C ARG B 1199 -12.17 -27.16 42.96
N GLU B 1200 -10.91 -27.10 43.37
CA GLU B 1200 -10.30 -25.90 43.93
C GLU B 1200 -10.39 -24.68 43.00
N PRO B 1201 -11.21 -23.66 43.29
CA PRO B 1201 -11.30 -22.48 42.45
C PRO B 1201 -10.04 -21.62 42.55
N ALA B 1202 -9.29 -21.75 43.65
CA ALA B 1202 -8.06 -21.00 43.87
C ALA B 1202 -7.03 -21.21 42.75
N GLY B 1203 -6.80 -22.44 42.31
CA GLY B 1203 -5.88 -22.73 41.21
C GLY B 1203 -6.41 -22.34 39.83
N LEU B 1204 -7.72 -22.10 39.70
CA LEU B 1204 -8.39 -21.79 38.44
C LEU B 1204 -8.55 -20.28 38.19
N ALA B 1205 -8.77 -19.49 39.23
CA ALA B 1205 -9.04 -18.06 39.12
C ALA B 1205 -7.89 -17.28 38.48
N GLU B 1206 -8.22 -16.26 37.68
CA GLU B 1206 -7.23 -15.51 36.91
C GLU B 1206 -6.38 -14.54 37.77
N ALA B 1207 -6.89 -14.11 38.94
CA ALA B 1207 -6.34 -13.01 39.71
C ALA B 1207 -4.98 -13.31 40.39
N PRO B 1208 -3.98 -12.41 40.29
CA PRO B 1208 -2.66 -12.54 40.92
C PRO B 1208 -2.66 -12.09 42.39
N LEU B 1209 -1.56 -12.33 43.10
CA LEU B 1209 -1.31 -11.76 44.43
C LEU B 1209 -0.84 -10.31 44.34
N GLU B 1210 -1.53 -9.43 45.05
CA GLU B 1210 -1.34 -7.98 44.98
C GLU B 1210 -1.49 -7.33 46.35
N ARG B 1211 -0.96 -6.12 46.46
CA ARG B 1211 -1.04 -5.28 47.64
C ARG B 1211 -2.16 -4.26 47.45
N HIS B 1212 -3.13 -4.26 48.36
CA HIS B 1212 -4.33 -3.43 48.32
C HIS B 1212 -4.27 -2.39 49.44
N GLU B 1213 -4.54 -1.13 49.14
CA GLU B 1213 -4.36 -0.03 50.08
C GLU B 1213 -5.53 0.94 50.01
N VAL B 1214 -6.02 1.38 51.16
CA VAL B 1214 -6.98 2.47 51.25
C VAL B 1214 -6.22 3.78 51.21
N VAL B 1215 -6.25 4.46 50.07
CA VAL B 1215 -5.50 5.69 49.82
C VAL B 1215 -6.44 6.87 49.88
N TRP B 1216 -6.12 7.87 50.70
CA TRP B 1216 -6.84 9.13 50.71
C TRP B 1216 -6.40 10.02 49.55
N HIS B 1217 -7.35 10.43 48.71
CA HIS B 1217 -7.15 11.39 47.64
C HIS B 1217 -7.78 12.73 48.04
N ALA B 1218 -7.08 13.84 47.84
CA ALA B 1218 -7.67 15.15 48.09
C ALA B 1218 -8.74 15.47 47.04
N LEU B 1219 -9.82 16.14 47.45
CA LEU B 1219 -10.83 16.68 46.55
C LEU B 1219 -10.42 18.07 46.06
N ALA B 1220 -9.31 18.15 45.33
CA ALA B 1220 -8.78 19.41 44.82
C ALA B 1220 -9.69 19.99 43.73
N GLU B 1221 -9.99 19.21 42.69
CA GLU B 1221 -11.10 19.48 41.80
C GLU B 1221 -12.44 19.30 42.54
N ASP B 1222 -13.45 20.08 42.17
CA ASP B 1222 -14.87 19.92 42.54
C ASP B 1222 -15.22 19.88 44.04
N GLY B 1223 -14.28 20.19 44.94
CA GLY B 1223 -14.48 20.29 46.38
C GLY B 1223 -15.27 21.52 46.87
N ARG B 1224 -16.38 21.88 46.20
CA ARG B 1224 -17.34 22.92 46.64
C ARG B 1224 -18.60 22.25 47.18
N PRO B 1225 -19.06 22.58 48.40
CA PRO B 1225 -20.12 21.80 49.07
C PRO B 1225 -21.45 21.68 48.32
N GLY B 1226 -21.93 22.72 47.64
CA GLY B 1226 -23.27 22.71 47.06
C GLY B 1226 -24.40 22.79 48.09
N ALA B 1227 -25.65 22.73 47.62
CA ALA B 1227 -26.85 22.95 48.43
C ALA B 1227 -27.15 21.82 49.43
N ILE B 1228 -28.10 22.05 50.33
CA ILE B 1228 -28.65 21.10 51.30
C ILE B 1228 -30.15 20.93 51.04
N GLY B 1229 -30.68 19.75 51.34
CA GLY B 1229 -31.99 19.27 50.86
C GLY B 1229 -33.25 20.06 51.20
N GLY B 1230 -33.18 21.11 52.02
CA GLY B 1230 -34.33 21.95 52.36
C GLY B 1230 -35.46 21.19 53.07
N GLY B 1231 -36.71 21.48 52.69
CA GLY B 1231 -37.92 21.09 53.43
C GLY B 1231 -38.34 19.61 53.36
N THR B 1232 -37.53 18.73 52.78
CA THR B 1232 -37.86 17.31 52.57
C THR B 1232 -37.82 16.44 53.84
N GLY B 1233 -37.52 17.02 55.00
CA GLY B 1233 -37.56 16.36 56.31
C GLY B 1233 -36.91 17.25 57.37
N SER B 1234 -36.31 16.64 58.39
CA SER B 1234 -35.51 17.34 59.42
C SER B 1234 -34.30 16.51 59.84
N TRP B 1235 -33.30 17.13 60.47
CA TRP B 1235 -32.07 16.45 60.86
C TRP B 1235 -32.03 16.17 62.36
N LEU B 1236 -31.84 14.92 62.73
CA LEU B 1236 -31.49 14.56 64.10
C LEU B 1236 -29.99 14.75 64.28
N VAL B 1237 -29.56 15.49 65.29
CA VAL B 1237 -28.14 15.68 65.58
C VAL B 1237 -27.85 15.17 66.98
N PHE B 1238 -27.13 14.06 67.07
CA PHE B 1238 -26.69 13.50 68.34
C PHE B 1238 -25.22 13.83 68.57
N SER B 1239 -24.85 14.22 69.78
CA SER B 1239 -23.43 14.32 70.15
C SER B 1239 -23.18 13.88 71.58
N ASP B 1240 -21.95 13.47 71.84
CA ASP B 1240 -21.37 13.38 73.18
C ASP B 1240 -21.36 14.74 73.92
N ASP B 1241 -21.34 15.87 73.21
CA ASP B 1241 -21.35 17.22 73.76
C ASP B 1241 -22.67 17.94 73.46
N PRO B 1242 -23.51 18.23 74.47
CA PRO B 1242 -24.76 18.95 74.25
C PRO B 1242 -24.58 20.31 73.59
N GLU B 1243 -23.51 21.05 73.90
CA GLU B 1243 -23.22 22.32 73.26
C GLU B 1243 -22.93 22.18 71.77
N ARG B 1244 -22.32 21.08 71.33
CA ARG B 1244 -22.05 20.84 69.92
C ARG B 1244 -23.35 20.59 69.18
N ALA B 1245 -24.19 19.71 69.70
CA ALA B 1245 -25.49 19.43 69.11
C ALA B 1245 -26.36 20.70 69.05
N ALA B 1246 -26.34 21.50 70.11
CA ALA B 1246 -27.00 22.80 70.13
C ALA B 1246 -26.44 23.74 69.04
N ALA B 1247 -25.12 23.97 69.02
CA ALA B 1247 -24.51 24.89 68.08
C ALA B 1247 -24.76 24.46 66.62
N TRP B 1248 -24.72 23.17 66.32
CA TRP B 1248 -25.07 22.70 64.99
C TRP B 1248 -26.55 22.82 64.69
N CYS B 1249 -27.45 22.67 65.66
CA CYS B 1249 -28.85 23.02 65.44
C CYS B 1249 -29.04 24.52 65.18
N ASP B 1250 -28.30 25.38 65.88
CA ASP B 1250 -28.30 26.82 65.61
C ASP B 1250 -27.85 27.10 64.18
N GLU B 1251 -26.70 26.58 63.75
CA GLU B 1251 -26.24 26.76 62.37
C GLU B 1251 -27.26 26.27 61.35
N LEU B 1252 -27.87 25.12 61.55
CA LEU B 1252 -28.92 24.65 60.65
C LEU B 1252 -30.15 25.56 60.67
N ALA B 1253 -30.53 26.08 61.84
CA ALA B 1253 -31.63 27.03 61.94
C ALA B 1253 -31.33 28.34 61.20
N LEU B 1254 -30.11 28.87 61.28
CA LEU B 1254 -29.71 30.05 60.49
C LEU B 1254 -29.94 29.82 59.00
N PHE B 1255 -29.60 28.62 58.52
CA PHE B 1255 -29.77 28.20 57.13
C PHE B 1255 -31.18 27.72 56.79
N GLY B 1256 -32.12 27.76 57.73
CA GLY B 1256 -33.52 27.38 57.48
C GLY B 1256 -33.76 25.88 57.34
N VAL B 1257 -32.85 25.03 57.84
CA VAL B 1257 -32.99 23.58 57.84
C VAL B 1257 -33.47 23.15 59.24
N PRO B 1258 -34.62 22.49 59.38
CA PRO B 1258 -35.14 22.11 60.69
C PRO B 1258 -34.32 20.97 61.28
N ALA B 1259 -34.02 21.04 62.58
CA ALA B 1259 -33.15 20.10 63.26
C ALA B 1259 -33.52 19.88 64.72
N VAL B 1260 -33.06 18.78 65.31
CA VAL B 1260 -33.29 18.41 66.71
C VAL B 1260 -31.96 18.02 67.34
N ALA B 1261 -31.66 18.53 68.53
CA ALA B 1261 -30.45 18.20 69.27
C ALA B 1261 -30.72 17.07 70.28
N LEU B 1262 -29.88 16.05 70.25
CA LEU B 1262 -29.94 14.89 71.13
C LEU B 1262 -28.58 14.68 71.83
N ALA B 1263 -28.63 14.15 73.04
CA ALA B 1263 -27.45 13.70 73.76
C ALA B 1263 -27.81 12.51 74.68
N GLY B 1264 -26.82 11.79 75.18
CA GLY B 1264 -27.05 10.70 76.13
C GLY B 1264 -27.61 11.20 77.47
N GLU B 1265 -28.33 10.36 78.20
CA GLU B 1265 -28.80 10.64 79.57
C GLU B 1265 -27.67 10.93 80.58
N ASP B 1266 -26.41 10.72 80.20
CA ASP B 1266 -25.21 11.12 80.94
C ASP B 1266 -25.07 12.66 81.09
N ALA B 1267 -25.82 13.44 80.31
CA ALA B 1267 -25.78 14.91 80.31
C ALA B 1267 -27.19 15.54 80.35
N GLU B 1268 -27.27 16.76 80.89
CA GLU B 1268 -28.51 17.51 81.05
C GLU B 1268 -29.07 18.09 79.73
N GLY B 1269 -30.34 18.53 79.78
CA GLY B 1269 -31.07 19.23 78.71
C GLY B 1269 -30.58 20.67 78.48
N ARG B 1270 -29.28 20.86 78.29
CA ARG B 1270 -28.56 22.14 78.29
C ARG B 1270 -28.95 23.13 77.17
N ASP B 1271 -29.71 22.67 76.18
CA ASP B 1271 -30.41 23.51 75.20
C ASP B 1271 -31.81 22.94 74.88
N GLY B 1272 -32.51 22.42 75.88
CA GLY B 1272 -33.77 21.68 75.67
C GLY B 1272 -33.60 20.39 74.84
N THR B 1273 -32.37 19.86 74.80
CA THR B 1273 -31.98 18.68 74.01
C THR B 1273 -32.70 17.43 74.47
N GLU B 1274 -33.05 16.55 73.54
CA GLU B 1274 -33.57 15.23 73.89
C GLU B 1274 -32.50 14.39 74.60
N THR B 1275 -32.83 13.78 75.73
CA THR B 1275 -31.92 12.89 76.45
C THR B 1275 -32.25 11.44 76.13
N VAL B 1276 -31.29 10.72 75.56
CA VAL B 1276 -31.50 9.38 74.97
C VAL B 1276 -30.86 8.32 75.86
N PRO B 1277 -31.52 7.19 76.17
CA PRO B 1277 -31.01 6.14 77.05
C PRO B 1277 -29.80 5.33 76.54
N VAL B 1278 -29.06 5.86 75.55
CA VAL B 1278 -27.74 5.35 75.15
C VAL B 1278 -26.82 5.32 76.37
N GLY B 1279 -25.94 4.32 76.43
CA GLY B 1279 -25.28 3.89 77.68
C GLY B 1279 -25.97 2.67 78.28
N THR B 1280 -27.28 2.52 78.06
CA THR B 1280 -27.92 1.20 78.02
C THR B 1280 -27.51 0.53 76.70
N GLY B 1281 -27.12 -0.74 76.70
CA GLY B 1281 -26.77 -1.44 75.45
C GLY B 1281 -27.95 -1.77 74.54
N ASP B 1282 -29.17 -1.62 75.05
CA ASP B 1282 -30.41 -2.02 74.39
C ASP B 1282 -30.86 -1.05 73.28
N PRO B 1283 -31.04 -1.52 72.04
CA PRO B 1283 -31.71 -0.76 70.99
C PRO B 1283 -33.17 -0.38 71.31
N ASP B 1284 -33.91 -1.19 72.05
CA ASP B 1284 -35.37 -1.03 72.13
C ASP B 1284 -35.80 0.20 72.95
N VAL B 1285 -35.17 0.49 74.10
CA VAL B 1285 -35.42 1.76 74.81
C VAL B 1285 -35.05 2.99 73.95
N VAL B 1286 -34.02 2.88 73.14
CA VAL B 1286 -33.66 3.93 72.17
C VAL B 1286 -34.75 4.03 71.10
N GLY B 1287 -35.24 2.92 70.59
CA GLY B 1287 -36.35 2.89 69.65
C GLY B 1287 -37.60 3.56 70.22
N LYS B 1288 -37.99 3.21 71.44
CA LYS B 1288 -39.08 3.87 72.18
C LYS B 1288 -38.83 5.37 72.34
N THR B 1289 -37.59 5.79 72.52
CA THR B 1289 -37.24 7.20 72.62
C THR B 1289 -37.49 7.93 71.30
N PHE B 1290 -37.01 7.42 70.16
CA PHE B 1290 -37.40 8.02 68.88
C PHE B 1290 -38.89 7.88 68.59
N ALA B 1291 -39.54 6.80 69.00
CA ALA B 1291 -40.96 6.60 68.75
C ALA B 1291 -41.78 7.76 69.34
N GLU B 1292 -41.38 8.31 70.48
CA GLU B 1292 -41.97 9.54 71.00
C GLU B 1292 -41.82 10.73 70.04
N LEU B 1293 -40.67 10.88 69.38
CA LEU B 1293 -40.47 11.90 68.34
C LEU B 1293 -41.37 11.67 67.13
N ARG B 1294 -41.54 10.43 66.68
CA ARG B 1294 -42.51 10.11 65.61
C ARG B 1294 -43.95 10.42 66.05
N GLU B 1295 -44.27 10.25 67.33
CA GLU B 1295 -45.55 10.66 67.90
C GLU B 1295 -45.73 12.19 67.97
N ARG B 1296 -44.65 12.99 68.06
CA ARG B 1296 -44.70 14.44 67.80
C ARG B 1296 -44.94 14.78 66.31
N GLY B 1297 -44.79 13.80 65.42
CA GLY B 1297 -44.92 13.97 63.96
C GLY B 1297 -43.61 14.27 63.23
N VAL B 1298 -42.44 14.05 63.86
CA VAL B 1298 -41.13 14.33 63.24
C VAL B 1298 -40.92 13.49 61.98
N THR B 1299 -40.50 14.13 60.88
CA THR B 1299 -40.02 13.47 59.66
C THR B 1299 -38.51 13.61 59.59
N VAL B 1300 -37.76 12.54 59.31
CA VAL B 1300 -36.30 12.58 59.33
C VAL B 1300 -35.74 12.54 57.91
N ALA B 1301 -34.96 13.56 57.55
CA ALA B 1301 -34.12 13.53 56.36
C ALA B 1301 -32.85 12.71 56.62
N GLY B 1302 -32.26 12.86 57.81
CA GLY B 1302 -31.14 12.05 58.23
C GLY B 1302 -30.73 12.24 59.68
N LEU B 1303 -29.78 11.42 60.10
CA LEU B 1303 -29.16 11.42 61.42
C LEU B 1303 -27.68 11.79 61.28
N LEU B 1304 -27.21 12.70 62.13
CA LEU B 1304 -25.80 12.99 62.29
C LEU B 1304 -25.37 12.56 63.70
N VAL B 1305 -24.41 11.65 63.81
CA VAL B 1305 -23.81 11.25 65.09
C VAL B 1305 -22.42 11.84 65.19
N HIS B 1306 -22.15 12.65 66.21
CA HIS B 1306 -20.85 13.27 66.45
C HIS B 1306 -20.15 12.70 67.67
N ASP B 1307 -18.95 12.17 67.48
CA ASP B 1307 -18.09 11.63 68.52
C ASP B 1307 -17.13 12.69 69.10
N ALA B 1308 -16.92 12.67 70.41
CA ALA B 1308 -16.06 13.61 71.13
C ALA B 1308 -14.57 13.61 70.75
N GLY B 1309 -14.07 12.59 70.04
CA GLY B 1309 -12.64 12.39 69.82
C GLY B 1309 -11.89 12.02 71.10
N ASP B 1310 -10.60 12.37 71.19
CA ASP B 1310 -9.76 12.05 72.35
C ASP B 1310 -10.19 12.74 73.66
N ALA B 1311 -11.17 13.65 73.64
CA ALA B 1311 -11.69 14.35 74.82
C ALA B 1311 -12.24 13.41 75.91
N ARG B 1312 -12.61 12.16 75.57
CA ARG B 1312 -12.90 11.13 76.60
C ARG B 1312 -11.73 10.86 77.53
N GLU B 1313 -10.48 11.02 77.09
CA GLU B 1313 -9.29 10.79 77.91
C GLU B 1313 -9.17 11.80 79.08
N PRO B 1314 -9.17 13.13 78.89
CA PRO B 1314 -9.23 14.05 80.02
C PRO B 1314 -10.55 14.01 80.79
N ALA B 1315 -11.69 13.76 80.12
CA ALA B 1315 -13.00 13.69 80.78
C ALA B 1315 -13.10 12.54 81.80
N SER B 1316 -12.59 11.36 81.45
CA SER B 1316 -12.58 10.17 82.33
C SER B 1316 -11.30 10.04 83.18
N GLY B 1317 -10.21 10.68 82.75
CA GLY B 1317 -8.86 10.47 83.29
C GLY B 1317 -8.23 9.12 82.90
N ALA B 1318 -8.91 8.27 82.12
CA ALA B 1318 -8.49 6.90 81.85
C ALA B 1318 -7.57 6.77 80.62
N ASP B 1319 -6.83 5.66 80.57
CA ASP B 1319 -5.92 5.27 79.48
C ASP B 1319 -6.12 3.78 79.18
N ASP B 1320 -7.30 3.43 78.66
CA ASP B 1320 -7.79 2.06 78.53
C ASP B 1320 -8.38 1.80 77.12
N PRO B 1321 -7.58 1.88 76.03
CA PRO B 1321 -8.10 2.00 74.68
C PRO B 1321 -9.10 0.90 74.29
N LEU B 1322 -8.89 -0.33 74.72
CA LEU B 1322 -9.82 -1.43 74.45
C LEU B 1322 -11.16 -1.22 75.16
N ASP B 1323 -11.16 -0.81 76.42
CA ASP B 1323 -12.39 -0.53 77.15
C ASP B 1323 -13.09 0.73 76.59
N ALA B 1324 -12.32 1.73 76.17
CA ALA B 1324 -12.85 2.89 75.48
C ALA B 1324 -13.56 2.51 74.17
N ALA B 1325 -12.97 1.61 73.39
CA ALA B 1325 -13.61 1.05 72.20
C ALA B 1325 -14.90 0.30 72.55
N CYS B 1326 -14.87 -0.53 73.59
CA CYS B 1326 -16.06 -1.26 74.04
C CYS B 1326 -17.19 -0.31 74.46
N ARG B 1327 -16.87 0.75 75.21
CA ARG B 1327 -17.84 1.79 75.59
C ARG B 1327 -18.43 2.46 74.34
N ARG B 1328 -17.59 2.97 73.45
CA ARG B 1328 -18.02 3.65 72.20
C ARG B 1328 -18.92 2.78 71.34
N GLY B 1329 -18.47 1.57 71.03
CA GLY B 1329 -19.23 0.66 70.17
C GLY B 1329 -20.56 0.29 70.78
N GLY B 1330 -20.57 -0.04 72.08
CA GLY B 1330 -21.79 -0.41 72.78
C GLY B 1330 -22.84 0.69 72.71
N ARG B 1331 -22.44 1.92 73.04
CA ARG B 1331 -23.31 3.10 72.94
C ARG B 1331 -23.82 3.30 71.52
N THR B 1332 -22.92 3.33 70.55
CA THR B 1332 -23.28 3.72 69.18
C THR B 1332 -24.14 2.66 68.50
N LEU B 1333 -23.96 1.39 68.80
CA LEU B 1333 -24.85 0.33 68.32
C LEU B 1333 -26.27 0.51 68.84
N ALA B 1334 -26.42 0.74 70.14
CA ALA B 1334 -27.74 0.95 70.73
C ALA B 1334 -28.45 2.13 70.07
N LEU B 1335 -27.71 3.22 69.83
CA LEU B 1335 -28.19 4.39 69.09
C LEU B 1335 -28.66 3.98 67.68
N VAL B 1336 -27.76 3.49 66.85
CA VAL B 1336 -28.03 3.28 65.42
C VAL B 1336 -29.09 2.22 65.20
N ARG B 1337 -29.01 1.08 65.90
CA ARG B 1337 -30.05 0.05 65.80
C ARG B 1337 -31.39 0.59 66.26
N GLY B 1338 -31.43 1.25 67.42
CA GLY B 1338 -32.68 1.73 67.98
C GLY B 1338 -33.38 2.68 67.04
N PHE B 1339 -32.62 3.55 66.38
CA PHE B 1339 -33.17 4.49 65.43
C PHE B 1339 -33.55 3.84 64.10
N LEU B 1340 -32.75 2.91 63.56
CA LEU B 1340 -33.14 2.16 62.37
C LEU B 1340 -34.42 1.36 62.57
N GLN B 1341 -34.61 0.76 63.75
CA GLN B 1341 -35.83 0.01 64.09
C GLN B 1341 -37.11 0.86 63.96
N GLU B 1342 -37.00 2.18 64.03
CA GLU B 1342 -38.16 3.07 64.05
C GLU B 1342 -38.43 3.78 62.71
N TYR B 1343 -37.41 4.29 62.02
CA TYR B 1343 -37.63 5.17 60.86
C TYR B 1343 -36.81 4.83 59.62
N ALA B 1344 -36.19 3.65 59.56
CA ALA B 1344 -35.51 3.20 58.34
C ALA B 1344 -36.42 3.18 57.11
N GLU B 1345 -37.73 3.01 57.29
CA GLU B 1345 -38.73 3.08 56.22
C GLU B 1345 -38.76 4.44 55.48
N GLN B 1346 -38.31 5.52 56.12
CA GLN B 1346 -38.25 6.85 55.49
C GLN B 1346 -37.05 7.01 54.54
N THR B 1347 -36.18 6.00 54.43
CA THR B 1347 -34.85 6.07 53.76
C THR B 1347 -34.00 7.23 54.30
N PRO B 1348 -33.79 7.34 55.62
CA PRO B 1348 -32.99 8.40 56.19
C PRO B 1348 -31.53 8.29 55.74
N ARG B 1349 -30.87 9.43 55.55
CA ARG B 1349 -29.41 9.46 55.38
C ARG B 1349 -28.73 9.33 56.74
N ILE B 1350 -27.60 8.64 56.84
CA ILE B 1350 -26.85 8.54 58.11
C ILE B 1350 -25.43 9.07 57.95
N VAL B 1351 -24.99 9.94 58.85
CA VAL B 1351 -23.62 10.42 58.91
C VAL B 1351 -23.00 10.04 60.24
N LEU B 1352 -21.93 9.26 60.21
CA LEU B 1352 -21.15 8.95 61.40
C LEU B 1352 -19.88 9.79 61.39
N CYS B 1353 -19.80 10.75 62.31
CA CYS B 1353 -18.70 11.67 62.42
C CYS B 1353 -17.74 11.22 63.52
N SER B 1354 -16.65 10.56 63.13
CA SER B 1354 -15.52 10.23 64.01
C SER B 1354 -14.55 11.39 64.11
N ALA B 1355 -13.55 11.29 64.99
CA ALA B 1355 -12.42 12.21 64.94
C ALA B 1355 -11.10 11.50 65.24
N GLY B 1356 -10.10 11.72 64.39
CA GLY B 1356 -8.81 11.07 64.50
C GLY B 1356 -8.84 9.56 64.27
N ALA B 1357 -9.81 9.05 63.52
CA ALA B 1357 -9.84 7.65 63.10
C ALA B 1357 -8.93 7.37 61.89
N ALA B 1358 -8.69 8.37 61.02
CA ALA B 1358 -8.08 8.13 59.72
C ALA B 1358 -6.55 8.01 59.76
N ALA B 1359 -6.04 6.88 59.24
CA ALA B 1359 -4.64 6.72 58.86
C ALA B 1359 -4.26 7.59 57.65
N GLY B 1360 -2.96 7.72 57.33
CA GLY B 1360 -2.51 8.26 56.03
C GLY B 1360 -2.71 9.77 55.84
N LEU B 1361 -2.97 10.51 56.92
CA LEU B 1361 -3.27 11.95 56.91
C LEU B 1361 -2.57 12.67 58.07
N ALA B 1362 -2.48 13.99 57.97
CA ALA B 1362 -2.04 14.87 59.05
C ALA B 1362 -2.93 14.77 60.31
N GLY B 1363 -2.47 15.40 61.40
CA GLY B 1363 -3.16 15.39 62.71
C GLY B 1363 -2.62 14.36 63.70
N GLY B 1364 -1.40 13.86 63.50
CA GLY B 1364 -0.75 12.87 64.36
C GLY B 1364 -1.29 11.44 64.17
N PRO B 1365 -0.94 10.49 65.05
CA PRO B 1365 -1.39 9.11 64.94
C PRO B 1365 -2.89 8.97 65.14
N PRO B 1366 -3.56 8.01 64.49
CA PRO B 1366 -4.96 7.71 64.74
C PRO B 1366 -5.17 7.18 66.17
N HIS B 1367 -6.34 7.38 66.75
CA HIS B 1367 -6.71 6.90 68.07
C HIS B 1367 -7.45 5.56 67.98
N PRO B 1368 -6.90 4.42 68.44
CA PRO B 1368 -7.51 3.10 68.23
C PRO B 1368 -8.91 2.96 68.81
N ALA B 1369 -9.22 3.68 69.89
CA ALA B 1369 -10.55 3.69 70.49
C ALA B 1369 -11.68 4.14 69.55
N GLN B 1370 -11.37 4.83 68.45
CA GLN B 1370 -12.34 5.22 67.42
C GLN B 1370 -12.82 4.04 66.56
N ALA B 1371 -12.07 2.94 66.49
CA ALA B 1371 -12.24 1.89 65.48
C ALA B 1371 -13.67 1.32 65.34
N PRO B 1372 -14.48 1.15 66.40
CA PRO B 1372 -15.86 0.70 66.25
C PRO B 1372 -16.70 1.51 65.25
N LEU B 1373 -16.41 2.79 65.07
CA LEU B 1373 -17.16 3.64 64.15
C LEU B 1373 -16.95 3.22 62.68
N THR B 1374 -15.73 2.87 62.27
CA THR B 1374 -15.50 2.44 60.88
C THR B 1374 -16.14 1.08 60.62
N ALA B 1375 -16.06 0.16 61.58
CA ALA B 1375 -16.73 -1.13 61.48
C ALA B 1375 -18.24 -0.96 61.37
N LEU B 1376 -18.82 -0.12 62.22
CA LEU B 1376 -20.25 0.16 62.20
C LEU B 1376 -20.66 0.79 60.88
N PHE B 1377 -19.89 1.73 60.35
CA PHE B 1377 -20.15 2.30 59.04
C PHE B 1377 -20.18 1.23 57.95
N THR B 1378 -19.13 0.43 57.78
CA THR B 1378 -19.13 -0.57 56.70
C THR B 1378 -20.23 -1.62 56.88
N SER B 1379 -20.61 -1.91 58.12
CA SER B 1379 -21.75 -2.79 58.38
C SER B 1379 -23.04 -2.20 57.81
N LEU B 1380 -23.29 -0.89 57.96
CA LEU B 1380 -24.41 -0.25 57.29
C LEU B 1380 -24.29 -0.31 55.77
N VAL B 1381 -23.08 -0.11 55.22
CA VAL B 1381 -22.85 -0.16 53.77
C VAL B 1381 -23.29 -1.48 53.19
N TRP B 1382 -23.02 -2.61 53.83
CA TRP B 1382 -23.34 -3.92 53.29
C TRP B 1382 -24.64 -4.55 53.80
N GLU B 1383 -25.12 -4.19 54.99
CA GLU B 1383 -26.33 -4.78 55.56
C GLU B 1383 -27.60 -3.97 55.30
N HIS B 1384 -27.50 -2.66 55.06
CA HIS B 1384 -28.64 -1.81 54.73
C HIS B 1384 -28.35 -0.98 53.47
N PRO B 1385 -28.01 -1.63 52.34
CA PRO B 1385 -27.52 -0.93 51.15
C PRO B 1385 -28.54 0.01 50.50
N GLU B 1386 -29.80 -0.04 50.90
CA GLU B 1386 -30.81 0.94 50.50
C GLU B 1386 -30.60 2.32 51.14
N LEU B 1387 -29.83 2.45 52.23
CA LEU B 1387 -29.62 3.71 52.94
C LEU B 1387 -28.34 4.42 52.48
N PRO B 1388 -28.43 5.65 51.96
CA PRO B 1388 -27.23 6.44 51.71
C PRO B 1388 -26.62 6.86 53.04
N CYS B 1389 -25.32 6.71 53.20
CA CYS B 1389 -24.66 7.04 54.45
C CYS B 1389 -23.17 7.31 54.26
N ALA B 1390 -22.54 7.99 55.21
CA ALA B 1390 -21.12 8.33 55.10
C ALA B 1390 -20.44 8.35 56.46
N GLN B 1391 -19.15 8.06 56.46
CA GLN B 1391 -18.29 8.33 57.59
C GLN B 1391 -17.51 9.60 57.30
N VAL B 1392 -17.51 10.55 58.22
CA VAL B 1392 -16.63 11.71 58.18
C VAL B 1392 -15.64 11.60 59.32
N ASP B 1393 -14.35 11.72 59.06
CA ASP B 1393 -13.35 11.82 60.13
C ASP B 1393 -12.77 13.23 60.23
N LEU B 1394 -12.98 13.86 61.38
CA LEU B 1394 -12.44 15.17 61.68
C LEU B 1394 -11.04 15.09 62.27
N ASP B 1395 -10.29 16.19 62.20
CA ASP B 1395 -9.13 16.34 63.07
C ASP B 1395 -9.60 16.42 64.54
N PRO B 1396 -9.00 15.68 65.47
CA PRO B 1396 -9.45 15.66 66.86
C PRO B 1396 -9.13 16.94 67.64
N ALA B 1397 -8.22 17.79 67.16
CA ALA B 1397 -7.69 18.94 67.88
C ALA B 1397 -8.00 20.30 67.21
N GLU B 1398 -8.08 20.37 65.88
CA GLU B 1398 -8.61 21.57 65.19
C GLU B 1398 -10.09 21.78 65.52
N ASP B 1399 -10.59 23.00 65.35
CA ASP B 1399 -12.04 23.26 65.43
C ASP B 1399 -12.79 22.53 64.31
N PRO B 1400 -13.96 21.94 64.57
CA PRO B 1400 -14.74 21.27 63.55
C PRO B 1400 -15.24 22.28 62.50
N PRO B 1401 -15.44 21.85 61.24
CA PRO B 1401 -15.99 22.70 60.20
C PRO B 1401 -17.45 23.08 60.47
N THR B 1402 -17.95 24.07 59.75
CA THR B 1402 -19.36 24.47 59.76
C THR B 1402 -20.24 23.27 59.40
N VAL B 1403 -21.37 23.07 60.08
CA VAL B 1403 -22.23 21.91 59.81
C VAL B 1403 -22.76 21.92 58.38
N VAL B 1404 -22.97 23.11 57.80
CA VAL B 1404 -23.35 23.27 56.40
C VAL B 1404 -22.30 22.71 55.46
N SER B 1405 -21.02 22.90 55.76
CA SER B 1405 -19.94 22.31 54.97
C SER B 1405 -20.03 20.78 55.02
N LEU B 1406 -20.27 20.19 56.20
CA LEU B 1406 -20.45 18.75 56.32
C LEU B 1406 -21.61 18.26 55.47
N LEU B 1407 -22.83 18.71 55.76
CA LEU B 1407 -24.01 18.16 55.11
C LEU B 1407 -24.03 18.47 53.62
N GLY B 1408 -23.52 19.63 53.21
CA GLY B 1408 -23.35 19.95 51.80
C GLY B 1408 -22.38 18.96 51.15
N GLN B 1409 -21.17 18.83 51.68
CA GLN B 1409 -20.17 17.94 51.08
C GLN B 1409 -20.62 16.48 51.08
N VAL B 1410 -21.32 16.03 52.12
CA VAL B 1410 -21.93 14.71 52.17
C VAL B 1410 -22.98 14.55 51.08
N MET B 1411 -23.90 15.48 50.90
CA MET B 1411 -24.98 15.34 49.93
C MET B 1411 -24.53 15.42 48.46
N ARG B 1412 -23.25 15.64 48.18
CA ARG B 1412 -22.65 15.33 46.88
C ARG B 1412 -22.80 13.83 46.53
N LEU B 1413 -22.86 12.96 47.54
CA LEU B 1413 -22.84 11.50 47.39
C LEU B 1413 -24.24 10.87 47.28
N PRO B 1414 -24.63 10.31 46.14
CA PRO B 1414 -25.58 9.20 46.16
C PRO B 1414 -24.86 8.00 46.79
N GLY B 1415 -25.60 7.10 47.44
CA GLY B 1415 -24.98 5.91 48.02
C GLY B 1415 -24.07 6.23 49.20
N ALA B 1416 -22.82 5.73 49.20
CA ALA B 1416 -21.98 5.78 50.40
C ALA B 1416 -20.50 6.06 50.12
N GLY B 1417 -19.78 6.55 51.13
CA GLY B 1417 -18.36 6.86 51.04
C GLY B 1417 -17.72 7.24 52.38
N ARG B 1418 -16.39 7.28 52.44
CA ARG B 1418 -15.62 7.76 53.59
C ARG B 1418 -14.90 9.04 53.23
N LEU B 1419 -15.10 10.07 54.04
CA LEU B 1419 -14.53 11.41 53.86
C LEU B 1419 -13.72 11.79 55.08
N ALA B 1420 -12.70 12.63 54.92
CA ALA B 1420 -11.93 13.16 56.03
C ALA B 1420 -11.58 14.63 55.80
N VAL B 1421 -11.51 15.39 56.87
CA VAL B 1421 -11.18 16.82 56.85
C VAL B 1421 -9.92 17.06 57.66
N ARG B 1422 -8.93 17.73 57.07
CA ARG B 1422 -7.76 18.25 57.78
C ARG B 1422 -7.47 19.66 57.28
N GLY B 1423 -7.25 20.61 58.19
CA GLY B 1423 -7.27 22.03 57.84
C GLY B 1423 -8.59 22.41 57.15
N GLY B 1424 -8.52 23.23 56.11
CA GLY B 1424 -9.68 23.51 55.26
C GLY B 1424 -9.95 22.47 54.17
N ARG B 1425 -9.21 21.36 54.14
CA ARG B 1425 -9.12 20.48 52.97
C ARG B 1425 -9.90 19.18 53.15
N TRP B 1426 -10.60 18.76 52.10
CA TRP B 1426 -11.40 17.55 52.06
C TRP B 1426 -10.69 16.41 51.32
N PHE B 1427 -10.72 15.21 51.89
CA PHE B 1427 -10.17 14.00 51.30
C PHE B 1427 -11.24 12.91 51.20
N GLU B 1428 -11.14 12.06 50.18
CA GLU B 1428 -11.98 10.88 50.00
C GLU B 1428 -11.11 9.63 49.93
N ALA B 1429 -11.49 8.56 50.64
CA ALA B 1429 -10.75 7.30 50.58
C ALA B 1429 -11.08 6.52 49.31
N ARG B 1430 -10.09 5.92 48.66
CA ARG B 1430 -10.28 4.93 47.58
C ARG B 1430 -9.45 3.70 47.87
N LEU B 1431 -10.01 2.52 47.68
CA LEU B 1431 -9.25 1.28 47.69
C LEU B 1431 -8.56 1.15 46.34
N GLU B 1432 -7.25 0.99 46.32
CA GLU B 1432 -6.49 0.82 45.09
C GLU B 1432 -5.35 -0.19 45.28
N ARG B 1433 -4.85 -0.73 44.17
CA ARG B 1433 -4.07 -1.97 44.15
C ARG B 1433 -2.80 -1.83 43.34
N ARG B 1434 -1.73 -2.47 43.81
CA ARG B 1434 -0.40 -2.46 43.16
C ARG B 1434 0.32 -3.81 43.31
N PRO B 1435 1.25 -4.15 42.40
CA PRO B 1435 1.95 -5.43 42.44
C PRO B 1435 2.74 -5.67 43.73
N ALA B 1436 2.99 -6.93 44.05
CA ALA B 1436 3.62 -7.36 45.30
C ALA B 1436 4.86 -8.24 45.02
N PRO B 1437 6.08 -7.68 45.07
CA PRO B 1437 7.33 -8.40 44.84
C PRO B 1437 7.62 -9.49 45.90
N ALA B 1438 7.21 -10.72 45.63
CA ALA B 1438 7.47 -11.88 46.50
C ALA B 1438 8.96 -12.30 46.52
N ASP B 1439 9.71 -11.94 45.47
CA ASP B 1439 11.15 -12.21 45.36
C ASP B 1439 11.99 -11.54 46.46
N ARG B 1440 11.46 -10.50 47.11
CA ARG B 1440 12.07 -9.93 48.33
C ARG B 1440 12.15 -10.97 49.45
N GLY B 1441 11.13 -11.82 49.58
CA GLY B 1441 11.11 -12.92 50.54
C GLY B 1441 12.08 -14.05 50.19
N GLU B 1442 12.33 -14.28 48.89
CA GLU B 1442 13.37 -15.21 48.44
C GLU B 1442 14.77 -14.73 48.84
N ARG B 1443 15.01 -13.41 48.77
CA ARG B 1443 16.27 -12.77 49.18
C ARG B 1443 16.40 -12.54 50.69
N LEU B 1444 15.29 -12.45 51.43
CA LEU B 1444 15.30 -12.33 52.89
C LEU B 1444 15.81 -13.62 53.55
N ALA B 1445 17.08 -13.62 53.93
CA ALA B 1445 17.63 -14.59 54.86
C ALA B 1445 17.40 -14.06 56.29
N LEU B 1446 16.63 -14.78 57.10
CA LEU B 1446 16.40 -14.42 58.49
C LEU B 1446 17.72 -14.59 59.27
N ARG B 1447 18.11 -13.58 60.06
CA ARG B 1447 19.43 -13.59 60.70
C ARG B 1447 19.59 -14.81 61.63
N PRO B 1448 20.71 -15.55 61.56
CA PRO B 1448 20.82 -16.88 62.15
C PRO B 1448 21.03 -16.87 63.66
N ASP B 1449 21.51 -15.76 64.22
CA ASP B 1449 21.83 -15.59 65.64
C ASP B 1449 20.61 -15.17 66.48
N ALA B 1450 19.41 -15.60 66.11
CA ALA B 1450 18.17 -15.05 66.65
C ALA B 1450 17.04 -16.06 66.83
N THR B 1451 16.15 -15.76 67.77
CA THR B 1451 14.86 -16.44 67.96
C THR B 1451 13.73 -15.68 67.26
N TYR B 1452 12.71 -16.43 66.83
CA TYR B 1452 11.48 -15.92 66.24
C TYR B 1452 10.27 -16.51 66.98
N LEU B 1453 9.21 -15.72 67.19
CA LEU B 1453 7.97 -16.21 67.79
C LEU B 1453 6.90 -16.42 66.74
N VAL B 1454 6.22 -17.57 66.80
CA VAL B 1454 4.94 -17.79 66.14
C VAL B 1454 3.90 -17.94 67.22
N ALA B 1455 2.84 -17.14 67.20
CA ALA B 1455 1.92 -17.00 68.32
C ALA B 1455 0.45 -17.08 67.91
N GLY B 1456 -0.40 -17.56 68.82
CA GLY B 1456 -1.86 -17.42 68.79
C GLY B 1456 -2.64 -18.20 67.72
N GLY B 1457 -2.00 -18.67 66.65
CA GLY B 1457 -2.66 -19.36 65.55
C GLY B 1457 -3.12 -20.78 65.88
N ASP B 1458 -4.02 -21.32 65.06
CA ASP B 1458 -4.28 -22.75 65.03
C ASP B 1458 -3.10 -23.53 64.43
N THR B 1459 -3.12 -24.85 64.59
CA THR B 1459 -2.02 -25.72 64.16
C THR B 1459 -1.77 -25.65 62.65
N ARG B 1460 -2.79 -25.40 61.82
CA ARG B 1460 -2.63 -25.33 60.36
C ARG B 1460 -1.82 -24.11 59.96
N HIS B 1461 -2.20 -22.93 60.45
CA HIS B 1461 -1.42 -21.73 60.23
C HIS B 1461 -0.04 -21.85 60.86
N ALA B 1462 0.05 -22.37 62.08
CA ALA B 1462 1.32 -22.50 62.79
C ALA B 1462 2.30 -23.38 62.00
N ALA B 1463 1.86 -24.56 61.54
CA ALA B 1463 2.72 -25.45 60.77
C ALA B 1463 3.24 -24.78 59.49
N ALA B 1464 2.38 -24.04 58.77
CA ALA B 1464 2.81 -23.35 57.58
C ALA B 1464 3.79 -22.20 57.87
N ALA B 1465 3.55 -21.44 58.93
CA ALA B 1465 4.48 -20.38 59.35
C ALA B 1465 5.83 -20.96 59.77
N LEU B 1466 5.81 -22.05 60.52
CA LEU B 1466 6.99 -22.76 60.99
C LEU B 1466 7.81 -23.31 59.82
N GLU B 1467 7.14 -23.90 58.84
CA GLU B 1467 7.74 -24.35 57.59
C GLU B 1467 8.38 -23.19 56.82
N TRP B 1468 7.71 -22.03 56.73
CA TRP B 1468 8.29 -20.86 56.09
C TRP B 1468 9.52 -20.35 56.84
N LEU B 1469 9.50 -20.31 58.17
CA LEU B 1469 10.66 -19.93 58.97
C LEU B 1469 11.84 -20.87 58.71
N ALA B 1470 11.62 -22.18 58.72
CA ALA B 1470 12.65 -23.16 58.39
C ALA B 1470 13.18 -22.96 56.97
N ALA B 1471 12.30 -22.74 56.00
CA ALA B 1471 12.67 -22.47 54.61
C ALA B 1471 13.41 -21.13 54.41
N ARG B 1472 13.44 -20.25 55.41
CA ARG B 1472 14.12 -18.94 55.38
C ARG B 1472 15.31 -18.82 56.34
N GLY B 1473 15.75 -19.96 56.88
CA GLY B 1473 16.97 -20.07 57.69
C GLY B 1473 16.83 -19.73 59.16
N ALA B 1474 15.60 -19.64 59.70
CA ALA B 1474 15.40 -19.43 61.13
C ALA B 1474 15.96 -20.60 61.94
N ARG B 1475 16.95 -20.35 62.81
CA ARG B 1475 17.59 -21.39 63.63
C ARG B 1475 16.88 -21.66 64.95
N SER B 1476 16.31 -20.65 65.58
CA SER B 1476 15.62 -20.75 66.86
C SER B 1476 14.18 -20.24 66.75
N VAL B 1477 13.21 -21.00 67.23
CA VAL B 1477 11.78 -20.64 67.16
C VAL B 1477 11.06 -21.04 68.44
N VAL B 1478 10.09 -20.23 68.86
CA VAL B 1478 9.14 -20.62 69.90
C VAL B 1478 7.72 -20.62 69.36
N LEU B 1479 7.02 -21.73 69.50
CA LEU B 1479 5.58 -21.82 69.28
C LEU B 1479 4.86 -21.33 70.54
N ALA B 1480 4.53 -20.04 70.54
CA ALA B 1480 3.71 -19.37 71.54
C ALA B 1480 2.21 -19.55 71.25
N GLY B 1481 1.79 -20.78 70.94
CA GLY B 1481 0.38 -21.14 70.80
C GLY B 1481 -0.20 -21.71 72.10
N ALA B 1482 -1.51 -21.63 72.30
CA ALA B 1482 -2.19 -22.26 73.43
C ALA B 1482 -2.16 -23.80 73.36
N GLU B 1483 -2.29 -24.36 72.16
CA GLU B 1483 -2.18 -25.81 71.92
C GLU B 1483 -0.73 -26.31 72.00
N SER B 1484 0.26 -25.41 71.88
CA SER B 1484 1.63 -25.77 71.47
C SER B 1484 2.35 -26.80 72.34
N GLU B 1485 2.20 -26.72 73.66
CA GLU B 1485 2.85 -27.63 74.63
C GLU B 1485 1.83 -28.59 75.29
N ARG B 1486 0.72 -28.89 74.59
CA ARG B 1486 -0.32 -29.82 75.07
C ARG B 1486 -0.89 -30.72 73.97
N GLY B 1487 -0.95 -30.26 72.73
CA GLY B 1487 -1.36 -31.05 71.57
C GLY B 1487 -0.24 -31.92 71.01
N ASP B 1488 -0.59 -32.79 70.06
CA ASP B 1488 0.35 -33.64 69.33
C ASP B 1488 1.11 -32.87 68.22
N LEU B 1489 1.86 -31.83 68.61
CA LEU B 1489 2.69 -31.03 67.72
C LEU B 1489 4.03 -31.70 67.34
N ALA B 1490 4.17 -33.01 67.51
CA ALA B 1490 5.33 -33.77 67.03
C ALA B 1490 5.49 -33.69 65.49
N GLY B 1491 4.39 -33.62 64.74
CA GLY B 1491 4.43 -33.36 63.29
C GLY B 1491 5.00 -31.97 62.97
N ALA B 1492 4.52 -30.94 63.67
CA ALA B 1492 5.06 -29.58 63.57
C ALA B 1492 6.56 -29.52 63.95
N ARG B 1493 6.97 -30.17 65.04
CA ARG B 1493 8.39 -30.32 65.40
C ARG B 1493 9.19 -31.01 64.31
N THR B 1494 8.66 -32.07 63.72
CA THR B 1494 9.33 -32.84 62.64
C THR B 1494 9.58 -31.97 61.41
N THR B 1495 8.56 -31.27 60.89
CA THR B 1495 8.74 -30.37 59.74
C THR B 1495 9.58 -29.13 60.09
N GLY B 1496 9.49 -28.63 61.34
CA GLY B 1496 10.33 -27.53 61.81
C GLY B 1496 11.81 -27.91 61.82
N HIS B 1497 12.15 -29.05 62.43
CA HIS B 1497 13.53 -29.56 62.49
C HIS B 1497 14.09 -30.05 61.14
N ALA B 1498 13.37 -29.89 60.03
CA ALA B 1498 13.98 -29.91 58.69
C ALA B 1498 14.95 -28.72 58.46
N GLY B 1499 14.91 -27.67 59.30
CA GLY B 1499 15.87 -26.57 59.28
C GLY B 1499 16.06 -25.82 60.62
N ILE B 1500 15.05 -25.81 61.48
CA ILE B 1500 15.11 -25.20 62.82
C ILE B 1500 15.98 -26.07 63.73
N GLU B 1501 17.05 -25.50 64.28
CA GLU B 1501 17.92 -26.21 65.23
C GLU B 1501 17.28 -26.28 66.62
N ARG B 1502 16.72 -25.18 67.09
CA ARG B 1502 16.12 -25.03 68.42
C ARG B 1502 14.64 -24.69 68.31
N LEU B 1503 13.78 -25.54 68.86
CA LEU B 1503 12.33 -25.35 68.86
C LEU B 1503 11.76 -25.61 70.25
N GLU B 1504 10.89 -24.71 70.71
CA GLU B 1504 10.28 -24.76 72.03
C GLU B 1504 8.81 -24.36 71.96
N HIS B 1505 8.04 -24.74 72.98
CA HIS B 1505 6.59 -24.66 73.01
C HIS B 1505 6.13 -24.19 74.40
N VAL B 1506 4.99 -23.49 74.51
CA VAL B 1506 4.62 -22.78 75.75
C VAL B 1506 3.24 -23.15 76.32
N ALA B 1507 2.29 -23.53 75.48
CA ALA B 1507 0.87 -23.66 75.82
C ALA B 1507 0.30 -22.41 76.52
N VAL B 1508 0.64 -21.22 75.99
CA VAL B 1508 0.27 -19.92 76.55
C VAL B 1508 -1.21 -19.59 76.34
N ASP B 1509 -1.88 -19.18 77.42
CA ASP B 1509 -3.14 -18.44 77.33
C ASP B 1509 -2.85 -16.94 77.09
N LEU B 1510 -3.06 -16.45 75.87
CA LEU B 1510 -2.80 -15.04 75.56
C LEU B 1510 -3.75 -14.05 76.26
N SER B 1511 -4.87 -14.50 76.81
CA SER B 1511 -5.72 -13.63 77.65
C SER B 1511 -5.09 -13.34 79.02
N SER B 1512 -4.08 -14.10 79.44
CA SER B 1512 -3.44 -13.99 80.76
C SER B 1512 -2.17 -13.18 80.70
N ALA B 1513 -2.12 -12.08 81.46
CA ALA B 1513 -0.92 -11.27 81.58
C ALA B 1513 0.25 -12.08 82.15
N ALA B 1514 0.00 -13.03 83.05
CA ALA B 1514 1.03 -13.90 83.61
C ALA B 1514 1.66 -14.81 82.55
N ASP B 1515 0.84 -15.44 81.70
CA ASP B 1515 1.37 -16.31 80.65
C ASP B 1515 2.04 -15.50 79.53
N VAL B 1516 1.54 -14.31 79.23
CA VAL B 1516 2.25 -13.35 78.38
C VAL B 1516 3.58 -12.93 79.02
N ALA B 1517 3.62 -12.73 80.33
CA ALA B 1517 4.88 -12.46 81.03
C ALA B 1517 5.84 -13.65 80.93
N ARG B 1518 5.36 -14.89 80.87
CA ARG B 1518 6.21 -16.05 80.55
C ARG B 1518 6.83 -15.92 79.16
N LEU B 1519 6.10 -15.44 78.15
CA LEU B 1519 6.70 -15.15 76.84
C LEU B 1519 7.76 -14.03 76.91
N ALA B 1520 7.61 -13.06 77.82
CA ALA B 1520 8.61 -12.03 78.07
C ALA B 1520 9.79 -12.53 78.93
N GLU B 1521 9.61 -13.59 79.71
CA GLU B 1521 10.69 -14.29 80.41
C GLU B 1521 11.51 -15.13 79.43
N LEU B 1522 10.88 -15.77 78.45
CA LEU B 1522 11.59 -16.23 77.26
C LEU B 1522 12.20 -15.02 76.54
N CYS B 1523 13.24 -15.26 75.73
CA CYS B 1523 14.07 -14.23 75.07
C CYS B 1523 14.95 -13.43 76.05
N ALA B 1524 14.47 -13.16 77.26
CA ALA B 1524 15.30 -12.73 78.38
C ALA B 1524 16.08 -13.90 79.03
N ASP B 1525 15.66 -15.15 78.82
CA ASP B 1525 16.27 -16.37 79.34
C ASP B 1525 17.57 -16.82 78.61
N GLY B 1526 18.32 -15.88 78.01
CA GLY B 1526 19.67 -16.13 77.47
C GLY B 1526 19.75 -16.91 76.15
N ARG B 1527 18.62 -17.32 75.57
CA ARG B 1527 18.53 -17.88 74.21
C ARG B 1527 19.02 -16.88 73.14
N PRO B 1528 19.22 -17.29 71.87
CA PRO B 1528 19.53 -16.36 70.80
C PRO B 1528 18.47 -15.25 70.73
N PRO B 1529 18.86 -13.96 70.70
CA PRO B 1529 17.94 -12.85 70.95
C PRO B 1529 16.79 -12.74 69.93
N LEU B 1530 15.67 -12.16 70.36
CA LEU B 1530 14.45 -12.07 69.55
C LEU B 1530 14.60 -11.12 68.36
N ARG B 1531 14.18 -11.56 67.16
CA ARG B 1531 14.19 -10.71 65.95
C ARG B 1531 12.92 -10.72 65.12
N GLY B 1532 12.01 -11.68 65.28
CA GLY B 1532 10.69 -11.60 64.64
C GLY B 1532 9.57 -12.15 65.51
N VAL B 1533 8.39 -11.57 65.39
CA VAL B 1533 7.18 -12.00 66.09
C VAL B 1533 6.03 -12.00 65.10
N LEU B 1534 5.24 -13.08 65.08
CA LEU B 1534 4.08 -13.20 64.23
C LEU B 1534 2.89 -13.70 65.04
N LEU B 1535 1.92 -12.83 65.28
CA LEU B 1535 0.61 -13.22 65.80
C LEU B 1535 -0.25 -13.63 64.62
N LEU B 1536 -0.50 -14.93 64.49
CA LEU B 1536 -1.21 -15.51 63.36
C LEU B 1536 -2.71 -15.15 63.33
N PRO B 1537 -3.41 -15.40 62.20
CA PRO B 1537 -4.83 -15.19 62.08
C PRO B 1537 -5.62 -16.01 63.11
N GLN B 1538 -6.81 -15.53 63.45
CA GLN B 1538 -7.72 -16.20 64.36
C GLN B 1538 -9.17 -16.09 63.86
N PRO B 1539 -10.02 -17.11 64.09
CA PRO B 1539 -11.44 -16.99 63.81
C PRO B 1539 -12.09 -15.99 64.78
N VAL B 1540 -13.13 -15.31 64.32
CA VAL B 1540 -13.97 -14.41 65.14
C VAL B 1540 -15.43 -14.70 64.81
N ALA B 1541 -16.31 -14.68 65.82
CA ALA B 1541 -17.70 -15.04 65.66
C ALA B 1541 -18.44 -14.16 64.63
N GLY B 1542 -19.36 -14.75 63.88
CA GLY B 1542 -20.26 -14.02 62.98
C GLY B 1542 -21.30 -13.20 63.74
N GLY B 1543 -21.76 -12.12 63.14
CA GLY B 1543 -22.79 -11.26 63.70
C GLY B 1543 -22.96 -9.98 62.88
N GLY B 1544 -24.19 -9.70 62.45
CA GLY B 1544 -24.55 -8.44 61.83
C GLY B 1544 -24.82 -7.34 62.86
N LEU B 1545 -25.47 -6.26 62.41
CA LEU B 1545 -26.04 -5.25 63.30
C LEU B 1545 -27.28 -5.82 63.99
N ASP B 1546 -28.22 -6.37 63.22
CA ASP B 1546 -29.17 -7.30 63.79
C ASP B 1546 -28.45 -8.52 64.39
N GLU B 1547 -29.13 -9.25 65.27
CA GLU B 1547 -28.52 -10.24 66.17
C GLU B 1547 -27.62 -9.66 67.30
N LEU B 1548 -27.34 -8.36 67.31
CA LEU B 1548 -26.31 -7.75 68.16
C LEU B 1548 -26.85 -6.58 69.02
N ASP B 1549 -26.26 -6.39 70.19
CA ASP B 1549 -26.55 -5.30 71.12
C ASP B 1549 -25.26 -4.82 71.77
N GLY B 1550 -25.30 -3.67 72.45
CA GLY B 1550 -24.07 -3.06 72.95
C GLY B 1550 -23.35 -3.85 74.03
N ALA B 1551 -24.07 -4.58 74.88
CA ALA B 1551 -23.45 -5.44 75.89
C ALA B 1551 -22.76 -6.64 75.24
N ARG B 1552 -23.46 -7.30 74.31
CA ARG B 1552 -22.90 -8.40 73.51
C ARG B 1552 -21.66 -7.93 72.74
N PHE B 1553 -21.72 -6.78 72.08
CA PHE B 1553 -20.60 -6.23 71.33
C PHE B 1553 -19.37 -6.00 72.22
N GLY B 1554 -19.55 -5.36 73.38
CA GLY B 1554 -18.45 -5.09 74.29
C GLY B 1554 -17.78 -6.39 74.73
N ALA B 1555 -18.56 -7.40 75.12
CA ALA B 1555 -18.02 -8.70 75.51
C ALA B 1555 -17.24 -9.37 74.38
N GLU B 1556 -17.83 -9.45 73.18
CA GLU B 1556 -17.19 -10.11 72.05
C GLU B 1556 -15.94 -9.36 71.57
N LEU B 1557 -15.96 -8.04 71.47
CA LEU B 1557 -14.80 -7.27 71.04
C LEU B 1557 -13.65 -7.39 72.05
N ALA B 1558 -13.94 -7.31 73.35
CA ALA B 1558 -12.94 -7.49 74.38
C ALA B 1558 -12.31 -8.88 74.29
N GLY B 1559 -13.13 -9.91 74.13
CA GLY B 1559 -12.66 -11.28 73.95
C GLY B 1559 -11.80 -11.45 72.70
N ALA B 1560 -12.16 -10.80 71.59
CA ALA B 1560 -11.39 -10.86 70.37
C ALA B 1560 -10.02 -10.17 70.50
N LEU B 1561 -9.98 -8.98 71.09
CA LEU B 1561 -8.77 -8.14 71.09
C LEU B 1561 -7.80 -8.39 72.24
N ARG B 1562 -8.24 -8.89 73.40
CA ARG B 1562 -7.38 -8.94 74.61
C ARG B 1562 -6.03 -9.61 74.35
N GLY B 1563 -6.03 -10.76 73.68
CA GLY B 1563 -4.82 -11.51 73.34
C GLY B 1563 -3.73 -10.67 72.66
N PRO B 1564 -3.93 -10.23 71.41
CA PRO B 1564 -2.92 -9.47 70.69
C PRO B 1564 -2.60 -8.12 71.34
N VAL B 1565 -3.57 -7.48 72.01
CA VAL B 1565 -3.34 -6.22 72.72
C VAL B 1565 -2.36 -6.43 73.87
N GLU B 1566 -2.65 -7.35 74.78
CA GLU B 1566 -1.81 -7.56 75.97
C GLU B 1566 -0.41 -8.02 75.61
N LEU B 1567 -0.24 -8.89 74.60
CA LEU B 1567 1.08 -9.26 74.13
C LEU B 1567 1.83 -8.04 73.57
N THR B 1568 1.23 -7.31 72.64
CA THR B 1568 1.91 -6.20 71.98
C THR B 1568 2.30 -5.12 72.98
N ARG B 1569 1.39 -4.82 73.91
CA ARG B 1569 1.64 -3.93 75.04
C ARG B 1569 2.82 -4.43 75.87
N ARG B 1570 2.77 -5.65 76.41
CA ARG B 1570 3.81 -6.15 77.31
C ARG B 1570 5.18 -6.19 76.64
N PHE B 1571 5.27 -6.67 75.41
CA PHE B 1571 6.53 -6.71 74.66
C PHE B 1571 7.10 -5.32 74.41
N THR B 1572 6.24 -4.32 74.27
CA THR B 1572 6.68 -2.93 74.10
C THR B 1572 7.10 -2.33 75.44
N ASP B 1573 6.36 -2.60 76.52
CA ASP B 1573 6.69 -2.12 77.86
C ASP B 1573 8.05 -2.64 78.37
N VAL B 1574 8.40 -3.89 78.06
CA VAL B 1574 9.72 -4.47 78.39
C VAL B 1574 10.79 -4.27 77.30
N GLY B 1575 10.47 -3.62 76.18
CA GLY B 1575 11.43 -3.31 75.12
C GLY B 1575 11.87 -4.50 74.24
N LEU B 1576 11.13 -5.60 74.20
CA LEU B 1576 11.30 -6.66 73.20
C LEU B 1576 10.84 -6.19 71.81
N THR B 1577 9.80 -5.36 71.75
CA THR B 1577 9.47 -4.55 70.56
C THR B 1577 10.63 -3.61 70.24
N GLY B 1578 10.91 -3.33 68.96
CA GLY B 1578 12.00 -2.44 68.55
C GLY B 1578 13.40 -3.09 68.55
N GLY B 1579 13.70 -3.95 69.54
CA GLY B 1579 14.76 -4.95 69.40
C GLY B 1579 14.41 -5.99 68.32
N THR B 1580 13.13 -6.36 68.27
CA THR B 1580 12.53 -7.15 67.18
C THR B 1580 12.60 -6.39 65.84
N ASP B 1581 13.04 -7.03 64.76
CA ASP B 1581 13.08 -6.47 63.40
C ASP B 1581 11.71 -6.46 62.71
N PHE B 1582 10.91 -7.52 62.90
CA PHE B 1582 9.60 -7.67 62.25
C PHE B 1582 8.54 -8.13 63.25
N PHE B 1583 7.62 -7.26 63.64
CA PHE B 1583 6.52 -7.63 64.53
C PHE B 1583 5.20 -7.50 63.77
N VAL B 1584 4.47 -8.60 63.58
CA VAL B 1584 3.30 -8.64 62.69
C VAL B 1584 2.04 -9.09 63.40
N LEU B 1585 0.98 -8.31 63.22
CA LEU B 1585 -0.38 -8.59 63.68
C LEU B 1585 -1.27 -8.99 62.50
N SER B 1586 -2.04 -10.06 62.64
CA SER B 1586 -2.94 -10.53 61.58
C SER B 1586 -4.29 -9.82 61.59
N THR B 1587 -4.81 -9.54 60.40
CA THR B 1587 -6.16 -9.02 60.12
C THR B 1587 -6.60 -9.52 58.75
N SER B 1588 -7.88 -9.43 58.39
CA SER B 1588 -8.35 -9.83 57.06
C SER B 1588 -8.32 -8.69 56.06
N VAL B 1589 -7.94 -8.96 54.80
CA VAL B 1589 -8.12 -8.03 53.68
C VAL B 1589 -9.59 -7.62 53.50
N VAL B 1590 -10.52 -8.51 53.83
CA VAL B 1590 -11.95 -8.25 53.71
C VAL B 1590 -12.37 -7.05 54.56
N SER B 1591 -11.68 -6.80 55.66
CA SER B 1591 -11.97 -5.65 56.52
C SER B 1591 -11.62 -4.30 55.91
N LEU B 1592 -10.93 -4.23 54.76
CA LEU B 1592 -10.64 -2.96 54.10
C LEU B 1592 -11.93 -2.31 53.55
N PRO B 1593 -12.70 -2.92 52.62
CA PRO B 1593 -14.03 -2.43 52.28
C PRO B 1593 -15.11 -2.88 53.28
N GLY B 1594 -14.80 -3.89 54.10
CA GLY B 1594 -15.73 -4.57 55.01
C GLY B 1594 -16.75 -5.46 54.29
N ARG B 1595 -17.57 -6.17 55.06
CA ARG B 1595 -18.51 -7.17 54.57
C ARG B 1595 -19.71 -7.34 55.50
N ALA B 1596 -20.85 -7.81 55.00
CA ALA B 1596 -22.04 -8.02 55.82
C ALA B 1596 -21.82 -9.12 56.87
N GLY B 1597 -22.41 -8.98 58.06
CA GLY B 1597 -22.48 -10.05 59.05
C GLY B 1597 -21.18 -10.33 59.82
N THR B 1598 -20.21 -9.42 59.80
CA THR B 1598 -18.90 -9.59 60.47
C THR B 1598 -18.50 -8.36 61.29
N VAL B 1599 -19.44 -7.78 62.05
CA VAL B 1599 -19.23 -6.53 62.79
C VAL B 1599 -18.00 -6.61 63.68
N VAL B 1600 -17.94 -7.60 64.58
CA VAL B 1600 -16.86 -7.66 65.57
C VAL B 1600 -15.51 -7.92 64.91
N GLY B 1601 -15.46 -8.82 63.92
CA GLY B 1601 -14.23 -9.09 63.19
C GLY B 1601 -13.68 -7.84 62.50
N SER B 1602 -14.57 -7.04 61.89
CA SER B 1602 -14.18 -5.77 61.31
C SER B 1602 -13.67 -4.80 62.38
N ALA B 1603 -14.37 -4.69 63.51
CA ALA B 1603 -13.96 -3.81 64.60
C ALA B 1603 -12.58 -4.16 65.12
N ALA B 1604 -12.33 -5.44 65.39
CA ALA B 1604 -11.03 -5.89 65.83
C ALA B 1604 -9.94 -5.59 64.80
N ASP B 1605 -10.18 -5.86 63.52
CA ASP B 1605 -9.20 -5.56 62.47
C ASP B 1605 -8.90 -4.06 62.37
N ALA B 1606 -9.92 -3.22 62.44
CA ALA B 1606 -9.74 -1.77 62.41
C ALA B 1606 -8.91 -1.32 63.63
N PHE B 1607 -9.24 -1.80 64.82
CA PHE B 1607 -8.52 -1.45 66.04
C PHE B 1607 -7.05 -1.85 65.95
N LEU B 1608 -6.75 -3.08 65.54
CA LEU B 1608 -5.36 -3.50 65.38
C LEU B 1608 -4.63 -2.72 64.30
N THR B 1609 -5.33 -2.29 63.25
CA THR B 1609 -4.72 -1.44 62.22
C THR B 1609 -4.29 -0.11 62.80
N ALA B 1610 -5.17 0.54 63.55
CA ALA B 1610 -4.86 1.80 64.21
C ALA B 1610 -3.75 1.63 65.26
N LEU B 1611 -3.84 0.59 66.09
CA LEU B 1611 -2.84 0.30 67.12
C LEU B 1611 -1.46 0.08 66.52
N ALA B 1612 -1.37 -0.67 65.42
CA ALA B 1612 -0.11 -0.85 64.72
C ALA B 1612 0.47 0.49 64.27
N ARG B 1613 -0.34 1.35 63.65
CA ARG B 1613 0.13 2.68 63.25
C ARG B 1613 0.54 3.56 64.41
N HIS B 1614 -0.13 3.49 65.55
CA HIS B 1614 0.26 4.25 66.73
C HIS B 1614 1.69 3.92 67.16
N HIS B 1615 2.05 2.63 67.19
CA HIS B 1615 3.43 2.21 67.42
C HIS B 1615 4.38 2.50 66.25
N ARG B 1616 3.92 2.41 65.01
CA ARG B 1616 4.73 2.71 63.83
C ARG B 1616 5.16 4.17 63.76
N GLN B 1617 4.26 5.09 64.11
CA GLN B 1617 4.54 6.52 64.19
C GLN B 1617 5.38 6.89 65.43
N ALA B 1618 5.40 6.04 66.45
CA ALA B 1618 6.42 6.07 67.51
C ALA B 1618 7.78 5.46 67.08
N GLY B 1619 7.95 5.09 65.81
CA GLY B 1619 9.20 4.60 65.22
C GLY B 1619 9.46 3.09 65.29
N LEU B 1620 8.52 2.30 65.82
CA LEU B 1620 8.67 0.85 65.99
C LEU B 1620 8.28 0.08 64.71
N PRO B 1621 8.86 -1.11 64.45
CA PRO B 1621 8.56 -1.92 63.26
C PRO B 1621 7.35 -2.86 63.47
N VAL B 1622 6.29 -2.37 64.14
CA VAL B 1622 5.01 -3.07 64.25
C VAL B 1622 4.20 -2.85 62.97
N VAL B 1623 3.61 -3.90 62.42
CA VAL B 1623 2.76 -3.84 61.22
C VAL B 1623 1.50 -4.68 61.41
N ALA B 1624 0.33 -4.18 61.00
CA ALA B 1624 -0.86 -5.02 60.82
C ALA B 1624 -0.93 -5.48 59.36
N ALA B 1625 -0.89 -6.79 59.14
CA ALA B 1625 -1.06 -7.39 57.83
C ALA B 1625 -2.54 -7.72 57.62
N ALA B 1626 -3.17 -7.21 56.57
CA ALA B 1626 -4.53 -7.57 56.19
C ALA B 1626 -4.50 -8.59 55.04
N TRP B 1627 -4.51 -9.88 55.40
CA TRP B 1627 -4.32 -10.98 54.45
C TRP B 1627 -5.61 -11.54 53.87
N GLY B 1628 -5.50 -12.16 52.69
CA GLY B 1628 -6.53 -13.10 52.21
C GLY B 1628 -6.56 -14.38 53.05
N PRO B 1629 -7.48 -15.31 52.76
CA PRO B 1629 -7.49 -16.62 53.39
C PRO B 1629 -6.22 -17.39 53.03
N TRP B 1630 -5.55 -18.01 54.00
CA TRP B 1630 -4.41 -18.88 53.72
C TRP B 1630 -4.89 -20.19 53.10
N LEU B 1631 -4.27 -20.63 52.01
CA LEU B 1631 -4.63 -21.83 51.27
C LEU B 1631 -4.54 -23.08 52.14
N GLU B 1632 -3.48 -23.21 52.91
CA GLU B 1632 -3.28 -24.28 53.90
C GLU B 1632 -4.34 -24.28 55.01
N SER B 1633 -5.10 -23.21 55.18
CA SER B 1633 -6.20 -23.12 56.14
C SER B 1633 -7.56 -23.45 55.54
N VAL B 1634 -7.65 -23.68 54.23
CA VAL B 1634 -8.88 -24.14 53.59
C VAL B 1634 -9.14 -25.58 54.00
N ASP B 1635 -10.22 -25.82 54.74
CA ASP B 1635 -10.57 -27.16 55.20
C ASP B 1635 -10.94 -28.08 54.03
N GLU B 1636 -10.29 -29.23 53.95
CA GLU B 1636 -10.60 -30.29 52.98
C GLU B 1636 -11.94 -30.96 53.28
N SER B 1637 -12.40 -30.92 54.54
CA SER B 1637 -13.61 -31.60 55.00
C SER B 1637 -14.87 -30.87 54.54
N ASP B 1638 -14.93 -29.55 54.78
CA ASP B 1638 -15.98 -28.66 54.27
C ASP B 1638 -15.38 -27.35 53.76
N GLU B 1639 -15.32 -27.22 52.44
CA GLU B 1639 -14.77 -26.05 51.74
C GLU B 1639 -15.67 -24.80 51.83
N ALA B 1640 -16.88 -24.88 52.39
CA ALA B 1640 -17.89 -23.82 52.33
C ALA B 1640 -17.41 -22.39 52.64
N PRO B 1641 -16.54 -22.12 53.65
CA PRO B 1641 -16.00 -20.78 53.85
C PRO B 1641 -15.21 -20.28 52.64
N ALA B 1642 -14.36 -21.13 52.06
CA ALA B 1642 -13.62 -20.80 50.86
C ALA B 1642 -14.51 -20.73 49.61
N VAL B 1643 -15.59 -21.51 49.53
CA VAL B 1643 -16.60 -21.36 48.46
C VAL B 1643 -17.27 -19.99 48.55
N ALA B 1644 -17.66 -19.56 49.75
CA ALA B 1644 -18.26 -18.25 49.93
C ALA B 1644 -17.30 -17.14 49.51
N PHE B 1645 -16.03 -17.20 49.92
CA PHE B 1645 -15.02 -16.27 49.44
C PHE B 1645 -14.84 -16.32 47.92
N ALA B 1646 -14.77 -17.50 47.32
CA ALA B 1646 -14.55 -17.64 45.88
C ALA B 1646 -15.69 -17.04 45.06
N GLU B 1647 -16.94 -17.23 45.47
CA GLU B 1647 -18.07 -16.56 44.82
C GLU B 1647 -17.99 -15.05 44.97
N ALA B 1648 -17.60 -14.57 46.14
CA ALA B 1648 -17.35 -13.16 46.39
C ALA B 1648 -16.04 -12.64 45.74
N GLY B 1649 -15.31 -13.45 44.99
CA GLY B 1649 -14.10 -13.01 44.30
C GLY B 1649 -12.85 -12.85 45.17
N VAL B 1650 -12.84 -13.42 46.38
CA VAL B 1650 -11.64 -13.51 47.22
C VAL B 1650 -11.09 -14.93 47.11
N TYR B 1651 -9.83 -15.08 46.71
CA TYR B 1651 -9.24 -16.40 46.46
C TYR B 1651 -8.11 -16.69 47.45
N PRO B 1652 -8.06 -17.90 48.04
CA PRO B 1652 -6.97 -18.28 48.92
C PRO B 1652 -5.59 -18.25 48.25
N ALA B 1653 -4.54 -18.12 49.06
CA ALA B 1653 -3.15 -18.12 48.60
C ALA B 1653 -2.19 -18.74 49.64
N PRO B 1654 -1.01 -19.25 49.25
CA PRO B 1654 -0.08 -19.86 50.18
C PRO B 1654 0.47 -18.87 51.20
N GLY B 1655 0.34 -19.17 52.49
CA GLY B 1655 0.83 -18.31 53.57
C GLY B 1655 2.30 -17.91 53.40
N GLY B 1656 3.14 -18.88 53.00
CA GLY B 1656 4.54 -18.61 52.73
C GLY B 1656 4.79 -17.61 51.60
N GLU B 1657 3.94 -17.55 50.58
CA GLU B 1657 4.09 -16.58 49.51
C GLU B 1657 3.70 -15.17 49.99
N MET B 1658 2.65 -15.07 50.80
CA MET B 1658 2.27 -13.79 51.38
C MET B 1658 3.31 -13.29 52.38
N LEU B 1659 3.86 -14.16 53.22
CA LEU B 1659 4.96 -13.81 54.11
C LEU B 1659 6.18 -13.37 53.31
N ASP B 1660 6.52 -14.07 52.22
CA ASP B 1660 7.59 -13.65 51.32
C ASP B 1660 7.36 -12.25 50.75
N ALA B 1661 6.16 -11.95 50.29
CA ALA B 1661 5.85 -10.63 49.75
C ALA B 1661 5.87 -9.52 50.81
N LEU B 1662 5.53 -9.83 52.06
CA LEU B 1662 5.45 -8.84 53.14
C LEU B 1662 6.77 -8.59 53.87
N LEU B 1663 7.36 -9.62 54.47
CA LEU B 1663 8.21 -9.42 55.65
C LEU B 1663 9.43 -8.49 55.55
N PRO B 1664 10.23 -8.44 54.47
CA PRO B 1664 11.39 -7.55 54.45
C PRO B 1664 11.04 -6.06 54.35
N LEU B 1665 9.80 -5.73 53.99
CA LEU B 1665 9.39 -4.38 53.60
C LEU B 1665 9.48 -3.26 54.66
N PRO B 1666 9.40 -3.48 56.00
CA PRO B 1666 9.37 -2.38 56.97
C PRO B 1666 10.59 -1.43 56.93
N ALA B 1667 11.72 -1.87 56.39
CA ALA B 1667 12.89 -1.02 56.17
C ALA B 1667 12.66 0.10 55.12
N ALA B 1668 11.67 -0.04 54.24
CA ALA B 1668 11.30 0.94 53.22
C ALA B 1668 10.63 2.22 53.79
N GLY B 1669 10.27 2.24 55.07
CA GLY B 1669 9.57 3.36 55.69
C GLY B 1669 8.06 3.33 55.40
N GLU B 1670 7.64 3.94 54.29
CA GLU B 1670 6.23 4.31 54.01
C GLU B 1670 5.59 5.02 55.23
N ALA B 1671 6.33 5.97 55.81
CA ALA B 1671 6.10 6.49 57.16
C ALA B 1671 4.77 7.21 57.39
N ASP B 1672 4.01 7.52 56.34
CA ASP B 1672 2.61 7.95 56.45
C ASP B 1672 1.70 7.42 55.32
N GLY B 1673 2.06 7.67 54.06
CA GLY B 1673 1.15 7.55 52.91
C GLY B 1673 0.60 6.15 52.58
N SER B 1674 0.99 5.09 53.31
CA SER B 1674 0.50 3.73 53.10
C SER B 1674 -0.99 3.55 53.44
N GLY B 1675 -1.54 4.34 54.37
CA GLY B 1675 -2.92 4.20 54.85
C GLY B 1675 -3.20 2.84 55.51
N GLU B 1676 -4.42 2.32 55.34
CA GLU B 1676 -4.79 0.94 55.69
C GLU B 1676 -4.34 0.00 54.56
N ALA B 1677 -3.53 -1.03 54.84
CA ALA B 1677 -2.86 -1.83 53.79
C ALA B 1677 -2.99 -3.35 54.01
N GLY B 1678 -3.11 -4.08 52.91
CA GLY B 1678 -3.32 -5.53 52.88
C GLY B 1678 -2.76 -6.19 51.62
N LEU B 1679 -2.86 -7.51 51.58
CA LEU B 1679 -2.09 -8.35 50.66
C LEU B 1679 -2.83 -9.66 50.40
N ALA B 1680 -3.39 -9.82 49.20
CA ALA B 1680 -4.32 -10.91 48.89
C ALA B 1680 -4.55 -11.08 47.39
N ARG B 1681 -5.15 -12.21 46.97
CA ARG B 1681 -5.70 -12.38 45.62
C ARG B 1681 -7.19 -12.08 45.65
N VAL B 1682 -7.60 -10.98 45.02
CA VAL B 1682 -9.00 -10.54 45.03
C VAL B 1682 -9.38 -9.93 43.69
N ASP B 1683 -10.60 -10.19 43.23
CA ASP B 1683 -11.22 -9.50 42.11
C ASP B 1683 -12.31 -8.56 42.63
N TRP B 1684 -11.99 -7.28 42.78
CA TRP B 1684 -12.92 -6.33 43.38
C TRP B 1684 -14.22 -6.15 42.58
N ASP B 1685 -14.24 -6.44 41.28
CA ASP B 1685 -15.49 -6.39 40.52
C ASP B 1685 -16.44 -7.51 40.92
N ARG B 1686 -15.94 -8.73 41.15
CA ARG B 1686 -16.77 -9.75 41.77
C ARG B 1686 -17.15 -9.31 43.17
N TYR B 1687 -16.23 -8.76 43.94
CA TYR B 1687 -16.53 -8.40 45.32
C TYR B 1687 -17.67 -7.40 45.42
N LEU B 1688 -17.69 -6.41 44.53
CA LEU B 1688 -18.70 -5.36 44.49
C LEU B 1688 -20.06 -5.87 43.99
N THR B 1689 -20.07 -6.78 43.02
CA THR B 1689 -21.30 -7.29 42.41
C THR B 1689 -21.90 -8.45 43.18
N ALA B 1690 -21.08 -9.23 43.88
CA ALA B 1690 -21.52 -10.10 44.96
C ALA B 1690 -22.03 -9.26 46.14
N GLY B 1691 -22.58 -9.92 47.16
CA GLY B 1691 -23.46 -9.24 48.10
C GLY B 1691 -24.67 -8.69 47.33
N HIS B 1692 -25.07 -7.45 47.61
CA HIS B 1692 -26.03 -6.73 46.75
C HIS B 1692 -26.01 -5.25 47.09
N ARG B 1693 -26.03 -4.38 46.08
CA ARG B 1693 -25.94 -2.93 46.27
C ARG B 1693 -26.47 -2.17 45.05
N PRO B 1694 -27.53 -1.34 45.19
CA PRO B 1694 -28.06 -0.55 44.08
C PRO B 1694 -27.29 0.75 43.85
N LEU B 1695 -26.94 1.47 44.91
CA LEU B 1695 -26.28 2.78 44.88
C LEU B 1695 -24.74 2.64 44.98
N PRO B 1696 -23.94 3.49 44.33
CA PRO B 1696 -22.49 3.36 44.33
C PRO B 1696 -21.85 3.51 45.71
N TYR B 1697 -20.62 3.01 45.84
CA TYR B 1697 -19.82 3.06 47.06
C TYR B 1697 -18.40 3.52 46.74
N THR B 1698 -18.06 4.77 47.07
CA THR B 1698 -16.88 5.41 46.46
C THR B 1698 -15.55 4.87 46.95
N VAL B 1699 -15.52 4.00 47.96
CA VAL B 1699 -14.31 3.27 48.34
C VAL B 1699 -13.89 2.31 47.24
N LEU B 1700 -14.83 1.54 46.69
CA LEU B 1700 -14.55 0.56 45.63
C LEU B 1700 -14.68 1.16 44.23
N GLU B 1701 -15.52 2.17 44.05
CA GLU B 1701 -15.97 2.62 42.73
C GLU B 1701 -15.65 4.09 42.47
N THR B 1702 -15.43 4.46 41.20
CA THR B 1702 -15.19 5.85 40.79
C THR B 1702 -16.36 6.75 41.18
N ARG B 1703 -16.09 7.97 41.65
CA ARG B 1703 -17.09 8.83 42.31
C ARG B 1703 -18.35 9.05 41.48
N ALA B 1704 -18.19 9.53 40.25
CA ALA B 1704 -19.30 9.89 39.37
C ALA B 1704 -18.84 10.03 37.91
N SER B 1705 -19.80 10.06 36.99
CA SER B 1705 -19.62 10.68 35.68
C SER B 1705 -19.46 12.21 35.81
N TYR B 1706 -19.00 12.86 34.74
CA TYR B 1706 -18.85 14.33 34.66
C TYR B 1706 -19.20 14.85 33.26
N ASP B 1707 -19.29 16.17 33.11
CA ASP B 1707 -19.74 16.89 31.92
C ASP B 1707 -18.78 16.77 30.70
N GLU B 1708 -18.85 15.66 29.95
CA GLU B 1708 -18.40 15.57 28.55
C GLU B 1708 -19.20 14.55 27.73
N GLU B 1709 -19.23 14.74 26.40
CA GLU B 1709 -19.90 13.88 25.39
C GLU B 1709 -19.08 13.84 24.09
N LYS B 1710 -19.35 12.87 23.20
CA LYS B 1710 -18.51 12.55 22.01
C LYS B 1710 -19.22 12.71 20.67
N ALA B 1711 -18.43 13.06 19.64
CA ALA B 1711 -18.83 13.30 18.25
C ALA B 1711 -19.04 12.01 17.42
N PRO B 1712 -19.70 12.08 16.24
CA PRO B 1712 -19.89 10.91 15.35
C PRO B 1712 -18.59 10.38 14.71
N GLY B 1713 -17.55 11.21 14.59
CA GLY B 1713 -16.21 10.81 14.15
C GLY B 1713 -15.97 10.87 12.63
N PHE B 1714 -14.70 10.78 12.24
CA PHE B 1714 -14.26 10.92 10.85
C PHE B 1714 -14.89 9.87 9.92
N GLY B 1715 -15.10 10.25 8.66
CA GLY B 1715 -15.65 9.40 7.61
C GLY B 1715 -17.16 9.18 7.65
N GLN B 1716 -17.84 9.43 8.78
CA GLN B 1716 -19.27 9.20 8.92
C GLN B 1716 -20.11 10.27 8.19
N ASN B 1717 -20.76 9.88 7.10
CA ASN B 1717 -21.82 10.66 6.46
C ASN B 1717 -23.10 10.74 7.33
N ARG B 1718 -23.28 9.77 8.23
CA ARG B 1718 -24.40 9.67 9.17
C ARG B 1718 -24.39 10.79 10.21
N MET B 1719 -25.57 11.15 10.70
CA MET B 1719 -25.79 12.00 11.89
C MET B 1719 -24.95 13.29 11.88
#